data_6K2I
#
_entry.id   6K2I
#
_entity_poly.entity_id   1
_entity_poly.type   'polypeptide(L)'
_entity_poly.pdbx_seq_one_letter_code
;MQLQLVESGGGLVQAGGSLRLSCVASGRTFRSNAMGWFRQAPGKEREFVAAIRWSGGSTYYADSVKGRFTISRDNAKNTV
YLQMNSLKPEDTAVYLCAAGVWRSSGWDTPDYWGQGTQVTVSSLEHHHHHH
;
_entity_poly.pdbx_strand_id   A
#
# COMPACT_ATOMS: atom_id res chain seq x y z
N MET A 1 -4.33 21.30 -4.94
CA MET A 1 -3.36 20.41 -4.28
C MET A 1 -3.63 18.96 -4.72
N GLN A 2 -2.95 18.54 -5.80
CA GLN A 2 -3.08 17.17 -6.34
C GLN A 2 -2.30 16.18 -5.45
N LEU A 3 -2.85 14.96 -5.30
CA LEU A 3 -2.21 13.94 -4.48
C LEU A 3 -1.03 13.32 -5.23
N GLN A 4 0.18 13.62 -4.74
CA GLN A 4 1.42 13.03 -5.23
C GLN A 4 1.92 12.06 -4.15
N LEU A 5 1.78 10.76 -4.42
CA LEU A 5 2.04 9.71 -3.43
C LEU A 5 3.48 9.21 -3.56
N VAL A 6 4.34 9.63 -2.60
CA VAL A 6 5.77 9.30 -2.58
C VAL A 6 5.99 8.11 -1.64
N GLU A 7 6.20 6.93 -2.22
CA GLU A 7 6.25 5.66 -1.48
C GLU A 7 7.69 5.26 -1.15
N SER A 8 7.88 4.61 0.01
CA SER A 8 9.18 4.21 0.54
C SER A 8 9.05 2.93 1.38
N GLY A 9 10.17 2.21 1.56
CA GLY A 9 10.18 0.91 2.24
C GLY A 9 10.32 -0.27 1.28
N GLY A 10 10.38 0.05 -0.03
CA GLY A 10 10.54 -0.97 -1.08
C GLY A 10 11.91 -1.65 -1.03
N GLY A 11 11.91 -2.97 -0.82
CA GLY A 11 13.14 -3.76 -0.72
C GLY A 11 12.84 -5.24 -0.73
N LEU A 12 13.84 -6.06 -0.39
CA LEU A 12 13.71 -7.53 -0.39
C LEU A 12 13.59 -8.06 1.05
N VAL A 13 12.51 -8.80 1.32
CA VAL A 13 12.31 -9.56 2.55
C VAL A 13 12.19 -11.04 2.22
N GLN A 14 12.35 -11.89 3.22
CA GLN A 14 12.14 -13.35 3.08
C GLN A 14 10.67 -13.70 3.37
N ALA A 15 10.22 -14.83 2.81
CA ALA A 15 8.86 -15.36 3.01
C ALA A 15 8.62 -15.72 4.49
N GLY A 16 7.73 -14.95 5.15
CA GLY A 16 7.45 -15.10 6.59
C GLY A 16 7.92 -13.92 7.42
N GLY A 17 8.75 -13.06 6.82
CA GLY A 17 9.18 -11.81 7.47
C GLY A 17 8.16 -10.69 7.33
N SER A 18 8.37 -9.57 8.03
CA SER A 18 7.48 -8.39 7.97
C SER A 18 8.14 -7.25 7.16
N LEU A 19 7.33 -6.58 6.34
CA LEU A 19 7.73 -5.40 5.56
C LEU A 19 6.67 -4.30 5.72
N ARG A 20 7.12 -3.09 6.03
CA ARG A 20 6.27 -1.91 6.19
C ARG A 20 6.53 -0.92 5.06
N LEU A 21 5.45 -0.51 4.37
CA LEU A 21 5.49 0.58 3.40
C LEU A 21 4.97 1.86 4.05
N SER A 22 5.50 3.00 3.59
CA SER A 22 5.08 4.33 4.03
C SER A 22 4.99 5.25 2.81
N CYS A 23 3.82 5.85 2.61
CA CYS A 23 3.52 6.70 1.44
C CYS A 23 3.24 8.13 1.92
N VAL A 24 4.24 9.00 1.76
CA VAL A 24 4.14 10.40 2.18
C VAL A 24 3.47 11.20 1.05
N ALA A 25 2.33 11.85 1.37
CA ALA A 25 1.51 12.54 0.36
C ALA A 25 1.99 14.00 0.20
N SER A 26 2.79 14.22 -0.87
CA SER A 26 3.26 15.55 -1.33
C SER A 26 4.08 16.27 -0.24
N GLY A 27 4.85 15.49 0.54
CA GLY A 27 5.63 16.01 1.67
C GLY A 27 4.81 16.09 2.95
N ARG A 28 3.69 16.85 2.89
CA ARG A 28 2.71 17.00 3.97
C ARG A 28 1.52 17.81 3.43
N THR A 29 0.66 17.14 2.65
CA THR A 29 -0.52 17.76 2.02
C THR A 29 -1.72 16.79 2.09
N PHE A 30 -2.93 17.37 2.20
CA PHE A 30 -4.19 16.63 2.33
C PHE A 30 -5.20 17.14 1.27
N ARG A 31 -5.91 16.19 0.63
CA ARG A 31 -7.11 16.46 -0.18
C ARG A 31 -7.79 15.11 -0.54
N SER A 32 -7.38 14.04 0.17
CA SER A 32 -7.80 12.68 -0.14
C SER A 32 -8.75 12.16 0.95
N ASN A 33 -10.04 12.02 0.59
CA ASN A 33 -11.08 11.50 1.49
C ASN A 33 -11.18 9.97 1.38
N ALA A 34 -10.74 9.43 0.23
CA ALA A 34 -10.77 7.98 -0.08
C ALA A 34 -9.38 7.55 -0.58
N MET A 35 -8.79 6.56 0.10
CA MET A 35 -7.43 6.04 -0.20
C MET A 35 -7.45 4.51 -0.26
N GLY A 36 -6.38 3.92 -0.79
CA GLY A 36 -6.27 2.46 -0.89
C GLY A 36 -4.84 1.97 -0.94
N TRP A 37 -4.70 0.65 -1.03
CA TRP A 37 -3.43 -0.05 -1.28
C TRP A 37 -3.72 -1.18 -2.27
N PHE A 38 -2.92 -1.25 -3.33
CA PHE A 38 -3.11 -2.16 -4.46
C PHE A 38 -1.77 -2.80 -4.83
N ARG A 39 -1.82 -4.02 -5.39
CA ARG A 39 -0.62 -4.72 -5.90
C ARG A 39 -0.64 -4.70 -7.43
N GLN A 40 0.51 -4.54 -8.05
CA GLN A 40 0.65 -4.44 -9.52
C GLN A 40 1.78 -5.37 -9.94
N ALA A 41 1.68 -5.98 -11.11
CA ALA A 41 2.65 -6.98 -11.60
C ALA A 41 2.79 -6.84 -13.12
N PRO A 42 3.94 -7.25 -13.76
CA PRO A 42 4.12 -7.17 -15.24
C PRO A 42 3.02 -7.98 -15.99
N GLY A 43 2.07 -7.26 -16.59
CA GLY A 43 0.93 -7.86 -17.31
C GLY A 43 -0.37 -7.87 -16.50
N LYS A 44 -0.25 -7.68 -15.18
CA LYS A 44 -1.41 -7.71 -14.25
C LYS A 44 -1.68 -6.30 -13.69
N GLU A 45 -2.95 -5.89 -13.72
CA GLU A 45 -3.41 -4.58 -13.18
C GLU A 45 -3.41 -4.57 -11.64
N ARG A 46 -3.64 -3.37 -11.08
CA ARG A 46 -3.63 -3.15 -9.62
C ARG A 46 -4.83 -3.86 -8.94
N GLU A 47 -4.54 -4.81 -8.01
CA GLU A 47 -5.56 -5.61 -7.30
C GLU A 47 -5.72 -5.09 -5.86
N PHE A 48 -6.98 -4.99 -5.43
CA PHE A 48 -7.37 -4.42 -4.13
C PHE A 48 -6.80 -5.24 -2.95
N VAL A 49 -5.92 -4.60 -2.17
CA VAL A 49 -5.34 -5.18 -0.94
C VAL A 49 -6.04 -4.57 0.29
N ALA A 50 -6.17 -3.22 0.29
CA ALA A 50 -6.70 -2.46 1.44
C ALA A 50 -7.34 -1.13 0.99
N ALA A 51 -8.07 -0.47 1.92
CA ALA A 51 -8.61 0.89 1.71
C ALA A 51 -8.81 1.62 3.05
N ILE A 52 -8.44 2.92 3.03
CA ILE A 52 -8.54 3.83 4.18
C ILE A 52 -9.30 5.08 3.76
N ARG A 53 -10.38 5.41 4.48
CA ARG A 53 -11.14 6.65 4.27
C ARG A 53 -11.02 7.57 5.49
N TRP A 54 -11.65 8.76 5.39
CA TRP A 54 -11.79 9.69 6.50
C TRP A 54 -12.73 9.06 7.58
N SER A 55 -12.11 8.42 8.60
CA SER A 55 -12.81 7.78 9.73
C SER A 55 -13.73 6.62 9.27
N GLY A 56 -14.52 6.06 10.21
CA GLY A 56 -15.50 4.99 9.91
C GLY A 56 -14.96 3.58 10.15
N GLY A 57 -13.63 3.45 10.20
CA GLY A 57 -12.96 2.17 10.41
C GLY A 57 -11.66 2.10 9.65
N SER A 58 -11.78 2.16 8.31
CA SER A 58 -10.64 2.32 7.38
C SER A 58 -9.66 1.13 7.45
N THR A 59 -10.13 -0.04 6.97
CA THR A 59 -9.47 -1.35 7.18
C THR A 59 -10.02 -2.38 6.17
N TYR A 60 -9.12 -2.97 5.38
CA TYR A 60 -9.44 -4.07 4.43
C TYR A 60 -8.18 -4.96 4.29
N TYR A 61 -8.41 -6.26 4.06
CA TYR A 61 -7.34 -7.27 3.84
C TYR A 61 -7.95 -8.55 3.24
N ALA A 62 -7.10 -9.35 2.58
CA ALA A 62 -7.48 -10.65 2.01
C ALA A 62 -7.54 -11.73 3.10
N ASP A 63 -8.31 -12.79 2.83
CA ASP A 63 -8.49 -13.94 3.76
C ASP A 63 -7.16 -14.67 4.01
N SER A 64 -6.34 -14.77 2.95
CA SER A 64 -5.06 -15.47 2.97
C SER A 64 -3.98 -14.72 3.79
N VAL A 65 -4.24 -13.42 4.07
CA VAL A 65 -3.32 -12.55 4.84
C VAL A 65 -4.03 -11.92 6.06
N LYS A 66 -5.14 -12.58 6.46
CA LYS A 66 -6.06 -12.13 7.54
C LYS A 66 -5.32 -11.73 8.83
N GLY A 67 -5.38 -10.43 9.15
CA GLY A 67 -4.88 -9.89 10.41
C GLY A 67 -3.39 -9.53 10.40
N ARG A 68 -2.61 -10.24 9.56
CA ARG A 68 -1.15 -10.04 9.44
C ARG A 68 -0.89 -8.70 8.73
N PHE A 69 -1.64 -8.49 7.64
CA PHE A 69 -1.60 -7.25 6.86
C PHE A 69 -2.56 -6.23 7.50
N THR A 70 -2.00 -5.08 7.88
CA THR A 70 -2.67 -4.03 8.65
C THR A 70 -2.33 -2.67 7.99
N ILE A 71 -3.24 -1.69 8.09
CA ILE A 71 -3.07 -0.36 7.46
C ILE A 71 -3.47 0.75 8.45
N SER A 72 -2.86 1.94 8.27
CA SER A 72 -3.07 3.10 9.14
C SER A 72 -2.86 4.39 8.35
N ARG A 73 -3.64 5.43 8.69
CA ARG A 73 -3.48 6.78 8.13
C ARG A 73 -2.98 7.69 9.25
N ASP A 74 -1.83 8.33 9.01
CA ASP A 74 -1.26 9.32 9.92
C ASP A 74 -1.22 10.67 9.18
N ASN A 75 -2.34 11.40 9.28
CA ASN A 75 -2.57 12.65 8.51
C ASN A 75 -1.84 13.86 9.15
N ALA A 76 -1.35 13.66 10.39
CA ALA A 76 -0.54 14.66 11.13
C ALA A 76 0.73 15.07 10.36
N LYS A 77 1.35 14.08 9.66
CA LYS A 77 2.49 14.33 8.75
C LYS A 77 2.14 13.93 7.31
N ASN A 78 0.89 13.45 7.11
CA ASN A 78 0.36 12.98 5.82
C ASN A 78 1.22 11.83 5.26
N THR A 79 1.18 10.71 5.96
CA THR A 79 1.87 9.48 5.56
C THR A 79 0.94 8.28 5.82
N VAL A 80 0.82 7.40 4.82
CA VAL A 80 -0.08 6.25 4.86
C VAL A 80 0.78 4.98 4.98
N TYR A 81 0.51 4.14 6.00
CA TYR A 81 1.32 2.95 6.29
C TYR A 81 0.59 1.67 5.87
N LEU A 82 1.35 0.78 5.19
CA LEU A 82 0.92 -0.59 4.88
C LEU A 82 1.86 -1.55 5.63
N GLN A 83 1.45 -2.03 6.80
CA GLN A 83 2.25 -2.96 7.59
C GLN A 83 1.84 -4.39 7.24
N MET A 84 2.64 -5.02 6.36
CA MET A 84 2.43 -6.40 5.93
C MET A 84 3.34 -7.32 6.74
N ASN A 85 2.77 -8.15 7.61
CA ASN A 85 3.52 -9.18 8.36
C ASN A 85 3.34 -10.54 7.69
N SER A 86 4.45 -11.29 7.60
CA SER A 86 4.50 -12.63 7.00
C SER A 86 4.05 -12.56 5.53
N LEU A 87 4.91 -11.99 4.68
CA LEU A 87 4.67 -11.89 3.24
C LEU A 87 4.97 -13.24 2.58
N LYS A 88 4.18 -13.57 1.56
CA LYS A 88 4.34 -14.82 0.80
C LYS A 88 5.36 -14.58 -0.33
N PRO A 89 6.08 -15.64 -0.82
CA PRO A 89 7.11 -15.47 -1.88
C PRO A 89 6.51 -14.95 -3.22
N GLU A 90 5.18 -15.11 -3.37
CA GLU A 90 4.43 -14.63 -4.55
C GLU A 90 3.99 -13.15 -4.41
N ASP A 91 4.41 -12.48 -3.30
CA ASP A 91 4.30 -11.01 -3.14
C ASP A 91 5.59 -10.33 -3.69
N THR A 92 6.27 -10.98 -4.64
CA THR A 92 7.32 -10.37 -5.45
C THR A 92 6.64 -9.61 -6.61
N ALA A 93 6.41 -8.31 -6.41
CA ALA A 93 5.68 -7.46 -7.36
C ALA A 93 5.99 -5.96 -7.07
N VAL A 94 5.24 -5.06 -7.70
CA VAL A 94 5.32 -3.62 -7.44
C VAL A 94 3.97 -3.14 -6.84
N TYR A 95 4.00 -2.77 -5.55
CA TYR A 95 2.82 -2.23 -4.85
C TYR A 95 2.71 -0.72 -5.12
N LEU A 96 1.47 -0.21 -5.04
CA LEU A 96 1.19 1.21 -5.15
C LEU A 96 -0.01 1.59 -4.26
N CYS A 97 0.02 2.81 -3.73
CA CYS A 97 -1.04 3.36 -2.89
C CYS A 97 -2.09 4.04 -3.77
N ALA A 98 -3.28 4.28 -3.25
CA ALA A 98 -4.35 4.98 -3.97
C ALA A 98 -4.80 6.18 -3.16
N ALA A 99 -5.41 7.14 -3.85
CA ALA A 99 -5.92 8.39 -3.27
C ALA A 99 -7.09 8.90 -4.12
N GLY A 100 -7.84 9.87 -3.58
CA GLY A 100 -8.98 10.47 -4.26
C GLY A 100 -10.05 10.92 -3.28
N VAL A 101 -11.28 11.09 -3.77
CA VAL A 101 -12.42 11.55 -2.97
C VAL A 101 -13.58 10.55 -3.05
N TRP A 102 -14.57 10.71 -2.16
CA TRP A 102 -15.76 9.84 -2.12
C TRP A 102 -16.81 10.29 -3.15
N ARG A 103 -17.51 9.32 -3.76
CA ARG A 103 -18.59 9.58 -4.72
C ARG A 103 -19.94 9.67 -3.95
N SER A 104 -20.83 10.58 -4.40
CA SER A 104 -22.15 10.81 -3.74
C SER A 104 -23.10 9.59 -3.87
N SER A 105 -22.83 8.72 -4.85
CA SER A 105 -23.55 7.46 -5.06
C SER A 105 -23.22 6.42 -3.96
N GLY A 106 -22.05 6.60 -3.31
CA GLY A 106 -21.57 5.67 -2.26
C GLY A 106 -20.47 4.75 -2.77
N TRP A 107 -20.12 4.89 -4.05
CA TRP A 107 -19.03 4.14 -4.71
C TRP A 107 -17.66 4.74 -4.31
N ASP A 108 -16.61 3.89 -4.25
CA ASP A 108 -15.24 4.31 -3.95
C ASP A 108 -14.46 4.55 -5.25
N THR A 109 -13.92 5.76 -5.41
CA THR A 109 -13.16 6.14 -6.62
C THR A 109 -11.69 6.46 -6.25
N PRO A 110 -10.73 5.54 -6.57
CA PRO A 110 -9.29 5.86 -6.58
C PRO A 110 -8.96 6.78 -7.78
N ASP A 111 -8.88 8.09 -7.52
CA ASP A 111 -8.60 9.10 -8.55
C ASP A 111 -7.10 9.10 -8.89
N TYR A 112 -6.26 9.01 -7.85
CA TYR A 112 -4.80 8.95 -7.95
C TYR A 112 -4.29 7.57 -7.52
N TRP A 113 -3.07 7.26 -7.96
CA TRP A 113 -2.32 6.05 -7.56
C TRP A 113 -0.86 6.44 -7.29
N GLY A 114 -0.12 5.53 -6.63
CA GLY A 114 1.25 5.78 -6.20
C GLY A 114 2.27 5.64 -7.33
N GLN A 115 3.53 5.99 -7.03
CA GLN A 115 4.63 5.96 -8.03
C GLN A 115 5.06 4.51 -8.35
N GLY A 116 4.70 3.58 -7.45
CA GLY A 116 5.04 2.17 -7.60
C GLY A 116 6.32 1.82 -6.87
N THR A 117 6.17 1.23 -5.68
CA THR A 117 7.30 0.74 -4.87
C THR A 117 7.45 -0.80 -5.06
N GLN A 118 8.61 -1.21 -5.63
CA GLN A 118 8.95 -2.61 -5.87
C GLN A 118 9.27 -3.33 -4.55
N VAL A 119 8.40 -4.28 -4.17
CA VAL A 119 8.63 -5.18 -3.03
C VAL A 119 8.96 -6.59 -3.58
N THR A 120 10.08 -7.16 -3.15
CA THR A 120 10.54 -8.47 -3.63
C THR A 120 10.64 -9.42 -2.44
N VAL A 121 9.68 -10.34 -2.30
CA VAL A 121 9.71 -11.32 -1.23
C VAL A 121 10.40 -12.59 -1.74
N SER A 122 11.71 -12.71 -1.42
CA SER A 122 12.49 -13.91 -1.77
C SER A 122 12.07 -15.12 -0.91
N SER A 123 12.12 -16.32 -1.51
CA SER A 123 11.83 -17.58 -0.81
C SER A 123 12.95 -17.92 0.18
N LEU A 124 12.84 -17.36 1.40
CA LEU A 124 13.75 -17.62 2.55
C LEU A 124 15.23 -17.29 2.21
N GLU A 125 15.43 -16.34 1.29
CA GLU A 125 16.77 -15.89 0.85
C GLU A 125 16.92 -14.37 0.99
N HIS A 126 18.17 -13.90 0.91
CA HIS A 126 18.54 -12.49 1.04
C HIS A 126 19.62 -12.16 0.00
N HIS A 127 19.89 -10.86 -0.22
CA HIS A 127 20.90 -10.39 -1.19
C HIS A 127 21.84 -9.35 -0.55
N HIS A 128 23.15 -9.59 -0.68
CA HIS A 128 24.22 -8.69 -0.22
C HIS A 128 24.53 -7.64 -1.28
N HIS A 129 24.83 -6.40 -0.85
CA HIS A 129 25.10 -5.26 -1.75
C HIS A 129 26.28 -4.44 -1.20
N HIS A 130 27.47 -4.68 -1.78
CA HIS A 130 28.72 -3.98 -1.39
C HIS A 130 28.85 -2.65 -2.16
N HIS A 131 29.47 -1.65 -1.49
CA HIS A 131 29.62 -0.29 -2.04
C HIS A 131 31.00 -0.16 -2.74
N MET A 1 -6.56 19.46 -8.42
CA MET A 1 -5.89 19.18 -7.14
C MET A 1 -4.74 18.20 -7.39
N GLN A 2 -3.50 18.72 -7.40
CA GLN A 2 -2.29 17.92 -7.63
C GLN A 2 -1.87 17.22 -6.33
N LEU A 3 -2.50 16.07 -6.03
CA LEU A 3 -2.20 15.29 -4.81
C LEU A 3 -1.03 14.33 -5.14
N GLN A 4 0.13 14.58 -4.49
CA GLN A 4 1.37 13.82 -4.74
C GLN A 4 1.61 12.80 -3.61
N LEU A 5 1.70 11.51 -3.99
CA LEU A 5 1.94 10.39 -3.06
C LEU A 5 3.36 9.82 -3.29
N VAL A 6 4.26 10.03 -2.32
CA VAL A 6 5.66 9.57 -2.39
C VAL A 6 5.81 8.26 -1.59
N GLU A 7 5.93 7.15 -2.32
CA GLU A 7 6.00 5.80 -1.74
C GLU A 7 7.46 5.38 -1.48
N SER A 8 7.65 4.67 -0.35
CA SER A 8 8.96 4.16 0.12
C SER A 8 8.72 2.93 1.02
N GLY A 9 9.64 1.95 0.96
CA GLY A 9 9.57 0.77 1.83
C GLY A 9 9.92 -0.52 1.09
N GLY A 10 9.58 -0.56 -0.22
CA GLY A 10 9.74 -1.75 -1.06
C GLY A 10 11.18 -2.26 -1.12
N GLY A 11 11.37 -3.56 -0.83
CA GLY A 11 12.68 -4.20 -0.77
C GLY A 11 12.58 -5.71 -0.77
N LEU A 12 13.73 -6.37 -0.63
CA LEU A 12 13.81 -7.84 -0.59
C LEU A 12 13.73 -8.32 0.86
N VAL A 13 12.70 -9.13 1.16
CA VAL A 13 12.57 -9.84 2.44
C VAL A 13 12.41 -11.35 2.17
N GLN A 14 12.71 -12.18 3.18
CA GLN A 14 12.43 -13.62 3.12
C GLN A 14 10.94 -13.88 3.40
N ALA A 15 10.42 -14.99 2.86
CA ALA A 15 9.06 -15.47 3.13
C ALA A 15 8.88 -15.76 4.62
N GLY A 16 7.77 -15.29 5.21
CA GLY A 16 7.55 -15.32 6.65
C GLY A 16 7.96 -14.01 7.33
N GLY A 17 8.73 -13.19 6.60
CA GLY A 17 9.23 -11.91 7.13
C GLY A 17 8.23 -10.77 7.06
N SER A 18 8.70 -9.56 7.40
CA SER A 18 7.88 -8.34 7.44
C SER A 18 8.54 -7.23 6.62
N LEU A 19 7.72 -6.29 6.12
CA LEU A 19 8.18 -5.12 5.36
C LEU A 19 7.14 -4.00 5.51
N ARG A 20 7.57 -2.83 6.00
CA ARG A 20 6.68 -1.68 6.21
C ARG A 20 6.77 -0.70 5.04
N LEU A 21 5.65 -0.52 4.33
CA LEU A 21 5.48 0.48 3.28
C LEU A 21 4.98 1.80 3.92
N SER A 22 5.27 2.91 3.24
CA SER A 22 4.91 4.26 3.70
C SER A 22 4.71 5.17 2.48
N CYS A 23 3.63 5.94 2.48
CA CYS A 23 3.27 6.83 1.36
C CYS A 23 2.94 8.22 1.92
N VAL A 24 3.89 9.14 1.78
CA VAL A 24 3.80 10.50 2.31
C VAL A 24 3.10 11.41 1.30
N ALA A 25 2.05 12.13 1.72
CA ALA A 25 1.28 13.00 0.81
C ALA A 25 1.92 14.39 0.78
N SER A 26 2.75 14.60 -0.27
CA SER A 26 3.44 15.88 -0.60
C SER A 26 4.04 16.57 0.64
N GLY A 27 4.86 15.81 1.39
CA GLY A 27 5.42 16.26 2.65
C GLY A 27 4.39 16.22 3.77
N ARG A 28 3.52 17.24 3.81
CA ARG A 28 2.42 17.36 4.78
C ARG A 28 1.25 18.14 4.13
N THR A 29 0.38 17.40 3.42
CA THR A 29 -0.92 17.93 2.94
C THR A 29 -1.98 16.83 3.07
N PHE A 30 -3.22 17.21 3.38
CA PHE A 30 -4.33 16.27 3.50
C PHE A 30 -5.50 16.73 2.64
N ARG A 31 -5.86 15.93 1.64
CA ARG A 31 -7.08 16.08 0.81
C ARG A 31 -7.65 14.69 0.48
N SER A 32 -6.98 13.64 1.00
CA SER A 32 -7.30 12.25 0.71
C SER A 32 -8.48 11.78 1.60
N ASN A 33 -9.69 11.93 1.06
CA ASN A 33 -10.95 11.47 1.70
C ASN A 33 -11.18 9.98 1.40
N ALA A 34 -10.61 9.54 0.26
CA ALA A 34 -10.60 8.15 -0.19
C ALA A 34 -9.14 7.75 -0.48
N MET A 35 -8.77 6.51 -0.15
CA MET A 35 -7.40 5.97 -0.37
C MET A 35 -7.47 4.46 -0.55
N GLY A 36 -6.41 3.87 -1.12
CA GLY A 36 -6.35 2.42 -1.29
C GLY A 36 -4.97 1.92 -1.69
N TRP A 37 -4.55 0.79 -1.09
CA TRP A 37 -3.37 0.04 -1.55
C TRP A 37 -3.84 -1.04 -2.53
N PHE A 38 -3.24 -1.05 -3.72
CA PHE A 38 -3.50 -2.03 -4.77
C PHE A 38 -2.22 -2.84 -5.02
N ARG A 39 -2.37 -4.11 -5.38
CA ARG A 39 -1.27 -4.97 -5.81
C ARG A 39 -1.31 -5.08 -7.33
N GLN A 40 -0.17 -5.11 -7.97
CA GLN A 40 -0.08 -5.29 -9.43
C GLN A 40 1.12 -6.18 -9.73
N ALA A 41 0.90 -7.23 -10.51
CA ALA A 41 1.95 -8.20 -10.88
C ALA A 41 2.56 -7.78 -12.24
N PRO A 42 3.79 -8.26 -12.61
CA PRO A 42 4.42 -7.98 -13.93
C PRO A 42 3.48 -8.33 -15.13
N GLY A 43 3.03 -7.28 -15.85
CA GLY A 43 2.15 -7.44 -17.02
C GLY A 43 0.71 -7.78 -16.65
N LYS A 44 0.31 -7.41 -15.42
CA LYS A 44 -1.03 -7.69 -14.87
C LYS A 44 -1.69 -6.40 -14.39
N GLU A 45 -2.97 -6.53 -14.01
CA GLU A 45 -3.80 -5.43 -13.50
C GLU A 45 -3.46 -5.08 -12.04
N ARG A 46 -3.90 -3.88 -11.59
CA ARG A 46 -3.83 -3.49 -10.17
C ARG A 46 -5.15 -3.88 -9.46
N GLU A 47 -5.06 -4.92 -8.65
CA GLU A 47 -6.18 -5.48 -7.88
C GLU A 47 -6.24 -4.84 -6.49
N PHE A 48 -7.45 -4.47 -6.07
CA PHE A 48 -7.75 -3.82 -4.78
C PHE A 48 -7.44 -4.76 -3.60
N VAL A 49 -6.51 -4.31 -2.72
CA VAL A 49 -6.16 -5.04 -1.48
C VAL A 49 -6.95 -4.45 -0.31
N ALA A 50 -6.70 -3.15 -0.04
CA ALA A 50 -7.23 -2.45 1.14
C ALA A 50 -7.53 -0.98 0.82
N ALA A 51 -8.39 -0.34 1.64
CA ALA A 51 -8.75 1.08 1.50
C ALA A 51 -8.66 1.81 2.84
N ILE A 52 -8.17 3.05 2.77
CA ILE A 52 -8.07 3.96 3.92
C ILE A 52 -9.05 5.12 3.68
N ARG A 53 -9.98 5.29 4.61
CA ARG A 53 -11.08 6.26 4.51
C ARG A 53 -11.00 7.23 5.70
N TRP A 54 -12.00 8.13 5.80
CA TRP A 54 -12.21 8.99 6.99
C TRP A 54 -12.15 8.17 8.32
N SER A 55 -11.99 8.89 9.45
CA SER A 55 -11.97 8.27 10.80
C SER A 55 -13.27 7.47 11.03
N GLY A 56 -13.12 6.19 11.42
CA GLY A 56 -14.23 5.24 11.52
C GLY A 56 -14.17 4.16 10.43
N GLY A 57 -13.40 4.42 9.35
CA GLY A 57 -13.19 3.45 8.26
C GLY A 57 -11.79 2.86 8.29
N SER A 58 -11.09 2.91 7.13
CA SER A 58 -9.66 2.54 7.00
C SER A 58 -9.41 1.06 7.36
N THR A 59 -10.18 0.15 6.71
CA THR A 59 -10.08 -1.31 6.97
C THR A 59 -10.65 -2.10 5.77
N TYR A 60 -9.81 -2.97 5.21
CA TYR A 60 -10.16 -3.99 4.19
C TYR A 60 -9.07 -5.06 4.21
N TYR A 61 -9.48 -6.32 4.39
CA TYR A 61 -8.59 -7.48 4.40
C TYR A 61 -9.40 -8.76 4.23
N ALA A 62 -8.82 -9.73 3.52
CA ALA A 62 -9.29 -11.12 3.51
C ALA A 62 -8.81 -11.83 4.79
N ASP A 63 -9.49 -12.92 5.17
CA ASP A 63 -9.07 -13.76 6.32
C ASP A 63 -7.70 -14.42 6.05
N SER A 64 -7.41 -14.65 4.76
CA SER A 64 -6.12 -15.18 4.28
C SER A 64 -4.95 -14.22 4.58
N VAL A 65 -5.21 -12.90 4.52
CA VAL A 65 -4.20 -11.84 4.78
C VAL A 65 -4.50 -11.12 6.12
N LYS A 66 -5.38 -11.71 6.95
CA LYS A 66 -5.74 -11.19 8.28
C LYS A 66 -4.55 -11.38 9.25
N GLY A 67 -4.25 -10.31 10.01
CA GLY A 67 -3.12 -10.31 10.96
C GLY A 67 -1.76 -10.14 10.27
N ARG A 68 -1.80 -10.03 8.93
CA ARG A 68 -0.61 -9.95 8.07
C ARG A 68 -0.50 -8.53 7.50
N PHE A 69 -1.39 -8.21 6.56
CA PHE A 69 -1.42 -6.92 5.88
C PHE A 69 -2.25 -5.94 6.73
N THR A 70 -1.60 -4.86 7.17
CA THR A 70 -2.17 -3.89 8.10
C THR A 70 -2.06 -2.49 7.50
N ILE A 71 -3.17 -1.74 7.48
CA ILE A 71 -3.19 -0.37 6.94
C ILE A 71 -3.47 0.62 8.08
N SER A 72 -2.74 1.74 8.03
CA SER A 72 -2.85 2.84 9.00
C SER A 72 -2.64 4.17 8.28
N ARG A 73 -3.29 5.22 8.78
CA ARG A 73 -3.06 6.59 8.31
C ARG A 73 -2.69 7.47 9.49
N ASP A 74 -1.59 8.21 9.34
CA ASP A 74 -1.17 9.24 10.29
C ASP A 74 -1.60 10.61 9.75
N ASN A 75 -2.25 11.41 10.60
CA ASN A 75 -2.75 12.75 10.24
C ASN A 75 -1.66 13.84 10.47
N ALA A 76 -0.77 13.60 11.46
CA ALA A 76 0.22 14.59 11.91
C ALA A 76 1.19 15.01 10.77
N LYS A 77 1.76 14.00 10.06
CA LYS A 77 2.62 14.25 8.87
C LYS A 77 2.00 13.69 7.57
N ASN A 78 0.70 13.30 7.65
CA ASN A 78 -0.11 12.88 6.47
C ASN A 78 0.58 11.76 5.67
N THR A 79 0.87 10.65 6.36
CA THR A 79 1.57 9.50 5.77
C THR A 79 0.73 8.22 6.01
N VAL A 80 0.52 7.45 4.94
CA VAL A 80 -0.26 6.20 4.97
C VAL A 80 0.70 5.01 4.94
N TYR A 81 0.61 4.16 5.97
CA TYR A 81 1.48 2.98 6.13
C TYR A 81 0.75 1.70 5.74
N LEU A 82 1.51 0.75 5.15
CA LEU A 82 1.06 -0.63 4.94
C LEU A 82 2.09 -1.56 5.57
N GLN A 83 1.80 -2.02 6.80
CA GLN A 83 2.67 -2.95 7.52
C GLN A 83 2.35 -4.37 7.05
N MET A 84 3.20 -4.91 6.17
CA MET A 84 3.13 -6.29 5.70
C MET A 84 3.86 -7.19 6.72
N ASN A 85 3.14 -8.19 7.23
CA ASN A 85 3.71 -9.26 8.06
C ASN A 85 3.41 -10.59 7.38
N SER A 86 4.33 -11.57 7.50
CA SER A 86 4.18 -12.91 6.91
C SER A 86 3.97 -12.82 5.38
N LEU A 87 4.99 -12.30 4.68
CA LEU A 87 4.99 -12.17 3.22
C LEU A 87 5.34 -13.52 2.55
N LYS A 88 4.65 -13.83 1.46
CA LYS A 88 4.85 -15.06 0.69
C LYS A 88 5.74 -14.74 -0.54
N PRO A 89 6.44 -15.74 -1.16
CA PRO A 89 7.35 -15.49 -2.32
C PRO A 89 6.60 -14.89 -3.54
N GLU A 90 5.27 -15.13 -3.59
CA GLU A 90 4.37 -14.63 -4.64
C GLU A 90 4.24 -13.09 -4.64
N ASP A 91 4.65 -12.44 -3.53
CA ASP A 91 4.64 -10.97 -3.39
C ASP A 91 5.90 -10.34 -4.05
N THR A 92 6.34 -10.90 -5.19
CA THR A 92 7.28 -10.25 -6.10
C THR A 92 6.45 -9.46 -7.13
N ALA A 93 6.18 -8.18 -6.80
CA ALA A 93 5.22 -7.35 -7.54
C ALA A 93 5.34 -5.86 -7.16
N VAL A 94 4.55 -5.01 -7.81
CA VAL A 94 4.47 -3.58 -7.50
C VAL A 94 3.14 -3.25 -6.79
N TYR A 95 3.23 -2.85 -5.52
CA TYR A 95 2.10 -2.31 -4.76
C TYR A 95 2.11 -0.79 -4.91
N LEU A 96 0.94 -0.21 -5.20
CA LEU A 96 0.79 1.25 -5.35
C LEU A 96 -0.26 1.77 -4.37
N CYS A 97 0.01 2.94 -3.81
CA CYS A 97 -0.95 3.67 -2.97
C CYS A 97 -1.76 4.62 -3.86
N ALA A 98 -3.00 4.88 -3.48
CA ALA A 98 -3.92 5.72 -4.22
C ALA A 98 -4.65 6.66 -3.26
N ALA A 99 -5.17 7.76 -3.80
CA ALA A 99 -5.88 8.80 -3.04
C ALA A 99 -7.06 9.32 -3.85
N GLY A 100 -7.94 10.10 -3.21
CA GLY A 100 -9.07 10.72 -3.88
C GLY A 100 -10.08 11.28 -2.92
N VAL A 101 -11.33 11.38 -3.39
CA VAL A 101 -12.48 11.86 -2.60
C VAL A 101 -13.68 10.90 -2.74
N TRP A 102 -14.78 11.22 -2.07
CA TRP A 102 -16.06 10.46 -2.16
C TRP A 102 -16.57 10.42 -3.60
N ARG A 103 -17.28 9.34 -3.97
CA ARG A 103 -17.75 9.13 -5.35
C ARG A 103 -19.29 9.04 -5.38
N SER A 104 -19.91 9.51 -6.47
CA SER A 104 -21.36 9.38 -6.71
C SER A 104 -21.77 7.89 -6.86
N SER A 105 -20.78 7.03 -7.19
CA SER A 105 -20.95 5.57 -7.29
C SER A 105 -21.10 4.91 -5.90
N GLY A 106 -20.56 5.56 -4.85
CA GLY A 106 -20.65 5.07 -3.47
C GLY A 106 -19.46 4.19 -3.04
N TRP A 107 -18.76 3.60 -4.02
CA TRP A 107 -17.51 2.83 -3.77
C TRP A 107 -16.32 3.79 -3.59
N ASP A 108 -15.30 3.34 -2.82
CA ASP A 108 -14.04 4.08 -2.65
C ASP A 108 -13.29 4.11 -4.00
N THR A 109 -13.00 5.32 -4.49
CA THR A 109 -12.46 5.50 -5.85
C THR A 109 -11.10 6.25 -5.81
N PRO A 110 -10.04 5.68 -6.46
CA PRO A 110 -8.75 6.36 -6.64
C PRO A 110 -8.80 7.42 -7.77
N ASP A 111 -8.88 8.69 -7.37
CA ASP A 111 -8.74 9.83 -8.31
C ASP A 111 -7.26 10.04 -8.67
N TYR A 112 -6.40 9.70 -7.71
CA TYR A 112 -4.95 9.88 -7.79
C TYR A 112 -4.27 8.53 -7.49
N TRP A 113 -3.08 8.35 -8.04
CA TRP A 113 -2.21 7.19 -7.75
C TRP A 113 -0.80 7.72 -7.43
N GLY A 114 -0.01 6.91 -6.71
CA GLY A 114 1.33 7.30 -6.29
C GLY A 114 2.37 7.09 -7.38
N GLN A 115 3.38 6.28 -7.07
CA GLN A 115 4.50 5.97 -7.98
C GLN A 115 4.71 4.45 -8.10
N GLY A 116 4.11 3.69 -7.17
CA GLY A 116 4.19 2.24 -7.16
C GLY A 116 5.54 1.74 -6.64
N THR A 117 5.54 1.14 -5.44
CA THR A 117 6.74 0.63 -4.78
C THR A 117 6.94 -0.88 -5.05
N GLN A 118 8.16 -1.23 -5.52
CA GLN A 118 8.56 -2.61 -5.88
C GLN A 118 8.92 -3.41 -4.62
N VAL A 119 8.06 -4.37 -4.26
CA VAL A 119 8.34 -5.36 -3.21
C VAL A 119 8.73 -6.69 -3.88
N THR A 120 9.78 -7.33 -3.34
CA THR A 120 10.21 -8.67 -3.80
C THR A 120 10.45 -9.53 -2.57
N VAL A 121 9.87 -10.73 -2.54
CA VAL A 121 10.05 -11.64 -1.40
C VAL A 121 10.82 -12.90 -1.86
N SER A 122 12.09 -13.01 -1.41
CA SER A 122 12.87 -14.25 -1.53
C SER A 122 12.21 -15.43 -0.77
N SER A 123 12.28 -16.64 -1.35
CA SER A 123 11.64 -17.85 -0.81
C SER A 123 12.44 -18.38 0.41
N LEU A 124 12.07 -17.90 1.63
CA LEU A 124 12.67 -18.32 2.91
C LEU A 124 14.19 -18.00 3.01
N GLU A 125 14.70 -17.13 2.11
CA GLU A 125 16.14 -16.83 2.03
C GLU A 125 16.56 -15.78 3.08
N HIS A 126 16.55 -14.48 2.69
CA HIS A 126 17.11 -13.39 3.51
C HIS A 126 16.33 -12.08 3.30
N HIS A 127 16.34 -11.23 4.34
CA HIS A 127 16.03 -9.80 4.21
C HIS A 127 17.38 -9.04 4.09
N HIS A 128 17.36 -7.88 3.45
CA HIS A 128 18.58 -7.04 3.30
C HIS A 128 18.93 -6.39 4.65
N HIS A 129 20.19 -6.54 5.09
CA HIS A 129 20.68 -5.92 6.34
C HIS A 129 20.71 -4.38 6.20
N HIS A 130 19.70 -3.72 6.82
CA HIS A 130 19.51 -2.25 6.79
C HIS A 130 19.32 -1.73 5.34
N HIS A 131 19.54 -0.42 5.13
CA HIS A 131 19.51 0.20 3.79
C HIS A 131 20.78 -0.17 2.96
N MET A 1 1.58 18.68 -8.36
CA MET A 1 0.27 18.74 -9.04
C MET A 1 -0.59 17.53 -8.63
N GLN A 2 -1.83 17.81 -8.15
CA GLN A 2 -2.82 16.79 -7.75
C GLN A 2 -2.32 15.94 -6.55
N LEU A 3 -2.96 14.77 -6.30
CA LEU A 3 -2.48 13.83 -5.28
C LEU A 3 -1.20 13.13 -5.77
N GLN A 4 -0.09 13.48 -5.11
CA GLN A 4 1.19 12.81 -5.25
C GLN A 4 1.36 11.93 -4.02
N LEU A 5 1.76 10.67 -4.18
CA LEU A 5 1.96 9.74 -3.05
C LEU A 5 3.39 9.24 -3.08
N VAL A 6 4.14 9.52 -1.99
CA VAL A 6 5.56 9.17 -1.89
C VAL A 6 5.66 7.83 -1.17
N GLU A 7 5.84 6.77 -1.95
CA GLU A 7 5.79 5.38 -1.47
C GLU A 7 7.22 4.90 -1.16
N SER A 8 7.41 4.44 0.09
CA SER A 8 8.72 4.08 0.65
C SER A 8 8.63 2.71 1.31
N GLY A 9 9.79 2.02 1.40
CA GLY A 9 9.89 0.69 2.00
C GLY A 9 9.97 -0.43 0.96
N GLY A 10 10.17 -0.05 -0.31
CA GLY A 10 10.31 -1.01 -1.41
C GLY A 10 11.67 -1.70 -1.41
N GLY A 11 11.84 -2.63 -0.48
CA GLY A 11 13.08 -3.38 -0.34
C GLY A 11 12.87 -4.87 -0.59
N LEU A 12 13.84 -5.68 -0.15
CA LEU A 12 13.78 -7.13 -0.29
C LEU A 12 13.77 -7.77 1.10
N VAL A 13 12.77 -8.64 1.33
CA VAL A 13 12.71 -9.54 2.50
C VAL A 13 12.58 -10.99 2.00
N GLN A 14 12.90 -11.94 2.88
CA GLN A 14 12.75 -13.37 2.60
C GLN A 14 11.28 -13.82 2.81
N ALA A 15 10.92 -14.95 2.17
CA ALA A 15 9.61 -15.62 2.37
C ALA A 15 9.41 -16.01 3.84
N GLY A 16 8.42 -15.38 4.48
CA GLY A 16 8.14 -15.54 5.91
C GLY A 16 8.39 -14.26 6.70
N GLY A 17 9.29 -13.41 6.16
CA GLY A 17 9.65 -12.14 6.80
C GLY A 17 8.57 -11.07 6.69
N SER A 18 8.71 -10.03 7.52
CA SER A 18 7.78 -8.88 7.55
C SER A 18 8.42 -7.65 6.87
N LEU A 19 7.57 -6.74 6.38
CA LEU A 19 7.98 -5.51 5.69
C LEU A 19 6.89 -4.46 5.89
N ARG A 20 7.30 -3.21 6.18
CA ARG A 20 6.37 -2.08 6.35
C ARG A 20 6.61 -1.02 5.26
N LEU A 21 5.52 -0.57 4.65
CA LEU A 21 5.52 0.52 3.66
C LEU A 21 5.06 1.81 4.35
N SER A 22 5.42 2.95 3.75
CA SER A 22 5.07 4.28 4.27
C SER A 22 4.84 5.22 3.09
N CYS A 23 3.68 5.89 3.07
CA CYS A 23 3.24 6.74 1.96
C CYS A 23 2.86 8.14 2.46
N VAL A 24 3.73 9.14 2.21
CA VAL A 24 3.45 10.53 2.58
C VAL A 24 2.63 11.18 1.44
N ALA A 25 1.52 11.84 1.80
CA ALA A 25 0.59 12.39 0.81
C ALA A 25 1.01 13.82 0.42
N SER A 26 1.72 13.90 -0.73
CA SER A 26 2.06 15.17 -1.43
C SER A 26 2.85 16.15 -0.54
N GLY A 27 3.62 15.61 0.41
CA GLY A 27 4.30 16.43 1.42
C GLY A 27 3.35 16.88 2.54
N ARG A 28 2.63 15.90 3.09
CA ARG A 28 1.78 16.06 4.32
C ARG A 28 0.53 16.93 4.07
N THR A 29 0.07 16.99 2.81
CA THR A 29 -1.16 17.72 2.45
C THR A 29 -2.38 16.79 2.58
N PHE A 30 -3.56 17.39 2.83
CA PHE A 30 -4.84 16.68 2.92
C PHE A 30 -5.73 17.04 1.72
N ARG A 31 -6.14 16.01 0.97
CA ARG A 31 -7.19 16.09 -0.08
C ARG A 31 -7.97 14.77 -0.09
N SER A 32 -7.19 13.67 -0.15
CA SER A 32 -7.74 12.32 -0.29
C SER A 32 -8.38 11.82 1.03
N ASN A 33 -9.73 11.84 1.06
CA ASN A 33 -10.54 11.15 2.09
C ASN A 33 -10.83 9.70 1.66
N ALA A 34 -10.58 9.41 0.38
CA ALA A 34 -10.70 8.08 -0.23
C ALA A 34 -9.30 7.64 -0.68
N MET A 35 -8.84 6.50 -0.15
CA MET A 35 -7.52 5.91 -0.45
C MET A 35 -7.61 4.38 -0.36
N GLY A 36 -6.56 3.70 -0.85
CA GLY A 36 -6.47 2.26 -0.73
C GLY A 36 -5.18 1.69 -1.31
N TRP A 37 -4.68 0.58 -0.74
CA TRP A 37 -3.48 -0.12 -1.26
C TRP A 37 -3.92 -1.17 -2.29
N PHE A 38 -3.18 -1.22 -3.40
CA PHE A 38 -3.36 -2.18 -4.47
C PHE A 38 -2.04 -2.94 -4.68
N ARG A 39 -2.10 -4.07 -5.40
CA ARG A 39 -0.92 -4.85 -5.80
C ARG A 39 -0.99 -5.10 -7.30
N GLN A 40 0.17 -5.17 -7.95
CA GLN A 40 0.27 -5.33 -9.40
C GLN A 40 1.60 -5.98 -9.74
N ALA A 41 1.61 -6.82 -10.76
CA ALA A 41 2.84 -7.39 -11.35
C ALA A 41 3.07 -6.74 -12.73
N PRO A 42 4.34 -6.63 -13.23
CA PRO A 42 4.65 -6.04 -14.56
C PRO A 42 3.88 -6.75 -15.71
N GLY A 43 2.91 -6.05 -16.30
CA GLY A 43 2.06 -6.60 -17.37
C GLY A 43 0.70 -7.10 -16.87
N LYS A 44 0.34 -6.73 -15.62
CA LYS A 44 -0.94 -7.09 -14.99
C LYS A 44 -1.74 -5.83 -14.61
N GLU A 45 -2.99 -6.04 -14.21
CA GLU A 45 -3.86 -5.01 -13.63
C GLU A 45 -3.57 -4.89 -12.11
N ARG A 46 -4.01 -3.78 -11.50
CA ARG A 46 -3.89 -3.58 -10.04
C ARG A 46 -5.12 -4.21 -9.34
N GLU A 47 -4.85 -5.14 -8.41
CA GLU A 47 -5.87 -5.81 -7.60
C GLU A 47 -6.04 -5.06 -6.27
N PHE A 48 -7.30 -4.89 -5.86
CA PHE A 48 -7.67 -4.22 -4.60
C PHE A 48 -7.25 -5.09 -3.38
N VAL A 49 -6.38 -4.52 -2.52
CA VAL A 49 -5.88 -5.22 -1.31
C VAL A 49 -6.52 -4.61 -0.06
N ALA A 50 -6.38 -3.29 0.08
CA ALA A 50 -6.76 -2.55 1.29
C ALA A 50 -7.43 -1.22 0.92
N ALA A 51 -8.10 -0.60 1.91
CA ALA A 51 -8.81 0.68 1.73
C ALA A 51 -8.71 1.53 2.99
N ILE A 52 -8.37 2.81 2.78
CA ILE A 52 -8.16 3.81 3.83
C ILE A 52 -9.28 4.87 3.76
N ARG A 53 -9.94 5.07 4.91
CA ARG A 53 -11.08 5.99 5.10
C ARG A 53 -10.71 7.09 6.12
N TRP A 54 -11.65 8.01 6.35
CA TRP A 54 -11.52 9.08 7.37
C TRP A 54 -11.48 8.51 8.82
N SER A 55 -11.57 9.41 9.83
CA SER A 55 -11.45 9.09 11.26
C SER A 55 -12.45 7.99 11.70
N GLY A 56 -11.88 6.83 12.11
CA GLY A 56 -12.67 5.67 12.56
C GLY A 56 -12.84 4.61 11.49
N GLY A 57 -12.00 4.66 10.44
CA GLY A 57 -12.03 3.68 9.34
C GLY A 57 -10.66 3.09 9.04
N SER A 58 -10.34 2.98 7.73
CA SER A 58 -9.05 2.48 7.22
C SER A 58 -8.81 1.00 7.57
N THR A 59 -9.68 0.13 7.03
CA THR A 59 -9.64 -1.32 7.24
C THR A 59 -10.21 -2.03 5.99
N TYR A 60 -9.39 -2.90 5.39
CA TYR A 60 -9.77 -3.79 4.28
C TYR A 60 -8.61 -4.78 4.08
N TYR A 61 -8.92 -6.07 4.09
CA TYR A 61 -7.92 -7.15 4.00
C TYR A 61 -8.61 -8.48 3.68
N ALA A 62 -7.82 -9.48 3.29
CA ALA A 62 -8.28 -10.88 3.19
C ALA A 62 -8.33 -11.51 4.60
N ASP A 63 -9.31 -12.39 4.85
CA ASP A 63 -9.44 -13.10 6.15
C ASP A 63 -8.21 -14.01 6.40
N SER A 64 -7.59 -14.49 5.32
CA SER A 64 -6.39 -15.33 5.37
C SER A 64 -5.13 -14.54 5.82
N VAL A 65 -5.12 -13.22 5.56
CA VAL A 65 -3.99 -12.33 5.94
C VAL A 65 -4.33 -11.47 7.19
N LYS A 66 -5.52 -11.72 7.77
CA LYS A 66 -6.07 -10.94 8.90
C LYS A 66 -5.13 -10.95 10.14
N GLY A 67 -4.64 -9.75 10.50
CA GLY A 67 -3.77 -9.57 11.67
C GLY A 67 -2.30 -9.47 11.31
N ARG A 68 -1.90 -10.13 10.21
CA ARG A 68 -0.52 -10.10 9.70
C ARG A 68 -0.36 -8.89 8.75
N PHE A 69 -1.21 -8.87 7.72
CA PHE A 69 -1.35 -7.71 6.81
C PHE A 69 -2.40 -6.76 7.43
N THR A 70 -1.98 -5.53 7.67
CA THR A 70 -2.77 -4.48 8.33
C THR A 70 -2.38 -3.12 7.73
N ILE A 71 -3.32 -2.16 7.78
CA ILE A 71 -3.10 -0.78 7.31
C ILE A 71 -3.42 0.20 8.43
N SER A 72 -2.82 1.39 8.33
CA SER A 72 -3.02 2.48 9.29
C SER A 72 -2.80 3.81 8.57
N ARG A 73 -3.69 4.78 8.84
CA ARG A 73 -3.54 6.16 8.36
C ARG A 73 -3.22 7.07 9.55
N ASP A 74 -2.27 7.97 9.35
CA ASP A 74 -1.95 9.03 10.30
C ASP A 74 -2.42 10.36 9.67
N ASN A 75 -3.31 11.08 10.38
CA ASN A 75 -3.89 12.35 9.88
C ASN A 75 -2.99 13.55 10.25
N ALA A 76 -2.19 13.38 11.32
CA ALA A 76 -1.35 14.47 11.89
C ALA A 76 -0.23 14.90 10.91
N LYS A 77 0.43 13.93 10.24
CA LYS A 77 1.40 14.23 9.15
C LYS A 77 0.98 13.58 7.82
N ASN A 78 -0.31 13.17 7.71
CA ASN A 78 -0.93 12.66 6.46
C ASN A 78 -0.06 11.58 5.77
N THR A 79 0.24 10.51 6.54
CA THR A 79 1.08 9.40 6.07
C THR A 79 0.39 8.05 6.36
N VAL A 80 0.32 7.19 5.34
CA VAL A 80 -0.36 5.88 5.41
C VAL A 80 0.69 4.75 5.39
N TYR A 81 0.62 3.87 6.40
CA TYR A 81 1.53 2.72 6.54
C TYR A 81 0.82 1.42 6.11
N LEU A 82 1.59 0.48 5.52
CA LEU A 82 1.12 -0.87 5.13
C LEU A 82 2.02 -1.91 5.80
N GLN A 83 1.53 -2.51 6.88
CA GLN A 83 2.28 -3.52 7.65
C GLN A 83 1.93 -4.94 7.12
N MET A 84 2.83 -5.52 6.31
CA MET A 84 2.64 -6.86 5.74
C MET A 84 3.61 -7.86 6.41
N ASN A 85 3.07 -8.76 7.27
CA ASN A 85 3.85 -9.80 7.96
C ASN A 85 3.55 -11.17 7.34
N SER A 86 4.57 -12.06 7.34
CA SER A 86 4.50 -13.39 6.73
C SER A 86 4.26 -13.27 5.22
N LEU A 87 5.20 -12.61 4.54
CA LEU A 87 5.17 -12.40 3.09
C LEU A 87 5.55 -13.67 2.33
N LYS A 88 5.00 -13.80 1.12
CA LYS A 88 5.18 -14.98 0.25
C LYS A 88 6.04 -14.58 -0.97
N PRO A 89 6.73 -15.54 -1.66
CA PRO A 89 7.62 -15.22 -2.82
C PRO A 89 6.86 -14.51 -3.98
N GLU A 90 5.54 -14.76 -4.07
CA GLU A 90 4.64 -14.15 -5.08
C GLU A 90 4.48 -12.62 -4.87
N ASP A 91 4.82 -12.13 -3.66
CA ASP A 91 4.84 -10.68 -3.32
C ASP A 91 6.13 -10.00 -3.87
N THR A 92 6.85 -10.66 -4.80
CA THR A 92 7.86 -9.99 -5.63
C THR A 92 7.11 -9.30 -6.80
N ALA A 93 6.72 -8.04 -6.55
CA ALA A 93 5.87 -7.26 -7.47
C ALA A 93 5.89 -5.77 -7.04
N VAL A 94 4.96 -4.98 -7.57
CA VAL A 94 4.80 -3.57 -7.20
C VAL A 94 3.44 -3.34 -6.52
N TYR A 95 3.48 -3.01 -5.20
CA TYR A 95 2.30 -2.52 -4.47
C TYR A 95 2.21 -1.01 -4.71
N LEU A 96 1.02 -0.54 -5.09
CA LEU A 96 0.79 0.86 -5.46
C LEU A 96 -0.43 1.39 -4.70
N CYS A 97 -0.24 2.50 -3.97
CA CYS A 97 -1.33 3.14 -3.23
C CYS A 97 -2.03 4.14 -4.14
N ALA A 98 -3.36 4.16 -4.05
CA ALA A 98 -4.22 5.04 -4.82
C ALA A 98 -4.88 6.05 -3.88
N ALA A 99 -5.21 7.21 -4.43
CA ALA A 99 -5.88 8.31 -3.70
C ALA A 99 -7.08 8.79 -4.51
N GLY A 100 -7.92 9.59 -3.87
CA GLY A 100 -9.10 10.16 -4.51
C GLY A 100 -10.06 10.74 -3.49
N VAL A 101 -11.27 11.08 -3.94
CA VAL A 101 -12.35 11.55 -3.07
C VAL A 101 -13.63 10.77 -3.39
N TRP A 102 -14.44 10.53 -2.34
CA TRP A 102 -15.74 9.82 -2.45
C TRP A 102 -16.67 10.57 -3.41
N ARG A 103 -17.02 9.90 -4.51
CA ARG A 103 -17.90 10.47 -5.55
C ARG A 103 -19.36 10.46 -5.03
N SER A 104 -20.16 11.44 -5.49
CA SER A 104 -21.58 11.62 -5.10
C SER A 104 -22.46 10.37 -5.36
N SER A 105 -21.97 9.49 -6.25
CA SER A 105 -22.62 8.22 -6.61
C SER A 105 -22.66 7.21 -5.44
N GLY A 106 -21.71 7.36 -4.50
CA GLY A 106 -21.52 6.43 -3.38
C GLY A 106 -20.36 5.46 -3.63
N TRP A 107 -19.58 5.74 -4.69
CA TRP A 107 -18.41 4.93 -5.07
C TRP A 107 -17.14 5.51 -4.46
N ASP A 108 -16.34 4.63 -3.86
CA ASP A 108 -14.96 4.93 -3.46
C ASP A 108 -14.09 4.92 -4.73
N THR A 109 -13.93 6.10 -5.33
CA THR A 109 -13.23 6.26 -6.60
C THR A 109 -11.75 6.65 -6.37
N PRO A 110 -10.78 5.71 -6.60
CA PRO A 110 -9.35 6.03 -6.61
C PRO A 110 -8.95 6.62 -7.97
N ASP A 111 -9.11 7.95 -8.10
CA ASP A 111 -8.83 8.69 -9.35
C ASP A 111 -7.32 8.83 -9.58
N TYR A 112 -6.56 8.83 -8.48
CA TYR A 112 -5.12 9.06 -8.46
C TYR A 112 -4.39 7.78 -8.06
N TRP A 113 -3.16 7.62 -8.57
CA TRP A 113 -2.20 6.60 -8.11
C TRP A 113 -0.86 7.30 -7.86
N GLY A 114 -0.13 6.81 -6.85
CA GLY A 114 1.13 7.44 -6.44
C GLY A 114 2.25 7.25 -7.45
N GLN A 115 2.86 6.06 -7.42
CA GLN A 115 4.02 5.72 -8.24
C GLN A 115 4.22 4.20 -8.26
N GLY A 116 4.02 3.58 -7.09
CA GLY A 116 4.23 2.16 -6.90
C GLY A 116 5.55 1.88 -6.19
N THR A 117 5.47 1.23 -5.02
CA THR A 117 6.64 0.78 -4.25
C THR A 117 6.93 -0.71 -4.56
N GLN A 118 8.06 -0.96 -5.27
CA GLN A 118 8.48 -2.31 -5.68
C GLN A 118 8.94 -3.13 -4.46
N VAL A 119 8.02 -3.97 -3.97
CA VAL A 119 8.30 -4.91 -2.87
C VAL A 119 8.83 -6.22 -3.48
N THR A 120 9.91 -6.75 -2.92
CA THR A 120 10.60 -7.90 -3.49
C THR A 120 10.76 -8.94 -2.40
N VAL A 121 9.99 -10.03 -2.44
CA VAL A 121 10.09 -11.09 -1.44
C VAL A 121 10.78 -12.31 -2.06
N SER A 122 12.10 -12.44 -1.80
CA SER A 122 12.87 -13.59 -2.28
C SER A 122 12.48 -14.85 -1.49
N SER A 123 12.16 -15.94 -2.21
CA SER A 123 11.80 -17.23 -1.61
C SER A 123 12.96 -17.77 -0.74
N LEU A 124 12.87 -17.55 0.59
CA LEU A 124 13.84 -18.03 1.61
C LEU A 124 15.12 -17.17 1.68
N GLU A 125 15.69 -16.81 0.52
CA GLU A 125 16.93 -15.99 0.46
C GLU A 125 16.64 -14.54 0.90
N HIS A 126 17.68 -13.87 1.43
CA HIS A 126 17.60 -12.47 1.88
C HIS A 126 18.01 -11.51 0.75
N HIS A 127 18.30 -10.22 1.09
CA HIS A 127 18.48 -9.12 0.11
C HIS A 127 19.39 -9.48 -1.09
N HIS A 128 20.65 -9.87 -0.79
CA HIS A 128 21.66 -10.31 -1.77
C HIS A 128 22.08 -9.17 -2.74
N HIS A 129 23.37 -8.84 -2.77
CA HIS A 129 23.93 -7.81 -3.67
C HIS A 129 24.09 -8.37 -5.09
N HIS A 130 24.08 -7.45 -6.08
CA HIS A 130 24.27 -7.77 -7.50
C HIS A 130 25.23 -6.74 -8.12
N HIS A 131 25.66 -7.00 -9.37
CA HIS A 131 26.63 -6.18 -10.12
C HIS A 131 28.04 -6.24 -9.46
N MET A 1 -4.91 21.19 -9.18
CA MET A 1 -4.14 20.58 -8.06
C MET A 1 -3.38 19.35 -8.55
N GLN A 2 -2.42 18.88 -7.74
CA GLN A 2 -1.65 17.66 -8.01
C GLN A 2 -1.59 16.84 -6.71
N LEU A 3 -2.25 15.66 -6.70
CA LEU A 3 -2.21 14.75 -5.55
C LEU A 3 -0.88 13.97 -5.63
N GLN A 4 0.02 14.21 -4.67
CA GLN A 4 1.36 13.61 -4.64
C GLN A 4 1.40 12.50 -3.57
N LEU A 5 1.73 11.28 -4.00
CA LEU A 5 1.96 10.13 -3.10
C LEU A 5 3.40 9.63 -3.32
N VAL A 6 4.27 9.90 -2.33
CA VAL A 6 5.69 9.51 -2.37
C VAL A 6 5.87 8.24 -1.53
N GLU A 7 5.98 7.10 -2.21
CA GLU A 7 6.03 5.78 -1.58
C GLU A 7 7.48 5.34 -1.37
N SER A 8 7.71 4.61 -0.28
CA SER A 8 9.05 4.23 0.19
C SER A 8 8.94 3.01 1.12
N GLY A 9 10.11 2.52 1.59
CA GLY A 9 10.17 1.34 2.45
C GLY A 9 10.21 0.03 1.67
N GLY A 10 10.17 0.12 0.33
CA GLY A 10 10.19 -1.06 -0.54
C GLY A 10 11.57 -1.69 -0.64
N GLY A 11 11.62 -3.02 -0.70
CA GLY A 11 12.88 -3.76 -0.78
C GLY A 11 12.67 -5.25 -0.84
N LEU A 12 13.75 -6.00 -0.69
CA LEU A 12 13.74 -7.48 -0.72
C LEU A 12 13.74 -8.03 0.70
N VAL A 13 12.82 -8.96 1.00
CA VAL A 13 12.72 -9.64 2.31
C VAL A 13 12.55 -11.14 2.09
N GLN A 14 13.04 -11.95 3.04
CA GLN A 14 12.84 -13.41 3.02
C GLN A 14 11.36 -13.76 3.33
N ALA A 15 10.86 -14.86 2.72
CA ALA A 15 9.50 -15.34 2.93
C ALA A 15 9.30 -15.82 4.38
N GLY A 16 8.16 -15.41 4.97
CA GLY A 16 7.92 -15.54 6.40
C GLY A 16 8.41 -14.31 7.17
N GLY A 17 8.85 -13.27 6.43
CA GLY A 17 9.34 -12.02 7.02
C GLY A 17 8.30 -10.90 6.95
N SER A 18 8.75 -9.67 7.27
CA SER A 18 7.89 -8.48 7.30
C SER A 18 8.54 -7.34 6.49
N LEU A 19 7.68 -6.45 5.97
CA LEU A 19 8.11 -5.24 5.23
C LEU A 19 7.06 -4.15 5.45
N ARG A 20 7.52 -2.98 5.92
CA ARG A 20 6.64 -1.84 6.26
C ARG A 20 6.82 -0.72 5.22
N LEU A 21 5.79 -0.52 4.40
CA LEU A 21 5.73 0.53 3.37
C LEU A 21 5.19 1.84 3.97
N SER A 22 5.58 2.97 3.38
CA SER A 22 5.17 4.30 3.82
C SER A 22 4.95 5.21 2.61
N CYS A 23 3.82 5.90 2.56
CA CYS A 23 3.41 6.78 1.46
C CYS A 23 3.11 8.18 1.99
N VAL A 24 4.02 9.12 1.74
CA VAL A 24 3.91 10.50 2.24
C VAL A 24 2.99 11.31 1.29
N ALA A 25 1.94 11.89 1.86
CA ALA A 25 0.90 12.57 1.09
C ALA A 25 1.26 14.05 0.93
N SER A 26 1.85 14.36 -0.24
CA SER A 26 2.13 15.74 -0.71
C SER A 26 2.96 16.56 0.31
N GLY A 27 3.86 15.85 1.03
CA GLY A 27 4.66 16.44 2.10
C GLY A 27 3.83 16.71 3.34
N ARG A 28 3.22 17.90 3.42
CA ARG A 28 2.39 18.34 4.56
C ARG A 28 0.99 18.79 4.10
N THR A 29 0.72 18.75 2.78
CA THR A 29 -0.59 19.13 2.22
C THR A 29 -1.60 17.99 2.46
N PHE A 30 -2.73 18.33 3.07
CA PHE A 30 -3.72 17.37 3.58
C PHE A 30 -4.94 17.36 2.65
N ARG A 31 -5.28 16.17 2.14
CA ARG A 31 -6.39 15.95 1.18
C ARG A 31 -6.75 14.47 1.10
N SER A 32 -7.82 14.20 0.30
CA SER A 32 -8.32 12.85 -0.02
C SER A 32 -8.87 12.15 1.25
N ASN A 33 -10.21 12.08 1.34
CA ASN A 33 -10.93 11.50 2.50
C ASN A 33 -10.56 10.03 2.76
N ALA A 34 -10.19 9.32 1.69
CA ALA A 34 -9.72 7.93 1.76
C ALA A 34 -8.37 7.80 1.07
N MET A 35 -7.54 6.87 1.53
CA MET A 35 -6.26 6.50 0.88
C MET A 35 -6.07 4.99 1.09
N GLY A 36 -5.93 4.25 -0.02
CA GLY A 36 -5.88 2.79 0.01
C GLY A 36 -4.58 2.22 -0.51
N TRP A 37 -4.54 0.89 -0.63
CA TRP A 37 -3.39 0.15 -1.16
C TRP A 37 -3.89 -0.88 -2.18
N PHE A 38 -3.10 -1.07 -3.24
CA PHE A 38 -3.31 -2.06 -4.31
C PHE A 38 -1.96 -2.76 -4.58
N ARG A 39 -1.97 -3.81 -5.41
CA ARG A 39 -0.74 -4.47 -5.87
C ARG A 39 -0.85 -4.84 -7.36
N GLN A 40 0.11 -4.35 -8.15
CA GLN A 40 0.16 -4.54 -9.60
C GLN A 40 1.18 -5.63 -9.94
N ALA A 41 0.79 -6.53 -10.85
CA ALA A 41 1.65 -7.59 -11.39
C ALA A 41 1.72 -7.46 -12.93
N PRO A 42 2.93 -7.63 -13.55
CA PRO A 42 3.10 -7.54 -15.02
C PRO A 42 2.37 -8.70 -15.75
N GLY A 43 1.38 -8.36 -16.59
CA GLY A 43 0.52 -9.36 -17.25
C GLY A 43 -0.81 -9.56 -16.53
N LYS A 44 -1.01 -8.81 -15.42
CA LYS A 44 -2.22 -8.85 -14.59
C LYS A 44 -2.67 -7.43 -14.24
N GLU A 45 -3.85 -7.34 -13.60
CA GLU A 45 -4.44 -6.08 -13.13
C GLU A 45 -4.09 -5.85 -11.64
N ARG A 46 -4.12 -4.58 -11.18
CA ARG A 46 -3.88 -4.25 -9.77
C ARG A 46 -5.05 -4.73 -8.89
N GLU A 47 -4.71 -5.51 -7.87
CA GLU A 47 -5.65 -6.14 -6.95
C GLU A 47 -5.84 -5.25 -5.73
N PHE A 48 -7.09 -5.12 -5.26
CA PHE A 48 -7.45 -4.32 -4.09
C PHE A 48 -6.90 -4.99 -2.82
N VAL A 49 -5.95 -4.31 -2.15
CA VAL A 49 -5.34 -4.79 -0.90
C VAL A 49 -6.07 -4.20 0.31
N ALA A 50 -6.21 -2.86 0.34
CA ALA A 50 -6.68 -2.13 1.53
C ALA A 50 -7.31 -0.77 1.18
N ALA A 51 -7.94 -0.16 2.20
CA ALA A 51 -8.45 1.22 2.15
C ALA A 51 -8.64 1.78 3.58
N ILE A 52 -8.14 3.01 3.79
CA ILE A 52 -8.29 3.76 5.04
C ILE A 52 -9.10 5.03 4.75
N ARG A 53 -10.29 5.14 5.36
CA ARG A 53 -11.17 6.31 5.19
C ARG A 53 -11.35 7.01 6.54
N TRP A 54 -11.44 8.36 6.50
CA TRP A 54 -11.64 9.21 7.71
C TRP A 54 -13.00 8.94 8.39
N SER A 55 -13.90 8.24 7.67
CA SER A 55 -15.23 7.83 8.18
C SER A 55 -15.13 6.66 9.18
N GLY A 56 -13.90 6.14 9.39
CA GLY A 56 -13.65 5.05 10.34
C GLY A 56 -13.30 3.74 9.66
N GLY A 57 -13.61 3.64 8.35
CA GLY A 57 -13.31 2.45 7.54
C GLY A 57 -11.83 2.36 7.19
N SER A 58 -11.00 2.02 8.19
CA SER A 58 -9.54 2.09 8.13
C SER A 58 -8.90 0.69 8.03
N THR A 59 -9.63 -0.27 7.41
CA THR A 59 -9.25 -1.70 7.44
C THR A 59 -9.91 -2.46 6.27
N TYR A 60 -9.05 -3.08 5.43
CA TYR A 60 -9.41 -4.01 4.35
C TYR A 60 -8.19 -4.91 4.06
N TYR A 61 -8.42 -6.22 3.91
CA TYR A 61 -7.39 -7.21 3.52
C TYR A 61 -8.06 -8.53 3.09
N ALA A 62 -7.28 -9.40 2.41
CA ALA A 62 -7.77 -10.74 2.01
C ALA A 62 -7.83 -11.69 3.21
N ASP A 63 -8.61 -12.78 3.06
CA ASP A 63 -8.89 -13.74 4.14
C ASP A 63 -7.63 -14.51 4.56
N SER A 64 -6.77 -14.82 3.57
CA SER A 64 -5.51 -15.56 3.80
C SER A 64 -4.49 -14.73 4.59
N VAL A 65 -4.47 -13.41 4.33
CA VAL A 65 -3.51 -12.47 4.95
C VAL A 65 -4.13 -11.73 6.16
N LYS A 66 -5.26 -12.26 6.65
CA LYS A 66 -6.04 -11.67 7.76
C LYS A 66 -5.21 -11.55 9.06
N GLY A 67 -4.96 -10.30 9.46
CA GLY A 67 -4.21 -9.98 10.69
C GLY A 67 -2.70 -9.87 10.46
N ARG A 68 -2.21 -10.45 9.35
CA ARG A 68 -0.79 -10.40 8.97
C ARG A 68 -0.50 -9.06 8.31
N PHE A 69 -1.38 -8.71 7.35
CA PHE A 69 -1.40 -7.39 6.68
C PHE A 69 -2.22 -6.44 7.55
N THR A 70 -1.60 -5.33 7.95
CA THR A 70 -2.18 -4.30 8.82
C THR A 70 -1.95 -2.95 8.16
N ILE A 71 -2.99 -2.10 8.12
CA ILE A 71 -2.94 -0.80 7.46
C ILE A 71 -3.43 0.31 8.40
N SER A 72 -2.78 1.47 8.28
CA SER A 72 -3.09 2.66 9.07
C SER A 72 -2.76 3.91 8.25
N ARG A 73 -3.19 5.08 8.77
CA ARG A 73 -2.92 6.38 8.17
C ARG A 73 -2.82 7.41 9.29
N ASP A 74 -1.77 8.22 9.26
CA ASP A 74 -1.52 9.29 10.24
C ASP A 74 -1.41 10.63 9.50
N ASN A 75 -2.46 11.45 9.62
CA ASN A 75 -2.52 12.81 9.04
C ASN A 75 -1.60 13.77 9.82
N ALA A 76 -1.10 13.32 11.00
CA ALA A 76 -0.14 14.08 11.85
C ALA A 76 1.14 14.44 11.08
N LYS A 77 1.68 13.48 10.31
CA LYS A 77 2.86 13.70 9.44
C LYS A 77 2.51 13.48 7.96
N ASN A 78 1.20 13.28 7.68
CA ASN A 78 0.68 13.00 6.31
C ASN A 78 1.41 11.81 5.68
N THR A 79 1.19 10.62 6.25
CA THR A 79 1.79 9.38 5.74
C THR A 79 0.87 8.18 6.01
N VAL A 80 0.66 7.35 4.98
CA VAL A 80 -0.14 6.12 5.04
C VAL A 80 0.83 4.93 5.08
N TYR A 81 0.57 3.94 5.95
CA TYR A 81 1.48 2.80 6.15
C TYR A 81 0.83 1.47 5.78
N LEU A 82 1.66 0.55 5.25
CA LEU A 82 1.26 -0.82 4.87
C LEU A 82 2.24 -1.79 5.54
N GLN A 83 1.82 -2.37 6.67
CA GLN A 83 2.62 -3.33 7.44
C GLN A 83 2.27 -4.76 7.00
N MET A 84 3.12 -5.35 6.14
CA MET A 84 2.89 -6.69 5.58
C MET A 84 3.81 -7.71 6.27
N ASN A 85 3.23 -8.50 7.19
CA ASN A 85 3.95 -9.57 7.92
C ASN A 85 3.57 -10.92 7.31
N SER A 86 4.50 -11.91 7.45
CA SER A 86 4.35 -13.26 6.89
C SER A 86 4.16 -13.21 5.36
N LEU A 87 5.05 -12.44 4.71
CA LEU A 87 5.08 -12.27 3.25
C LEU A 87 5.52 -13.56 2.55
N LYS A 88 4.78 -13.95 1.51
CA LYS A 88 5.05 -15.14 0.71
C LYS A 88 5.94 -14.76 -0.49
N PRO A 89 6.71 -15.73 -1.09
CA PRO A 89 7.60 -15.42 -2.24
C PRO A 89 6.83 -14.87 -3.47
N GLU A 90 5.53 -15.18 -3.55
CA GLU A 90 4.62 -14.73 -4.64
C GLU A 90 4.25 -13.23 -4.50
N ASP A 91 4.59 -12.61 -3.35
CA ASP A 91 4.45 -11.15 -3.14
C ASP A 91 5.68 -10.39 -3.69
N THR A 92 6.27 -10.92 -4.78
CA THR A 92 7.22 -10.16 -5.60
C THR A 92 6.42 -9.39 -6.68
N ALA A 93 6.17 -8.11 -6.41
CA ALA A 93 5.33 -7.25 -7.26
C ALA A 93 5.61 -5.77 -6.91
N VAL A 94 4.75 -4.87 -7.39
CA VAL A 94 4.79 -3.47 -6.99
C VAL A 94 3.48 -3.12 -6.27
N TYR A 95 3.57 -2.90 -4.95
CA TYR A 95 2.44 -2.42 -4.15
C TYR A 95 2.40 -0.90 -4.30
N LEU A 96 1.21 -0.36 -4.59
CA LEU A 96 1.03 1.06 -4.89
C LEU A 96 -0.17 1.63 -4.13
N CYS A 97 -0.03 2.88 -3.68
CA CYS A 97 -1.03 3.56 -2.86
C CYS A 97 -2.04 4.28 -3.77
N ALA A 98 -3.22 4.55 -3.22
CA ALA A 98 -4.32 5.19 -3.92
C ALA A 98 -4.84 6.35 -3.09
N ALA A 99 -5.41 7.34 -3.78
CA ALA A 99 -6.12 8.46 -3.16
C ALA A 99 -7.57 8.42 -3.65
N GLY A 100 -8.52 8.30 -2.70
CA GLY A 100 -9.92 8.10 -3.00
C GLY A 100 -10.77 9.25 -2.52
N VAL A 101 -11.84 9.52 -3.27
CA VAL A 101 -12.75 10.65 -3.07
C VAL A 101 -14.19 10.17 -3.25
N TRP A 102 -15.10 10.67 -2.39
CA TRP A 102 -16.54 10.41 -2.49
C TRP A 102 -17.06 11.00 -3.80
N ARG A 103 -17.57 10.11 -4.67
CA ARG A 103 -18.10 10.48 -5.99
C ARG A 103 -19.65 10.49 -5.91
N SER A 104 -20.28 11.29 -6.79
CA SER A 104 -21.75 11.35 -6.95
C SER A 104 -22.32 10.02 -7.50
N SER A 105 -21.43 9.16 -8.01
CA SER A 105 -21.77 7.79 -8.43
C SER A 105 -22.16 6.92 -7.22
N GLY A 106 -21.67 7.31 -6.03
CA GLY A 106 -21.99 6.62 -4.76
C GLY A 106 -20.80 5.87 -4.19
N TRP A 107 -19.92 5.39 -5.09
CA TRP A 107 -18.68 4.68 -4.71
C TRP A 107 -17.59 5.70 -4.40
N ASP A 108 -16.71 5.35 -3.44
CA ASP A 108 -15.54 6.17 -3.11
C ASP A 108 -14.42 5.80 -4.10
N THR A 109 -14.35 6.54 -5.19
CA THR A 109 -13.50 6.22 -6.33
C THR A 109 -12.02 6.58 -6.03
N PRO A 110 -11.07 5.58 -6.09
CA PRO A 110 -9.62 5.84 -5.91
C PRO A 110 -9.06 6.44 -7.21
N ASP A 111 -9.41 7.71 -7.46
CA ASP A 111 -9.18 8.40 -8.75
C ASP A 111 -7.68 8.50 -9.07
N TYR A 112 -6.88 8.70 -8.02
CA TYR A 112 -5.42 8.89 -8.14
C TYR A 112 -4.68 7.70 -7.54
N TRP A 113 -3.48 7.46 -8.05
CA TRP A 113 -2.53 6.46 -7.52
C TRP A 113 -1.13 7.12 -7.44
N GLY A 114 -0.26 6.53 -6.61
CA GLY A 114 1.11 7.04 -6.45
C GLY A 114 2.02 6.60 -7.58
N GLN A 115 3.33 6.49 -7.29
CA GLN A 115 4.35 6.04 -8.26
C GLN A 115 4.82 4.62 -7.95
N GLY A 116 4.17 3.96 -6.96
CA GLY A 116 4.44 2.59 -6.59
C GLY A 116 5.66 2.43 -5.70
N THR A 117 5.77 1.27 -5.05
CA THR A 117 6.97 0.87 -4.29
C THR A 117 7.24 -0.63 -4.53
N GLN A 118 8.39 -0.93 -5.17
CA GLN A 118 8.79 -2.30 -5.55
C GLN A 118 9.11 -3.14 -4.31
N VAL A 119 8.40 -4.26 -4.16
CA VAL A 119 8.66 -5.27 -3.14
C VAL A 119 9.06 -6.59 -3.85
N THR A 120 10.10 -7.27 -3.34
CA THR A 120 10.53 -8.57 -3.88
C THR A 120 10.76 -9.51 -2.69
N VAL A 121 9.84 -10.43 -2.46
CA VAL A 121 9.98 -11.39 -1.36
C VAL A 121 10.77 -12.62 -1.86
N SER A 122 12.08 -12.66 -1.50
CA SER A 122 12.94 -13.83 -1.72
C SER A 122 12.35 -15.09 -1.04
N SER A 123 12.47 -16.25 -1.70
CA SER A 123 11.99 -17.54 -1.16
C SER A 123 13.06 -18.19 -0.25
N LEU A 124 13.43 -17.45 0.84
CA LEU A 124 14.52 -17.83 1.78
C LEU A 124 15.86 -18.00 1.03
N GLU A 125 16.08 -17.16 0.01
CA GLU A 125 17.22 -17.28 -0.91
C GLU A 125 18.53 -16.76 -0.26
N HIS A 126 18.81 -15.44 -0.39
CA HIS A 126 20.10 -14.86 0.01
C HIS A 126 19.91 -13.50 0.71
N HIS A 127 18.73 -13.31 1.34
CA HIS A 127 18.49 -12.14 2.20
C HIS A 127 19.21 -12.36 3.53
N HIS A 128 20.41 -11.75 3.64
CA HIS A 128 21.32 -11.95 4.80
C HIS A 128 20.61 -11.59 6.12
N HIS A 129 20.34 -12.62 6.93
CA HIS A 129 19.72 -12.47 8.25
C HIS A 129 20.77 -12.13 9.32
N HIS A 130 20.29 -11.74 10.50
CA HIS A 130 21.15 -11.44 11.65
C HIS A 130 20.50 -11.96 12.93
N HIS A 131 21.31 -12.52 13.83
CA HIS A 131 20.87 -12.98 15.16
C HIS A 131 21.82 -12.36 16.22
N MET A 1 -3.45 22.73 -7.04
CA MET A 1 -3.82 21.76 -5.99
C MET A 1 -3.79 20.33 -6.55
N GLN A 2 -2.59 19.73 -6.59
CA GLN A 2 -2.40 18.34 -7.03
C GLN A 2 -2.08 17.46 -5.82
N LEU A 3 -2.86 16.39 -5.62
CA LEU A 3 -2.65 15.44 -4.51
C LEU A 3 -1.46 14.54 -4.89
N GLN A 4 -0.36 14.67 -4.13
CA GLN A 4 0.90 13.95 -4.36
C GLN A 4 1.05 12.81 -3.33
N LEU A 5 1.59 11.67 -3.77
CA LEU A 5 1.88 10.51 -2.92
C LEU A 5 3.31 10.01 -3.19
N VAL A 6 4.12 9.84 -2.12
CA VAL A 6 5.52 9.35 -2.23
C VAL A 6 5.67 8.03 -1.44
N GLU A 7 5.69 6.89 -2.18
CA GLU A 7 5.86 5.55 -1.58
C GLU A 7 7.34 5.23 -1.36
N SER A 8 7.60 4.40 -0.36
CA SER A 8 8.94 3.94 0.02
C SER A 8 8.83 2.58 0.74
N GLY A 9 9.85 1.72 0.54
CA GLY A 9 9.90 0.37 1.10
C GLY A 9 10.05 -0.70 0.01
N GLY A 10 10.85 -0.37 -1.03
CA GLY A 10 11.08 -1.26 -2.17
C GLY A 10 12.36 -2.05 -2.06
N GLY A 11 12.25 -3.38 -2.08
CA GLY A 11 13.42 -4.27 -2.04
C GLY A 11 13.03 -5.73 -2.06
N LEU A 12 14.06 -6.60 -1.98
CA LEU A 12 13.88 -8.06 -1.88
C LEU A 12 13.89 -8.47 -0.40
N VAL A 13 12.85 -9.22 0.00
CA VAL A 13 12.74 -9.81 1.35
C VAL A 13 12.45 -11.32 1.21
N GLN A 14 12.59 -12.06 2.32
CA GLN A 14 12.29 -13.50 2.35
C GLN A 14 10.82 -13.76 2.62
N ALA A 15 10.32 -14.90 2.12
CA ALA A 15 9.01 -15.45 2.44
C ALA A 15 8.92 -15.77 3.95
N GLY A 16 8.07 -15.01 4.66
CA GLY A 16 7.92 -15.09 6.11
C GLY A 16 8.45 -13.84 6.80
N GLY A 17 8.95 -12.87 6.01
CA GLY A 17 9.53 -11.63 6.53
C GLY A 17 8.52 -10.53 6.73
N SER A 18 9.01 -9.37 7.18
CA SER A 18 8.25 -8.12 7.28
C SER A 18 8.73 -7.13 6.21
N LEU A 19 7.87 -6.16 5.92
CA LEU A 19 8.17 -5.03 5.05
C LEU A 19 7.16 -3.92 5.36
N ARG A 20 7.65 -2.77 5.84
CA ARG A 20 6.82 -1.64 6.23
C ARG A 20 6.81 -0.61 5.10
N LEU A 21 5.66 -0.50 4.42
CA LEU A 21 5.45 0.49 3.37
C LEU A 21 4.96 1.80 3.99
N SER A 22 5.46 2.92 3.45
CA SER A 22 5.12 4.26 3.91
C SER A 22 4.97 5.18 2.69
N CYS A 23 3.82 5.84 2.59
CA CYS A 23 3.50 6.79 1.51
C CYS A 23 3.11 8.13 2.12
N VAL A 24 3.91 9.17 1.87
CA VAL A 24 3.69 10.50 2.45
C VAL A 24 2.69 11.29 1.57
N ALA A 25 1.66 11.84 2.21
CA ALA A 25 0.55 12.54 1.57
C ALA A 25 0.87 14.04 1.40
N SER A 26 1.24 14.41 0.16
CA SER A 26 1.43 15.80 -0.31
C SER A 26 2.39 16.62 0.60
N GLY A 27 3.59 16.04 0.84
CA GLY A 27 4.63 16.66 1.68
C GLY A 27 4.31 16.51 3.17
N ARG A 28 3.33 17.30 3.64
CA ARG A 28 2.80 17.23 5.01
C ARG A 28 1.47 18.02 5.05
N THR A 29 0.69 17.88 3.97
CA THR A 29 -0.61 18.55 3.82
C THR A 29 -1.73 17.52 4.04
N PHE A 30 -2.87 17.99 4.60
CA PHE A 30 -4.06 17.15 4.85
C PHE A 30 -5.13 17.50 3.81
N ARG A 31 -5.55 16.49 3.04
CA ARG A 31 -6.58 16.63 2.00
C ARG A 31 -7.05 15.24 1.52
N SER A 32 -6.16 14.24 1.63
CA SER A 32 -6.47 12.84 1.32
C SER A 32 -7.50 12.30 2.34
N ASN A 33 -8.79 12.34 1.96
CA ASN A 33 -9.89 11.77 2.77
C ASN A 33 -10.03 10.27 2.51
N ALA A 34 -9.77 9.88 1.25
CA ALA A 34 -9.88 8.49 0.80
C ALA A 34 -8.58 8.07 0.12
N MET A 35 -7.97 7.00 0.66
CA MET A 35 -6.74 6.38 0.14
C MET A 35 -7.02 4.90 -0.12
N GLY A 36 -6.14 4.26 -0.92
CA GLY A 36 -6.25 2.84 -1.20
C GLY A 36 -4.91 2.26 -1.62
N TRP A 37 -4.56 1.09 -1.08
CA TRP A 37 -3.37 0.34 -1.47
C TRP A 37 -3.77 -0.69 -2.54
N PHE A 38 -3.13 -0.58 -3.71
CA PHE A 38 -3.28 -1.55 -4.82
C PHE A 38 -1.89 -2.10 -5.17
N ARG A 39 -1.84 -3.25 -5.85
CA ARG A 39 -0.58 -3.84 -6.31
C ARG A 39 -0.76 -4.41 -7.72
N GLN A 40 0.17 -4.13 -8.62
CA GLN A 40 0.19 -4.76 -9.96
C GLN A 40 1.21 -5.91 -9.90
N ALA A 41 0.78 -7.11 -10.33
CA ALA A 41 1.61 -8.32 -10.25
C ALA A 41 2.37 -8.53 -11.58
N PRO A 42 3.66 -9.00 -11.54
CA PRO A 42 4.42 -9.36 -12.76
C PRO A 42 3.75 -10.54 -13.52
N GLY A 43 3.02 -10.21 -14.59
CA GLY A 43 2.35 -11.20 -15.43
C GLY A 43 0.87 -11.40 -15.07
N LYS A 44 0.35 -10.63 -14.10
CA LYS A 44 -1.06 -10.71 -13.65
C LYS A 44 -1.61 -9.30 -13.38
N GLU A 45 -2.95 -9.15 -13.53
CA GLU A 45 -3.68 -7.88 -13.32
C GLU A 45 -3.58 -7.41 -11.85
N ARG A 46 -3.90 -6.12 -11.60
CA ARG A 46 -3.75 -5.51 -10.26
C ARG A 46 -4.82 -6.03 -9.29
N GLU A 47 -4.45 -6.08 -8.01
CA GLU A 47 -5.29 -6.57 -6.93
C GLU A 47 -5.50 -5.45 -5.89
N PHE A 48 -6.77 -5.29 -5.48
CA PHE A 48 -7.17 -4.38 -4.39
C PHE A 48 -6.71 -4.97 -3.05
N VAL A 49 -5.74 -4.31 -2.42
CA VAL A 49 -5.13 -4.75 -1.15
C VAL A 49 -5.91 -4.18 0.03
N ALA A 50 -6.08 -2.85 0.03
CA ALA A 50 -6.70 -2.12 1.17
C ALA A 50 -7.31 -0.79 0.71
N ALA A 51 -8.15 -0.21 1.59
CA ALA A 51 -8.71 1.14 1.42
C ALA A 51 -8.97 1.77 2.80
N ILE A 52 -8.43 2.99 2.99
CA ILE A 52 -8.65 3.80 4.19
C ILE A 52 -9.52 4.98 3.77
N ARG A 53 -10.77 5.03 4.24
CA ARG A 53 -11.65 6.19 4.05
C ARG A 53 -12.01 6.71 5.44
N TRP A 54 -11.80 8.02 5.65
CA TRP A 54 -12.15 8.71 6.89
C TRP A 54 -13.68 8.84 6.96
N SER A 55 -14.34 7.75 7.41
CA SER A 55 -15.80 7.62 7.41
C SER A 55 -16.22 6.46 8.37
N GLY A 56 -15.31 6.11 9.30
CA GLY A 56 -15.56 5.04 10.28
C GLY A 56 -15.30 3.63 9.72
N GLY A 57 -14.32 3.51 8.80
CA GLY A 57 -13.94 2.23 8.19
C GLY A 57 -12.44 1.98 8.31
N SER A 58 -11.68 2.41 7.28
CA SER A 58 -10.19 2.44 7.27
C SER A 58 -9.54 1.04 7.39
N THR A 59 -10.18 0.03 6.77
CA THR A 59 -9.77 -1.40 6.92
C THR A 59 -10.30 -2.22 5.73
N TYR A 60 -9.36 -2.86 5.01
CA TYR A 60 -9.65 -3.83 3.94
C TYR A 60 -8.47 -4.80 3.85
N TYR A 61 -8.77 -6.10 4.00
CA TYR A 61 -7.78 -7.19 3.96
C TYR A 61 -8.53 -8.53 3.78
N ALA A 62 -7.80 -9.57 3.36
CA ALA A 62 -8.29 -10.95 3.38
C ALA A 62 -8.11 -11.53 4.80
N ASP A 63 -8.97 -12.48 5.19
CA ASP A 63 -8.88 -13.17 6.50
C ASP A 63 -7.59 -14.02 6.58
N SER A 64 -7.15 -14.50 5.41
CA SER A 64 -5.91 -15.27 5.24
C SER A 64 -4.65 -14.41 5.54
N VAL A 65 -4.77 -13.08 5.36
CA VAL A 65 -3.68 -12.11 5.63
C VAL A 65 -4.03 -11.19 6.81
N LYS A 66 -5.09 -11.53 7.57
CA LYS A 66 -5.54 -10.74 8.75
C LYS A 66 -4.50 -10.81 9.88
N GLY A 67 -4.01 -9.62 10.31
CA GLY A 67 -2.99 -9.52 11.38
C GLY A 67 -1.56 -9.53 10.83
N ARG A 68 -1.39 -10.15 9.66
CA ARG A 68 -0.13 -10.20 8.90
C ARG A 68 0.05 -8.86 8.16
N PHE A 69 -1.01 -8.52 7.41
CA PHE A 69 -1.11 -7.27 6.64
C PHE A 69 -2.06 -6.34 7.41
N THR A 70 -1.56 -5.16 7.76
CA THR A 70 -2.29 -4.15 8.54
C THR A 70 -2.06 -2.78 7.90
N ILE A 71 -3.04 -1.87 8.06
CA ILE A 71 -3.01 -0.51 7.49
C ILE A 71 -3.27 0.52 8.59
N SER A 72 -2.65 1.70 8.43
CA SER A 72 -2.81 2.84 9.35
C SER A 72 -2.56 4.14 8.58
N ARG A 73 -2.83 5.27 9.25
CA ARG A 73 -2.45 6.60 8.76
C ARG A 73 -2.16 7.51 9.96
N ASP A 74 -1.12 8.32 9.83
CA ASP A 74 -0.65 9.27 10.85
C ASP A 74 -0.67 10.69 10.26
N ASN A 75 -1.72 11.45 10.58
CA ASN A 75 -1.90 12.85 10.11
C ASN A 75 -0.88 13.81 10.80
N ALA A 76 -0.23 13.30 11.87
CA ALA A 76 0.84 14.02 12.61
C ALA A 76 1.95 14.53 11.67
N LYS A 77 2.37 13.67 10.72
CA LYS A 77 3.30 14.04 9.63
C LYS A 77 2.68 13.82 8.23
N ASN A 78 1.41 13.37 8.22
CA ASN A 78 0.62 13.09 6.99
C ASN A 78 1.31 11.99 6.15
N THR A 79 1.28 10.76 6.68
CA THR A 79 1.85 9.57 6.03
C THR A 79 0.96 8.34 6.30
N VAL A 80 0.67 7.57 5.23
CA VAL A 80 -0.17 6.37 5.29
C VAL A 80 0.75 5.14 5.28
N TYR A 81 0.49 4.17 6.17
CA TYR A 81 1.33 2.97 6.34
C TYR A 81 0.58 1.70 5.91
N LEU A 82 1.35 0.74 5.40
CA LEU A 82 0.92 -0.63 5.12
C LEU A 82 1.99 -1.56 5.69
N GLN A 83 1.74 -2.10 6.89
CA GLN A 83 2.64 -3.05 7.53
C GLN A 83 2.36 -4.45 6.98
N MET A 84 3.19 -4.87 6.04
CA MET A 84 3.17 -6.22 5.48
C MET A 84 4.07 -7.11 6.35
N ASN A 85 3.60 -8.31 6.66
CA ASN A 85 4.36 -9.31 7.46
C ASN A 85 3.85 -10.72 7.11
N SER A 86 4.69 -11.73 7.43
CA SER A 86 4.41 -13.14 7.14
C SER A 86 4.21 -13.32 5.63
N LEU A 87 5.16 -12.74 4.87
CA LEU A 87 5.01 -12.55 3.43
C LEU A 87 5.12 -13.85 2.64
N LYS A 88 4.27 -13.99 1.64
CA LYS A 88 4.28 -15.09 0.69
C LYS A 88 5.13 -14.69 -0.52
N PRO A 89 5.75 -15.67 -1.26
CA PRO A 89 6.53 -15.37 -2.49
C PRO A 89 5.68 -14.69 -3.61
N GLU A 90 4.33 -14.85 -3.53
CA GLU A 90 3.36 -14.21 -4.46
C GLU A 90 3.07 -12.73 -4.08
N ASP A 91 3.75 -12.22 -3.02
CA ASP A 91 3.81 -10.78 -2.69
C ASP A 91 5.00 -10.12 -3.43
N THR A 92 5.40 -10.72 -4.55
CA THR A 92 6.21 -10.06 -5.57
C THR A 92 5.26 -9.23 -6.46
N ALA A 93 5.28 -7.90 -6.28
CA ALA A 93 4.41 -6.95 -7.00
C ALA A 93 4.90 -5.50 -6.82
N VAL A 94 4.23 -4.54 -7.46
CA VAL A 94 4.48 -3.11 -7.23
C VAL A 94 3.27 -2.51 -6.49
N TYR A 95 3.47 -2.21 -5.20
CA TYR A 95 2.44 -1.60 -4.35
C TYR A 95 2.44 -0.09 -4.55
N LEU A 96 1.33 0.42 -5.09
CA LEU A 96 1.11 1.86 -5.26
C LEU A 96 0.06 2.31 -4.25
N CYS A 97 0.24 3.52 -3.73
CA CYS A 97 -0.76 4.21 -2.93
C CYS A 97 -1.61 5.05 -3.87
N ALA A 98 -2.88 5.16 -3.56
CA ALA A 98 -3.86 5.87 -4.39
C ALA A 98 -4.71 6.78 -3.51
N ALA A 99 -5.31 7.82 -4.11
CA ALA A 99 -6.14 8.80 -3.40
C ALA A 99 -7.34 9.21 -4.27
N GLY A 100 -8.56 8.99 -3.76
CA GLY A 100 -9.80 9.24 -4.49
C GLY A 100 -10.88 9.79 -3.60
N VAL A 101 -12.13 9.50 -3.96
CA VAL A 101 -13.31 9.95 -3.20
C VAL A 101 -14.49 8.97 -3.44
N TRP A 102 -15.33 8.80 -2.40
CA TRP A 102 -16.63 8.15 -2.53
C TRP A 102 -17.55 9.06 -3.36
N ARG A 103 -17.82 8.67 -4.62
CA ARG A 103 -18.62 9.47 -5.57
C ARG A 103 -20.14 9.40 -5.25
N SER A 104 -20.90 10.27 -5.93
CA SER A 104 -22.38 10.28 -5.88
C SER A 104 -22.94 8.99 -6.53
N SER A 105 -22.16 8.40 -7.47
CA SER A 105 -22.46 7.11 -8.11
C SER A 105 -22.31 5.93 -7.11
N GLY A 106 -21.65 6.19 -5.97
CA GLY A 106 -21.46 5.19 -4.91
C GLY A 106 -20.17 4.41 -5.05
N TRP A 107 -19.36 4.77 -6.07
CA TRP A 107 -18.07 4.12 -6.33
C TRP A 107 -16.93 4.92 -5.68
N ASP A 108 -16.30 4.36 -4.63
CA ASP A 108 -15.05 4.89 -4.08
C ASP A 108 -13.90 4.44 -4.98
N THR A 109 -13.38 5.38 -5.77
CA THR A 109 -12.39 5.10 -6.82
C THR A 109 -11.27 6.15 -6.79
N PRO A 110 -9.98 5.74 -6.98
CA PRO A 110 -8.82 6.67 -6.96
C PRO A 110 -8.80 7.60 -8.20
N ASP A 111 -8.67 8.91 -7.93
CA ASP A 111 -8.49 9.95 -8.95
C ASP A 111 -6.99 10.21 -9.18
N TYR A 112 -6.22 10.08 -8.10
CA TYR A 112 -4.76 10.31 -8.09
C TYR A 112 -4.05 9.00 -7.70
N TRP A 113 -2.81 8.83 -8.17
CA TRP A 113 -1.94 7.69 -7.85
C TRP A 113 -0.53 8.21 -7.52
N GLY A 114 0.23 7.40 -6.77
CA GLY A 114 1.60 7.75 -6.38
C GLY A 114 2.63 7.31 -7.40
N GLN A 115 3.83 6.95 -6.91
CA GLN A 115 4.98 6.57 -7.75
C GLN A 115 5.06 5.04 -7.93
N GLY A 116 4.68 4.29 -6.89
CA GLY A 116 4.66 2.83 -6.90
C GLY A 116 6.00 2.24 -6.47
N THR A 117 6.00 1.52 -5.34
CA THR A 117 7.20 0.88 -4.78
C THR A 117 7.23 -0.63 -5.15
N GLN A 118 8.28 -1.03 -5.90
CA GLN A 118 8.51 -2.42 -6.33
C GLN A 118 9.00 -3.27 -5.15
N VAL A 119 8.12 -4.13 -4.63
CA VAL A 119 8.46 -5.11 -3.59
C VAL A 119 8.61 -6.50 -4.26
N THR A 120 9.60 -7.28 -3.85
CA THR A 120 9.75 -8.65 -4.32
C THR A 120 10.06 -9.55 -3.13
N VAL A 121 9.19 -10.52 -2.87
CA VAL A 121 9.41 -11.51 -1.82
C VAL A 121 10.03 -12.77 -2.45
N SER A 122 11.36 -12.96 -2.27
CA SER A 122 12.05 -14.19 -2.67
C SER A 122 11.57 -15.39 -1.81
N SER A 123 11.42 -16.55 -2.47
CA SER A 123 11.02 -17.81 -1.85
C SER A 123 12.17 -18.34 -0.96
N LEU A 124 12.04 -18.12 0.38
CA LEU A 124 12.99 -18.55 1.43
C LEU A 124 14.21 -17.58 1.50
N GLU A 125 14.84 -17.34 0.36
CA GLU A 125 16.07 -16.53 0.26
C GLU A 125 15.76 -15.02 0.38
N HIS A 126 16.84 -14.23 0.49
CA HIS A 126 16.80 -12.76 0.69
C HIS A 126 18.22 -12.22 0.45
N HIS A 127 18.86 -12.76 -0.61
CA HIS A 127 20.28 -12.50 -0.93
C HIS A 127 20.50 -11.00 -1.25
N HIS A 128 19.59 -10.43 -2.05
CA HIS A 128 19.41 -8.97 -2.14
C HIS A 128 18.48 -8.53 -1.00
N HIS A 129 18.79 -7.37 -0.40
CA HIS A 129 18.08 -6.86 0.80
C HIS A 129 18.39 -5.37 0.95
N HIS A 130 17.39 -4.58 1.42
CA HIS A 130 17.43 -3.09 1.38
C HIS A 130 17.59 -2.64 -0.10
N HIS A 131 16.83 -3.35 -0.98
CA HIS A 131 16.98 -3.29 -2.45
C HIS A 131 18.36 -3.86 -2.88
N MET A 1 -2.65 22.51 -7.64
CA MET A 1 -3.03 21.80 -6.40
C MET A 1 -3.60 20.41 -6.76
N GLN A 2 -2.76 19.37 -6.61
CA GLN A 2 -3.14 17.97 -6.85
C GLN A 2 -2.76 17.12 -5.63
N LEU A 3 -3.53 16.05 -5.36
CA LEU A 3 -3.19 15.12 -4.26
C LEU A 3 -2.03 14.24 -4.74
N GLN A 4 -0.86 14.47 -4.13
CA GLN A 4 0.39 13.78 -4.46
C GLN A 4 0.69 12.72 -3.40
N LEU A 5 1.25 11.59 -3.83
CA LEU A 5 1.65 10.48 -2.95
C LEU A 5 3.10 10.07 -3.29
N VAL A 6 4.01 10.29 -2.32
CA VAL A 6 5.43 9.94 -2.45
C VAL A 6 5.67 8.60 -1.75
N GLU A 7 5.83 7.56 -2.54
CA GLU A 7 5.78 6.18 -2.07
C GLU A 7 7.19 5.56 -2.00
N SER A 8 7.46 4.85 -0.88
CA SER A 8 8.77 4.24 -0.59
C SER A 8 8.63 3.17 0.52
N GLY A 9 9.77 2.56 0.92
CA GLY A 9 9.81 1.51 1.93
C GLY A 9 9.85 0.11 1.31
N GLY A 10 9.98 0.04 -0.02
CA GLY A 10 10.01 -1.24 -0.74
C GLY A 10 11.41 -1.83 -0.82
N GLY A 11 11.48 -3.17 -0.83
CA GLY A 11 12.74 -3.90 -0.90
C GLY A 11 12.52 -5.39 -0.90
N LEU A 12 13.61 -6.16 -0.84
CA LEU A 12 13.55 -7.62 -0.80
C LEU A 12 13.55 -8.10 0.65
N VAL A 13 12.59 -8.98 0.97
CA VAL A 13 12.53 -9.70 2.25
C VAL A 13 12.37 -11.20 1.96
N GLN A 14 12.76 -12.03 2.93
CA GLN A 14 12.60 -13.49 2.84
C GLN A 14 11.16 -13.90 3.23
N ALA A 15 10.69 -15.01 2.63
CA ALA A 15 9.34 -15.56 2.82
C ALA A 15 9.13 -16.02 4.27
N GLY A 16 8.08 -15.47 4.91
CA GLY A 16 7.81 -15.66 6.34
C GLY A 16 8.01 -14.36 7.11
N GLY A 17 8.85 -13.48 6.56
CA GLY A 17 9.18 -12.19 7.17
C GLY A 17 8.13 -11.11 6.96
N SER A 18 8.51 -9.86 7.26
CA SER A 18 7.62 -8.69 7.18
C SER A 18 8.34 -7.51 6.50
N LEU A 19 7.56 -6.54 6.00
CA LEU A 19 8.07 -5.32 5.35
C LEU A 19 7.03 -4.20 5.48
N ARG A 20 7.48 -3.01 5.94
CA ARG A 20 6.62 -1.83 6.09
C ARG A 20 6.82 -0.86 4.94
N LEU A 21 5.70 -0.48 4.30
CA LEU A 21 5.65 0.55 3.26
C LEU A 21 5.19 1.88 3.87
N SER A 22 5.52 2.98 3.20
CA SER A 22 5.23 4.33 3.68
C SER A 22 5.00 5.26 2.49
N CYS A 23 3.87 5.96 2.50
CA CYS A 23 3.45 6.85 1.40
C CYS A 23 3.11 8.23 1.99
N VAL A 24 4.00 9.20 1.75
CA VAL A 24 3.87 10.55 2.30
C VAL A 24 2.96 11.40 1.38
N ALA A 25 1.86 11.91 1.94
CA ALA A 25 0.82 12.59 1.17
C ALA A 25 1.13 14.10 1.03
N SER A 26 1.66 14.47 -0.15
CA SER A 26 1.95 15.86 -0.58
C SER A 26 2.85 16.60 0.45
N GLY A 27 3.81 15.86 1.02
CA GLY A 27 4.70 16.39 2.06
C GLY A 27 4.09 16.25 3.44
N ARG A 28 3.01 17.02 3.69
CA ARG A 28 2.21 16.93 4.93
C ARG A 28 0.88 17.67 4.69
N THR A 29 0.11 17.13 3.74
CA THR A 29 -1.18 17.71 3.30
C THR A 29 -2.23 16.59 3.10
N PHE A 30 -3.50 16.93 3.40
CA PHE A 30 -4.66 16.03 3.28
C PHE A 30 -5.77 16.73 2.48
N ARG A 31 -6.47 15.97 1.62
CA ARG A 31 -7.63 16.45 0.84
C ARG A 31 -8.54 15.27 0.46
N SER A 32 -7.95 14.21 -0.10
CA SER A 32 -8.70 13.00 -0.47
C SER A 32 -9.08 12.20 0.79
N ASN A 33 -10.40 12.02 1.00
CA ASN A 33 -10.95 11.22 2.11
C ASN A 33 -10.85 9.72 1.81
N ALA A 34 -10.38 9.37 0.60
CA ALA A 34 -10.06 7.99 0.23
C ALA A 34 -8.56 7.88 -0.09
N MET A 35 -7.84 7.00 0.63
CA MET A 35 -6.43 6.64 0.34
C MET A 35 -6.27 5.15 0.66
N GLY A 36 -5.87 4.36 -0.33
CA GLY A 36 -5.72 2.91 -0.16
C GLY A 36 -4.51 2.35 -0.86
N TRP A 37 -4.27 1.05 -0.64
CA TRP A 37 -3.15 0.32 -1.26
C TRP A 37 -3.71 -0.70 -2.26
N PHE A 38 -3.08 -0.72 -3.44
CA PHE A 38 -3.28 -1.72 -4.50
C PHE A 38 -1.93 -2.42 -4.73
N ARG A 39 -1.94 -3.48 -5.55
CA ARG A 39 -0.72 -4.21 -5.93
C ARG A 39 -0.80 -4.68 -7.37
N GLN A 40 0.22 -4.34 -8.15
CA GLN A 40 0.32 -4.70 -9.56
C GLN A 40 1.43 -5.75 -9.67
N ALA A 41 1.16 -6.86 -10.35
CA ALA A 41 2.09 -8.00 -10.43
C ALA A 41 2.76 -8.00 -11.83
N PRO A 42 3.97 -8.67 -11.99
CA PRO A 42 4.69 -8.74 -13.29
C PRO A 42 3.78 -9.19 -14.47
N GLY A 43 3.25 -8.20 -15.21
CA GLY A 43 2.38 -8.44 -16.36
C GLY A 43 0.92 -8.69 -16.00
N LYS A 44 0.64 -8.88 -14.70
CA LYS A 44 -0.72 -9.20 -14.20
C LYS A 44 -1.32 -7.95 -13.56
N GLU A 45 -2.62 -7.72 -13.85
CA GLU A 45 -3.33 -6.47 -13.49
C GLU A 45 -3.32 -6.17 -11.97
N ARG A 46 -3.36 -4.85 -11.66
CA ARG A 46 -3.46 -4.32 -10.27
C ARG A 46 -4.67 -4.89 -9.51
N GLU A 47 -4.50 -5.07 -8.20
CA GLU A 47 -5.49 -5.70 -7.31
C GLU A 47 -5.61 -4.91 -6.01
N PHE A 48 -6.85 -4.65 -5.59
CA PHE A 48 -7.16 -3.91 -4.36
C PHE A 48 -6.75 -4.72 -3.11
N VAL A 49 -5.78 -4.18 -2.36
CA VAL A 49 -5.31 -4.77 -1.10
C VAL A 49 -6.21 -4.27 0.06
N ALA A 50 -6.30 -2.92 0.18
CA ALA A 50 -6.92 -2.28 1.35
C ALA A 50 -7.16 -0.77 1.10
N ALA A 51 -7.86 -0.10 2.07
CA ALA A 51 -8.12 1.35 2.01
C ALA A 51 -8.50 1.93 3.39
N ILE A 52 -8.31 3.26 3.47
CA ILE A 52 -8.66 4.09 4.62
C ILE A 52 -9.71 5.10 4.14
N ARG A 53 -10.93 5.03 4.71
CA ARG A 53 -11.98 6.04 4.43
C ARG A 53 -11.93 7.11 5.51
N TRP A 54 -11.10 8.14 5.24
CA TRP A 54 -10.94 9.33 6.10
C TRP A 54 -10.35 8.92 7.47
N SER A 55 -11.21 8.46 8.39
CA SER A 55 -10.84 8.05 9.75
C SER A 55 -12.00 7.24 10.39
N GLY A 56 -11.71 6.56 11.51
CA GLY A 56 -12.72 5.76 12.23
C GLY A 56 -13.05 4.44 11.54
N GLY A 57 -12.07 3.88 10.81
CA GLY A 57 -12.23 2.61 10.10
C GLY A 57 -10.87 2.07 9.71
N SER A 58 -10.32 2.61 8.59
CA SER A 58 -8.93 2.39 8.15
C SER A 58 -8.63 0.90 7.89
N THR A 59 -9.60 0.18 7.26
CA THR A 59 -9.56 -1.29 7.13
C THR A 59 -10.43 -1.77 5.96
N TYR A 60 -9.80 -2.51 5.03
CA TYR A 60 -10.45 -3.32 3.98
C TYR A 60 -9.52 -4.49 3.68
N TYR A 61 -9.94 -5.71 4.01
CA TYR A 61 -9.12 -6.91 3.82
C TYR A 61 -9.98 -8.18 3.90
N ALA A 62 -9.64 -9.18 3.06
CA ALA A 62 -10.19 -10.54 3.18
C ALA A 62 -9.49 -11.26 4.34
N ASP A 63 -10.11 -12.33 4.88
CA ASP A 63 -9.57 -13.10 6.02
C ASP A 63 -8.20 -13.73 5.66
N SER A 64 -8.01 -14.01 4.35
CA SER A 64 -6.77 -14.59 3.80
C SER A 64 -5.58 -13.60 3.93
N VAL A 65 -5.86 -12.29 3.82
CA VAL A 65 -4.82 -11.23 3.89
C VAL A 65 -4.91 -10.41 5.20
N LYS A 66 -5.95 -10.68 6.01
CA LYS A 66 -6.14 -10.03 7.32
C LYS A 66 -5.12 -10.57 8.33
N GLY A 67 -4.48 -9.65 9.07
CA GLY A 67 -3.39 -9.99 10.00
C GLY A 67 -2.02 -9.91 9.34
N ARG A 68 -1.99 -10.16 8.03
CA ARG A 68 -0.80 -10.02 7.21
C ARG A 68 -0.61 -8.54 6.85
N PHE A 69 -1.54 -8.03 6.05
CA PHE A 69 -1.53 -6.67 5.53
C PHE A 69 -2.34 -5.78 6.50
N THR A 70 -1.66 -4.76 7.04
CA THR A 70 -2.22 -3.83 8.03
C THR A 70 -2.04 -2.41 7.50
N ILE A 71 -3.13 -1.63 7.47
CA ILE A 71 -3.14 -0.28 6.87
C ILE A 71 -3.65 0.74 7.88
N SER A 72 -3.02 1.92 7.88
CA SER A 72 -3.41 3.06 8.71
C SER A 72 -2.78 4.34 8.16
N ARG A 73 -3.38 5.49 8.51
CA ARG A 73 -2.92 6.81 8.06
C ARG A 73 -2.91 7.77 9.25
N ASP A 74 -1.74 8.39 9.51
CA ASP A 74 -1.56 9.40 10.57
C ASP A 74 -1.53 10.79 9.93
N ASN A 75 -2.45 11.67 10.34
CA ASN A 75 -2.55 13.06 9.83
C ASN A 75 -1.44 13.95 10.46
N ALA A 76 -0.78 13.43 11.51
CA ALA A 76 0.33 14.09 12.22
C ALA A 76 1.45 14.53 11.26
N LYS A 77 1.87 13.59 10.39
CA LYS A 77 2.85 13.85 9.32
C LYS A 77 2.24 13.60 7.93
N ASN A 78 0.96 13.19 7.90
CA ASN A 78 0.23 12.79 6.67
C ASN A 78 1.01 11.71 5.90
N THR A 79 1.09 10.53 6.49
CA THR A 79 1.76 9.37 5.90
C THR A 79 0.90 8.11 6.12
N VAL A 80 0.74 7.34 5.05
CA VAL A 80 -0.04 6.10 5.05
C VAL A 80 0.96 4.92 5.11
N TYR A 81 0.79 4.02 6.08
CA TYR A 81 1.64 2.83 6.24
C TYR A 81 0.90 1.57 5.80
N LEU A 82 1.64 0.64 5.18
CA LEU A 82 1.19 -0.74 4.92
C LEU A 82 2.21 -1.67 5.59
N GLN A 83 1.88 -2.14 6.80
CA GLN A 83 2.67 -3.14 7.50
C GLN A 83 2.28 -4.52 6.99
N MET A 84 3.11 -5.06 6.08
CA MET A 84 2.93 -6.41 5.55
C MET A 84 3.65 -7.41 6.48
N ASN A 85 3.02 -8.55 6.73
CA ASN A 85 3.57 -9.64 7.57
C ASN A 85 3.20 -10.98 6.96
N SER A 86 3.91 -12.06 7.39
CA SER A 86 3.67 -13.45 6.94
C SER A 86 3.71 -13.50 5.40
N LEU A 87 4.69 -12.79 4.85
CA LEU A 87 4.83 -12.57 3.41
C LEU A 87 5.18 -13.85 2.66
N LYS A 88 4.36 -14.14 1.66
CA LYS A 88 4.52 -15.31 0.80
C LYS A 88 5.45 -14.93 -0.38
N PRO A 89 6.24 -15.89 -0.94
CA PRO A 89 7.16 -15.61 -2.07
C PRO A 89 6.43 -15.11 -3.36
N GLU A 90 5.10 -15.35 -3.40
CA GLU A 90 4.22 -14.88 -4.49
C GLU A 90 4.03 -13.34 -4.47
N ASP A 91 4.38 -12.68 -3.33
CA ASP A 91 4.27 -11.21 -3.15
C ASP A 91 5.51 -10.48 -3.71
N THR A 92 6.11 -11.03 -4.78
CA THR A 92 7.11 -10.33 -5.58
C THR A 92 6.36 -9.52 -6.66
N ALA A 93 6.13 -8.23 -6.35
CA ALA A 93 5.29 -7.34 -7.18
C ALA A 93 5.64 -5.87 -6.90
N VAL A 94 4.87 -4.95 -7.50
CA VAL A 94 4.98 -3.53 -7.24
C VAL A 94 3.65 -3.03 -6.63
N TYR A 95 3.67 -2.71 -5.34
CA TYR A 95 2.49 -2.16 -4.63
C TYR A 95 2.43 -0.67 -4.90
N LEU A 96 1.21 -0.16 -5.18
CA LEU A 96 1.01 1.27 -5.48
C LEU A 96 -0.08 1.83 -4.54
N CYS A 97 0.22 2.94 -3.89
CA CYS A 97 -0.71 3.63 -3.00
C CYS A 97 -1.48 4.64 -3.84
N ALA A 98 -2.80 4.48 -3.89
CA ALA A 98 -3.69 5.33 -4.68
C ALA A 98 -4.58 6.14 -3.74
N ALA A 99 -5.11 7.25 -4.26
CA ALA A 99 -6.07 8.11 -3.55
C ALA A 99 -7.26 8.38 -4.46
N GLY A 100 -8.32 8.96 -3.90
CA GLY A 100 -9.50 9.30 -4.67
C GLY A 100 -10.53 10.05 -3.87
N VAL A 101 -11.64 10.38 -4.52
CA VAL A 101 -12.79 11.03 -3.88
C VAL A 101 -13.92 10.01 -3.71
N TRP A 102 -14.52 9.99 -2.51
CA TRP A 102 -15.70 9.16 -2.25
C TRP A 102 -16.88 9.73 -3.06
N ARG A 103 -17.48 8.88 -3.90
CA ARG A 103 -18.57 9.29 -4.82
C ARG A 103 -19.94 9.05 -4.17
N SER A 104 -20.96 9.81 -4.62
CA SER A 104 -22.34 9.73 -4.10
C SER A 104 -23.03 8.41 -4.52
N SER A 105 -22.44 7.73 -5.52
CA SER A 105 -22.83 6.36 -5.92
C SER A 105 -22.47 5.34 -4.82
N GLY A 106 -21.46 5.70 -4.01
CA GLY A 106 -20.87 4.81 -3.01
C GLY A 106 -19.64 4.10 -3.55
N TRP A 107 -19.57 4.00 -4.88
CA TRP A 107 -18.51 3.29 -5.61
C TRP A 107 -17.26 4.19 -5.65
N ASP A 108 -16.22 3.82 -4.92
CA ASP A 108 -14.96 4.58 -4.85
C ASP A 108 -14.02 4.16 -5.99
N THR A 109 -13.22 5.12 -6.48
CA THR A 109 -12.26 4.89 -7.59
C THR A 109 -10.90 5.48 -7.23
N PRO A 110 -9.76 4.82 -7.64
CA PRO A 110 -8.41 5.44 -7.53
C PRO A 110 -8.26 6.58 -8.57
N ASP A 111 -8.59 7.81 -8.14
CA ASP A 111 -8.54 9.01 -9.00
C ASP A 111 -7.12 9.60 -9.03
N TYR A 112 -6.29 9.18 -8.08
CA TYR A 112 -4.89 9.58 -7.95
C TYR A 112 -4.07 8.32 -7.68
N TRP A 113 -2.78 8.35 -8.05
CA TRP A 113 -1.84 7.23 -7.81
C TRP A 113 -0.52 7.79 -7.28
N GLY A 114 0.24 6.94 -6.57
CA GLY A 114 1.54 7.32 -6.02
C GLY A 114 2.64 7.29 -7.07
N GLN A 115 3.47 6.24 -7.03
CA GLN A 115 4.52 6.00 -8.04
C GLN A 115 4.88 4.51 -8.15
N GLY A 116 4.46 3.71 -7.14
CA GLY A 116 4.70 2.27 -7.12
C GLY A 116 6.00 1.93 -6.41
N THR A 117 5.90 1.31 -5.24
CA THR A 117 7.05 0.79 -4.49
C THR A 117 7.25 -0.72 -4.80
N GLN A 118 8.46 -1.07 -5.28
CA GLN A 118 8.82 -2.44 -5.67
C GLN A 118 9.19 -3.28 -4.45
N VAL A 119 8.40 -4.32 -4.17
CA VAL A 119 8.68 -5.31 -3.12
C VAL A 119 9.02 -6.66 -3.79
N THR A 120 9.98 -7.39 -3.23
CA THR A 120 10.36 -8.72 -3.73
C THR A 120 10.50 -9.66 -2.54
N VAL A 121 9.53 -10.56 -2.36
CA VAL A 121 9.63 -11.55 -1.29
C VAL A 121 10.30 -12.81 -1.87
N SER A 122 11.63 -12.94 -1.64
CA SER A 122 12.39 -14.15 -2.04
C SER A 122 12.06 -15.33 -1.08
N SER A 123 12.08 -16.57 -1.59
CA SER A 123 11.79 -17.80 -0.80
C SER A 123 13.00 -18.14 0.08
N LEU A 124 13.14 -17.38 1.20
CA LEU A 124 14.21 -17.55 2.23
C LEU A 124 15.59 -16.99 1.74
N GLU A 125 15.84 -17.04 0.43
CA GLU A 125 17.14 -16.73 -0.18
C GLU A 125 17.51 -15.25 0.01
N HIS A 126 18.52 -15.01 0.87
CA HIS A 126 19.07 -13.67 1.12
C HIS A 126 20.12 -13.33 0.05
N HIS A 127 20.61 -12.08 0.05
CA HIS A 127 21.59 -11.60 -0.96
C HIS A 127 22.94 -12.34 -0.81
N HIS A 128 23.04 -13.49 -1.49
CA HIS A 128 24.28 -14.28 -1.61
C HIS A 128 24.98 -13.93 -2.95
N HIS A 129 24.36 -12.99 -3.69
CA HIS A 129 24.86 -12.47 -4.96
C HIS A 129 25.28 -11.00 -4.75
N HIS A 130 26.57 -10.69 -5.02
CA HIS A 130 27.10 -9.32 -4.92
C HIS A 130 26.61 -8.46 -6.10
N HIS A 131 26.51 -7.15 -5.88
CA HIS A 131 26.14 -6.18 -6.92
C HIS A 131 27.40 -5.82 -7.78
N MET A 1 -0.49 20.79 -4.81
CA MET A 1 -1.43 20.62 -5.93
C MET A 1 -1.82 19.15 -6.04
N GLN A 2 -3.14 18.86 -5.88
CA GLN A 2 -3.74 17.53 -6.10
C GLN A 2 -3.16 16.48 -5.11
N LEU A 3 -3.44 15.18 -5.34
CA LEU A 3 -2.84 14.09 -4.54
C LEU A 3 -1.56 13.59 -5.19
N GLN A 4 -0.45 13.77 -4.47
CA GLN A 4 0.84 13.18 -4.79
C GLN A 4 1.08 12.05 -3.79
N LEU A 5 1.13 10.82 -4.27
CA LEU A 5 1.44 9.67 -3.42
C LEU A 5 2.88 9.24 -3.75
N VAL A 6 3.77 9.29 -2.75
CA VAL A 6 5.14 8.77 -2.87
C VAL A 6 5.31 7.62 -1.86
N GLU A 7 5.25 6.39 -2.38
CA GLU A 7 5.42 5.16 -1.60
C GLU A 7 6.92 4.86 -1.47
N SER A 8 7.27 4.22 -0.35
CA SER A 8 8.66 3.92 0.02
C SER A 8 8.68 2.78 1.04
N GLY A 9 9.89 2.23 1.28
CA GLY A 9 10.08 1.13 2.23
C GLY A 9 10.13 -0.23 1.56
N GLY A 10 9.90 -0.26 0.23
CA GLY A 10 9.97 -1.49 -0.57
C GLY A 10 11.38 -2.03 -0.70
N GLY A 11 11.52 -3.36 -0.76
CA GLY A 11 12.81 -4.02 -0.88
C GLY A 11 12.68 -5.52 -0.93
N LEU A 12 13.82 -6.22 -0.97
CA LEU A 12 13.87 -7.68 -1.00
C LEU A 12 13.89 -8.25 0.42
N VAL A 13 12.80 -8.95 0.77
CA VAL A 13 12.74 -9.84 1.94
C VAL A 13 12.54 -11.28 1.43
N GLN A 14 12.77 -12.29 2.27
CA GLN A 14 12.54 -13.71 1.92
C GLN A 14 11.07 -14.07 2.17
N ALA A 15 10.63 -15.16 1.52
CA ALA A 15 9.28 -15.73 1.73
C ALA A 15 9.17 -16.28 3.17
N GLY A 16 8.31 -15.63 3.96
CA GLY A 16 8.18 -15.88 5.40
C GLY A 16 8.66 -14.69 6.22
N GLY A 17 9.13 -13.64 5.52
CA GLY A 17 9.61 -12.41 6.13
C GLY A 17 8.51 -11.37 6.33
N SER A 18 8.92 -10.14 6.63
CA SER A 18 8.00 -9.02 6.87
C SER A 18 8.60 -7.72 6.31
N LEU A 19 7.75 -6.90 5.67
CA LEU A 19 8.16 -5.64 5.03
C LEU A 19 7.09 -4.58 5.27
N ARG A 20 7.53 -3.40 5.78
CA ARG A 20 6.64 -2.25 6.03
C ARG A 20 6.82 -1.20 4.93
N LEU A 21 5.69 -0.60 4.50
CA LEU A 21 5.64 0.47 3.49
C LEU A 21 5.16 1.77 4.16
N SER A 22 5.48 2.89 3.52
CA SER A 22 5.06 4.24 3.96
C SER A 22 4.84 5.11 2.72
N CYS A 23 3.66 5.76 2.62
CA CYS A 23 3.32 6.64 1.48
C CYS A 23 2.92 8.03 2.00
N VAL A 24 3.71 9.06 1.66
CA VAL A 24 3.41 10.44 2.07
C VAL A 24 2.46 11.08 1.04
N ALA A 25 1.43 11.78 1.54
CA ALA A 25 0.38 12.39 0.72
C ALA A 25 0.63 13.89 0.57
N SER A 26 1.17 14.25 -0.61
CA SER A 26 1.31 15.62 -1.11
C SER A 26 2.26 16.46 -0.22
N GLY A 27 3.29 15.78 0.35
CA GLY A 27 4.26 16.41 1.24
C GLY A 27 3.58 17.03 2.46
N ARG A 28 2.87 16.18 3.22
CA ARG A 28 2.09 16.57 4.42
C ARG A 28 0.96 17.56 4.04
N THR A 29 -0.04 17.05 3.30
CA THR A 29 -1.26 17.79 2.95
C THR A 29 -2.48 16.85 3.05
N PHE A 30 -3.61 17.37 3.50
CA PHE A 30 -4.86 16.62 3.60
C PHE A 30 -5.80 17.07 2.47
N ARG A 31 -6.20 16.11 1.63
CA ARG A 31 -7.03 16.33 0.42
C ARG A 31 -7.94 15.11 0.23
N SER A 32 -7.31 13.92 0.21
CA SER A 32 -8.03 12.64 0.09
C SER A 32 -8.54 12.18 1.46
N ASN A 33 -9.48 11.22 1.42
CA ASN A 33 -10.07 10.57 2.61
C ASN A 33 -10.41 9.11 2.28
N ALA A 34 -9.95 8.64 1.11
CA ALA A 34 -10.13 7.28 0.63
C ALA A 34 -8.88 6.92 -0.14
N MET A 35 -8.14 5.91 0.33
CA MET A 35 -6.81 5.59 -0.20
C MET A 35 -6.55 4.10 -0.02
N GLY A 36 -6.34 3.38 -1.13
CA GLY A 36 -6.22 1.92 -1.11
C GLY A 36 -4.84 1.45 -1.51
N TRP A 37 -4.36 0.38 -0.85
CA TRP A 37 -3.12 -0.31 -1.23
C TRP A 37 -3.44 -1.39 -2.26
N PHE A 38 -2.62 -1.46 -3.30
CA PHE A 38 -2.76 -2.40 -4.42
C PHE A 38 -1.39 -3.02 -4.74
N ARG A 39 -1.39 -4.30 -5.15
CA ARG A 39 -0.18 -4.99 -5.65
C ARG A 39 -0.30 -5.08 -7.18
N GLN A 40 0.82 -4.98 -7.92
CA GLN A 40 0.78 -5.11 -9.39
C GLN A 40 2.10 -5.67 -9.91
N ALA A 41 2.03 -6.71 -10.73
CA ALA A 41 3.21 -7.30 -11.38
C ALA A 41 3.28 -6.79 -12.84
N PRO A 42 4.47 -6.88 -13.54
CA PRO A 42 4.58 -6.45 -14.97
C PRO A 42 3.61 -7.23 -15.89
N GLY A 43 2.64 -6.52 -16.48
CA GLY A 43 1.62 -7.12 -17.35
C GLY A 43 0.46 -7.75 -16.57
N LYS A 44 0.27 -7.30 -15.32
CA LYS A 44 -0.81 -7.77 -14.43
C LYS A 44 -1.56 -6.56 -13.87
N GLU A 45 -2.83 -6.76 -13.51
CA GLU A 45 -3.68 -5.70 -12.95
C GLU A 45 -3.38 -5.49 -11.45
N ARG A 46 -3.60 -4.25 -10.97
CA ARG A 46 -3.40 -3.90 -9.56
C ARG A 46 -4.57 -4.45 -8.71
N GLU A 47 -4.25 -5.43 -7.84
CA GLU A 47 -5.23 -6.15 -7.02
C GLU A 47 -5.39 -5.48 -5.65
N PHE A 48 -6.64 -5.41 -5.21
CA PHE A 48 -7.06 -4.77 -3.95
C PHE A 48 -6.47 -5.51 -2.74
N VAL A 49 -5.51 -4.86 -2.04
CA VAL A 49 -4.89 -5.41 -0.83
C VAL A 49 -5.61 -4.85 0.42
N ALA A 50 -5.80 -3.51 0.44
CA ALA A 50 -6.44 -2.80 1.57
C ALA A 50 -7.06 -1.47 1.10
N ALA A 51 -7.81 -0.81 2.01
CA ALA A 51 -8.43 0.51 1.76
C ALA A 51 -8.68 1.25 3.08
N ILE A 52 -8.24 2.50 3.10
CA ILE A 52 -8.37 3.40 4.24
C ILE A 52 -9.38 4.49 3.84
N ARG A 53 -10.56 4.48 4.48
CA ARG A 53 -11.60 5.52 4.32
C ARG A 53 -11.86 6.16 5.69
N TRP A 54 -11.74 7.51 5.76
CA TRP A 54 -11.64 8.26 7.03
C TRP A 54 -12.77 7.89 8.00
N SER A 55 -14.01 8.02 7.52
CA SER A 55 -15.22 7.60 8.23
C SER A 55 -15.86 6.42 7.48
N GLY A 56 -15.96 5.26 8.14
CA GLY A 56 -16.62 4.07 7.56
C GLY A 56 -15.65 2.98 7.12
N GLY A 57 -14.43 2.95 7.71
CA GLY A 57 -13.50 1.84 7.52
C GLY A 57 -12.12 2.12 8.09
N SER A 58 -11.31 2.88 7.32
CA SER A 58 -9.88 3.18 7.62
C SER A 58 -8.98 1.93 7.63
N THR A 59 -9.53 0.78 7.18
CA THR A 59 -8.92 -0.55 7.28
C THR A 59 -9.67 -1.52 6.35
N TYR A 60 -8.95 -2.53 5.83
CA TYR A 60 -9.51 -3.64 5.04
C TYR A 60 -8.58 -4.85 5.20
N TYR A 61 -9.13 -5.94 5.75
CA TYR A 61 -8.37 -7.17 6.06
C TYR A 61 -9.34 -8.36 6.21
N ALA A 62 -8.92 -9.52 5.70
CA ALA A 62 -9.57 -10.82 5.95
C ALA A 62 -8.96 -11.46 7.21
N ASP A 63 -9.59 -12.52 7.73
CA ASP A 63 -9.08 -13.28 8.89
C ASP A 63 -7.71 -13.95 8.55
N SER A 64 -7.56 -14.32 7.27
CA SER A 64 -6.34 -14.94 6.72
C SER A 64 -5.11 -14.00 6.78
N VAL A 65 -5.36 -12.68 6.77
CA VAL A 65 -4.29 -11.64 6.83
C VAL A 65 -4.42 -10.76 8.10
N LYS A 66 -5.38 -11.12 8.98
CA LYS A 66 -5.66 -10.39 10.24
C LYS A 66 -4.46 -10.54 11.21
N GLY A 67 -3.77 -9.41 11.48
CA GLY A 67 -2.58 -9.39 12.33
C GLY A 67 -1.29 -9.41 11.51
N ARG A 68 -1.37 -10.01 10.31
CA ARG A 68 -0.26 -10.06 9.35
C ARG A 68 -0.15 -8.72 8.60
N PHE A 69 -1.13 -8.46 7.73
CA PHE A 69 -1.21 -7.23 6.95
C PHE A 69 -2.03 -6.20 7.76
N THR A 70 -1.41 -5.06 8.06
CA THR A 70 -2.00 -4.00 8.88
C THR A 70 -1.74 -2.65 8.23
N ILE A 71 -2.75 -1.78 8.24
CA ILE A 71 -2.68 -0.42 7.68
C ILE A 71 -2.94 0.59 8.80
N SER A 72 -2.23 1.72 8.72
CA SER A 72 -2.31 2.82 9.68
C SER A 72 -2.27 4.13 8.89
N ARG A 73 -3.04 5.11 9.34
CA ARG A 73 -3.08 6.45 8.73
C ARG A 73 -2.56 7.47 9.74
N ASP A 74 -1.52 8.21 9.36
CA ASP A 74 -0.89 9.25 10.19
C ASP A 74 -1.37 10.62 9.67
N ASN A 75 -1.86 11.46 10.60
CA ASN A 75 -2.38 12.81 10.29
C ASN A 75 -1.22 13.84 10.29
N ALA A 76 -0.25 13.63 11.20
CA ALA A 76 0.82 14.61 11.52
C ALA A 76 1.67 14.99 10.29
N LYS A 77 2.14 13.97 9.53
CA LYS A 77 2.88 14.20 8.25
C LYS A 77 2.12 13.60 7.06
N ASN A 78 0.84 13.25 7.28
CA ASN A 78 -0.08 12.71 6.25
C ASN A 78 0.55 11.52 5.52
N THR A 79 0.89 10.47 6.29
CA THR A 79 1.57 9.28 5.74
C THR A 79 0.79 8.02 6.13
N VAL A 80 0.49 7.17 5.14
CA VAL A 80 -0.21 5.90 5.37
C VAL A 80 0.81 4.75 5.31
N TYR A 81 0.84 3.95 6.36
CA TYR A 81 1.76 2.81 6.49
C TYR A 81 1.03 1.48 6.18
N LEU A 82 1.79 0.51 5.66
CA LEU A 82 1.31 -0.87 5.45
C LEU A 82 2.38 -1.84 6.00
N GLN A 83 2.14 -2.35 7.22
CA GLN A 83 3.01 -3.37 7.83
C GLN A 83 2.53 -4.76 7.39
N MET A 84 3.26 -5.34 6.43
CA MET A 84 3.00 -6.69 5.93
C MET A 84 3.89 -7.70 6.68
N ASN A 85 3.26 -8.65 7.37
CA ASN A 85 3.96 -9.76 8.06
C ASN A 85 3.53 -11.09 7.41
N SER A 86 4.44 -12.09 7.45
CA SER A 86 4.22 -13.42 6.85
C SER A 86 3.99 -13.27 5.33
N LEU A 87 5.06 -12.90 4.61
CA LEU A 87 5.01 -12.63 3.17
C LEU A 87 5.25 -13.89 2.33
N LYS A 88 4.74 -13.86 1.10
CA LYS A 88 4.77 -14.97 0.15
C LYS A 88 5.60 -14.58 -1.10
N PRO A 89 6.20 -15.55 -1.85
CA PRO A 89 7.00 -15.24 -3.08
C PRO A 89 6.17 -14.51 -4.18
N GLU A 90 4.83 -14.68 -4.13
CA GLU A 90 3.88 -14.02 -5.05
C GLU A 90 3.83 -12.47 -4.82
N ASP A 91 4.25 -12.03 -3.62
CA ASP A 91 4.32 -10.59 -3.25
C ASP A 91 5.59 -9.91 -3.86
N THR A 92 6.21 -10.53 -4.87
CA THR A 92 7.19 -9.85 -5.73
C THR A 92 6.42 -9.04 -6.79
N ALA A 93 6.21 -7.75 -6.48
CA ALA A 93 5.38 -6.83 -7.27
C ALA A 93 5.68 -5.37 -6.89
N VAL A 94 4.99 -4.43 -7.52
CA VAL A 94 5.00 -3.02 -7.11
C VAL A 94 3.72 -2.74 -6.29
N TYR A 95 3.91 -2.41 -4.99
CA TYR A 95 2.82 -1.99 -4.11
C TYR A 95 2.61 -0.48 -4.28
N LEU A 96 1.47 -0.12 -4.88
CA LEU A 96 1.10 1.28 -5.15
C LEU A 96 -0.14 1.65 -4.36
N CYS A 97 -0.20 2.90 -3.92
CA CYS A 97 -1.38 3.50 -3.29
C CYS A 97 -2.24 4.17 -4.37
N ALA A 98 -3.52 4.35 -4.07
CA ALA A 98 -4.46 5.02 -4.97
C ALA A 98 -5.42 5.89 -4.14
N ALA A 99 -5.36 7.22 -4.34
CA ALA A 99 -6.09 8.19 -3.52
C ALA A 99 -7.17 8.88 -4.35
N GLY A 100 -8.37 8.93 -3.77
CA GLY A 100 -9.51 9.61 -4.36
C GLY A 100 -10.57 9.84 -3.31
N VAL A 101 -11.84 9.93 -3.75
CA VAL A 101 -12.99 10.19 -2.86
C VAL A 101 -14.17 9.31 -3.28
N TRP A 102 -15.01 8.97 -2.28
CA TRP A 102 -16.36 8.43 -2.51
C TRP A 102 -17.27 9.58 -2.98
N ARG A 103 -17.18 9.88 -4.27
CA ARG A 103 -17.83 11.07 -4.86
C ARG A 103 -19.37 10.98 -4.82
N SER A 104 -20.03 12.12 -5.04
CA SER A 104 -21.50 12.28 -4.96
C SER A 104 -22.25 11.41 -5.99
N SER A 105 -21.52 10.95 -7.03
CA SER A 105 -22.04 10.04 -8.07
C SER A 105 -22.41 8.65 -7.47
N GLY A 106 -21.77 8.31 -6.33
CA GLY A 106 -22.00 7.03 -5.63
C GLY A 106 -20.80 6.10 -5.68
N TRP A 107 -19.90 6.36 -6.65
CA TRP A 107 -18.68 5.56 -6.86
C TRP A 107 -17.54 6.03 -5.94
N ASP A 108 -16.87 5.09 -5.27
CA ASP A 108 -15.61 5.36 -4.56
C ASP A 108 -14.46 5.20 -5.57
N THR A 109 -14.05 6.32 -6.15
CA THR A 109 -13.09 6.36 -7.27
C THR A 109 -11.72 6.89 -6.81
N PRO A 110 -10.65 6.05 -6.83
CA PRO A 110 -9.26 6.52 -6.67
C PRO A 110 -8.81 7.27 -7.94
N ASP A 111 -8.93 8.60 -7.91
CA ASP A 111 -8.68 9.47 -9.07
C ASP A 111 -7.18 9.56 -9.40
N TYR A 112 -6.37 9.40 -8.35
CA TYR A 112 -4.90 9.50 -8.43
C TYR A 112 -4.30 8.17 -8.00
N TRP A 113 -3.17 7.82 -8.61
CA TRP A 113 -2.37 6.65 -8.24
C TRP A 113 -0.97 7.13 -7.86
N GLY A 114 -0.25 6.29 -7.10
CA GLY A 114 1.08 6.63 -6.61
C GLY A 114 2.18 6.27 -7.58
N GLN A 115 3.42 6.60 -7.20
CA GLN A 115 4.62 6.27 -8.00
C GLN A 115 4.97 4.78 -7.89
N GLY A 116 4.48 4.12 -6.82
CA GLY A 116 4.63 2.69 -6.62
C GLY A 116 6.00 2.32 -6.05
N THR A 117 6.01 1.59 -4.91
CA THR A 117 7.24 1.09 -4.31
C THR A 117 7.41 -0.41 -4.69
N GLN A 118 8.54 -0.72 -5.36
CA GLN A 118 8.86 -2.08 -5.79
C GLN A 118 9.30 -2.93 -4.59
N VAL A 119 8.46 -3.90 -4.24
CA VAL A 119 8.76 -4.92 -3.23
C VAL A 119 9.12 -6.23 -3.96
N THR A 120 10.08 -6.97 -3.43
CA THR A 120 10.45 -8.29 -3.96
C THR A 120 10.55 -9.26 -2.79
N VAL A 121 9.55 -10.11 -2.62
CA VAL A 121 9.63 -11.17 -1.63
C VAL A 121 10.24 -12.38 -2.31
N SER A 122 11.59 -12.49 -2.18
CA SER A 122 12.38 -13.59 -2.72
C SER A 122 11.87 -14.98 -2.30
N SER A 123 12.04 -15.97 -3.19
CA SER A 123 11.68 -17.37 -2.94
C SER A 123 12.81 -18.09 -2.17
N LEU A 124 13.20 -17.52 -1.00
CA LEU A 124 14.34 -17.97 -0.16
C LEU A 124 15.68 -17.92 -0.92
N GLU A 125 15.74 -17.11 -2.01
CA GLU A 125 16.94 -16.98 -2.85
C GLU A 125 17.92 -16.01 -2.18
N HIS A 126 17.49 -14.73 -2.06
CA HIS A 126 18.21 -13.61 -1.38
C HIS A 126 19.45 -13.11 -2.14
N HIS A 127 19.96 -13.92 -3.09
CA HIS A 127 21.22 -13.66 -3.81
C HIS A 127 21.09 -12.48 -4.80
N HIS A 128 22.26 -12.08 -5.36
CA HIS A 128 22.37 -10.98 -6.34
C HIS A 128 21.48 -11.24 -7.58
N HIS A 129 21.04 -10.14 -8.20
CA HIS A 129 20.17 -10.16 -9.39
C HIS A 129 20.39 -8.87 -10.19
N HIS A 130 20.64 -9.01 -11.51
CA HIS A 130 20.87 -7.89 -12.41
C HIS A 130 19.51 -7.34 -12.91
N HIS A 131 19.12 -6.19 -12.36
CA HIS A 131 17.92 -5.47 -12.78
C HIS A 131 18.18 -4.80 -14.16
N MET A 1 -4.46 21.63 -7.67
CA MET A 1 -4.63 20.74 -6.50
C MET A 1 -4.65 19.28 -6.96
N GLN A 2 -3.44 18.71 -7.17
CA GLN A 2 -3.26 17.29 -7.52
C GLN A 2 -2.56 16.58 -6.36
N LEU A 3 -3.24 15.57 -5.77
CA LEU A 3 -2.71 14.78 -4.64
C LEU A 3 -1.64 13.81 -5.19
N GLN A 4 -0.38 14.07 -4.81
CA GLN A 4 0.78 13.23 -5.17
C GLN A 4 1.01 12.19 -4.06
N LEU A 5 1.28 10.95 -4.46
CA LEU A 5 1.59 9.83 -3.56
C LEU A 5 3.05 9.40 -3.76
N VAL A 6 3.80 9.33 -2.66
CA VAL A 6 5.19 8.85 -2.66
C VAL A 6 5.28 7.57 -1.83
N GLU A 7 5.35 6.41 -2.51
CA GLU A 7 5.52 5.12 -1.86
C GLU A 7 7.01 4.87 -1.60
N SER A 8 7.28 4.15 -0.50
CA SER A 8 8.62 3.83 -0.03
C SER A 8 8.55 2.58 0.88
N GLY A 9 9.72 2.07 1.28
CA GLY A 9 9.82 0.91 2.17
C GLY A 9 9.95 -0.41 1.43
N GLY A 10 9.61 -0.40 0.13
CA GLY A 10 9.69 -1.59 -0.72
C GLY A 10 11.12 -2.04 -0.96
N GLY A 11 11.40 -3.31 -0.64
CA GLY A 11 12.72 -3.89 -0.78
C GLY A 11 12.69 -5.39 -0.68
N LEU A 12 13.87 -6.00 -0.53
CA LEU A 12 14.03 -7.45 -0.47
C LEU A 12 13.95 -7.93 0.99
N VAL A 13 12.95 -8.78 1.27
CA VAL A 13 12.80 -9.50 2.54
C VAL A 13 12.71 -11.00 2.27
N GLN A 14 12.78 -11.81 3.32
CA GLN A 14 12.67 -13.28 3.23
C GLN A 14 11.19 -13.72 3.30
N ALA A 15 10.90 -14.87 2.67
CA ALA A 15 9.58 -15.52 2.70
C ALA A 15 9.27 -16.02 4.12
N GLY A 16 8.18 -15.49 4.68
CA GLY A 16 7.79 -15.73 6.07
C GLY A 16 8.03 -14.52 6.95
N GLY A 17 8.83 -13.57 6.43
CA GLY A 17 9.16 -12.33 7.13
C GLY A 17 8.19 -11.18 6.84
N SER A 18 8.44 -10.04 7.49
CA SER A 18 7.60 -8.83 7.40
C SER A 18 8.29 -7.72 6.58
N LEU A 19 7.49 -6.75 6.13
CA LEU A 19 7.94 -5.54 5.41
C LEU A 19 6.85 -4.47 5.54
N ARG A 20 7.21 -3.28 6.02
CA ARG A 20 6.27 -2.16 6.16
C ARG A 20 6.52 -1.09 5.07
N LEU A 21 5.46 -0.80 4.31
CA LEU A 21 5.44 0.24 3.28
C LEU A 21 5.00 1.57 3.90
N SER A 22 5.36 2.68 3.25
CA SER A 22 4.99 4.03 3.67
C SER A 22 4.62 4.86 2.42
N CYS A 23 3.41 5.43 2.42
CA CYS A 23 2.92 6.30 1.35
C CYS A 23 2.67 7.71 1.90
N VAL A 24 3.59 8.63 1.60
CA VAL A 24 3.52 10.01 2.06
C VAL A 24 2.79 10.85 0.98
N ALA A 25 1.74 11.59 1.39
CA ALA A 25 0.91 12.36 0.45
C ALA A 25 1.50 13.78 0.26
N SER A 26 2.24 13.95 -0.86
CA SER A 26 2.81 15.25 -1.30
C SER A 26 3.72 15.88 -0.23
N GLY A 27 4.41 15.02 0.54
CA GLY A 27 5.20 15.45 1.69
C GLY A 27 4.31 15.76 2.88
N ARG A 28 3.77 16.99 2.91
CA ARG A 28 2.82 17.44 3.96
C ARG A 28 1.75 18.34 3.32
N THR A 29 0.61 17.72 2.98
CA THR A 29 -0.58 18.41 2.46
C THR A 29 -1.82 17.85 3.19
N PHE A 30 -2.96 18.53 3.02
CA PHE A 30 -4.24 18.10 3.61
C PHE A 30 -5.38 18.34 2.59
N ARG A 31 -6.07 17.24 2.22
CA ARG A 31 -7.23 17.27 1.32
C ARG A 31 -7.88 15.87 1.28
N SER A 32 -7.20 14.92 0.61
CA SER A 32 -7.65 13.52 0.49
C SER A 32 -7.18 12.74 1.73
N ASN A 33 -8.13 12.03 2.37
CA ASN A 33 -7.84 11.15 3.53
C ASN A 33 -8.28 9.71 3.22
N ALA A 34 -8.47 9.42 1.92
CA ALA A 34 -8.80 8.10 1.41
C ALA A 34 -7.65 7.63 0.51
N MET A 35 -6.99 6.52 0.90
CA MET A 35 -5.92 5.88 0.12
C MET A 35 -6.11 4.35 0.15
N GLY A 36 -6.24 3.74 -1.04
CA GLY A 36 -6.33 2.29 -1.18
C GLY A 36 -5.00 1.67 -1.58
N TRP A 37 -4.64 0.55 -0.93
CA TRP A 37 -3.46 -0.24 -1.28
C TRP A 37 -3.81 -1.26 -2.38
N PHE A 38 -2.95 -1.30 -3.41
CA PHE A 38 -3.07 -2.22 -4.56
C PHE A 38 -1.69 -2.85 -4.82
N ARG A 39 -1.65 -3.84 -5.73
CA ARG A 39 -0.41 -4.51 -6.15
C ARG A 39 -0.54 -4.97 -7.61
N GLN A 40 0.54 -4.87 -8.37
CA GLN A 40 0.54 -5.19 -9.79
C GLN A 40 1.75 -6.06 -10.15
N ALA A 41 1.49 -7.15 -10.87
CA ALA A 41 2.52 -7.99 -11.48
C ALA A 41 2.79 -7.49 -12.93
N PRO A 42 4.06 -7.59 -13.45
CA PRO A 42 4.41 -7.17 -14.84
C PRO A 42 3.53 -7.84 -15.92
N GLY A 43 2.78 -7.03 -16.68
CA GLY A 43 1.85 -7.54 -17.71
C GLY A 43 0.49 -7.95 -17.16
N LYS A 44 0.20 -7.52 -15.92
CA LYS A 44 -1.07 -7.80 -15.23
C LYS A 44 -1.68 -6.49 -14.70
N GLU A 45 -2.95 -6.58 -14.27
CA GLU A 45 -3.69 -5.46 -13.64
C GLU A 45 -3.27 -5.33 -12.17
N ARG A 46 -3.64 -4.19 -11.54
CA ARG A 46 -3.44 -4.00 -10.08
C ARG A 46 -4.66 -4.56 -9.32
N GLU A 47 -4.40 -5.50 -8.42
CA GLU A 47 -5.42 -6.12 -7.57
C GLU A 47 -5.51 -5.37 -6.24
N PHE A 48 -6.74 -5.24 -5.74
CA PHE A 48 -7.08 -4.61 -4.46
C PHE A 48 -6.49 -5.43 -3.29
N VAL A 49 -5.80 -4.75 -2.38
CA VAL A 49 -5.22 -5.35 -1.15
C VAL A 49 -5.97 -4.82 0.07
N ALA A 50 -6.02 -3.49 0.17
CA ALA A 50 -6.59 -2.77 1.34
C ALA A 50 -7.12 -1.39 0.92
N ALA A 51 -7.84 -0.71 1.84
CA ALA A 51 -8.30 0.66 1.64
C ALA A 51 -8.65 1.32 2.98
N ILE A 52 -8.07 2.50 3.21
CA ILE A 52 -8.40 3.36 4.33
C ILE A 52 -9.13 4.57 3.75
N ARG A 53 -10.42 4.72 4.07
CA ARG A 53 -11.23 5.85 3.58
C ARG A 53 -11.23 6.99 4.60
N TRP A 54 -11.87 8.13 4.22
CA TRP A 54 -12.07 9.28 5.11
C TRP A 54 -12.79 8.83 6.41
N SER A 55 -13.83 7.98 6.23
CA SER A 55 -14.54 7.28 7.32
C SER A 55 -15.43 6.16 6.73
N GLY A 56 -16.15 5.45 7.62
CA GLY A 56 -17.12 4.44 7.22
C GLY A 56 -16.49 3.12 6.78
N GLY A 57 -15.34 2.78 7.39
CA GLY A 57 -14.66 1.51 7.13
C GLY A 57 -13.20 1.62 7.50
N SER A 58 -12.44 2.30 6.64
CA SER A 58 -11.00 2.64 6.84
C SER A 58 -10.09 1.41 7.12
N THR A 59 -10.54 0.21 6.66
CA THR A 59 -9.91 -1.10 6.96
C THR A 59 -10.37 -2.13 5.91
N TYR A 60 -9.41 -2.77 5.22
CA TYR A 60 -9.69 -3.87 4.28
C TYR A 60 -8.52 -4.86 4.30
N TYR A 61 -8.87 -6.15 4.30
CA TYR A 61 -7.92 -7.28 4.45
C TYR A 61 -8.62 -8.60 4.05
N ALA A 62 -7.81 -9.62 3.69
CA ALA A 62 -8.29 -10.99 3.51
C ALA A 62 -8.26 -11.72 4.87
N ASP A 63 -9.17 -12.68 5.06
CA ASP A 63 -9.30 -13.45 6.32
C ASP A 63 -8.01 -14.24 6.64
N SER A 64 -7.32 -14.70 5.59
CA SER A 64 -6.05 -15.45 5.72
C SER A 64 -4.90 -14.55 6.24
N VAL A 65 -4.88 -13.29 5.76
CA VAL A 65 -3.81 -12.32 6.09
C VAL A 65 -4.23 -11.39 7.25
N LYS A 66 -5.48 -11.55 7.75
CA LYS A 66 -6.02 -10.75 8.88
C LYS A 66 -5.17 -11.00 10.14
N GLY A 67 -4.72 -9.91 10.78
CA GLY A 67 -3.87 -9.98 11.99
C GLY A 67 -2.39 -9.91 11.66
N ARG A 68 -2.00 -10.32 10.44
CA ARG A 68 -0.62 -10.24 9.96
C ARG A 68 -0.43 -8.88 9.26
N PHE A 69 -1.31 -8.64 8.28
CA PHE A 69 -1.36 -7.37 7.52
C PHE A 69 -2.20 -6.36 8.31
N THR A 70 -1.57 -5.25 8.65
CA THR A 70 -2.18 -4.16 9.41
C THR A 70 -2.00 -2.86 8.61
N ILE A 71 -3.08 -2.10 8.49
CA ILE A 71 -3.08 -0.80 7.79
C ILE A 71 -3.07 0.33 8.81
N SER A 72 -2.46 1.47 8.44
CA SER A 72 -2.31 2.64 9.32
C SER A 72 -2.49 3.92 8.51
N ARG A 73 -3.06 4.95 9.15
CA ARG A 73 -3.20 6.29 8.57
C ARG A 73 -2.96 7.33 9.66
N ASP A 74 -2.13 8.32 9.35
CA ASP A 74 -1.82 9.45 10.23
C ASP A 74 -2.16 10.75 9.50
N ASN A 75 -3.29 11.36 9.87
CA ASN A 75 -3.82 12.59 9.24
C ASN A 75 -2.94 13.83 9.56
N ALA A 76 -2.08 13.71 10.60
CA ALA A 76 -1.16 14.79 11.04
C ALA A 76 -0.25 15.30 9.90
N LYS A 77 0.34 14.36 9.14
CA LYS A 77 1.18 14.66 7.96
C LYS A 77 0.56 14.05 6.67
N ASN A 78 -0.59 13.35 6.85
CA ASN A 78 -1.29 12.60 5.80
C ASN A 78 -0.36 11.57 5.12
N THR A 79 -0.01 10.54 5.91
CA THR A 79 0.80 9.41 5.45
C THR A 79 0.14 8.08 5.90
N VAL A 80 0.01 7.15 4.96
CA VAL A 80 -0.63 5.85 5.16
C VAL A 80 0.45 4.75 5.09
N TYR A 81 0.53 3.91 6.14
CA TYR A 81 1.52 2.81 6.23
C TYR A 81 0.83 1.44 6.02
N LEU A 82 1.60 0.44 5.57
CA LEU A 82 1.11 -0.93 5.34
C LEU A 82 2.10 -1.94 5.95
N GLN A 83 1.79 -2.43 7.17
CA GLN A 83 2.61 -3.44 7.86
C GLN A 83 2.21 -4.84 7.38
N MET A 84 3.01 -5.40 6.46
CA MET A 84 2.74 -6.71 5.84
C MET A 84 3.61 -7.81 6.49
N ASN A 85 3.01 -8.60 7.40
CA ASN A 85 3.72 -9.70 8.11
C ASN A 85 3.42 -11.06 7.47
N SER A 86 4.46 -11.92 7.48
CA SER A 86 4.42 -13.31 6.94
C SER A 86 4.10 -13.28 5.44
N LEU A 87 5.11 -12.87 4.66
CA LEU A 87 5.01 -12.71 3.19
C LEU A 87 5.35 -14.02 2.46
N LYS A 88 4.89 -14.11 1.21
CA LYS A 88 5.13 -15.27 0.33
C LYS A 88 6.15 -14.86 -0.75
N PRO A 89 6.99 -15.81 -1.28
CA PRO A 89 8.00 -15.49 -2.33
C PRO A 89 7.36 -15.01 -3.66
N GLU A 90 6.04 -15.25 -3.82
CA GLU A 90 5.24 -14.83 -4.99
C GLU A 90 4.84 -13.32 -4.90
N ASP A 91 5.19 -12.65 -3.79
CA ASP A 91 4.98 -11.19 -3.61
C ASP A 91 6.21 -10.40 -4.10
N THR A 92 6.82 -10.86 -5.20
CA THR A 92 7.83 -10.09 -5.95
C THR A 92 7.11 -9.30 -7.05
N ALA A 93 6.75 -8.04 -6.73
CA ALA A 93 5.91 -7.19 -7.60
C ALA A 93 6.01 -5.72 -7.18
N VAL A 94 5.24 -4.84 -7.85
CA VAL A 94 5.15 -3.42 -7.51
C VAL A 94 3.82 -3.13 -6.79
N TYR A 95 3.89 -2.83 -5.50
CA TYR A 95 2.74 -2.40 -4.69
C TYR A 95 2.57 -0.89 -4.87
N LEU A 96 1.34 -0.47 -5.20
CA LEU A 96 1.03 0.93 -5.49
C LEU A 96 -0.23 1.35 -4.72
N CYS A 97 -0.20 2.55 -4.14
CA CYS A 97 -1.36 3.15 -3.48
C CYS A 97 -2.12 4.04 -4.48
N ALA A 98 -3.38 4.30 -4.18
CA ALA A 98 -4.23 5.20 -4.98
C ALA A 98 -4.95 6.16 -4.04
N ALA A 99 -5.17 7.41 -4.47
CA ALA A 99 -5.80 8.44 -3.64
C ALA A 99 -7.19 8.77 -4.20
N GLY A 100 -8.19 8.62 -3.33
CA GLY A 100 -9.59 8.89 -3.67
C GLY A 100 -10.16 10.00 -2.82
N VAL A 101 -11.42 10.34 -3.09
CA VAL A 101 -12.14 11.45 -2.43
C VAL A 101 -13.50 10.97 -1.92
N TRP A 102 -14.07 11.72 -0.96
CA TRP A 102 -15.40 11.47 -0.42
C TRP A 102 -16.46 11.91 -1.45
N ARG A 103 -16.74 10.98 -2.37
CA ARG A 103 -17.61 11.19 -3.55
C ARG A 103 -19.11 11.23 -3.15
N SER A 104 -19.92 11.99 -3.93
CA SER A 104 -21.37 12.19 -3.69
C SER A 104 -22.16 10.87 -3.71
N SER A 105 -21.74 9.94 -4.61
CA SER A 105 -22.33 8.60 -4.73
C SER A 105 -22.11 7.75 -3.46
N GLY A 106 -21.05 8.09 -2.69
CA GLY A 106 -20.64 7.32 -1.52
C GLY A 106 -19.58 6.27 -1.87
N TRP A 107 -19.62 5.78 -3.12
CA TRP A 107 -18.61 4.88 -3.69
C TRP A 107 -17.31 5.67 -3.89
N ASP A 108 -16.23 5.25 -3.19
CA ASP A 108 -14.92 5.93 -3.28
C ASP A 108 -14.23 5.54 -4.59
N THR A 109 -13.58 6.52 -5.24
CA THR A 109 -12.99 6.35 -6.58
C THR A 109 -11.51 6.81 -6.57
N PRO A 110 -10.54 5.94 -7.00
CA PRO A 110 -9.13 6.35 -7.18
C PRO A 110 -8.97 7.44 -8.25
N ASP A 111 -9.02 8.72 -7.82
CA ASP A 111 -8.81 9.89 -8.70
C ASP A 111 -7.32 10.05 -9.04
N TYR A 112 -6.47 9.50 -8.18
CA TYR A 112 -5.01 9.50 -8.35
C TYR A 112 -4.46 8.10 -8.08
N TRP A 113 -3.30 7.81 -8.66
CA TRP A 113 -2.50 6.61 -8.36
C TRP A 113 -1.08 7.09 -8.03
N GLY A 114 -0.34 6.24 -7.32
CA GLY A 114 1.00 6.59 -6.86
C GLY A 114 2.08 6.26 -7.88
N GLN A 115 3.33 6.36 -7.43
CA GLN A 115 4.51 6.06 -8.26
C GLN A 115 4.86 4.56 -8.19
N GLY A 116 4.37 3.89 -7.13
CA GLY A 116 4.63 2.47 -6.89
C GLY A 116 5.93 2.24 -6.13
N THR A 117 6.03 1.06 -5.48
CA THR A 117 7.22 0.63 -4.74
C THR A 117 7.48 -0.86 -5.03
N GLN A 118 8.65 -1.14 -5.62
CA GLN A 118 9.05 -2.49 -6.02
C GLN A 118 9.52 -3.31 -4.81
N VAL A 119 8.65 -4.21 -4.33
CA VAL A 119 8.98 -5.17 -3.27
C VAL A 119 9.45 -6.49 -3.93
N THR A 120 10.43 -7.15 -3.30
CA THR A 120 10.91 -8.47 -3.74
C THR A 120 11.04 -9.37 -2.51
N VAL A 121 10.07 -10.26 -2.31
CA VAL A 121 10.15 -11.22 -1.21
C VAL A 121 10.94 -12.44 -1.71
N SER A 122 12.25 -12.46 -1.39
CA SER A 122 13.13 -13.58 -1.75
C SER A 122 12.74 -14.83 -0.94
N SER A 123 12.88 -16.01 -1.54
CA SER A 123 12.49 -17.28 -0.93
C SER A 123 13.50 -17.69 0.16
N LEU A 124 13.29 -17.15 1.39
CA LEU A 124 14.13 -17.37 2.59
C LEU A 124 15.52 -16.68 2.47
N GLU A 125 16.35 -17.15 1.54
CA GLU A 125 17.72 -16.67 1.34
C GLU A 125 17.74 -15.23 0.79
N HIS A 126 18.10 -14.25 1.65
CA HIS A 126 18.25 -12.84 1.24
C HIS A 126 19.55 -12.68 0.41
N HIS A 127 19.44 -12.11 -0.80
CA HIS A 127 20.58 -12.00 -1.74
C HIS A 127 20.42 -10.74 -2.62
N HIS A 128 21.25 -9.72 -2.34
CA HIS A 128 21.37 -8.49 -3.13
C HIS A 128 22.73 -7.83 -2.84
N HIS A 129 23.78 -8.38 -3.47
CA HIS A 129 25.18 -7.98 -3.22
C HIS A 129 25.61 -6.97 -4.30
N HIS A 130 25.77 -5.69 -3.90
CA HIS A 130 26.01 -4.56 -4.84
C HIS A 130 27.38 -4.67 -5.57
N HIS A 131 28.39 -5.17 -4.86
CA HIS A 131 29.75 -5.36 -5.41
C HIS A 131 30.42 -6.56 -4.69
N MET A 1 -6.38 19.64 -7.63
CA MET A 1 -6.67 18.19 -7.49
C MET A 1 -5.39 17.33 -7.57
N GLN A 2 -4.24 17.99 -7.83
CA GLN A 2 -2.95 17.32 -8.05
C GLN A 2 -2.41 16.76 -6.71
N LEU A 3 -2.77 15.50 -6.42
CA LEU A 3 -2.42 14.83 -5.16
C LEU A 3 -1.11 14.02 -5.35
N GLN A 4 -0.03 14.42 -4.64
CA GLN A 4 1.27 13.72 -4.65
C GLN A 4 1.24 12.53 -3.66
N LEU A 5 1.70 11.34 -4.12
CA LEU A 5 1.85 10.13 -3.28
C LEU A 5 3.26 9.56 -3.49
N VAL A 6 4.02 9.39 -2.40
CA VAL A 6 5.39 8.85 -2.44
C VAL A 6 5.48 7.56 -1.58
N GLU A 7 5.45 6.39 -2.24
CA GLU A 7 5.54 5.09 -1.57
C GLU A 7 6.99 4.65 -1.47
N SER A 8 7.42 4.20 -0.28
CA SER A 8 8.79 3.72 -0.02
C SER A 8 8.73 2.54 0.98
N GLY A 9 9.84 1.80 1.07
CA GLY A 9 9.96 0.65 1.99
C GLY A 9 10.17 -0.67 1.27
N GLY A 10 9.81 -0.70 -0.03
CA GLY A 10 9.92 -1.89 -0.87
C GLY A 10 11.35 -2.41 -0.98
N GLY A 11 11.56 -3.65 -0.53
CA GLY A 11 12.88 -4.29 -0.49
C GLY A 11 12.79 -5.81 -0.46
N LEU A 12 13.94 -6.48 -0.33
CA LEU A 12 14.04 -7.94 -0.34
C LEU A 12 13.92 -8.48 1.10
N VAL A 13 12.84 -9.22 1.36
CA VAL A 13 12.63 -9.96 2.64
C VAL A 13 12.42 -11.44 2.31
N GLN A 14 12.89 -12.35 3.18
CA GLN A 14 12.72 -13.80 2.96
C GLN A 14 11.26 -14.23 3.26
N ALA A 15 10.81 -15.34 2.63
CA ALA A 15 9.50 -15.94 2.89
C ALA A 15 9.33 -16.33 4.37
N GLY A 16 8.40 -15.64 5.04
CA GLY A 16 8.14 -15.80 6.48
C GLY A 16 8.52 -14.53 7.25
N GLY A 17 9.11 -13.57 6.53
CA GLY A 17 9.49 -12.28 7.08
C GLY A 17 8.40 -11.22 6.96
N SER A 18 8.78 -9.95 7.18
CA SER A 18 7.86 -8.82 7.20
C SER A 18 8.48 -7.59 6.53
N LEU A 19 7.62 -6.74 5.95
CA LEU A 19 8.03 -5.49 5.30
C LEU A 19 6.92 -4.44 5.47
N ARG A 20 7.26 -3.29 6.07
CA ARG A 20 6.32 -2.18 6.29
C ARG A 20 6.54 -1.06 5.25
N LEU A 21 5.51 -0.79 4.45
CA LEU A 21 5.51 0.31 3.48
C LEU A 21 5.04 1.61 4.14
N SER A 22 5.42 2.74 3.55
CA SER A 22 5.02 4.09 4.01
C SER A 22 4.79 4.98 2.78
N CYS A 23 3.61 5.63 2.70
CA CYS A 23 3.24 6.53 1.59
C CYS A 23 3.01 7.94 2.11
N VAL A 24 3.78 8.90 1.59
CA VAL A 24 3.71 10.30 1.99
C VAL A 24 2.60 11.00 1.17
N ALA A 25 1.54 11.45 1.86
CA ALA A 25 0.38 12.09 1.22
C ALA A 25 0.58 13.61 1.14
N SER A 26 0.91 14.07 -0.09
CA SER A 26 1.01 15.49 -0.49
C SER A 26 1.92 16.31 0.46
N GLY A 27 3.18 15.87 0.58
CA GLY A 27 4.16 16.47 1.49
C GLY A 27 3.82 16.20 2.94
N ARG A 28 2.91 16.99 3.49
CA ARG A 28 2.35 16.80 4.85
C ARG A 28 1.03 17.58 4.94
N THR A 29 0.25 17.50 3.85
CA THR A 29 -1.07 18.12 3.73
C THR A 29 -2.15 17.02 3.70
N PHE A 30 -3.37 17.38 4.08
CA PHE A 30 -4.53 16.48 4.06
C PHE A 30 -5.45 16.91 2.90
N ARG A 31 -5.64 16.00 1.94
CA ARG A 31 -6.55 16.16 0.78
C ARG A 31 -7.03 14.76 0.37
N SER A 32 -8.01 14.73 -0.56
CA SER A 32 -8.61 13.49 -1.10
C SER A 32 -9.38 12.72 -0.01
N ASN A 33 -10.72 12.62 -0.17
CA ASN A 33 -11.63 12.00 0.82
C ASN A 33 -11.24 10.56 1.18
N ALA A 34 -10.65 9.83 0.21
CA ALA A 34 -10.24 8.44 0.41
C ALA A 34 -8.89 8.17 -0.26
N MET A 35 -8.15 7.20 0.31
CA MET A 35 -6.87 6.68 -0.22
C MET A 35 -6.85 5.17 0.01
N GLY A 36 -6.22 4.40 -0.89
CA GLY A 36 -6.24 2.94 -0.80
C GLY A 36 -5.00 2.30 -1.37
N TRP A 37 -4.62 1.13 -0.83
CA TRP A 37 -3.46 0.37 -1.30
C TRP A 37 -3.88 -0.62 -2.39
N PHE A 38 -2.95 -0.89 -3.31
CA PHE A 38 -3.10 -1.83 -4.43
C PHE A 38 -1.81 -2.65 -4.56
N ARG A 39 -1.94 -3.88 -5.08
CA ARG A 39 -0.80 -4.76 -5.38
C ARG A 39 -0.86 -5.19 -6.85
N GLN A 40 0.28 -5.15 -7.53
CA GLN A 40 0.36 -5.45 -8.97
C GLN A 40 1.73 -6.08 -9.26
N ALA A 41 1.74 -7.20 -9.98
CA ALA A 41 2.97 -7.80 -10.52
C ALA A 41 3.26 -7.20 -11.91
N PRO A 42 4.55 -7.17 -12.39
CA PRO A 42 4.90 -6.63 -13.74
C PRO A 42 4.09 -7.31 -14.88
N GLY A 43 3.11 -6.56 -15.43
CA GLY A 43 2.23 -7.06 -16.51
C GLY A 43 0.98 -7.77 -16.00
N LYS A 44 0.55 -7.43 -14.77
CA LYS A 44 -0.64 -8.03 -14.12
C LYS A 44 -1.62 -6.93 -13.65
N GLU A 45 -2.79 -7.35 -13.14
CA GLU A 45 -3.86 -6.45 -12.67
C GLU A 45 -3.58 -5.98 -11.23
N ARG A 46 -3.93 -4.71 -10.93
CA ARG A 46 -3.78 -4.14 -9.57
C ARG A 46 -5.03 -4.49 -8.71
N GLU A 47 -4.82 -5.28 -7.64
CA GLU A 47 -5.89 -5.73 -6.73
C GLU A 47 -6.03 -4.75 -5.56
N PHE A 48 -7.28 -4.51 -5.15
CA PHE A 48 -7.61 -3.61 -4.04
C PHE A 48 -7.22 -4.28 -2.70
N VAL A 49 -6.15 -3.77 -2.07
CA VAL A 49 -5.61 -4.28 -0.79
C VAL A 49 -6.33 -3.63 0.39
N ALA A 50 -6.32 -2.28 0.40
CA ALA A 50 -6.77 -1.49 1.57
C ALA A 50 -7.64 -0.29 1.17
N ALA A 51 -8.41 0.21 2.16
CA ALA A 51 -9.36 1.32 2.01
C ALA A 51 -9.29 2.20 3.25
N ILE A 52 -8.96 3.47 3.01
CA ILE A 52 -8.87 4.51 4.03
C ILE A 52 -9.86 5.62 3.63
N ARG A 53 -10.89 5.87 4.42
CA ARG A 53 -11.83 6.99 4.16
C ARG A 53 -11.60 8.12 5.17
N TRP A 54 -10.71 9.05 4.76
CA TRP A 54 -10.34 10.30 5.48
C TRP A 54 -9.67 10.00 6.83
N SER A 55 -10.49 9.60 7.83
CA SER A 55 -10.02 9.20 9.17
C SER A 55 -11.14 8.42 9.89
N GLY A 56 -10.75 7.42 10.71
CA GLY A 56 -11.70 6.65 11.52
C GLY A 56 -12.28 5.44 10.79
N GLY A 57 -12.21 5.43 9.44
CA GLY A 57 -12.60 4.27 8.62
C GLY A 57 -11.43 3.81 7.75
N SER A 58 -10.25 3.75 8.37
CA SER A 58 -8.99 3.45 7.69
C SER A 58 -8.60 1.98 7.96
N THR A 59 -9.45 1.04 7.53
CA THR A 59 -9.27 -0.40 7.79
C THR A 59 -9.82 -1.20 6.60
N TYR A 60 -8.95 -1.99 5.96
CA TYR A 60 -9.33 -2.92 4.91
C TYR A 60 -8.11 -3.80 4.58
N TYR A 61 -8.34 -5.10 4.53
CA TYR A 61 -7.36 -6.11 4.11
C TYR A 61 -8.13 -7.36 3.68
N ALA A 62 -7.75 -7.96 2.53
CA ALA A 62 -8.44 -9.14 1.97
C ALA A 62 -8.38 -10.33 2.95
N ASP A 63 -9.39 -11.21 2.92
CA ASP A 63 -9.47 -12.34 3.88
C ASP A 63 -8.32 -13.37 3.65
N SER A 64 -7.69 -13.33 2.46
CA SER A 64 -6.51 -14.14 2.14
C SER A 64 -5.25 -13.61 2.88
N VAL A 65 -5.19 -12.27 3.05
CA VAL A 65 -4.06 -11.59 3.73
C VAL A 65 -4.49 -11.08 5.13
N LYS A 66 -5.63 -11.61 5.63
CA LYS A 66 -6.25 -11.20 6.91
C LYS A 66 -5.35 -11.58 8.09
N GLY A 67 -4.94 -10.57 8.88
CA GLY A 67 -4.13 -10.78 10.09
C GLY A 67 -2.64 -10.57 9.86
N ARG A 68 -2.17 -10.80 8.61
CA ARG A 68 -0.75 -10.62 8.26
C ARG A 68 -0.53 -9.21 7.65
N PHE A 69 -1.59 -8.65 7.02
CA PHE A 69 -1.59 -7.26 6.51
C PHE A 69 -2.34 -6.37 7.51
N THR A 70 -1.72 -5.23 7.84
CA THR A 70 -2.26 -4.21 8.73
C THR A 70 -1.97 -2.83 8.12
N ILE A 71 -2.89 -1.88 8.31
CA ILE A 71 -2.77 -0.52 7.75
C ILE A 71 -2.97 0.51 8.85
N SER A 72 -2.48 1.73 8.60
CA SER A 72 -2.59 2.86 9.51
C SER A 72 -2.46 4.16 8.71
N ARG A 73 -3.26 5.16 9.06
CA ARG A 73 -3.08 6.52 8.53
C ARG A 73 -2.73 7.44 9.70
N ASP A 74 -1.56 8.06 9.62
CA ASP A 74 -1.02 8.94 10.67
C ASP A 74 -1.17 10.39 10.24
N ASN A 75 -2.11 11.08 10.90
CA ASN A 75 -2.42 12.51 10.65
C ASN A 75 -1.19 13.40 10.94
N ALA A 76 -0.40 13.00 11.95
CA ALA A 76 0.76 13.76 12.46
C ALA A 76 1.76 14.13 11.36
N LYS A 77 2.08 13.17 10.49
CA LYS A 77 3.00 13.37 9.34
C LYS A 77 2.30 13.10 8.00
N ASN A 78 0.96 12.88 8.04
CA ASN A 78 0.11 12.61 6.84
C ASN A 78 0.66 11.43 6.00
N THR A 79 1.17 10.41 6.70
CA THR A 79 1.78 9.23 6.07
C THR A 79 0.94 7.98 6.36
N VAL A 80 0.64 7.21 5.31
CA VAL A 80 -0.18 5.99 5.39
C VAL A 80 0.74 4.76 5.28
N TYR A 81 0.72 3.90 6.30
CA TYR A 81 1.59 2.71 6.38
C TYR A 81 0.82 1.44 6.00
N LEU A 82 1.55 0.44 5.48
CA LEU A 82 1.05 -0.92 5.22
C LEU A 82 2.06 -1.92 5.78
N GLN A 83 1.79 -2.44 7.00
CA GLN A 83 2.61 -3.49 7.62
C GLN A 83 2.21 -4.85 7.04
N MET A 84 3.03 -5.36 6.11
CA MET A 84 2.87 -6.71 5.56
C MET A 84 3.75 -7.68 6.38
N ASN A 85 3.22 -8.84 6.73
CA ASN A 85 3.95 -9.88 7.48
C ASN A 85 3.59 -11.25 6.88
N SER A 86 4.33 -12.30 7.30
CA SER A 86 4.03 -13.70 6.96
C SER A 86 4.03 -13.91 5.41
N LEU A 87 4.91 -13.14 4.75
CA LEU A 87 5.00 -13.06 3.28
C LEU A 87 5.58 -14.34 2.68
N LYS A 88 5.27 -14.59 1.40
CA LYS A 88 5.71 -15.78 0.63
C LYS A 88 6.26 -15.29 -0.71
N PRO A 89 7.13 -16.10 -1.43
CA PRO A 89 7.88 -15.62 -2.63
C PRO A 89 6.99 -14.99 -3.75
N GLU A 90 5.70 -15.38 -3.78
CA GLU A 90 4.72 -14.86 -4.78
C GLU A 90 4.44 -13.34 -4.61
N ASP A 91 4.76 -12.78 -3.42
CA ASP A 91 4.60 -11.34 -3.11
C ASP A 91 5.81 -10.52 -3.66
N THR A 92 6.42 -11.00 -4.76
CA THR A 92 7.33 -10.19 -5.56
C THR A 92 6.49 -9.33 -6.53
N ALA A 93 6.17 -8.10 -6.10
CA ALA A 93 5.24 -7.21 -6.82
C ALA A 93 5.45 -5.75 -6.39
N VAL A 94 4.87 -4.81 -7.13
CA VAL A 94 4.85 -3.38 -6.75
C VAL A 94 3.55 -3.07 -5.99
N TYR A 95 3.69 -2.58 -4.74
CA TYR A 95 2.59 -2.05 -3.94
C TYR A 95 2.55 -0.54 -4.11
N LEU A 96 1.37 -0.03 -4.50
CA LEU A 96 1.15 1.39 -4.80
C LEU A 96 -0.08 1.89 -4.03
N CYS A 97 -0.02 3.14 -3.58
CA CYS A 97 -1.15 3.83 -2.96
C CYS A 97 -1.90 4.62 -4.05
N ALA A 98 -3.17 4.92 -3.78
CA ALA A 98 -4.04 5.63 -4.72
C ALA A 98 -4.87 6.65 -3.96
N ALA A 99 -5.23 7.75 -4.62
CA ALA A 99 -6.13 8.78 -4.07
C ALA A 99 -7.43 8.77 -4.87
N GLY A 100 -8.57 8.76 -4.17
CA GLY A 100 -9.88 8.58 -4.79
C GLY A 100 -10.83 9.74 -4.54
N VAL A 101 -12.02 9.61 -5.12
CA VAL A 101 -13.10 10.61 -4.99
C VAL A 101 -14.44 9.87 -4.82
N TRP A 102 -15.06 10.08 -3.64
CA TRP A 102 -16.24 9.33 -3.21
C TRP A 102 -17.50 9.89 -3.88
N ARG A 103 -18.40 8.98 -4.24
CA ARG A 103 -19.60 9.27 -5.03
C ARG A 103 -20.84 9.25 -4.15
N SER A 104 -21.87 9.99 -4.57
CA SER A 104 -23.18 10.01 -3.90
C SER A 104 -23.89 8.64 -4.05
N SER A 105 -23.47 7.85 -5.06
CA SER A 105 -23.95 6.46 -5.26
C SER A 105 -23.42 5.54 -4.14
N GLY A 106 -22.27 5.93 -3.54
CA GLY A 106 -21.73 5.21 -2.37
C GLY A 106 -20.41 4.51 -2.65
N TRP A 107 -20.01 4.49 -3.92
CA TRP A 107 -18.72 3.90 -4.37
C TRP A 107 -17.63 4.99 -4.35
N ASP A 108 -16.36 4.55 -4.32
CA ASP A 108 -15.20 5.47 -4.46
C ASP A 108 -14.44 5.08 -5.74
N THR A 109 -13.95 6.09 -6.46
CA THR A 109 -13.18 5.88 -7.70
C THR A 109 -11.73 6.40 -7.52
N PRO A 110 -10.71 5.49 -7.45
CA PRO A 110 -9.28 5.89 -7.37
C PRO A 110 -8.83 6.58 -8.67
N ASP A 111 -8.95 7.90 -8.70
CA ASP A 111 -8.69 8.71 -9.90
C ASP A 111 -7.19 9.02 -10.04
N TYR A 112 -6.47 8.96 -8.91
CA TYR A 112 -5.03 9.25 -8.83
C TYR A 112 -4.32 8.02 -8.26
N TRP A 113 -3.09 7.80 -8.70
CA TRP A 113 -2.20 6.75 -8.18
C TRP A 113 -0.84 7.37 -7.85
N GLY A 114 -0.06 6.66 -7.03
CA GLY A 114 1.26 7.14 -6.59
C GLY A 114 2.37 6.78 -7.54
N GLN A 115 3.53 6.46 -6.97
CA GLN A 115 4.74 6.11 -7.74
C GLN A 115 4.97 4.58 -7.74
N GLY A 116 4.48 3.93 -6.66
CA GLY A 116 4.69 2.51 -6.43
C GLY A 116 6.02 2.23 -5.75
N THR A 117 6.10 1.09 -5.06
CA THR A 117 7.34 0.61 -4.43
C THR A 117 7.42 -0.93 -4.61
N GLN A 118 8.49 -1.37 -5.29
CA GLN A 118 8.70 -2.79 -5.62
C GLN A 118 9.17 -3.56 -4.38
N VAL A 119 8.23 -4.31 -3.79
CA VAL A 119 8.53 -5.28 -2.73
C VAL A 119 8.94 -6.59 -3.42
N THR A 120 9.97 -7.25 -2.91
CA THR A 120 10.43 -8.52 -3.47
C THR A 120 10.66 -9.49 -2.32
N VAL A 121 9.82 -10.51 -2.22
CA VAL A 121 9.97 -11.52 -1.18
C VAL A 121 10.83 -12.67 -1.70
N SER A 122 12.11 -12.69 -1.26
CA SER A 122 13.04 -13.81 -1.46
C SER A 122 12.40 -15.18 -1.16
N SER A 123 12.77 -16.18 -1.96
CA SER A 123 12.35 -17.57 -1.80
C SER A 123 13.01 -18.19 -0.54
N LEU A 124 12.50 -19.38 -0.13
CA LEU A 124 13.01 -20.09 1.07
C LEU A 124 14.52 -20.42 0.93
N GLU A 125 14.92 -20.85 -0.28
CA GLU A 125 16.32 -21.18 -0.57
C GLU A 125 16.66 -20.84 -2.03
N HIS A 126 17.67 -19.98 -2.20
CA HIS A 126 18.29 -19.70 -3.50
C HIS A 126 19.78 -19.39 -3.26
N HIS A 127 20.66 -20.33 -3.65
CA HIS A 127 22.13 -20.15 -3.60
C HIS A 127 22.66 -19.44 -4.87
N HIS A 128 21.76 -18.75 -5.59
CA HIS A 128 22.12 -17.89 -6.73
C HIS A 128 21.64 -16.46 -6.47
N HIS A 129 22.13 -15.51 -7.29
CA HIS A 129 21.64 -14.12 -7.32
C HIS A 129 21.00 -13.87 -8.70
N HIS A 130 21.86 -13.66 -9.73
CA HIS A 130 21.45 -13.62 -11.15
C HIS A 130 22.65 -13.38 -12.08
N HIS A 131 23.39 -12.28 -11.81
CA HIS A 131 24.33 -11.63 -12.76
C HIS A 131 23.52 -11.02 -13.95
N MET A 1 -0.79 21.42 -6.95
CA MET A 1 -0.25 20.18 -7.56
C MET A 1 -1.09 18.94 -7.20
N GLN A 2 -2.28 19.18 -6.59
CA GLN A 2 -3.26 18.12 -6.24
C GLN A 2 -2.67 17.11 -5.23
N LEU A 3 -3.39 15.99 -5.00
CA LEU A 3 -2.93 14.94 -4.07
C LEU A 3 -1.81 14.14 -4.75
N GLN A 4 -0.61 14.22 -4.17
CA GLN A 4 0.60 13.53 -4.65
C GLN A 4 0.85 12.30 -3.74
N LEU A 5 1.46 11.23 -4.27
CA LEU A 5 1.80 10.01 -3.49
C LEU A 5 3.26 9.61 -3.75
N VAL A 6 4.12 9.81 -2.72
CA VAL A 6 5.56 9.42 -2.76
C VAL A 6 5.76 8.22 -1.82
N GLU A 7 5.98 7.04 -2.41
CA GLU A 7 6.07 5.76 -1.69
C GLU A 7 7.54 5.34 -1.45
N SER A 8 7.72 4.51 -0.41
CA SER A 8 9.02 3.96 0.03
C SER A 8 8.77 2.62 0.77
N GLY A 9 9.79 1.75 0.78
CA GLY A 9 9.74 0.47 1.51
C GLY A 9 9.96 -0.74 0.60
N GLY A 10 9.99 -0.49 -0.72
CA GLY A 10 10.19 -1.54 -1.72
C GLY A 10 11.62 -2.08 -1.74
N GLY A 11 11.87 -3.12 -0.93
CA GLY A 11 13.17 -3.81 -0.88
C GLY A 11 13.01 -5.31 -0.83
N LEU A 12 14.13 -6.03 -0.68
CA LEU A 12 14.16 -7.50 -0.66
C LEU A 12 14.11 -8.01 0.78
N VAL A 13 13.04 -8.76 1.11
CA VAL A 13 12.90 -9.50 2.37
C VAL A 13 12.75 -11.01 2.07
N GLN A 14 12.87 -11.83 3.11
CA GLN A 14 12.67 -13.29 3.04
C GLN A 14 11.17 -13.64 3.16
N ALA A 15 10.79 -14.78 2.56
CA ALA A 15 9.44 -15.37 2.73
C ALA A 15 9.27 -15.87 4.17
N GLY A 16 8.25 -15.33 4.85
CA GLY A 16 7.96 -15.63 6.25
C GLY A 16 8.17 -14.41 7.13
N GLY A 17 8.99 -13.47 6.65
CA GLY A 17 9.29 -12.23 7.36
C GLY A 17 8.22 -11.15 7.19
N SER A 18 8.55 -9.91 7.59
CA SER A 18 7.62 -8.77 7.56
C SER A 18 8.25 -7.58 6.81
N LEU A 19 7.37 -6.69 6.29
CA LEU A 19 7.77 -5.47 5.59
C LEU A 19 6.65 -4.44 5.74
N ARG A 20 7.02 -3.19 6.09
CA ARG A 20 6.07 -2.08 6.20
C ARG A 20 6.37 -1.04 5.11
N LEU A 21 5.34 -0.74 4.31
CA LEU A 21 5.39 0.31 3.29
C LEU A 21 4.98 1.66 3.93
N SER A 22 5.42 2.75 3.29
CA SER A 22 5.17 4.11 3.74
C SER A 22 4.92 5.00 2.52
N CYS A 23 3.90 5.86 2.58
CA CYS A 23 3.51 6.73 1.45
C CYS A 23 3.13 8.13 1.98
N VAL A 24 3.89 9.15 1.58
CA VAL A 24 3.63 10.54 1.98
C VAL A 24 2.56 11.14 1.06
N ALA A 25 1.46 11.62 1.66
CA ALA A 25 0.31 12.18 0.95
C ALA A 25 0.49 13.70 0.77
N SER A 26 0.86 14.08 -0.46
CA SER A 26 0.87 15.46 -0.97
C SER A 26 1.98 16.31 -0.31
N GLY A 27 3.02 15.63 0.22
CA GLY A 27 4.09 16.29 0.95
C GLY A 27 3.60 16.87 2.27
N ARG A 28 3.02 16.00 3.11
CA ARG A 28 2.50 16.34 4.45
C ARG A 28 1.39 17.41 4.37
N THR A 29 0.36 17.09 3.59
CA THR A 29 -0.81 17.95 3.34
C THR A 29 -2.09 17.10 3.40
N PHE A 30 -3.21 17.71 3.81
CA PHE A 30 -4.51 17.04 3.97
C PHE A 30 -5.40 17.40 2.77
N ARG A 31 -5.93 16.35 2.13
CA ARG A 31 -6.70 16.45 0.88
C ARG A 31 -7.34 15.09 0.57
N SER A 32 -6.63 14.00 0.89
CA SER A 32 -7.11 12.63 0.69
C SER A 32 -8.25 12.30 1.70
N ASN A 33 -9.50 12.31 1.18
CA ASN A 33 -10.70 11.91 1.94
C ASN A 33 -10.79 10.38 1.99
N ALA A 34 -10.36 9.75 0.90
CA ALA A 34 -10.30 8.30 0.74
C ALA A 34 -8.96 7.91 0.10
N MET A 35 -8.48 6.71 0.44
CA MET A 35 -7.20 6.13 -0.02
C MET A 35 -7.34 4.60 -0.05
N GLY A 36 -6.35 3.94 -0.67
CA GLY A 36 -6.27 2.48 -0.66
C GLY A 36 -4.86 2.01 -0.95
N TRP A 37 -4.66 0.69 -0.90
CA TRP A 37 -3.45 0.02 -1.38
C TRP A 37 -3.86 -1.00 -2.44
N PHE A 38 -3.13 -1.02 -3.53
CA PHE A 38 -3.22 -2.02 -4.59
C PHE A 38 -1.83 -2.66 -4.77
N ARG A 39 -1.81 -3.80 -5.46
CA ARG A 39 -0.56 -4.48 -5.85
C ARG A 39 -0.73 -4.98 -7.29
N GLN A 40 0.36 -5.07 -8.03
CA GLN A 40 0.31 -5.42 -9.45
C GLN A 40 1.63 -6.07 -9.86
N ALA A 41 1.58 -6.95 -10.85
CA ALA A 41 2.78 -7.55 -11.46
C ALA A 41 2.99 -6.89 -12.85
N PRO A 42 4.28 -6.68 -13.32
CA PRO A 42 4.57 -6.06 -14.64
C PRO A 42 3.88 -6.77 -15.84
N GLY A 43 2.80 -6.15 -16.37
CA GLY A 43 2.04 -6.69 -17.51
C GLY A 43 0.71 -7.30 -17.12
N LYS A 44 0.49 -7.51 -15.81
CA LYS A 44 -0.74 -8.09 -15.25
C LYS A 44 -1.68 -6.98 -14.74
N GLU A 45 -2.90 -7.39 -14.32
CA GLU A 45 -3.91 -6.51 -13.72
C GLU A 45 -3.56 -6.22 -12.24
N ARG A 46 -4.27 -5.27 -11.61
CA ARG A 46 -4.03 -4.88 -10.21
C ARG A 46 -5.07 -5.54 -9.28
N GLU A 47 -4.64 -5.78 -8.03
CA GLU A 47 -5.41 -6.42 -6.96
C GLU A 47 -5.65 -5.41 -5.83
N PHE A 48 -6.86 -5.42 -5.27
CA PHE A 48 -7.27 -4.54 -4.17
C PHE A 48 -6.80 -5.16 -2.84
N VAL A 49 -5.80 -4.50 -2.20
CA VAL A 49 -5.20 -4.97 -0.93
C VAL A 49 -5.95 -4.35 0.26
N ALA A 50 -6.09 -3.01 0.24
CA ALA A 50 -6.57 -2.23 1.41
C ALA A 50 -7.34 -0.97 0.98
N ALA A 51 -7.99 -0.33 1.99
CA ALA A 51 -8.72 0.93 1.84
C ALA A 51 -8.64 1.73 3.15
N ILE A 52 -8.06 2.94 3.08
CA ILE A 52 -7.92 3.84 4.24
C ILE A 52 -8.63 5.16 3.93
N ARG A 53 -9.66 5.49 4.69
CA ARG A 53 -10.37 6.78 4.59
C ARG A 53 -9.80 7.73 5.64
N TRP A 54 -10.29 8.97 5.64
CA TRP A 54 -10.09 9.90 6.76
C TRP A 54 -11.09 9.54 7.88
N SER A 55 -12.26 9.03 7.45
CA SER A 55 -13.34 8.58 8.33
C SER A 55 -14.33 7.70 7.52
N GLY A 56 -14.98 6.74 8.20
CA GLY A 56 -16.03 5.90 7.61
C GLY A 56 -15.61 4.46 7.36
N GLY A 57 -14.32 4.14 7.52
CA GLY A 57 -13.83 2.76 7.32
C GLY A 57 -12.40 2.61 7.79
N SER A 58 -11.47 3.01 6.90
CA SER A 58 -10.01 3.13 7.19
C SER A 58 -9.35 1.77 7.50
N THR A 59 -9.99 0.68 7.06
CA THR A 59 -9.58 -0.69 7.37
C THR A 59 -10.03 -1.59 6.21
N TYR A 60 -9.09 -2.35 5.64
CA TYR A 60 -9.40 -3.37 4.63
C TYR A 60 -8.18 -4.28 4.44
N TYR A 61 -8.44 -5.58 4.49
CA TYR A 61 -7.50 -6.66 4.16
C TYR A 61 -8.30 -7.95 3.96
N ALA A 62 -7.79 -8.86 3.10
CA ALA A 62 -8.43 -10.15 2.80
C ALA A 62 -8.40 -11.07 4.04
N ASP A 63 -9.35 -12.03 4.11
CA ASP A 63 -9.49 -12.95 5.27
C ASP A 63 -8.25 -13.86 5.42
N SER A 64 -7.63 -14.19 4.28
CA SER A 64 -6.43 -15.04 4.22
C SER A 64 -5.19 -14.33 4.81
N VAL A 65 -5.12 -12.99 4.63
CA VAL A 65 -3.98 -12.16 5.09
C VAL A 65 -4.34 -11.38 6.39
N LYS A 66 -5.59 -11.57 6.86
CA LYS A 66 -6.17 -10.86 8.02
C LYS A 66 -5.34 -11.06 9.31
N GLY A 67 -5.12 -9.95 10.04
CA GLY A 67 -4.39 -9.95 11.31
C GLY A 67 -2.88 -9.79 11.15
N ARG A 68 -2.36 -10.25 10.01
CA ARG A 68 -0.93 -10.13 9.65
C ARG A 68 -0.72 -8.81 8.89
N PHE A 69 -1.54 -8.64 7.84
CA PHE A 69 -1.60 -7.43 7.03
C PHE A 69 -2.57 -6.46 7.71
N THR A 70 -2.06 -5.26 8.02
CA THR A 70 -2.79 -4.19 8.73
C THR A 70 -2.29 -2.84 8.18
N ILE A 71 -3.17 -1.83 8.20
CA ILE A 71 -2.89 -0.49 7.66
C ILE A 71 -3.05 0.57 8.74
N SER A 72 -2.35 1.70 8.56
CA SER A 72 -2.36 2.83 9.51
C SER A 72 -2.22 4.16 8.75
N ARG A 73 -3.06 5.15 9.09
CA ARG A 73 -2.93 6.52 8.58
C ARG A 73 -2.53 7.44 9.73
N ASP A 74 -1.50 8.26 9.51
CA ASP A 74 -1.10 9.32 10.44
C ASP A 74 -1.30 10.66 9.73
N ASN A 75 -2.20 11.51 10.22
CA ASN A 75 -2.53 12.80 9.56
C ASN A 75 -1.59 13.94 10.03
N ALA A 76 -0.79 13.68 11.12
CA ALA A 76 0.17 14.67 11.67
C ALA A 76 1.29 14.99 10.66
N LYS A 77 1.82 13.95 9.98
CA LYS A 77 2.75 14.14 8.83
C LYS A 77 2.16 13.54 7.53
N ASN A 78 0.83 13.25 7.55
CA ASN A 78 0.06 12.74 6.39
C ASN A 78 0.79 11.62 5.66
N THR A 79 1.01 10.50 6.36
CA THR A 79 1.73 9.34 5.83
C THR A 79 0.92 8.06 6.11
N VAL A 80 0.78 7.22 5.07
CA VAL A 80 0.01 5.97 5.11
C VAL A 80 1.00 4.80 5.21
N TYR A 81 0.62 3.77 5.96
CA TYR A 81 1.47 2.60 6.22
C TYR A 81 0.74 1.31 5.84
N LEU A 82 1.49 0.35 5.28
CA LEU A 82 0.99 -1.00 4.97
C LEU A 82 1.95 -2.02 5.63
N GLN A 83 1.58 -2.50 6.82
CA GLN A 83 2.36 -3.50 7.55
C GLN A 83 1.90 -4.90 7.15
N MET A 84 2.74 -5.60 6.39
CA MET A 84 2.47 -6.97 5.92
C MET A 84 3.38 -7.94 6.67
N ASN A 85 2.78 -8.89 7.41
CA ASN A 85 3.52 -9.89 8.22
C ASN A 85 3.33 -11.30 7.63
N SER A 86 4.37 -12.15 7.78
CA SER A 86 4.42 -13.51 7.22
C SER A 86 4.23 -13.47 5.69
N LEU A 87 5.24 -12.91 5.02
CA LEU A 87 5.23 -12.68 3.57
C LEU A 87 5.53 -13.96 2.80
N LYS A 88 5.17 -13.94 1.53
CA LYS A 88 5.15 -15.13 0.66
C LYS A 88 5.94 -14.80 -0.63
N PRO A 89 6.65 -15.80 -1.26
CA PRO A 89 7.58 -15.53 -2.40
C PRO A 89 6.92 -14.84 -3.61
N GLU A 90 5.60 -15.10 -3.80
CA GLU A 90 4.82 -14.55 -4.92
C GLU A 90 4.41 -13.08 -4.67
N ASP A 91 4.77 -12.54 -3.48
CA ASP A 91 4.57 -11.10 -3.13
C ASP A 91 5.79 -10.26 -3.60
N THR A 92 6.48 -10.74 -4.64
CA THR A 92 7.44 -9.94 -5.39
C THR A 92 6.68 -9.21 -6.51
N ALA A 93 6.23 -7.98 -6.21
CA ALA A 93 5.33 -7.20 -7.07
C ALA A 93 5.44 -5.70 -6.74
N VAL A 94 4.86 -4.86 -7.61
CA VAL A 94 4.78 -3.41 -7.39
C VAL A 94 3.50 -3.06 -6.60
N TYR A 95 3.68 -2.72 -5.32
CA TYR A 95 2.60 -2.28 -4.43
C TYR A 95 2.48 -0.75 -4.55
N LEU A 96 1.34 -0.29 -5.09
CA LEU A 96 1.07 1.15 -5.29
C LEU A 96 -0.05 1.60 -4.35
N CYS A 97 0.03 2.85 -3.90
CA CYS A 97 -1.00 3.48 -3.08
C CYS A 97 -2.01 4.18 -4.00
N ALA A 98 -3.20 4.43 -3.49
CA ALA A 98 -4.28 5.12 -4.21
C ALA A 98 -4.90 6.17 -3.29
N ALA A 99 -5.58 7.15 -3.89
CA ALA A 99 -6.24 8.25 -3.16
C ALA A 99 -7.43 8.79 -3.96
N GLY A 100 -8.23 9.65 -3.32
CA GLY A 100 -9.36 10.30 -3.97
C GLY A 100 -10.48 10.61 -2.99
N VAL A 101 -11.69 10.70 -3.52
CA VAL A 101 -12.94 10.87 -2.74
C VAL A 101 -13.99 9.89 -3.33
N TRP A 102 -14.77 9.25 -2.45
CA TRP A 102 -15.90 8.40 -2.88
C TRP A 102 -16.99 9.26 -3.54
N ARG A 103 -17.69 8.67 -4.50
CA ARG A 103 -18.68 9.36 -5.36
C ARG A 103 -19.97 9.72 -4.59
N SER A 104 -20.86 10.47 -5.26
CA SER A 104 -22.21 10.80 -4.76
C SER A 104 -23.07 9.53 -4.67
N SER A 105 -22.72 8.51 -5.47
CA SER A 105 -23.32 7.17 -5.44
C SER A 105 -22.91 6.41 -4.15
N GLY A 106 -21.76 6.80 -3.58
CA GLY A 106 -21.15 6.11 -2.43
C GLY A 106 -20.03 5.18 -2.84
N TRP A 107 -19.94 4.90 -4.16
CA TRP A 107 -18.89 4.05 -4.75
C TRP A 107 -17.52 4.72 -4.61
N ASP A 108 -16.62 4.11 -3.83
CA ASP A 108 -15.25 4.58 -3.67
C ASP A 108 -14.45 4.32 -4.96
N THR A 109 -13.55 5.25 -5.29
CA THR A 109 -12.83 5.25 -6.57
C THR A 109 -11.39 5.81 -6.37
N PRO A 110 -10.33 5.11 -6.90
CA PRO A 110 -8.95 5.64 -6.90
C PRO A 110 -8.78 6.80 -7.93
N ASP A 111 -9.16 8.02 -7.50
CA ASP A 111 -9.07 9.25 -8.31
C ASP A 111 -7.60 9.65 -8.55
N TYR A 112 -6.71 9.12 -7.70
CA TYR A 112 -5.26 9.27 -7.80
C TYR A 112 -4.61 7.90 -7.58
N TRP A 113 -3.42 7.70 -8.19
CA TRP A 113 -2.58 6.52 -7.95
C TRP A 113 -1.17 6.98 -7.55
N GLY A 114 -0.41 6.05 -6.96
CA GLY A 114 0.95 6.32 -6.52
C GLY A 114 1.98 5.94 -7.55
N GLN A 115 3.25 6.22 -7.23
CA GLN A 115 4.40 5.90 -8.10
C GLN A 115 4.60 4.38 -8.22
N GLY A 116 4.15 3.65 -7.20
CA GLY A 116 4.30 2.20 -7.13
C GLY A 116 5.69 1.80 -6.67
N THR A 117 5.80 1.25 -5.46
CA THR A 117 7.08 0.81 -4.90
C THR A 117 7.24 -0.72 -5.08
N GLN A 118 8.30 -1.12 -5.84
CA GLN A 118 8.60 -2.52 -6.18
C GLN A 118 9.21 -3.26 -4.98
N VAL A 119 8.40 -4.11 -4.32
CA VAL A 119 8.87 -4.99 -3.25
C VAL A 119 9.32 -6.34 -3.84
N THR A 120 10.26 -7.00 -3.19
CA THR A 120 10.74 -8.34 -3.56
C THR A 120 10.78 -9.23 -2.32
N VAL A 121 9.84 -10.15 -2.20
CA VAL A 121 9.93 -11.19 -1.16
C VAL A 121 10.65 -12.41 -1.77
N SER A 122 11.98 -12.49 -1.53
CA SER A 122 12.79 -13.64 -1.99
C SER A 122 12.41 -14.93 -1.21
N SER A 123 12.44 -16.08 -1.92
CA SER A 123 11.97 -17.38 -1.39
C SER A 123 12.87 -17.89 -0.24
N LEU A 124 12.48 -17.56 1.01
CA LEU A 124 13.19 -17.99 2.26
C LEU A 124 14.65 -17.47 2.34
N GLU A 125 15.02 -16.51 1.47
CA GLU A 125 16.38 -15.95 1.43
C GLU A 125 16.47 -14.70 2.32
N HIS A 126 17.01 -14.90 3.54
CA HIS A 126 17.37 -13.80 4.45
C HIS A 126 18.70 -13.20 3.93
N HIS A 127 18.56 -12.36 2.88
CA HIS A 127 19.69 -11.78 2.14
C HIS A 127 20.42 -10.75 3.02
N HIS A 128 19.60 -9.91 3.71
CA HIS A 128 20.06 -8.96 4.74
C HIS A 128 21.04 -7.91 4.18
N HIS A 129 20.51 -6.75 3.78
CA HIS A 129 21.31 -5.60 3.31
C HIS A 129 20.50 -4.30 3.51
N HIS A 130 21.03 -3.39 4.33
CA HIS A 130 20.44 -2.04 4.56
C HIS A 130 21.12 -1.02 3.62
N HIS A 131 20.30 -0.37 2.76
CA HIS A 131 20.75 0.62 1.75
C HIS A 131 21.75 -0.02 0.73
N MET A 1 -2.54 22.34 -7.23
CA MET A 1 -1.46 21.34 -7.11
C MET A 1 -2.09 19.97 -6.79
N GLN A 2 -2.10 19.06 -7.77
CA GLN A 2 -2.80 17.75 -7.67
C GLN A 2 -2.17 16.79 -6.64
N LEU A 3 -2.78 15.61 -6.48
CA LEU A 3 -2.36 14.59 -5.51
C LEU A 3 -0.94 14.06 -5.82
N GLN A 4 -0.01 14.29 -4.87
CA GLN A 4 1.33 13.71 -4.89
C GLN A 4 1.35 12.58 -3.85
N LEU A 5 1.81 11.39 -4.26
CA LEU A 5 1.94 10.22 -3.38
C LEU A 5 3.37 9.69 -3.49
N VAL A 6 4.09 9.61 -2.34
CA VAL A 6 5.46 9.07 -2.29
C VAL A 6 5.46 7.78 -1.45
N GLU A 7 5.50 6.62 -2.14
CA GLU A 7 5.54 5.30 -1.50
C GLU A 7 6.99 4.91 -1.20
N SER A 8 7.21 4.22 -0.08
CA SER A 8 8.54 3.83 0.44
C SER A 8 8.45 2.47 1.16
N GLY A 9 9.62 1.89 1.48
CA GLY A 9 9.71 0.57 2.14
C GLY A 9 9.99 -0.56 1.14
N GLY A 10 10.31 -0.18 -0.11
CA GLY A 10 10.60 -1.13 -1.17
C GLY A 10 11.97 -1.79 -1.01
N GLY A 11 11.95 -3.09 -0.70
CA GLY A 11 13.17 -3.87 -0.55
C GLY A 11 12.90 -5.36 -0.69
N LEU A 12 13.96 -6.16 -0.49
CA LEU A 12 13.87 -7.62 -0.54
C LEU A 12 13.59 -8.16 0.87
N VAL A 13 12.54 -8.97 1.02
CA VAL A 13 12.25 -9.71 2.26
C VAL A 13 12.08 -11.21 1.94
N GLN A 14 12.26 -12.05 2.94
CA GLN A 14 12.03 -13.50 2.85
C GLN A 14 10.52 -13.80 2.89
N ALA A 15 10.10 -14.87 2.19
CA ALA A 15 8.73 -15.40 2.27
C ALA A 15 8.44 -15.91 3.69
N GLY A 16 7.54 -15.22 4.39
CA GLY A 16 7.24 -15.51 5.80
C GLY A 16 7.68 -14.38 6.73
N GLY A 17 8.65 -13.55 6.26
CA GLY A 17 9.07 -12.36 6.99
C GLY A 17 8.04 -11.22 6.93
N SER A 18 8.37 -10.08 7.54
CA SER A 18 7.46 -8.91 7.63
C SER A 18 8.12 -7.66 7.02
N LEU A 19 7.29 -6.75 6.49
CA LEU A 19 7.73 -5.51 5.82
C LEU A 19 6.64 -4.45 5.97
N ARG A 20 7.04 -3.22 6.35
CA ARG A 20 6.13 -2.07 6.49
C ARG A 20 6.40 -1.07 5.36
N LEU A 21 5.32 -0.72 4.64
CA LEU A 21 5.33 0.30 3.58
C LEU A 21 4.83 1.63 4.17
N SER A 22 5.17 2.74 3.49
CA SER A 22 4.74 4.09 3.91
C SER A 22 4.55 4.99 2.67
N CYS A 23 3.36 5.58 2.51
CA CYS A 23 3.04 6.52 1.44
C CYS A 23 2.71 7.89 2.04
N VAL A 24 3.62 8.86 1.84
CA VAL A 24 3.44 10.24 2.33
C VAL A 24 2.63 11.04 1.28
N ALA A 25 1.53 11.65 1.75
CA ALA A 25 0.58 12.38 0.88
C ALA A 25 0.99 13.85 0.74
N SER A 26 1.63 14.15 -0.40
CA SER A 26 1.95 15.52 -0.87
C SER A 26 2.88 16.26 0.12
N GLY A 27 3.85 15.51 0.66
CA GLY A 27 4.84 16.04 1.61
C GLY A 27 4.31 16.04 3.04
N ARG A 28 3.22 16.79 3.25
CA ARG A 28 2.48 16.82 4.53
C ARG A 28 1.06 17.41 4.32
N THR A 29 0.71 17.69 3.06
CA THR A 29 -0.51 18.42 2.69
C THR A 29 -1.75 17.49 2.77
N PHE A 30 -2.89 18.05 3.18
CA PHE A 30 -4.15 17.30 3.34
C PHE A 30 -5.10 17.65 2.18
N ARG A 31 -5.52 16.62 1.45
CA ARG A 31 -6.60 16.69 0.44
C ARG A 31 -7.10 15.27 0.13
N SER A 32 -6.27 14.26 0.49
CA SER A 32 -6.62 12.84 0.39
C SER A 32 -7.82 12.53 1.33
N ASN A 33 -8.99 12.30 0.73
CA ASN A 33 -10.22 11.90 1.45
C ASN A 33 -10.19 10.38 1.71
N ALA A 34 -9.66 9.66 0.73
CA ALA A 34 -9.47 8.21 0.75
C ALA A 34 -8.11 7.89 0.11
N MET A 35 -7.46 6.80 0.57
CA MET A 35 -6.22 6.27 -0.02
C MET A 35 -6.28 4.74 0.04
N GLY A 36 -6.25 4.06 -1.12
CA GLY A 36 -6.26 2.60 -1.19
C GLY A 36 -4.93 2.06 -1.70
N TRP A 37 -4.49 0.91 -1.16
CA TRP A 37 -3.30 0.20 -1.64
C TRP A 37 -3.72 -0.76 -2.75
N PHE A 38 -3.10 -0.61 -3.92
CA PHE A 38 -3.28 -1.50 -5.07
C PHE A 38 -1.91 -2.10 -5.43
N ARG A 39 -1.85 -3.43 -5.67
CA ARG A 39 -0.60 -4.08 -6.10
C ARG A 39 -0.66 -4.39 -7.59
N GLN A 40 0.34 -3.88 -8.32
CA GLN A 40 0.50 -4.12 -9.75
C GLN A 40 1.63 -5.13 -9.88
N ALA A 41 1.41 -6.21 -10.63
CA ALA A 41 2.34 -7.36 -10.66
C ALA A 41 2.74 -7.69 -12.12
N PRO A 42 3.93 -8.33 -12.36
CA PRO A 42 4.38 -8.75 -13.71
C PRO A 42 3.31 -9.61 -14.45
N GLY A 43 2.52 -8.93 -15.31
CA GLY A 43 1.48 -9.57 -16.12
C GLY A 43 0.08 -9.57 -15.48
N LYS A 44 0.02 -9.32 -14.16
CA LYS A 44 -1.24 -9.28 -13.40
C LYS A 44 -1.61 -7.82 -13.06
N GLU A 45 -2.90 -7.50 -13.19
CA GLU A 45 -3.44 -6.13 -13.07
C GLU A 45 -3.24 -5.54 -11.64
N ARG A 46 -3.38 -4.20 -11.53
CA ARG A 46 -3.48 -3.52 -10.23
C ARG A 46 -4.68 -4.08 -9.45
N GLU A 47 -4.41 -4.60 -8.25
CA GLU A 47 -5.40 -5.33 -7.45
C GLU A 47 -5.66 -4.57 -6.15
N PHE A 48 -6.94 -4.33 -5.87
CA PHE A 48 -7.39 -3.64 -4.65
C PHE A 48 -7.07 -4.52 -3.41
N VAL A 49 -6.05 -4.07 -2.64
CA VAL A 49 -5.55 -4.80 -1.45
C VAL A 49 -6.24 -4.28 -0.18
N ALA A 50 -6.14 -2.95 0.02
CA ALA A 50 -6.60 -2.29 1.26
C ALA A 50 -7.27 -0.95 0.95
N ALA A 51 -8.01 -0.42 1.94
CA ALA A 51 -8.79 0.83 1.81
C ALA A 51 -8.66 1.65 3.11
N ILE A 52 -8.19 2.90 2.96
CA ILE A 52 -8.09 3.87 4.04
C ILE A 52 -9.17 4.93 3.81
N ARG A 53 -10.06 5.03 4.80
CA ARG A 53 -11.23 5.91 4.76
C ARG A 53 -11.10 6.88 5.95
N TRP A 54 -10.79 8.16 5.67
CA TRP A 54 -10.59 9.19 6.72
C TRP A 54 -11.94 9.52 7.44
N SER A 55 -13.05 8.97 6.90
CA SER A 55 -14.41 9.06 7.51
C SER A 55 -14.52 8.23 8.82
N GLY A 56 -13.43 7.53 9.21
CA GLY A 56 -13.41 6.71 10.43
C GLY A 56 -13.38 5.21 10.12
N GLY A 57 -13.02 4.86 8.86
CA GLY A 57 -12.87 3.46 8.44
C GLY A 57 -11.43 2.99 8.55
N SER A 58 -10.69 3.10 7.43
CA SER A 58 -9.23 2.82 7.36
C SER A 58 -8.86 1.38 7.72
N THR A 59 -9.70 0.42 7.27
CA THR A 59 -9.55 -1.00 7.61
C THR A 59 -10.09 -1.83 6.42
N TYR A 60 -9.23 -2.68 5.85
CA TYR A 60 -9.57 -3.55 4.72
C TYR A 60 -8.41 -4.53 4.51
N TYR A 61 -8.75 -5.82 4.48
CA TYR A 61 -7.77 -6.92 4.33
C TYR A 61 -8.53 -8.19 3.93
N ALA A 62 -7.90 -9.02 3.09
CA ALA A 62 -8.45 -10.33 2.68
C ALA A 62 -8.44 -11.30 3.87
N ASP A 63 -9.36 -12.29 3.84
CA ASP A 63 -9.51 -13.29 4.93
C ASP A 63 -8.21 -14.11 5.11
N SER A 64 -7.54 -14.38 3.98
CA SER A 64 -6.27 -15.14 3.92
C SER A 64 -5.14 -14.41 4.68
N VAL A 65 -5.15 -13.06 4.63
CA VAL A 65 -4.11 -12.20 5.25
C VAL A 65 -4.67 -11.47 6.49
N LYS A 66 -5.78 -12.00 7.04
CA LYS A 66 -6.51 -11.42 8.20
C LYS A 66 -5.60 -11.28 9.42
N GLY A 67 -5.38 -10.02 9.85
CA GLY A 67 -4.58 -9.71 11.03
C GLY A 67 -3.09 -9.54 10.73
N ARG A 68 -2.60 -10.22 9.68
CA ARG A 68 -1.20 -10.11 9.25
C ARG A 68 -0.99 -8.79 8.49
N PHE A 69 -1.72 -8.65 7.39
CA PHE A 69 -1.71 -7.43 6.57
C PHE A 69 -2.71 -6.43 7.20
N THR A 70 -2.19 -5.26 7.56
CA THR A 70 -2.90 -4.23 8.31
C THR A 70 -2.46 -2.85 7.79
N ILE A 71 -3.34 -1.85 7.93
CA ILE A 71 -3.08 -0.46 7.53
C ILE A 71 -3.42 0.50 8.68
N SER A 72 -2.76 1.66 8.66
CA SER A 72 -2.99 2.77 9.57
C SER A 72 -2.64 4.08 8.83
N ARG A 73 -3.48 5.10 8.97
CA ARG A 73 -3.18 6.44 8.44
C ARG A 73 -2.92 7.39 9.61
N ASP A 74 -1.74 8.01 9.60
CA ASP A 74 -1.41 9.11 10.50
C ASP A 74 -1.79 10.42 9.80
N ASN A 75 -2.56 11.26 10.50
CA ASN A 75 -3.07 12.54 9.95
C ASN A 75 -2.06 13.68 10.17
N ALA A 76 -1.24 13.55 11.24
CA ALA A 76 -0.34 14.63 11.71
C ALA A 76 0.73 14.99 10.67
N LYS A 77 1.31 14.00 9.96
CA LYS A 77 2.22 14.27 8.81
C LYS A 77 1.65 13.74 7.48
N ASN A 78 0.40 13.20 7.53
CA ASN A 78 -0.29 12.59 6.36
C ASN A 78 0.57 11.50 5.71
N THR A 79 0.76 10.38 6.44
CA THR A 79 1.50 9.22 5.95
C THR A 79 0.72 7.93 6.28
N VAL A 80 0.55 7.07 5.27
CA VAL A 80 -0.22 5.82 5.38
C VAL A 80 0.75 4.63 5.41
N TYR A 81 0.71 3.85 6.48
CA TYR A 81 1.55 2.66 6.66
C TYR A 81 0.77 1.39 6.31
N LEU A 82 1.41 0.49 5.54
CA LEU A 82 0.87 -0.84 5.20
C LEU A 82 1.81 -1.89 5.83
N GLN A 83 1.41 -2.43 7.01
CA GLN A 83 2.18 -3.48 7.68
C GLN A 83 1.78 -4.84 7.09
N MET A 84 2.61 -5.35 6.18
CA MET A 84 2.45 -6.68 5.58
C MET A 84 3.27 -7.68 6.41
N ASN A 85 2.59 -8.55 7.16
CA ASN A 85 3.24 -9.61 7.95
C ASN A 85 3.06 -10.94 7.23
N SER A 86 4.16 -11.70 7.10
CA SER A 86 4.21 -12.96 6.37
C SER A 86 3.88 -12.71 4.89
N LEU A 87 4.81 -12.04 4.20
CA LEU A 87 4.69 -11.78 2.77
C LEU A 87 4.90 -13.09 2.00
N LYS A 88 4.03 -13.30 1.01
CA LYS A 88 4.11 -14.44 0.10
C LYS A 88 5.19 -14.13 -0.95
N PRO A 89 5.87 -15.16 -1.56
CA PRO A 89 6.86 -14.92 -2.66
C PRO A 89 6.16 -14.28 -3.90
N GLU A 90 4.84 -14.44 -3.93
CA GLU A 90 3.89 -13.91 -4.93
C GLU A 90 3.83 -12.36 -4.90
N ASP A 91 4.26 -11.77 -3.76
CA ASP A 91 4.35 -10.31 -3.57
C ASP A 91 5.69 -9.75 -4.12
N THR A 92 6.24 -10.38 -5.18
CA THR A 92 7.25 -9.75 -6.03
C THR A 92 6.52 -8.86 -7.05
N ALA A 93 6.36 -7.57 -6.69
CA ALA A 93 5.48 -6.63 -7.41
C ALA A 93 5.81 -5.17 -7.03
N VAL A 94 5.00 -4.24 -7.56
CA VAL A 94 5.06 -2.82 -7.19
C VAL A 94 3.76 -2.44 -6.47
N TYR A 95 3.86 -2.21 -5.16
CA TYR A 95 2.73 -1.76 -4.33
C TYR A 95 2.61 -0.24 -4.42
N LEU A 96 1.57 0.24 -5.10
CA LEU A 96 1.29 1.66 -5.25
C LEU A 96 0.05 2.02 -4.41
N CYS A 97 0.03 3.24 -3.88
CA CYS A 97 -1.15 3.78 -3.22
C CYS A 97 -1.88 4.70 -4.22
N ALA A 98 -3.17 4.92 -3.99
CA ALA A 98 -4.02 5.73 -4.86
C ALA A 98 -5.00 6.53 -4.02
N ALA A 99 -5.07 7.84 -4.24
CA ALA A 99 -5.89 8.76 -3.43
C ALA A 99 -7.08 9.26 -4.26
N GLY A 100 -8.24 9.39 -3.58
CA GLY A 100 -9.47 9.81 -4.21
C GLY A 100 -10.50 10.34 -3.22
N VAL A 101 -11.78 10.33 -3.65
CA VAL A 101 -12.92 10.85 -2.87
C VAL A 101 -13.95 9.73 -2.58
N TRP A 102 -15.12 10.11 -2.04
CA TRP A 102 -16.25 9.17 -1.81
C TRP A 102 -17.24 9.27 -2.97
N ARG A 103 -17.54 8.13 -3.63
CA ARG A 103 -18.56 8.06 -4.70
C ARG A 103 -19.99 8.03 -4.10
N SER A 104 -20.99 8.33 -4.95
CA SER A 104 -22.43 8.33 -4.57
C SER A 104 -22.94 6.90 -4.37
N SER A 105 -22.25 5.93 -5.00
CA SER A 105 -22.47 4.49 -4.79
C SER A 105 -21.90 4.05 -3.41
N GLY A 106 -20.94 4.84 -2.88
CA GLY A 106 -20.21 4.51 -1.66
C GLY A 106 -18.92 3.74 -1.94
N TRP A 107 -18.70 3.43 -3.23
CA TRP A 107 -17.56 2.64 -3.71
C TRP A 107 -16.28 3.50 -3.77
N ASP A 108 -15.11 2.84 -3.61
CA ASP A 108 -13.79 3.51 -3.61
C ASP A 108 -13.36 3.86 -5.05
N THR A 109 -12.59 4.94 -5.20
CA THR A 109 -12.16 5.45 -6.50
C THR A 109 -10.67 5.90 -6.44
N PRO A 110 -9.75 5.20 -7.18
CA PRO A 110 -8.33 5.63 -7.33
C PRO A 110 -8.19 6.80 -8.33
N ASP A 111 -8.66 8.00 -7.92
CA ASP A 111 -8.67 9.22 -8.78
C ASP A 111 -7.25 9.58 -9.26
N TYR A 112 -6.26 9.42 -8.36
CA TYR A 112 -4.84 9.66 -8.67
C TYR A 112 -4.02 8.53 -8.05
N TRP A 113 -3.22 7.83 -8.87
CA TRP A 113 -2.29 6.80 -8.41
C TRP A 113 -0.94 7.46 -8.02
N GLY A 114 -0.13 6.72 -7.25
CA GLY A 114 1.17 7.19 -6.81
C GLY A 114 2.31 6.73 -7.71
N GLN A 115 3.54 6.86 -7.20
CA GLN A 115 4.76 6.50 -7.94
C GLN A 115 4.99 4.97 -7.89
N GLY A 116 4.67 4.38 -6.72
CA GLY A 116 4.82 2.94 -6.49
C GLY A 116 6.12 2.61 -5.77
N THR A 117 6.05 1.69 -4.80
CA THR A 117 7.22 1.14 -4.12
C THR A 117 7.46 -0.32 -4.57
N GLN A 118 8.64 -0.55 -5.18
CA GLN A 118 9.02 -1.86 -5.74
C GLN A 118 9.51 -2.79 -4.62
N VAL A 119 8.68 -3.79 -4.29
CA VAL A 119 8.99 -4.84 -3.31
C VAL A 119 9.26 -6.16 -4.04
N THR A 120 10.21 -6.94 -3.53
CA THR A 120 10.47 -8.31 -4.02
C THR A 120 10.58 -9.21 -2.81
N VAL A 121 9.72 -10.23 -2.74
CA VAL A 121 9.77 -11.22 -1.67
C VAL A 121 10.46 -12.49 -2.18
N SER A 122 11.74 -12.71 -1.76
CA SER A 122 12.47 -13.96 -2.04
C SER A 122 11.70 -15.21 -1.56
N SER A 123 11.75 -16.28 -2.37
CA SER A 123 11.08 -17.57 -2.07
C SER A 123 11.96 -18.43 -1.13
N LEU A 124 12.24 -17.86 0.07
CA LEU A 124 13.19 -18.39 1.08
C LEU A 124 14.66 -18.30 0.61
N GLU A 125 14.97 -17.37 -0.32
CA GLU A 125 16.37 -16.99 -0.62
C GLU A 125 16.79 -15.87 0.36
N HIS A 126 17.29 -16.27 1.55
CA HIS A 126 17.85 -15.32 2.52
C HIS A 126 19.22 -14.87 2.02
N HIS A 127 19.19 -13.87 1.14
CA HIS A 127 20.35 -13.43 0.36
C HIS A 127 20.22 -11.92 0.16
N HIS A 128 21.14 -11.13 0.74
CA HIS A 128 21.03 -9.66 0.77
C HIS A 128 21.30 -9.05 -0.62
N HIS A 129 20.21 -8.90 -1.42
CA HIS A 129 20.25 -8.30 -2.77
C HIS A 129 20.24 -6.77 -2.70
N HIS A 130 21.43 -6.19 -2.61
CA HIS A 130 21.65 -4.75 -2.85
C HIS A 130 21.62 -4.50 -4.38
N HIS A 131 21.77 -5.59 -5.16
CA HIS A 131 21.49 -5.64 -6.61
C HIS A 131 20.52 -6.82 -6.87
N MET A 1 -2.00 21.03 -7.20
CA MET A 1 -3.44 20.64 -7.22
C MET A 1 -3.58 19.10 -7.24
N GLN A 2 -2.71 18.43 -8.01
CA GLN A 2 -2.68 16.96 -8.11
C GLN A 2 -2.22 16.32 -6.79
N LEU A 3 -2.84 15.18 -6.42
CA LEU A 3 -2.44 14.43 -5.21
C LEU A 3 -1.11 13.70 -5.47
N GLN A 4 -0.05 14.17 -4.78
CA GLN A 4 1.26 13.54 -4.84
C GLN A 4 1.34 12.46 -3.75
N LEU A 5 1.44 11.21 -4.18
CA LEU A 5 1.59 10.05 -3.30
C LEU A 5 3.00 9.49 -3.50
N VAL A 6 3.80 9.41 -2.42
CA VAL A 6 5.16 8.85 -2.46
C VAL A 6 5.17 7.50 -1.71
N GLU A 7 5.13 6.41 -2.49
CA GLU A 7 5.14 5.04 -1.95
C GLU A 7 6.59 4.59 -1.75
N SER A 8 6.93 4.30 -0.50
CA SER A 8 8.31 3.97 -0.09
C SER A 8 8.28 2.66 0.72
N GLY A 9 9.22 1.75 0.42
CA GLY A 9 9.32 0.45 1.08
C GLY A 9 9.70 -0.69 0.12
N GLY A 10 10.07 -0.33 -1.12
CA GLY A 10 10.47 -1.31 -2.13
C GLY A 10 11.85 -1.90 -1.87
N GLY A 11 11.86 -3.02 -1.11
CA GLY A 11 13.11 -3.74 -0.79
C GLY A 11 12.92 -5.24 -0.83
N LEU A 12 14.05 -5.97 -0.70
CA LEU A 12 14.08 -7.42 -0.71
C LEU A 12 13.97 -7.93 0.75
N VAL A 13 12.97 -8.77 1.01
CA VAL A 13 12.83 -9.50 2.30
C VAL A 13 12.68 -11.00 2.01
N GLN A 14 13.12 -11.85 2.95
CA GLN A 14 13.04 -13.31 2.79
C GLN A 14 11.60 -13.80 3.08
N ALA A 15 11.24 -14.95 2.48
CA ALA A 15 9.97 -15.65 2.75
C ALA A 15 9.84 -16.00 4.25
N GLY A 16 8.87 -15.37 4.91
CA GLY A 16 8.66 -15.49 6.36
C GLY A 16 9.10 -14.24 7.12
N GLY A 17 9.35 -13.15 6.38
CA GLY A 17 9.75 -11.86 6.96
C GLY A 17 8.61 -10.83 6.96
N SER A 18 8.95 -9.57 7.23
CA SER A 18 7.99 -8.44 7.22
C SER A 18 8.57 -7.26 6.42
N LEU A 19 7.69 -6.39 5.92
CA LEU A 19 8.06 -5.21 5.14
C LEU A 19 6.90 -4.19 5.18
N ARG A 20 7.19 -3.00 5.71
CA ARG A 20 6.17 -1.93 5.85
C ARG A 20 6.30 -0.91 4.73
N LEU A 21 5.19 -0.66 4.02
CA LEU A 21 5.06 0.42 3.04
C LEU A 21 4.62 1.72 3.75
N SER A 22 4.90 2.83 3.10
CA SER A 22 4.53 4.17 3.54
C SER A 22 4.12 4.99 2.31
N CYS A 23 3.20 5.94 2.48
CA CYS A 23 2.73 6.83 1.40
C CYS A 23 2.65 8.25 1.93
N VAL A 24 3.66 9.06 1.59
CA VAL A 24 3.76 10.45 2.04
C VAL A 24 2.93 11.33 1.10
N ALA A 25 1.90 11.98 1.67
CA ALA A 25 0.93 12.75 0.88
C ALA A 25 1.41 14.21 0.73
N SER A 26 2.03 14.47 -0.45
CA SER A 26 2.43 15.83 -0.92
C SER A 26 3.27 16.59 0.14
N GLY A 27 4.30 15.90 0.68
CA GLY A 27 5.16 16.45 1.74
C GLY A 27 4.53 16.23 3.11
N ARG A 28 3.55 17.09 3.45
CA ARG A 28 2.78 17.02 4.70
C ARG A 28 1.62 18.04 4.62
N THR A 29 0.50 17.61 4.02
CA THR A 29 -0.70 18.45 3.84
C THR A 29 -1.97 17.64 4.12
N PHE A 30 -3.05 18.34 4.48
CA PHE A 30 -4.35 17.73 4.78
C PHE A 30 -5.29 18.01 3.62
N ARG A 31 -5.75 16.93 2.98
CA ARG A 31 -6.63 16.96 1.80
C ARG A 31 -7.07 15.52 1.46
N SER A 32 -8.17 15.42 0.69
CA SER A 32 -8.87 14.15 0.38
C SER A 32 -9.48 13.52 1.67
N ASN A 33 -10.18 12.40 1.52
CA ASN A 33 -10.76 11.66 2.67
C ASN A 33 -10.77 10.15 2.40
N ALA A 34 -9.92 9.74 1.44
CA ALA A 34 -9.72 8.33 1.09
C ALA A 34 -8.32 8.14 0.46
N MET A 35 -7.54 7.22 1.03
CA MET A 35 -6.27 6.76 0.48
C MET A 35 -6.18 5.23 0.71
N GLY A 36 -6.06 4.47 -0.39
CA GLY A 36 -6.04 3.00 -0.34
C GLY A 36 -4.80 2.40 -1.00
N TRP A 37 -4.67 1.07 -0.95
CA TRP A 37 -3.53 0.34 -1.51
C TRP A 37 -4.00 -0.65 -2.59
N PHE A 38 -3.20 -0.72 -3.67
CA PHE A 38 -3.31 -1.73 -4.73
C PHE A 38 -1.91 -2.37 -4.90
N ARG A 39 -1.84 -3.50 -5.63
CA ARG A 39 -0.55 -4.17 -5.92
C ARG A 39 -0.63 -4.95 -7.23
N GLN A 40 0.44 -4.89 -8.02
CA GLN A 40 0.52 -5.60 -9.32
C GLN A 40 1.77 -6.47 -9.34
N ALA A 41 1.59 -7.75 -9.67
CA ALA A 41 2.67 -8.74 -9.74
C ALA A 41 3.10 -8.92 -11.22
N PRO A 42 4.36 -9.43 -11.49
CA PRO A 42 4.80 -9.79 -12.86
C PRO A 42 3.85 -10.78 -13.56
N GLY A 43 3.21 -10.33 -14.66
CA GLY A 43 2.26 -11.13 -15.44
C GLY A 43 0.80 -10.95 -14.99
N LYS A 44 0.61 -10.22 -13.87
CA LYS A 44 -0.72 -9.99 -13.25
C LYS A 44 -1.11 -8.50 -13.33
N GLU A 45 -2.40 -8.22 -13.14
CA GLU A 45 -2.94 -6.84 -13.06
C GLU A 45 -2.81 -6.29 -11.63
N ARG A 46 -3.16 -4.99 -11.42
CA ARG A 46 -3.22 -4.43 -10.07
C ARG A 46 -4.55 -4.86 -9.40
N GLU A 47 -4.43 -5.36 -8.17
CA GLU A 47 -5.54 -5.84 -7.35
C GLU A 47 -5.68 -4.95 -6.12
N PHE A 48 -6.94 -4.68 -5.76
CA PHE A 48 -7.33 -3.88 -4.60
C PHE A 48 -6.95 -4.61 -3.30
N VAL A 49 -5.94 -4.08 -2.59
CA VAL A 49 -5.50 -4.61 -1.29
C VAL A 49 -6.48 -4.15 -0.20
N ALA A 50 -6.61 -2.81 -0.09
CA ALA A 50 -7.39 -2.17 0.98
C ALA A 50 -7.72 -0.71 0.66
N ALA A 51 -8.52 -0.10 1.55
CA ALA A 51 -8.89 1.33 1.48
C ALA A 51 -8.94 1.89 2.92
N ILE A 52 -8.27 3.04 3.14
CA ILE A 52 -8.29 3.78 4.40
C ILE A 52 -9.03 5.10 4.17
N ARG A 53 -10.17 5.29 4.84
CA ARG A 53 -10.98 6.51 4.70
C ARG A 53 -11.00 7.30 6.01
N TRP A 54 -11.52 8.55 5.94
CA TRP A 54 -11.80 9.37 7.13
C TRP A 54 -12.81 8.63 8.02
N SER A 55 -13.78 7.97 7.36
CA SER A 55 -14.79 7.13 8.00
C SER A 55 -15.38 6.16 6.96
N GLY A 56 -15.75 4.94 7.41
CA GLY A 56 -16.44 3.95 6.57
C GLY A 56 -15.51 3.14 5.67
N GLY A 57 -14.27 2.92 6.15
CA GLY A 57 -13.28 2.11 5.43
C GLY A 57 -12.20 1.62 6.39
N SER A 58 -10.93 1.93 6.07
CA SER A 58 -9.76 1.73 6.96
C SER A 58 -9.44 0.24 7.27
N THR A 59 -10.12 -0.69 6.56
CA THR A 59 -10.00 -2.15 6.80
C THR A 59 -10.46 -2.93 5.55
N TYR A 60 -9.55 -3.78 5.00
CA TYR A 60 -9.84 -4.79 3.96
C TYR A 60 -8.71 -5.83 3.98
N TYR A 61 -9.06 -7.07 4.39
CA TYR A 61 -8.12 -8.22 4.42
C TYR A 61 -8.90 -9.54 4.63
N ALA A 62 -8.52 -10.57 3.84
CA ALA A 62 -9.03 -11.95 3.98
C ALA A 62 -8.23 -12.72 5.06
N ASP A 63 -8.74 -13.90 5.47
CA ASP A 63 -8.09 -14.74 6.53
C ASP A 63 -6.64 -15.11 6.18
N SER A 64 -6.37 -15.30 4.87
CA SER A 64 -5.04 -15.68 4.36
C SER A 64 -3.99 -14.56 4.58
N VAL A 65 -4.46 -13.29 4.56
CA VAL A 65 -3.61 -12.10 4.77
C VAL A 65 -3.99 -11.36 6.08
N LYS A 66 -4.78 -12.04 6.93
CA LYS A 66 -5.21 -11.50 8.24
C LYS A 66 -4.07 -11.62 9.27
N GLY A 67 -3.70 -10.48 9.87
CA GLY A 67 -2.55 -10.40 10.78
C GLY A 67 -1.25 -10.09 10.03
N ARG A 68 -1.19 -10.53 8.77
CA ARG A 68 -0.11 -10.22 7.84
C ARG A 68 -0.24 -8.77 7.36
N PHE A 69 -1.17 -8.55 6.41
CA PHE A 69 -1.40 -7.26 5.78
C PHE A 69 -2.34 -6.43 6.66
N THR A 70 -1.83 -5.28 7.10
CA THR A 70 -2.53 -4.37 8.01
C THR A 70 -2.29 -2.94 7.52
N ILE A 71 -3.38 -2.16 7.45
CA ILE A 71 -3.36 -0.79 6.92
C ILE A 71 -3.63 0.22 8.04
N SER A 72 -2.89 1.33 7.99
CA SER A 72 -2.94 2.41 8.99
C SER A 72 -2.66 3.76 8.32
N ARG A 73 -2.76 4.84 9.09
CA ARG A 73 -2.38 6.19 8.67
C ARG A 73 -1.97 7.01 9.90
N ASP A 74 -1.06 7.96 9.68
CA ASP A 74 -0.55 8.88 10.70
C ASP A 74 -0.66 10.30 10.15
N ASN A 75 -1.72 11.01 10.58
CA ASN A 75 -2.06 12.36 10.12
C ASN A 75 -1.03 13.41 10.62
N ALA A 76 -0.18 13.00 11.61
CA ALA A 76 0.89 13.82 12.20
C ALA A 76 1.86 14.34 11.11
N LYS A 77 2.34 13.40 10.27
CA LYS A 77 3.24 13.71 9.14
C LYS A 77 2.56 13.42 7.78
N ASN A 78 1.24 13.12 7.84
CA ASN A 78 0.39 12.83 6.66
C ASN A 78 1.01 11.71 5.80
N THR A 79 1.06 10.51 6.40
CA THR A 79 1.64 9.32 5.76
C THR A 79 0.76 8.08 6.05
N VAL A 80 0.42 7.32 5.01
CA VAL A 80 -0.43 6.11 5.11
C VAL A 80 0.48 4.88 5.02
N TYR A 81 0.30 3.93 5.94
CA TYR A 81 1.18 2.75 6.06
C TYR A 81 0.44 1.46 5.68
N LEU A 82 1.21 0.48 5.15
CA LEU A 82 0.75 -0.91 4.94
C LEU A 82 1.84 -1.85 5.49
N GLN A 83 1.63 -2.34 6.71
CA GLN A 83 2.53 -3.31 7.35
C GLN A 83 2.21 -4.71 6.83
N MET A 84 3.11 -5.26 6.01
CA MET A 84 2.98 -6.62 5.46
C MET A 84 3.86 -7.59 6.27
N ASN A 85 3.25 -8.29 7.23
CA ASN A 85 3.93 -9.28 8.10
C ASN A 85 3.83 -10.68 7.47
N SER A 86 4.70 -11.60 7.96
CA SER A 86 4.71 -13.05 7.61
C SER A 86 4.50 -13.28 6.09
N LEU A 87 5.46 -12.79 5.30
CA LEU A 87 5.33 -12.68 3.85
C LEU A 87 5.65 -13.98 3.12
N LYS A 88 5.00 -14.16 1.97
CA LYS A 88 5.19 -15.28 1.06
C LYS A 88 5.98 -14.78 -0.17
N PRO A 89 6.77 -15.66 -0.88
CA PRO A 89 7.58 -15.24 -2.06
C PRO A 89 6.71 -14.67 -3.22
N GLU A 90 5.40 -15.00 -3.17
CA GLU A 90 4.39 -14.56 -4.16
C GLU A 90 3.97 -13.07 -3.94
N ASP A 91 4.54 -12.41 -2.91
CA ASP A 91 4.33 -10.96 -2.65
C ASP A 91 5.49 -10.14 -3.25
N THR A 92 6.05 -10.64 -4.36
CA THR A 92 6.91 -9.85 -5.25
C THR A 92 6.01 -9.04 -6.21
N ALA A 93 5.79 -7.75 -5.89
CA ALA A 93 4.83 -6.91 -6.60
C ALA A 93 5.11 -5.42 -6.37
N VAL A 94 4.65 -4.58 -7.31
CA VAL A 94 4.65 -3.12 -7.15
C VAL A 94 3.41 -2.70 -6.35
N TYR A 95 3.61 -2.35 -5.07
CA TYR A 95 2.56 -1.84 -4.18
C TYR A 95 2.47 -0.33 -4.34
N LEU A 96 1.26 0.14 -4.71
CA LEU A 96 1.00 1.56 -4.96
C LEU A 96 -0.18 2.03 -4.10
N CYS A 97 -0.25 3.34 -3.88
CA CYS A 97 -1.34 4.00 -3.14
C CYS A 97 -2.21 4.80 -4.11
N ALA A 98 -3.44 5.09 -3.69
CA ALA A 98 -4.43 5.78 -4.50
C ALA A 98 -5.22 6.75 -3.63
N ALA A 99 -5.52 7.95 -4.14
CA ALA A 99 -6.25 8.99 -3.41
C ALA A 99 -7.61 9.26 -4.07
N GLY A 100 -8.67 9.13 -3.28
CA GLY A 100 -10.04 9.41 -3.71
C GLY A 100 -10.79 10.24 -2.68
N VAL A 101 -12.09 10.42 -2.91
CA VAL A 101 -12.97 11.26 -2.07
C VAL A 101 -14.39 10.68 -2.06
N TRP A 102 -15.16 11.06 -1.02
CA TRP A 102 -16.61 10.80 -0.96
C TRP A 102 -17.27 11.48 -2.17
N ARG A 103 -17.60 10.68 -3.17
CA ARG A 103 -18.09 11.16 -4.47
C ARG A 103 -19.63 11.24 -4.46
N SER A 104 -20.19 12.18 -5.26
CA SER A 104 -21.64 12.46 -5.31
C SER A 104 -22.44 11.30 -5.97
N SER A 105 -21.73 10.39 -6.66
CA SER A 105 -22.31 9.16 -7.23
C SER A 105 -22.71 8.18 -6.11
N GLY A 106 -22.04 8.30 -4.96
CA GLY A 106 -22.24 7.41 -3.81
C GLY A 106 -21.06 6.48 -3.61
N TRP A 107 -20.35 6.20 -4.72
CA TRP A 107 -19.18 5.32 -4.72
C TRP A 107 -17.89 6.15 -4.58
N ASP A 108 -17.14 5.91 -3.50
CA ASP A 108 -15.78 6.44 -3.34
C ASP A 108 -14.87 5.84 -4.42
N THR A 109 -14.29 6.71 -5.26
CA THR A 109 -13.46 6.31 -6.39
C THR A 109 -12.06 6.97 -6.28
N PRO A 110 -10.95 6.18 -6.31
CA PRO A 110 -9.59 6.73 -6.36
C PRO A 110 -9.27 7.32 -7.76
N ASP A 111 -9.46 8.64 -7.91
CA ASP A 111 -9.19 9.36 -9.17
C ASP A 111 -7.71 9.77 -9.28
N TYR A 112 -6.96 9.50 -8.21
CA TYR A 112 -5.50 9.69 -8.18
C TYR A 112 -4.82 8.36 -7.81
N TRP A 113 -3.68 8.11 -8.45
CA TRP A 113 -2.74 7.03 -8.12
C TRP A 113 -1.33 7.61 -8.05
N GLY A 114 -0.47 7.01 -7.22
CA GLY A 114 0.91 7.48 -7.06
C GLY A 114 1.87 6.93 -8.11
N GLN A 115 3.09 6.62 -7.68
CA GLN A 115 4.17 6.13 -8.57
C GLN A 115 4.34 4.60 -8.46
N GLY A 116 4.02 4.06 -7.28
CA GLY A 116 4.23 2.66 -6.95
C GLY A 116 5.63 2.39 -6.41
N THR A 117 5.82 1.24 -5.74
CA THR A 117 7.13 0.82 -5.25
C THR A 117 7.27 -0.72 -5.35
N GLN A 118 8.35 -1.17 -6.01
CA GLN A 118 8.59 -2.59 -6.29
C GLN A 118 9.18 -3.28 -5.07
N VAL A 119 8.35 -4.00 -4.32
CA VAL A 119 8.80 -4.88 -3.24
C VAL A 119 9.06 -6.28 -3.82
N THR A 120 10.04 -6.99 -3.29
CA THR A 120 10.33 -8.37 -3.70
C THR A 120 10.54 -9.21 -2.46
N VAL A 121 9.64 -10.17 -2.20
CA VAL A 121 9.86 -11.16 -1.16
C VAL A 121 10.61 -12.34 -1.79
N SER A 122 11.94 -12.36 -1.59
CA SER A 122 12.81 -13.45 -2.07
C SER A 122 12.42 -14.82 -1.45
N SER A 123 12.49 -15.89 -2.27
CA SER A 123 12.22 -17.27 -1.82
C SER A 123 13.48 -17.85 -1.14
N LEU A 124 13.71 -17.40 0.13
CA LEU A 124 14.82 -17.85 1.01
C LEU A 124 16.22 -17.35 0.58
N GLU A 125 16.34 -16.73 -0.61
CA GLU A 125 17.62 -16.16 -1.11
C GLU A 125 17.90 -14.84 -0.36
N HIS A 126 19.19 -14.62 0.00
CA HIS A 126 19.60 -13.45 0.80
C HIS A 126 21.08 -13.10 0.51
N HIS A 127 21.29 -12.12 -0.39
CA HIS A 127 22.61 -11.55 -0.71
C HIS A 127 22.51 -10.02 -0.78
N HIS A 128 23.56 -9.33 -0.31
CA HIS A 128 23.65 -7.85 -0.41
C HIS A 128 24.14 -7.47 -1.82
N HIS A 129 23.18 -7.38 -2.76
CA HIS A 129 23.45 -6.89 -4.13
C HIS A 129 23.68 -5.37 -4.08
N HIS A 130 23.05 -4.73 -3.08
CA HIS A 130 23.19 -3.30 -2.79
C HIS A 130 23.99 -3.14 -1.49
N HIS A 131 25.18 -2.50 -1.61
CA HIS A 131 26.12 -2.24 -0.49
C HIS A 131 26.66 -3.57 0.10
N MET A 1 -3.93 21.07 -6.06
CA MET A 1 -4.32 19.65 -6.26
C MET A 1 -3.08 18.82 -6.68
N GLN A 2 -3.30 17.67 -7.38
CA GLN A 2 -2.24 16.73 -7.83
C GLN A 2 -1.55 16.09 -6.61
N LEU A 3 -2.18 15.06 -6.04
CA LEU A 3 -1.64 14.35 -4.85
C LEU A 3 -0.35 13.61 -5.19
N GLN A 4 0.76 14.09 -4.60
CA GLN A 4 2.05 13.42 -4.71
C GLN A 4 2.11 12.35 -3.61
N LEU A 5 1.94 11.09 -4.02
CA LEU A 5 2.03 9.93 -3.12
C LEU A 5 3.40 9.31 -3.33
N VAL A 6 4.26 9.39 -2.29
CA VAL A 6 5.61 8.80 -2.31
C VAL A 6 5.63 7.55 -1.43
N GLU A 7 5.59 6.38 -2.07
CA GLU A 7 5.61 5.08 -1.38
C GLU A 7 7.07 4.62 -1.20
N SER A 8 7.43 4.28 0.04
CA SER A 8 8.77 3.85 0.43
C SER A 8 8.68 2.51 1.20
N GLY A 9 9.82 1.84 1.37
CA GLY A 9 9.88 0.49 1.94
C GLY A 9 10.12 -0.58 0.87
N GLY A 10 10.40 -0.11 -0.37
CA GLY A 10 10.65 -0.99 -1.50
C GLY A 10 12.03 -1.63 -1.46
N GLY A 11 12.08 -2.92 -1.07
CA GLY A 11 13.33 -3.67 -1.02
C GLY A 11 13.09 -5.16 -1.08
N LEU A 12 14.19 -5.93 -1.01
CA LEU A 12 14.13 -7.39 -1.04
C LEU A 12 14.04 -7.93 0.39
N VAL A 13 12.95 -8.65 0.66
CA VAL A 13 12.75 -9.41 1.91
C VAL A 13 12.47 -10.88 1.55
N GLN A 14 12.62 -11.76 2.54
CA GLN A 14 12.33 -13.21 2.40
C GLN A 14 10.83 -13.49 2.61
N ALA A 15 10.36 -14.60 2.01
CA ALA A 15 9.00 -15.10 2.18
C ALA A 15 8.83 -15.68 3.59
N GLY A 16 7.81 -15.21 4.31
CA GLY A 16 7.56 -15.57 5.71
C GLY A 16 7.91 -14.43 6.65
N GLY A 17 8.64 -13.42 6.12
CA GLY A 17 9.01 -12.23 6.88
C GLY A 17 7.98 -11.12 6.79
N SER A 18 8.29 -9.98 7.43
CA SER A 18 7.39 -8.82 7.49
C SER A 18 8.05 -7.59 6.85
N LEU A 19 7.31 -6.90 5.96
CA LEU A 19 7.75 -5.66 5.31
C LEU A 19 6.65 -4.60 5.47
N ARG A 20 7.05 -3.40 5.90
CA ARG A 20 6.14 -2.27 6.13
C ARG A 20 6.42 -1.15 5.11
N LEU A 21 5.34 -0.63 4.49
CA LEU A 21 5.39 0.44 3.49
C LEU A 21 4.91 1.76 4.12
N SER A 22 5.30 2.88 3.51
CA SER A 22 4.90 4.24 3.92
C SER A 22 4.62 5.10 2.69
N CYS A 23 3.40 5.65 2.60
CA CYS A 23 2.95 6.51 1.49
C CYS A 23 2.74 7.92 2.02
N VAL A 24 3.62 8.84 1.63
CA VAL A 24 3.60 10.23 2.08
C VAL A 24 2.61 11.01 1.19
N ALA A 25 1.60 11.61 1.82
CA ALA A 25 0.54 12.35 1.14
C ALA A 25 0.94 13.83 1.00
N SER A 26 1.26 14.23 -0.24
CA SER A 26 1.52 15.63 -0.66
C SER A 26 2.52 16.37 0.27
N GLY A 27 3.61 15.67 0.61
CA GLY A 27 4.68 16.20 1.48
C GLY A 27 4.35 16.02 2.96
N ARG A 28 3.25 16.65 3.39
CA ARG A 28 2.74 16.56 4.77
C ARG A 28 1.28 17.09 4.86
N THR A 29 0.62 17.23 3.70
CA THR A 29 -0.73 17.80 3.60
C THR A 29 -1.75 16.67 3.31
N PHE A 30 -3.01 16.90 3.71
CA PHE A 30 -4.13 16.05 3.31
C PHE A 30 -5.00 16.83 2.31
N ARG A 31 -5.07 16.31 1.07
CA ARG A 31 -5.89 16.89 -0.02
C ARG A 31 -6.74 15.79 -0.68
N SER A 32 -6.87 14.64 0.01
CA SER A 32 -7.57 13.45 -0.51
C SER A 32 -8.40 12.82 0.62
N ASN A 33 -9.53 12.22 0.24
CA ASN A 33 -10.47 11.58 1.17
C ASN A 33 -9.97 10.19 1.54
N ALA A 34 -9.50 9.44 0.53
CA ALA A 34 -9.09 8.03 0.70
C ALA A 34 -7.66 7.80 0.20
N MET A 35 -6.99 6.79 0.79
CA MET A 35 -5.71 6.26 0.32
C MET A 35 -5.83 4.73 0.32
N GLY A 36 -5.69 4.09 -0.86
CA GLY A 36 -5.95 2.65 -1.00
C GLY A 36 -4.73 1.91 -1.54
N TRP A 37 -4.41 0.75 -0.93
CA TRP A 37 -3.27 -0.09 -1.31
C TRP A 37 -3.72 -1.16 -2.31
N PHE A 38 -2.98 -1.27 -3.43
CA PHE A 38 -3.20 -2.27 -4.48
C PHE A 38 -1.82 -2.82 -4.89
N ARG A 39 -1.68 -4.16 -5.04
CA ARG A 39 -0.43 -4.76 -5.54
C ARG A 39 -0.59 -5.16 -7.01
N GLN A 40 0.22 -4.55 -7.87
CA GLN A 40 0.23 -4.80 -9.31
C GLN A 40 1.40 -5.73 -9.62
N ALA A 41 1.14 -6.81 -10.35
CA ALA A 41 2.15 -7.84 -10.65
C ALA A 41 2.74 -7.63 -12.06
N PRO A 42 4.04 -8.03 -12.30
CA PRO A 42 4.65 -8.01 -13.64
C PRO A 42 3.84 -8.85 -14.66
N GLY A 43 2.99 -8.17 -15.46
CA GLY A 43 2.20 -8.82 -16.51
C GLY A 43 0.77 -9.15 -16.08
N LYS A 44 0.45 -8.97 -14.78
CA LYS A 44 -0.90 -9.24 -14.21
C LYS A 44 -1.42 -7.97 -13.50
N GLU A 45 -2.77 -7.85 -13.43
CA GLU A 45 -3.47 -6.69 -12.85
C GLU A 45 -3.29 -6.59 -11.32
N ARG A 46 -3.78 -5.47 -10.77
CA ARG A 46 -3.65 -5.16 -9.33
C ARG A 46 -4.75 -5.85 -8.52
N GLU A 47 -4.32 -6.45 -7.40
CA GLU A 47 -5.22 -7.01 -6.38
C GLU A 47 -5.40 -6.00 -5.24
N PHE A 48 -6.62 -5.93 -4.69
CA PHE A 48 -6.98 -5.05 -3.57
C PHE A 48 -6.32 -5.56 -2.28
N VAL A 49 -5.50 -4.71 -1.65
CA VAL A 49 -4.83 -5.02 -0.37
C VAL A 49 -5.61 -4.37 0.79
N ALA A 50 -5.84 -3.04 0.68
CA ALA A 50 -6.47 -2.24 1.76
C ALA A 50 -7.00 -0.88 1.25
N ALA A 51 -7.71 -0.16 2.16
CA ALA A 51 -8.27 1.19 1.88
C ALA A 51 -8.56 1.93 3.21
N ILE A 52 -7.94 3.10 3.37
CA ILE A 52 -8.10 3.98 4.56
C ILE A 52 -8.75 5.27 4.09
N ARG A 53 -9.97 5.55 4.56
CA ARG A 53 -10.72 6.76 4.17
C ARG A 53 -10.80 7.74 5.35
N TRP A 54 -11.20 9.00 5.05
CA TRP A 54 -11.40 10.05 6.07
C TRP A 54 -12.46 9.60 7.08
N SER A 55 -13.56 9.06 6.53
CA SER A 55 -14.62 8.38 7.30
C SER A 55 -15.28 7.32 6.40
N GLY A 56 -16.01 6.37 7.03
CA GLY A 56 -16.71 5.31 6.30
C GLY A 56 -15.79 4.19 5.83
N GLY A 57 -14.74 3.90 6.61
CA GLY A 57 -13.87 2.75 6.36
C GLY A 57 -12.65 2.78 7.26
N SER A 58 -11.61 3.51 6.81
CA SER A 58 -10.35 3.75 7.56
C SER A 58 -9.50 2.46 7.77
N THR A 59 -9.96 1.36 7.17
CA THR A 59 -9.45 -0.01 7.35
C THR A 59 -10.11 -0.89 6.28
N TYR A 60 -9.37 -1.89 5.77
CA TYR A 60 -9.88 -2.87 4.79
C TYR A 60 -8.91 -4.05 4.70
N TYR A 61 -9.45 -5.28 4.80
CA TYR A 61 -8.66 -6.51 4.80
C TYR A 61 -9.56 -7.73 4.53
N ALA A 62 -8.98 -8.73 3.87
CA ALA A 62 -9.59 -10.07 3.69
C ALA A 62 -9.13 -11.00 4.84
N ASP A 63 -9.83 -12.14 5.01
CA ASP A 63 -9.49 -13.16 6.03
C ASP A 63 -8.14 -13.85 5.71
N SER A 64 -7.73 -13.80 4.42
CA SER A 64 -6.43 -14.34 3.97
C SER A 64 -5.25 -13.52 4.54
N VAL A 65 -5.43 -12.19 4.61
CA VAL A 65 -4.39 -11.24 5.03
C VAL A 65 -4.63 -10.69 6.47
N LYS A 66 -5.80 -11.05 7.04
CA LYS A 66 -6.25 -10.58 8.38
C LYS A 66 -5.24 -10.92 9.49
N GLY A 67 -4.90 -9.91 10.32
CA GLY A 67 -4.00 -10.07 11.46
C GLY A 67 -2.53 -9.90 11.10
N ARG A 68 -2.19 -10.17 9.83
CA ARG A 68 -0.81 -10.10 9.33
C ARG A 68 -0.60 -8.74 8.64
N PHE A 69 -1.42 -8.50 7.61
CA PHE A 69 -1.46 -7.22 6.90
C PHE A 69 -2.42 -6.29 7.67
N THR A 70 -1.89 -5.14 8.11
CA THR A 70 -2.62 -4.16 8.93
C THR A 70 -2.24 -2.76 8.43
N ILE A 71 -3.21 -1.84 8.45
CA ILE A 71 -3.06 -0.48 7.93
C ILE A 71 -3.46 0.56 8.97
N SER A 72 -2.75 1.69 8.93
CA SER A 72 -3.01 2.87 9.77
C SER A 72 -2.55 4.11 9.02
N ARG A 73 -3.32 5.21 9.12
CA ARG A 73 -2.90 6.51 8.57
C ARG A 73 -2.54 7.43 9.74
N ASP A 74 -1.31 7.94 9.71
CA ASP A 74 -0.86 9.00 10.62
C ASP A 74 -1.22 10.37 10.02
N ASN A 75 -1.84 11.23 10.83
CA ASN A 75 -2.26 12.60 10.41
C ASN A 75 -1.13 13.63 10.65
N ALA A 76 -0.26 13.37 11.67
CA ALA A 76 0.77 14.32 12.14
C ALA A 76 1.75 14.72 11.01
N LYS A 77 2.19 13.73 10.21
CA LYS A 77 3.01 14.00 8.99
C LYS A 77 2.29 13.52 7.71
N ASN A 78 1.00 13.15 7.86
CA ASN A 78 0.13 12.63 6.77
C ASN A 78 0.84 11.54 5.94
N THR A 79 1.07 10.40 6.59
CA THR A 79 1.73 9.24 5.96
C THR A 79 0.95 7.96 6.34
N VAL A 80 0.66 7.13 5.32
CA VAL A 80 -0.15 5.90 5.49
C VAL A 80 0.79 4.68 5.46
N TYR A 81 0.63 3.78 6.43
CA TYR A 81 1.52 2.61 6.60
C TYR A 81 0.77 1.31 6.29
N LEU A 82 1.45 0.40 5.57
CA LEU A 82 0.96 -0.95 5.28
C LEU A 82 1.97 -1.97 5.85
N GLN A 83 1.66 -2.49 7.04
CA GLN A 83 2.47 -3.51 7.72
C GLN A 83 2.05 -4.91 7.25
N MET A 84 2.86 -5.52 6.39
CA MET A 84 2.57 -6.84 5.79
C MET A 84 3.41 -7.92 6.48
N ASN A 85 2.79 -8.72 7.38
CA ASN A 85 3.46 -9.87 8.03
C ASN A 85 3.20 -11.17 7.24
N SER A 86 4.18 -12.09 7.29
CA SER A 86 4.13 -13.41 6.63
C SER A 86 3.89 -13.26 5.12
N LEU A 87 4.93 -12.81 4.42
CA LEU A 87 4.89 -12.58 2.97
C LEU A 87 5.09 -13.88 2.19
N LYS A 88 4.67 -13.84 0.93
CA LYS A 88 4.75 -14.97 -0.01
C LYS A 88 5.56 -14.53 -1.25
N PRO A 89 6.30 -15.47 -1.96
CA PRO A 89 7.23 -15.11 -3.06
C PRO A 89 6.56 -14.35 -4.24
N GLU A 90 5.23 -14.49 -4.37
CA GLU A 90 4.43 -13.80 -5.43
C GLU A 90 4.34 -12.27 -5.21
N ASP A 91 4.75 -11.79 -4.02
CA ASP A 91 4.83 -10.33 -3.71
C ASP A 91 6.10 -9.69 -4.32
N THR A 92 6.77 -10.40 -5.24
CA THR A 92 7.72 -9.77 -6.14
C THR A 92 6.90 -8.99 -7.20
N ALA A 93 6.62 -7.72 -6.87
CA ALA A 93 5.62 -6.89 -7.56
C ALA A 93 5.75 -5.42 -7.11
N VAL A 94 4.89 -4.55 -7.64
CA VAL A 94 4.86 -3.13 -7.26
C VAL A 94 3.59 -2.81 -6.46
N TYR A 95 3.77 -2.51 -5.17
CA TYR A 95 2.68 -2.07 -4.28
C TYR A 95 2.48 -0.55 -4.48
N LEU A 96 1.37 -0.18 -5.12
CA LEU A 96 1.03 1.22 -5.38
C LEU A 96 -0.13 1.67 -4.47
N CYS A 97 -0.19 2.97 -4.22
CA CYS A 97 -1.26 3.60 -3.47
C CYS A 97 -2.11 4.42 -4.44
N ALA A 98 -3.36 4.70 -4.04
CA ALA A 98 -4.31 5.51 -4.83
C ALA A 98 -4.90 6.58 -3.92
N ALA A 99 -5.19 7.77 -4.47
CA ALA A 99 -5.81 8.87 -3.72
C ALA A 99 -7.23 9.07 -4.26
N GLY A 100 -8.24 8.80 -3.41
CA GLY A 100 -9.63 8.70 -3.84
C GLY A 100 -10.56 9.71 -3.21
N VAL A 101 -11.74 9.84 -3.81
CA VAL A 101 -12.84 10.69 -3.33
C VAL A 101 -14.10 9.80 -3.25
N TRP A 102 -14.80 9.83 -2.11
CA TRP A 102 -16.02 9.04 -1.90
C TRP A 102 -17.18 9.58 -2.77
N ARG A 103 -17.95 8.66 -3.35
CA ARG A 103 -19.25 8.97 -3.98
C ARG A 103 -20.36 8.51 -3.03
N SER A 104 -21.48 9.23 -3.05
CA SER A 104 -22.71 8.84 -2.33
C SER A 104 -23.35 7.60 -3.01
N SER A 105 -22.94 7.35 -4.26
CA SER A 105 -23.24 6.12 -5.01
C SER A 105 -22.53 4.89 -4.38
N GLY A 106 -21.49 5.15 -3.56
CA GLY A 106 -20.78 4.12 -2.82
C GLY A 106 -19.39 3.84 -3.37
N TRP A 107 -19.23 4.06 -4.70
CA TRP A 107 -17.97 3.82 -5.41
C TRP A 107 -16.95 4.92 -5.05
N ASP A 108 -15.91 4.58 -4.30
CA ASP A 108 -14.83 5.55 -3.97
C ASP A 108 -13.86 5.60 -5.16
N THR A 109 -13.97 6.67 -5.95
CA THR A 109 -13.23 6.82 -7.21
C THR A 109 -11.76 7.27 -6.95
N PRO A 110 -10.72 6.42 -7.32
CA PRO A 110 -9.30 6.80 -7.18
C PRO A 110 -8.94 7.91 -8.18
N ASP A 111 -8.99 9.17 -7.70
CA ASP A 111 -8.83 10.38 -8.52
C ASP A 111 -7.36 10.52 -9.01
N TYR A 112 -6.43 10.15 -8.12
CA TYR A 112 -4.99 10.10 -8.42
C TYR A 112 -4.45 8.71 -8.05
N TRP A 113 -3.21 8.44 -8.47
CA TRP A 113 -2.43 7.24 -8.09
C TRP A 113 -1.01 7.67 -7.71
N GLY A 114 -0.29 6.77 -7.04
CA GLY A 114 1.05 7.04 -6.54
C GLY A 114 2.14 6.69 -7.53
N GLN A 115 3.39 6.79 -7.06
CA GLN A 115 4.60 6.46 -7.85
C GLN A 115 4.74 4.92 -7.98
N GLY A 116 4.31 4.23 -6.91
CA GLY A 116 4.45 2.78 -6.79
C GLY A 116 5.80 2.39 -6.20
N THR A 117 5.79 1.61 -5.11
CA THR A 117 7.02 1.11 -4.48
C THR A 117 7.28 -0.34 -4.97
N GLN A 118 8.43 -0.52 -5.63
CA GLN A 118 8.85 -1.81 -6.18
C GLN A 118 9.39 -2.65 -5.01
N VAL A 119 8.68 -3.73 -4.64
CA VAL A 119 9.12 -4.68 -3.60
C VAL A 119 9.44 -6.04 -4.26
N THR A 120 10.47 -6.73 -3.77
CA THR A 120 10.88 -8.05 -4.27
C THR A 120 10.97 -9.04 -3.11
N VAL A 121 9.98 -9.92 -2.98
CA VAL A 121 9.98 -10.94 -1.92
C VAL A 121 10.60 -12.23 -2.46
N SER A 122 11.90 -12.46 -2.14
CA SER A 122 12.58 -13.73 -2.46
C SER A 122 12.01 -14.89 -1.63
N SER A 123 12.06 -16.10 -2.18
CA SER A 123 11.52 -17.32 -1.54
C SER A 123 12.50 -17.83 -0.47
N LEU A 124 12.37 -17.26 0.77
CA LEU A 124 13.18 -17.61 1.98
C LEU A 124 14.67 -17.17 1.87
N GLU A 125 15.18 -16.91 0.65
CA GLU A 125 16.61 -16.67 0.42
C GLU A 125 17.01 -15.23 0.77
N HIS A 126 18.05 -15.09 1.61
CA HIS A 126 18.59 -13.80 2.06
C HIS A 126 19.79 -13.41 1.20
N HIS A 127 19.54 -12.71 0.08
CA HIS A 127 20.59 -12.18 -0.82
C HIS A 127 20.15 -10.83 -1.40
N HIS A 128 21.02 -9.82 -1.23
CA HIS A 128 20.80 -8.44 -1.72
C HIS A 128 21.06 -8.38 -3.22
N HIS A 129 19.98 -8.21 -4.02
CA HIS A 129 20.02 -8.18 -5.50
C HIS A 129 21.06 -7.14 -6.02
N HIS A 130 22.05 -7.60 -6.80
CA HIS A 130 23.12 -6.73 -7.31
C HIS A 130 22.61 -5.99 -8.56
N HIS A 131 22.26 -4.70 -8.36
CA HIS A 131 21.80 -3.81 -9.44
C HIS A 131 22.93 -3.62 -10.49
N MET A 1 -4.42 21.09 -4.64
CA MET A 1 -5.45 20.43 -5.49
C MET A 1 -5.06 18.96 -5.75
N GLN A 2 -4.07 18.74 -6.65
CA GLN A 2 -3.65 17.39 -7.05
C GLN A 2 -2.83 16.74 -5.92
N LEU A 3 -3.51 15.87 -5.15
CA LEU A 3 -2.88 15.15 -4.03
C LEU A 3 -1.93 14.07 -4.62
N GLN A 4 -0.62 14.34 -4.48
CA GLN A 4 0.47 13.44 -4.89
C GLN A 4 0.67 12.32 -3.86
N LEU A 5 1.12 11.15 -4.34
CA LEU A 5 1.39 9.97 -3.52
C LEU A 5 2.84 9.52 -3.77
N VAL A 6 3.67 9.51 -2.72
CA VAL A 6 5.08 9.06 -2.79
C VAL A 6 5.27 7.86 -1.85
N GLU A 7 5.30 6.65 -2.44
CA GLU A 7 5.47 5.38 -1.69
C GLU A 7 6.96 5.02 -1.59
N SER A 8 7.30 4.27 -0.53
CA SER A 8 8.68 3.88 -0.20
C SER A 8 8.65 2.75 0.85
N GLY A 9 9.78 2.02 0.95
CA GLY A 9 9.90 0.91 1.92
C GLY A 9 9.97 -0.46 1.27
N GLY A 10 9.89 -0.47 -0.07
CA GLY A 10 9.94 -1.72 -0.84
C GLY A 10 11.37 -2.23 -0.99
N GLY A 11 11.62 -3.44 -0.47
CA GLY A 11 12.92 -4.11 -0.59
C GLY A 11 12.77 -5.61 -0.65
N LEU A 12 13.91 -6.30 -0.80
CA LEU A 12 13.94 -7.76 -0.84
C LEU A 12 13.90 -8.31 0.59
N VAL A 13 12.83 -9.05 0.90
CA VAL A 13 12.72 -9.84 2.13
C VAL A 13 12.56 -11.32 1.74
N GLN A 14 12.84 -12.22 2.68
CA GLN A 14 12.63 -13.67 2.52
C GLN A 14 11.14 -14.03 2.71
N ALA A 15 10.73 -15.20 2.17
CA ALA A 15 9.39 -15.76 2.37
C ALA A 15 9.17 -16.11 3.85
N GLY A 16 8.00 -15.71 4.38
CA GLY A 16 7.67 -15.85 5.80
C GLY A 16 8.07 -14.62 6.61
N GLY A 17 8.73 -13.65 5.95
CA GLY A 17 9.17 -12.41 6.60
C GLY A 17 8.15 -11.30 6.52
N SER A 18 8.50 -10.13 7.06
CA SER A 18 7.61 -8.96 7.15
C SER A 18 8.29 -7.71 6.59
N LEU A 19 7.46 -6.73 6.16
CA LEU A 19 7.92 -5.46 5.58
C LEU A 19 6.80 -4.42 5.68
N ARG A 20 7.13 -3.21 6.18
CA ARG A 20 6.16 -2.10 6.28
C ARG A 20 6.45 -1.04 5.20
N LEU A 21 5.39 -0.61 4.49
CA LEU A 21 5.46 0.45 3.48
C LEU A 21 5.02 1.79 4.09
N SER A 22 5.44 2.88 3.44
CA SER A 22 5.14 4.25 3.86
C SER A 22 4.91 5.13 2.62
N CYS A 23 3.81 5.90 2.61
CA CYS A 23 3.44 6.79 1.51
C CYS A 23 3.07 8.17 2.05
N VAL A 24 3.92 9.18 1.80
CA VAL A 24 3.65 10.55 2.23
C VAL A 24 2.77 11.26 1.17
N ALA A 25 1.72 11.93 1.62
CA ALA A 25 0.74 12.57 0.74
C ALA A 25 1.19 14.00 0.42
N SER A 26 1.79 14.17 -0.78
CA SER A 26 2.24 15.48 -1.33
C SER A 26 3.29 16.19 -0.45
N GLY A 27 3.95 15.43 0.43
CA GLY A 27 4.87 15.99 1.41
C GLY A 27 4.13 16.77 2.51
N ARG A 28 3.38 16.02 3.34
CA ARG A 28 2.63 16.54 4.51
C ARG A 28 1.54 17.56 4.09
N THR A 29 0.71 17.13 3.14
CA THR A 29 -0.50 17.86 2.71
C THR A 29 -1.72 16.99 2.99
N PHE A 30 -2.81 17.62 3.45
CA PHE A 30 -4.05 16.93 3.80
C PHE A 30 -5.07 17.17 2.68
N ARG A 31 -5.50 16.06 2.07
CA ARG A 31 -6.60 16.02 1.09
C ARG A 31 -6.92 14.55 0.83
N SER A 32 -8.01 14.28 0.08
CA SER A 32 -8.49 12.92 -0.27
C SER A 32 -9.09 12.19 0.97
N ASN A 33 -10.37 11.80 0.86
CA ASN A 33 -11.11 11.08 1.93
C ASN A 33 -11.30 9.59 1.56
N ALA A 34 -10.67 9.17 0.46
CA ALA A 34 -10.70 7.78 -0.01
C ALA A 34 -9.26 7.35 -0.29
N MET A 35 -8.79 6.27 0.37
CA MET A 35 -7.41 5.76 0.21
C MET A 35 -7.43 4.23 0.17
N GLY A 36 -6.43 3.65 -0.51
CA GLY A 36 -6.34 2.20 -0.67
C GLY A 36 -4.93 1.74 -1.01
N TRP A 37 -4.75 0.41 -1.08
CA TRP A 37 -3.48 -0.23 -1.47
C TRP A 37 -3.80 -1.38 -2.41
N PHE A 38 -3.07 -1.44 -3.53
CA PHE A 38 -3.19 -2.47 -4.57
C PHE A 38 -1.79 -2.95 -4.95
N ARG A 39 -1.61 -4.26 -5.12
CA ARG A 39 -0.32 -4.84 -5.53
C ARG A 39 -0.41 -5.25 -7.02
N GLN A 40 0.56 -4.83 -7.81
CA GLN A 40 0.59 -5.08 -9.26
C GLN A 40 1.98 -5.57 -9.65
N ALA A 41 2.05 -6.49 -10.62
CA ALA A 41 3.32 -7.05 -11.11
C ALA A 41 3.52 -6.66 -12.60
N PRO A 42 4.79 -6.72 -13.16
CA PRO A 42 5.07 -6.44 -14.59
C PRO A 42 4.15 -7.21 -15.57
N GLY A 43 3.17 -6.50 -16.16
CA GLY A 43 2.23 -7.06 -17.13
C GLY A 43 1.08 -7.83 -16.47
N LYS A 44 0.79 -7.51 -15.19
CA LYS A 44 -0.25 -8.17 -14.38
C LYS A 44 -1.23 -7.14 -13.82
N GLU A 45 -2.31 -7.65 -13.18
CA GLU A 45 -3.38 -6.83 -12.60
C GLU A 45 -2.99 -6.33 -11.20
N ARG A 46 -3.79 -5.37 -10.69
CA ARG A 46 -3.65 -4.85 -9.32
C ARG A 46 -4.74 -5.48 -8.43
N GLU A 47 -4.29 -6.23 -7.41
CA GLU A 47 -5.17 -6.94 -6.46
C GLU A 47 -5.41 -6.04 -5.22
N PHE A 48 -6.66 -6.04 -4.73
CA PHE A 48 -7.05 -5.28 -3.52
C PHE A 48 -6.36 -5.84 -2.29
N VAL A 49 -5.42 -5.06 -1.74
CA VAL A 49 -4.69 -5.42 -0.52
C VAL A 49 -5.45 -4.89 0.70
N ALA A 50 -5.70 -3.56 0.72
CA ALA A 50 -6.25 -2.87 1.89
C ALA A 50 -6.85 -1.50 1.51
N ALA A 51 -7.51 -0.82 2.50
CA ALA A 51 -8.10 0.52 2.28
C ALA A 51 -8.44 1.27 3.60
N ILE A 52 -8.62 2.59 3.45
CA ILE A 52 -8.93 3.55 4.53
C ILE A 52 -10.15 4.38 4.12
N ARG A 53 -11.16 4.44 5.01
CA ARG A 53 -12.37 5.26 4.81
C ARG A 53 -12.24 6.60 5.59
N TRP A 54 -12.37 7.71 4.83
CA TRP A 54 -12.27 9.10 5.32
C TRP A 54 -10.88 9.36 5.96
N SER A 55 -10.78 9.11 7.28
CA SER A 55 -9.54 9.25 8.06
C SER A 55 -9.80 8.67 9.46
N GLY A 56 -8.90 7.80 9.93
CA GLY A 56 -9.09 7.08 11.21
C GLY A 56 -9.80 5.75 11.03
N GLY A 57 -10.48 5.57 9.87
CA GLY A 57 -11.11 4.29 9.52
C GLY A 57 -10.17 3.44 8.67
N SER A 58 -8.94 3.27 9.16
CA SER A 58 -7.85 2.61 8.42
C SER A 58 -7.93 1.08 8.59
N THR A 59 -8.97 0.48 7.97
CA THR A 59 -9.24 -0.97 8.05
C THR A 59 -10.12 -1.36 6.86
N TYR A 60 -9.60 -2.26 6.01
CA TYR A 60 -10.31 -2.99 4.95
C TYR A 60 -9.33 -4.06 4.46
N TYR A 61 -9.71 -5.33 4.58
CA TYR A 61 -8.83 -6.46 4.24
C TYR A 61 -9.66 -7.74 3.99
N ALA A 62 -9.11 -8.62 3.13
CA ALA A 62 -9.66 -9.97 2.90
C ALA A 62 -9.32 -10.91 4.05
N ASP A 63 -10.08 -12.01 4.19
CA ASP A 63 -9.84 -13.06 5.22
C ASP A 63 -8.44 -13.69 5.03
N SER A 64 -8.01 -13.76 3.76
CA SER A 64 -6.69 -14.29 3.35
C SER A 64 -5.53 -13.47 3.97
N VAL A 65 -5.72 -12.14 4.06
CA VAL A 65 -4.66 -11.20 4.53
C VAL A 65 -5.00 -10.62 5.93
N LYS A 66 -6.10 -11.11 6.53
CA LYS A 66 -6.58 -10.68 7.86
C LYS A 66 -5.59 -11.09 8.97
N GLY A 67 -4.93 -10.09 9.58
CA GLY A 67 -4.00 -10.31 10.71
C GLY A 67 -2.54 -10.20 10.32
N ARG A 68 -2.26 -10.26 9.01
CA ARG A 68 -0.90 -10.09 8.47
C ARG A 68 -0.74 -8.70 7.86
N PHE A 69 -1.79 -8.24 7.16
CA PHE A 69 -1.79 -6.95 6.44
C PHE A 69 -2.70 -5.95 7.19
N THR A 70 -2.12 -4.81 7.57
CA THR A 70 -2.83 -3.73 8.29
C THR A 70 -2.38 -2.37 7.73
N ILE A 71 -3.26 -1.36 7.82
CA ILE A 71 -2.99 0.01 7.34
C ILE A 71 -3.27 1.03 8.44
N SER A 72 -2.64 2.20 8.33
CA SER A 72 -2.80 3.30 9.28
C SER A 72 -2.47 4.63 8.58
N ARG A 73 -3.32 5.64 8.78
CA ARG A 73 -3.06 7.01 8.27
C ARG A 73 -2.78 7.93 9.47
N ASP A 74 -1.60 8.54 9.49
CA ASP A 74 -1.24 9.55 10.49
C ASP A 74 -1.61 10.91 9.93
N ASN A 75 -2.71 11.49 10.43
CA ASN A 75 -3.22 12.82 10.00
C ASN A 75 -2.19 13.94 10.33
N ALA A 76 -1.36 13.68 11.37
CA ALA A 76 -0.31 14.59 11.84
C ALA A 76 0.62 15.06 10.70
N LYS A 77 1.19 14.11 9.95
CA LYS A 77 2.10 14.42 8.82
C LYS A 77 1.57 13.85 7.49
N ASN A 78 0.29 13.39 7.50
CA ASN A 78 -0.39 12.77 6.35
C ASN A 78 0.50 11.74 5.63
N THR A 79 0.76 10.65 6.33
CA THR A 79 1.53 9.51 5.81
C THR A 79 0.76 8.22 6.08
N VAL A 80 0.61 7.38 5.04
CA VAL A 80 -0.16 6.13 5.08
C VAL A 80 0.80 4.94 5.05
N TYR A 81 0.63 4.04 6.01
CA TYR A 81 1.49 2.86 6.20
C TYR A 81 0.74 1.58 5.85
N LEU A 82 1.48 0.56 5.39
CA LEU A 82 0.95 -0.80 5.14
C LEU A 82 1.91 -1.81 5.77
N GLN A 83 1.55 -2.30 6.98
CA GLN A 83 2.33 -3.32 7.69
C GLN A 83 1.96 -4.71 7.15
N MET A 84 2.82 -5.27 6.30
CA MET A 84 2.68 -6.62 5.76
C MET A 84 3.50 -7.58 6.61
N ASN A 85 2.90 -8.72 7.01
CA ASN A 85 3.56 -9.75 7.85
C ASN A 85 3.41 -11.13 7.20
N SER A 86 4.42 -12.01 7.44
CA SER A 86 4.45 -13.41 6.96
C SER A 86 4.09 -13.49 5.45
N LEU A 87 5.00 -12.97 4.64
CA LEU A 87 4.81 -12.75 3.21
C LEU A 87 5.05 -14.03 2.41
N LYS A 88 4.47 -14.08 1.22
CA LYS A 88 4.61 -15.21 0.28
C LYS A 88 5.62 -14.81 -0.81
N PRO A 89 6.39 -15.77 -1.41
CA PRO A 89 7.37 -15.46 -2.48
C PRO A 89 6.73 -14.79 -3.73
N GLU A 90 5.41 -15.01 -3.90
CA GLU A 90 4.61 -14.44 -5.00
C GLU A 90 4.43 -12.91 -4.88
N ASP A 91 4.73 -12.35 -3.69
CA ASP A 91 4.65 -10.90 -3.42
C ASP A 91 5.90 -10.14 -3.94
N THR A 92 6.56 -10.67 -4.98
CA THR A 92 7.56 -9.91 -5.75
C THR A 92 6.81 -9.03 -6.77
N ALA A 93 6.50 -7.78 -6.36
CA ALA A 93 5.62 -6.87 -7.13
C ALA A 93 5.79 -5.42 -6.63
N VAL A 94 5.09 -4.48 -7.28
CA VAL A 94 5.02 -3.08 -6.83
C VAL A 94 3.73 -2.86 -6.02
N TYR A 95 3.89 -2.56 -4.71
CA TYR A 95 2.78 -2.15 -3.84
C TYR A 95 2.59 -0.63 -3.96
N LEU A 96 1.45 -0.24 -4.51
CA LEU A 96 1.09 1.17 -4.72
C LEU A 96 -0.15 1.52 -3.88
N CYS A 97 -0.23 2.76 -3.43
CA CYS A 97 -1.43 3.31 -2.80
C CYS A 97 -2.24 4.08 -3.86
N ALA A 98 -3.54 4.18 -3.63
CA ALA A 98 -4.45 4.91 -4.53
C ALA A 98 -5.41 5.76 -3.69
N ALA A 99 -5.34 7.09 -3.87
CA ALA A 99 -6.14 8.06 -3.09
C ALA A 99 -7.14 8.78 -4.00
N GLY A 100 -8.11 9.47 -3.39
CA GLY A 100 -9.15 10.18 -4.14
C GLY A 100 -10.26 10.68 -3.24
N VAL A 101 -11.37 11.09 -3.85
CA VAL A 101 -12.50 11.72 -3.13
C VAL A 101 -13.75 10.82 -3.16
N TRP A 102 -14.76 11.21 -2.35
CA TRP A 102 -16.09 10.56 -2.34
C TRP A 102 -16.83 10.77 -3.67
N ARG A 103 -17.77 9.87 -3.97
CA ARG A 103 -18.59 9.94 -5.19
C ARG A 103 -20.07 9.66 -4.86
N SER A 104 -20.96 10.40 -5.55
CA SER A 104 -22.43 10.25 -5.43
C SER A 104 -22.94 9.06 -6.26
N SER A 105 -22.06 8.53 -7.13
CA SER A 105 -22.30 7.27 -7.89
C SER A 105 -22.43 6.06 -6.93
N GLY A 106 -21.83 6.20 -5.73
CA GLY A 106 -21.87 5.19 -4.68
C GLY A 106 -20.62 4.31 -4.66
N TRP A 107 -20.03 4.12 -5.85
CA TRP A 107 -18.79 3.34 -6.00
C TRP A 107 -17.59 4.18 -5.54
N ASP A 108 -16.90 3.69 -4.50
CA ASP A 108 -15.62 4.26 -4.04
C ASP A 108 -14.58 4.06 -5.15
N THR A 109 -14.02 5.18 -5.65
CA THR A 109 -13.09 5.17 -6.77
C THR A 109 -11.94 6.18 -6.50
N PRO A 110 -10.64 5.75 -6.62
CA PRO A 110 -9.49 6.67 -6.49
C PRO A 110 -9.29 7.54 -7.76
N ASP A 111 -8.83 8.78 -7.53
CA ASP A 111 -8.51 9.75 -8.60
C ASP A 111 -7.01 9.73 -8.91
N TYR A 112 -6.23 9.38 -7.88
CA TYR A 112 -4.76 9.39 -7.90
C TYR A 112 -4.26 7.96 -7.66
N TRP A 113 -3.38 7.48 -8.55
CA TRP A 113 -2.58 6.26 -8.34
C TRP A 113 -1.13 6.72 -8.16
N GLY A 114 -0.49 6.24 -7.08
CA GLY A 114 0.83 6.69 -6.71
C GLY A 114 1.95 6.07 -7.54
N GLN A 115 3.19 6.43 -7.20
CA GLN A 115 4.39 5.97 -7.90
C GLN A 115 4.66 4.48 -7.63
N GLY A 116 4.19 4.01 -6.46
CA GLY A 116 4.41 2.64 -6.02
C GLY A 116 5.79 2.42 -5.44
N THR A 117 5.99 1.25 -4.83
CA THR A 117 7.28 0.84 -4.28
C THR A 117 7.49 -0.68 -4.52
N GLN A 118 8.62 -1.01 -5.18
CA GLN A 118 8.94 -2.38 -5.61
C GLN A 118 9.45 -3.24 -4.44
N VAL A 119 8.55 -4.08 -3.90
CA VAL A 119 8.91 -5.12 -2.92
C VAL A 119 9.31 -6.39 -3.69
N THR A 120 10.24 -7.17 -3.14
CA THR A 120 10.63 -8.47 -3.69
C THR A 120 10.72 -9.49 -2.56
N VAL A 121 9.72 -10.35 -2.43
CA VAL A 121 9.79 -11.42 -1.44
C VAL A 121 10.43 -12.63 -2.12
N SER A 122 11.77 -12.79 -1.92
CA SER A 122 12.50 -13.95 -2.45
C SER A 122 12.10 -15.24 -1.69
N SER A 123 12.18 -16.40 -2.38
CA SER A 123 11.69 -17.69 -1.87
C SER A 123 12.64 -18.24 -0.77
N LEU A 124 12.40 -17.80 0.49
CA LEU A 124 13.19 -18.16 1.70
C LEU A 124 14.63 -17.58 1.67
N GLU A 125 14.97 -16.83 0.62
CA GLU A 125 16.33 -16.29 0.41
C GLU A 125 16.46 -14.91 1.07
N HIS A 126 16.87 -14.93 2.36
CA HIS A 126 17.31 -13.72 3.07
C HIS A 126 18.71 -13.32 2.61
N HIS A 127 19.42 -14.29 2.00
CA HIS A 127 20.72 -14.07 1.37
C HIS A 127 20.51 -13.40 0.00
N HIS A 128 21.04 -12.17 -0.14
CA HIS A 128 20.98 -11.39 -1.37
C HIS A 128 22.05 -10.29 -1.36
N HIS A 129 22.21 -9.58 -2.48
CA HIS A 129 23.12 -8.42 -2.56
C HIS A 129 22.46 -7.19 -1.94
N HIS A 130 23.26 -6.38 -1.22
CA HIS A 130 22.83 -5.06 -0.73
C HIS A 130 23.52 -3.98 -1.58
N HIS A 131 22.70 -3.16 -2.27
CA HIS A 131 23.18 -2.00 -3.03
C HIS A 131 23.16 -0.75 -2.11
N MET A 1 -4.51 19.47 -9.91
CA MET A 1 -3.70 18.86 -8.83
C MET A 1 -4.08 17.37 -8.67
N GLN A 2 -3.14 16.48 -8.99
CA GLN A 2 -3.25 15.04 -8.70
C GLN A 2 -2.86 14.78 -7.24
N LEU A 3 -3.32 13.64 -6.69
CA LEU A 3 -2.94 13.22 -5.34
C LEU A 3 -1.49 12.71 -5.33
N GLN A 4 -0.63 13.41 -4.58
CA GLN A 4 0.81 13.09 -4.48
C GLN A 4 1.04 12.15 -3.28
N LEU A 5 1.37 10.88 -3.57
CA LEU A 5 1.69 9.87 -2.54
C LEU A 5 3.12 9.38 -2.76
N VAL A 6 4.00 9.58 -1.76
CA VAL A 6 5.41 9.17 -1.83
C VAL A 6 5.55 7.85 -1.09
N GLU A 7 5.63 6.77 -1.86
CA GLU A 7 5.65 5.41 -1.34
C GLU A 7 7.10 4.95 -1.15
N SER A 8 7.36 4.31 -0.01
CA SER A 8 8.69 3.88 0.42
C SER A 8 8.58 2.60 1.26
N GLY A 9 9.72 1.93 1.46
CA GLY A 9 9.78 0.64 2.14
C GLY A 9 10.06 -0.50 1.16
N GLY A 10 9.69 -0.28 -0.13
CA GLY A 10 9.84 -1.28 -1.19
C GLY A 10 11.29 -1.65 -1.46
N GLY A 11 11.57 -2.95 -1.47
CA GLY A 11 12.90 -3.50 -1.68
C GLY A 11 12.90 -5.00 -1.63
N LEU A 12 14.10 -5.60 -1.70
CA LEU A 12 14.28 -7.03 -1.64
C LEU A 12 14.16 -7.52 -0.19
N VAL A 13 13.15 -8.36 0.07
CA VAL A 13 12.87 -8.95 1.40
C VAL A 13 12.71 -10.47 1.26
N GLN A 14 12.80 -11.21 2.37
CA GLN A 14 12.73 -12.69 2.37
C GLN A 14 11.30 -13.19 2.61
N ALA A 15 10.96 -14.32 1.95
CA ALA A 15 9.66 -15.02 2.09
C ALA A 15 9.45 -15.48 3.54
N GLY A 16 8.30 -15.10 4.11
CA GLY A 16 7.98 -15.38 5.50
C GLY A 16 8.41 -14.25 6.43
N GLY A 17 8.80 -13.12 5.82
CA GLY A 17 9.22 -11.93 6.56
C GLY A 17 8.06 -10.99 6.83
N SER A 18 8.40 -9.76 7.24
CA SER A 18 7.46 -8.68 7.42
C SER A 18 8.09 -7.36 6.95
N LEU A 19 7.38 -6.61 6.09
CA LEU A 19 7.84 -5.33 5.54
C LEU A 19 6.76 -4.27 5.75
N ARG A 20 7.12 -3.18 6.44
CA ARG A 20 6.22 -2.03 6.62
C ARG A 20 6.49 -0.99 5.52
N LEU A 21 5.46 -0.74 4.71
CA LEU A 21 5.46 0.33 3.70
C LEU A 21 4.96 1.64 4.35
N SER A 22 5.42 2.77 3.81
CA SER A 22 5.03 4.11 4.27
C SER A 22 4.77 5.01 3.06
N CYS A 23 3.57 5.62 3.03
CA CYS A 23 3.06 6.42 1.91
C CYS A 23 2.78 7.85 2.41
N VAL A 24 3.69 8.77 2.08
CA VAL A 24 3.71 10.15 2.61
C VAL A 24 3.00 11.10 1.62
N ALA A 25 1.90 11.75 2.05
CA ALA A 25 1.03 12.51 1.13
C ALA A 25 1.56 13.94 0.94
N SER A 26 2.27 14.15 -0.20
CA SER A 26 2.89 15.43 -0.60
C SER A 26 3.73 16.05 0.55
N GLY A 27 4.44 15.17 1.26
CA GLY A 27 5.08 15.52 2.53
C GLY A 27 4.04 15.55 3.64
N ARG A 28 3.42 16.74 3.86
CA ARG A 28 2.36 16.93 4.87
C ARG A 28 1.29 17.85 4.29
N THR A 29 0.22 17.25 3.71
CA THR A 29 -0.94 17.99 3.18
C THR A 29 -2.24 17.32 3.65
N PHE A 30 -3.33 18.10 3.65
CA PHE A 30 -4.69 17.61 3.91
C PHE A 30 -5.47 17.75 2.60
N ARG A 31 -5.98 16.62 2.06
CA ARG A 31 -6.68 16.60 0.78
C ARG A 31 -7.65 15.40 0.73
N SER A 32 -7.14 14.21 0.39
CA SER A 32 -7.96 13.02 0.16
C SER A 32 -8.43 12.40 1.49
N ASN A 33 -9.76 12.32 1.64
CA ASN A 33 -10.42 11.63 2.77
C ASN A 33 -10.73 10.16 2.39
N ALA A 34 -10.18 9.73 1.25
CA ALA A 34 -10.29 8.36 0.73
C ALA A 34 -8.94 7.93 0.13
N MET A 35 -8.38 6.83 0.64
CA MET A 35 -7.08 6.25 0.25
C MET A 35 -7.20 4.71 0.22
N GLY A 36 -6.23 4.01 -0.40
CA GLY A 36 -6.24 2.56 -0.45
C GLY A 36 -4.92 1.94 -0.88
N TRP A 37 -4.69 0.68 -0.49
CA TRP A 37 -3.54 -0.13 -0.91
C TRP A 37 -4.03 -1.21 -1.87
N PHE A 38 -3.31 -1.38 -2.99
CA PHE A 38 -3.64 -2.36 -4.03
C PHE A 38 -2.34 -3.05 -4.49
N ARG A 39 -2.41 -4.38 -4.72
CA ARG A 39 -1.27 -5.18 -5.17
C ARG A 39 -1.41 -5.50 -6.67
N GLN A 40 -0.32 -5.40 -7.41
CA GLN A 40 -0.31 -5.60 -8.87
C GLN A 40 0.98 -6.30 -9.29
N ALA A 41 0.84 -7.35 -10.10
CA ALA A 41 1.99 -8.07 -10.69
C ALA A 41 2.31 -7.48 -12.09
N PRO A 42 3.54 -7.72 -12.67
CA PRO A 42 3.89 -7.23 -14.03
C PRO A 42 2.86 -7.64 -15.13
N GLY A 43 2.11 -6.64 -15.64
CA GLY A 43 1.12 -6.85 -16.71
C GLY A 43 -0.24 -7.37 -16.22
N LYS A 44 -0.41 -7.44 -14.89
CA LYS A 44 -1.65 -7.93 -14.24
C LYS A 44 -2.44 -6.76 -13.64
N GLU A 45 -3.64 -7.05 -13.12
CA GLU A 45 -4.53 -6.04 -12.49
C GLU A 45 -4.08 -5.74 -11.04
N ARG A 46 -4.62 -4.65 -10.45
CA ARG A 46 -4.37 -4.29 -9.04
C ARG A 46 -5.59 -4.65 -8.17
N GLU A 47 -5.39 -5.63 -7.25
CA GLU A 47 -6.43 -6.10 -6.33
C GLU A 47 -6.35 -5.35 -5.01
N PHE A 48 -7.52 -5.08 -4.40
CA PHE A 48 -7.63 -4.41 -3.11
C PHE A 48 -6.97 -5.23 -1.98
N VAL A 49 -5.95 -4.64 -1.37
CA VAL A 49 -5.34 -5.17 -0.14
C VAL A 49 -6.10 -4.59 1.06
N ALA A 50 -6.31 -3.26 1.00
CA ALA A 50 -6.92 -2.47 2.08
C ALA A 50 -7.36 -1.10 1.57
N ALA A 51 -8.00 -0.31 2.46
CA ALA A 51 -8.52 1.02 2.15
C ALA A 51 -8.66 1.85 3.45
N ILE A 52 -8.07 3.05 3.42
CA ILE A 52 -8.03 3.98 4.56
C ILE A 52 -8.73 5.30 4.19
N ARG A 53 -9.79 5.59 4.93
CA ARG A 53 -10.45 6.90 4.93
C ARG A 53 -9.92 7.74 6.11
N TRP A 54 -10.49 8.93 6.32
CA TRP A 54 -10.33 9.71 7.57
C TRP A 54 -10.48 8.82 8.85
N SER A 55 -9.97 9.31 10.00
CA SER A 55 -9.89 8.54 11.27
C SER A 55 -11.29 8.12 11.76
N GLY A 56 -11.52 6.79 11.89
CA GLY A 56 -12.83 6.22 12.21
C GLY A 56 -13.43 5.43 11.03
N GLY A 57 -12.90 5.67 9.82
CA GLY A 57 -13.28 4.93 8.60
C GLY A 57 -12.07 4.29 7.91
N SER A 58 -10.94 4.27 8.61
CA SER A 58 -9.65 3.77 8.09
C SER A 58 -9.51 2.26 8.40
N THR A 59 -10.25 1.41 7.65
CA THR A 59 -10.37 -0.04 7.93
C THR A 59 -10.82 -0.78 6.66
N TYR A 60 -10.02 -1.78 6.23
CA TYR A 60 -10.38 -2.68 5.11
C TYR A 60 -9.35 -3.82 5.02
N TYR A 61 -9.81 -5.04 4.72
CA TYR A 61 -8.94 -6.19 4.38
C TYR A 61 -9.77 -7.32 3.75
N ALA A 62 -9.08 -8.19 2.99
CA ALA A 62 -9.63 -9.47 2.52
C ALA A 62 -9.21 -10.61 3.48
N ASP A 63 -9.86 -11.79 3.34
CA ASP A 63 -9.59 -12.96 4.19
C ASP A 63 -8.17 -13.53 3.99
N SER A 64 -7.62 -13.35 2.77
CA SER A 64 -6.24 -13.81 2.43
C SER A 64 -5.17 -13.00 3.19
N VAL A 65 -5.46 -11.71 3.43
CA VAL A 65 -4.54 -10.77 4.10
C VAL A 65 -5.00 -10.48 5.56
N LYS A 66 -6.00 -11.26 6.02
CA LYS A 66 -6.62 -11.09 7.37
C LYS A 66 -5.59 -11.34 8.48
N GLY A 67 -5.36 -10.31 9.32
CA GLY A 67 -4.48 -10.42 10.49
C GLY A 67 -2.98 -10.29 10.18
N ARG A 68 -2.61 -10.45 8.90
CA ARG A 68 -1.20 -10.42 8.47
C ARG A 68 -0.86 -9.03 7.92
N PHE A 69 -1.75 -8.50 7.08
CA PHE A 69 -1.62 -7.14 6.54
C PHE A 69 -2.49 -6.20 7.38
N THR A 70 -1.85 -5.21 7.98
CA THR A 70 -2.51 -4.24 8.87
C THR A 70 -2.22 -2.82 8.34
N ILE A 71 -3.19 -1.90 8.47
CA ILE A 71 -3.07 -0.54 7.91
C ILE A 71 -3.37 0.51 9.00
N SER A 72 -2.61 1.61 8.95
CA SER A 72 -2.69 2.73 9.92
C SER A 72 -2.29 4.04 9.23
N ARG A 73 -3.03 5.13 9.51
CA ARG A 73 -2.73 6.46 8.98
C ARG A 73 -2.61 7.44 10.14
N ASP A 74 -1.53 8.23 10.18
CA ASP A 74 -1.35 9.29 11.18
C ASP A 74 -1.58 10.65 10.50
N ASN A 75 -2.71 11.30 10.87
CA ASN A 75 -3.21 12.55 10.26
C ASN A 75 -2.29 13.77 10.61
N ALA A 76 -1.45 13.59 11.66
CA ALA A 76 -0.48 14.62 12.11
C ALA A 76 0.42 15.09 10.96
N LYS A 77 0.89 14.13 10.15
CA LYS A 77 1.70 14.43 8.95
C LYS A 77 1.02 13.91 7.67
N ASN A 78 -0.12 13.21 7.83
CA ASN A 78 -0.82 12.49 6.75
C ASN A 78 0.12 11.53 6.01
N THR A 79 0.53 10.49 6.74
CA THR A 79 1.32 9.39 6.19
C THR A 79 0.62 8.07 6.55
N VAL A 80 0.50 7.21 5.54
CA VAL A 80 -0.20 5.92 5.62
C VAL A 80 0.84 4.80 5.76
N TYR A 81 0.48 3.71 6.41
CA TYR A 81 1.38 2.58 6.68
C TYR A 81 0.69 1.26 6.32
N LEU A 82 1.46 0.32 5.74
CA LEU A 82 0.99 -1.04 5.41
C LEU A 82 1.99 -2.04 5.99
N GLN A 83 1.65 -2.60 7.15
CA GLN A 83 2.46 -3.65 7.80
C GLN A 83 2.10 -5.01 7.17
N MET A 84 2.94 -5.44 6.21
CA MET A 84 2.77 -6.70 5.49
C MET A 84 3.53 -7.82 6.22
N ASN A 85 2.81 -8.73 6.88
CA ASN A 85 3.42 -9.90 7.59
C ASN A 85 3.14 -11.18 6.81
N SER A 86 4.04 -12.17 7.00
CA SER A 86 3.98 -13.48 6.35
C SER A 86 4.03 -13.31 4.81
N LEU A 87 5.16 -12.75 4.34
CA LEU A 87 5.40 -12.47 2.92
C LEU A 87 5.53 -13.77 2.11
N LYS A 88 5.20 -13.72 0.83
CA LYS A 88 5.28 -14.87 -0.08
C LYS A 88 6.23 -14.51 -1.22
N PRO A 89 6.94 -15.50 -1.86
CA PRO A 89 7.79 -15.23 -3.04
C PRO A 89 6.96 -14.70 -4.27
N GLU A 90 5.61 -14.88 -4.18
CA GLU A 90 4.64 -14.34 -5.16
C GLU A 90 4.59 -12.80 -5.13
N ASP A 91 4.96 -12.22 -3.97
CA ASP A 91 4.91 -10.75 -3.74
C ASP A 91 6.16 -10.04 -4.33
N THR A 92 6.81 -10.65 -5.33
CA THR A 92 7.71 -9.93 -6.24
C THR A 92 6.82 -9.21 -7.29
N ALA A 93 6.45 -7.97 -6.95
CA ALA A 93 5.43 -7.20 -7.66
C ALA A 93 5.45 -5.72 -7.24
N VAL A 94 4.49 -4.94 -7.72
CA VAL A 94 4.33 -3.53 -7.37
C VAL A 94 3.07 -3.35 -6.49
N TYR A 95 3.30 -3.08 -5.20
CA TYR A 95 2.24 -2.63 -4.28
C TYR A 95 2.13 -1.12 -4.43
N LEU A 96 0.98 -0.64 -4.91
CA LEU A 96 0.72 0.79 -5.09
C LEU A 96 -0.39 1.29 -4.15
N CYS A 97 -0.15 2.46 -3.57
CA CYS A 97 -1.14 3.19 -2.79
C CYS A 97 -1.85 4.17 -3.72
N ALA A 98 -3.05 4.56 -3.34
CA ALA A 98 -3.95 5.34 -4.20
C ALA A 98 -4.82 6.24 -3.34
N ALA A 99 -5.32 7.34 -3.93
CA ALA A 99 -6.15 8.33 -3.22
C ALA A 99 -7.04 9.13 -4.19
N GLY A 100 -8.13 9.71 -3.65
CA GLY A 100 -9.01 10.62 -4.41
C GLY A 100 -10.41 10.67 -3.82
N VAL A 101 -11.08 11.84 -3.96
CA VAL A 101 -12.44 12.06 -3.41
C VAL A 101 -13.46 12.19 -4.58
N TRP A 102 -13.06 11.68 -5.75
CA TRP A 102 -13.88 11.71 -6.98
C TRP A 102 -14.22 10.26 -7.35
N ARG A 103 -15.48 9.86 -7.08
CA ARG A 103 -15.97 8.49 -7.36
C ARG A 103 -17.25 8.57 -8.21
N SER A 104 -17.37 7.67 -9.21
CA SER A 104 -18.55 7.60 -10.09
C SER A 104 -19.63 6.67 -9.51
N SER A 105 -19.17 5.53 -8.96
CA SER A 105 -20.03 4.43 -8.48
C SER A 105 -20.64 4.75 -7.11
N GLY A 106 -19.96 5.62 -6.33
CA GLY A 106 -20.37 5.93 -4.96
C GLY A 106 -19.61 5.09 -3.94
N TRP A 107 -19.19 3.89 -4.35
CA TRP A 107 -18.32 3.00 -3.55
C TRP A 107 -16.93 3.63 -3.41
N ASP A 108 -16.31 3.45 -2.23
CA ASP A 108 -15.03 4.09 -1.87
C ASP A 108 -13.89 3.54 -2.77
N THR A 109 -13.55 4.31 -3.80
CA THR A 109 -12.59 3.94 -4.85
C THR A 109 -11.65 5.14 -5.11
N PRO A 110 -10.36 4.88 -5.52
CA PRO A 110 -9.39 5.96 -5.81
C PRO A 110 -9.62 6.63 -7.17
N ASP A 111 -9.19 7.88 -7.30
CA ASP A 111 -9.24 8.64 -8.57
C ASP A 111 -7.83 8.67 -9.19
N TYR A 112 -6.84 8.85 -8.33
CA TYR A 112 -5.41 8.88 -8.71
C TYR A 112 -4.64 7.81 -7.93
N TRP A 113 -3.43 7.50 -8.42
CA TRP A 113 -2.46 6.59 -7.77
C TRP A 113 -1.18 7.37 -7.45
N GLY A 114 -0.39 6.88 -6.48
CA GLY A 114 0.81 7.57 -6.02
C GLY A 114 1.97 7.43 -6.98
N GLN A 115 2.61 6.25 -6.97
CA GLN A 115 3.77 5.94 -7.81
C GLN A 115 3.89 4.42 -7.96
N GLY A 116 3.70 3.69 -6.85
CA GLY A 116 3.94 2.27 -6.78
C GLY A 116 5.27 1.94 -6.15
N THR A 117 5.25 1.31 -4.97
CA THR A 117 6.47 0.89 -4.25
C THR A 117 6.77 -0.60 -4.58
N GLN A 118 7.85 -0.79 -5.37
CA GLN A 118 8.28 -2.10 -5.89
C GLN A 118 8.87 -2.97 -4.78
N VAL A 119 8.10 -3.98 -4.35
CA VAL A 119 8.53 -4.98 -3.36
C VAL A 119 8.96 -6.25 -4.11
N THR A 120 10.18 -6.72 -3.86
CA THR A 120 10.72 -7.92 -4.52
C THR A 120 11.06 -8.94 -3.43
N VAL A 121 10.23 -9.98 -3.28
CA VAL A 121 10.44 -10.97 -2.22
C VAL A 121 11.35 -12.11 -2.73
N SER A 122 12.63 -12.11 -2.28
CA SER A 122 13.50 -13.30 -2.41
C SER A 122 12.87 -14.50 -1.69
N SER A 123 12.98 -15.68 -2.31
CA SER A 123 12.44 -16.93 -1.74
C SER A 123 13.33 -17.37 -0.57
N LEU A 124 12.96 -16.91 0.65
CA LEU A 124 13.62 -17.23 1.94
C LEU A 124 14.99 -16.52 2.13
N GLU A 125 15.63 -16.10 1.01
CA GLU A 125 16.98 -15.50 1.01
C GLU A 125 16.91 -14.03 1.45
N HIS A 126 17.95 -13.57 2.15
CA HIS A 126 17.99 -12.22 2.76
C HIS A 126 18.81 -11.26 1.88
N HIS A 127 18.40 -9.99 1.88
CA HIS A 127 19.07 -8.91 1.13
C HIS A 127 20.25 -8.37 1.95
N HIS A 128 21.45 -8.87 1.66
CA HIS A 128 22.70 -8.36 2.25
C HIS A 128 23.08 -7.02 1.56
N HIS A 129 22.98 -5.93 2.33
CA HIS A 129 23.30 -4.56 1.85
C HIS A 129 24.81 -4.42 1.60
N HIS A 130 25.14 -3.83 0.46
CA HIS A 130 26.50 -3.43 0.10
C HIS A 130 26.46 -1.98 -0.40
N HIS A 131 27.36 -1.14 0.12
CA HIS A 131 27.48 0.26 -0.30
C HIS A 131 28.54 0.35 -1.42
N MET A 1 -4.74 20.60 -9.36
CA MET A 1 -4.95 19.49 -8.40
C MET A 1 -3.85 18.43 -8.60
N GLN A 2 -2.71 18.64 -7.92
CA GLN A 2 -1.58 17.71 -7.93
C GLN A 2 -1.62 16.85 -6.66
N LEU A 3 -2.39 15.75 -6.73
CA LEU A 3 -2.47 14.77 -5.62
C LEU A 3 -1.16 13.97 -5.62
N GLN A 4 -0.34 14.17 -4.58
CA GLN A 4 0.99 13.57 -4.46
C GLN A 4 0.94 12.39 -3.49
N LEU A 5 1.48 11.23 -3.93
CA LEU A 5 1.62 10.02 -3.09
C LEU A 5 3.11 9.60 -3.11
N VAL A 6 3.80 9.81 -1.98
CA VAL A 6 5.24 9.51 -1.84
C VAL A 6 5.37 8.16 -1.13
N GLU A 7 5.65 7.13 -1.93
CA GLU A 7 5.67 5.74 -1.49
C GLU A 7 7.11 5.25 -1.25
N SER A 8 7.26 4.39 -0.22
CA SER A 8 8.55 3.81 0.18
C SER A 8 8.30 2.56 1.02
N GLY A 9 9.33 1.69 1.07
CA GLY A 9 9.26 0.43 1.79
C GLY A 9 9.74 -0.71 0.91
N GLY A 10 9.48 -0.59 -0.40
CA GLY A 10 9.80 -1.63 -1.39
C GLY A 10 11.28 -2.00 -1.45
N GLY A 11 11.55 -3.32 -1.34
CA GLY A 11 12.90 -3.87 -1.40
C GLY A 11 12.88 -5.38 -1.34
N LEU A 12 14.07 -6.00 -1.35
CA LEU A 12 14.22 -7.46 -1.31
C LEU A 12 14.26 -7.94 0.15
N VAL A 13 13.19 -8.62 0.58
CA VAL A 13 13.05 -9.18 1.95
C VAL A 13 12.70 -10.68 1.84
N GLN A 14 13.10 -11.50 2.83
CA GLN A 14 12.84 -12.96 2.78
C GLN A 14 11.35 -13.28 3.09
N ALA A 15 10.86 -14.40 2.52
CA ALA A 15 9.52 -14.93 2.76
C ALA A 15 9.37 -15.35 4.22
N GLY A 16 8.34 -14.80 4.88
CA GLY A 16 8.08 -15.02 6.30
C GLY A 16 8.34 -13.77 7.11
N GLY A 17 9.14 -12.85 6.52
CA GLY A 17 9.48 -11.59 7.14
C GLY A 17 8.34 -10.59 7.17
N SER A 18 8.68 -9.33 7.48
CA SER A 18 7.73 -8.22 7.57
C SER A 18 8.29 -7.01 6.81
N LEU A 19 7.44 -6.39 5.97
CA LEU A 19 7.79 -5.20 5.21
C LEU A 19 6.63 -4.20 5.32
N ARG A 20 6.92 -3.01 5.89
CA ARG A 20 5.94 -1.95 6.06
C ARG A 20 6.08 -0.93 4.91
N LEU A 21 5.01 -0.74 4.15
CA LEU A 21 4.93 0.31 3.14
C LEU A 21 4.44 1.61 3.79
N SER A 22 4.74 2.74 3.14
CA SER A 22 4.40 4.07 3.63
C SER A 22 4.11 4.98 2.43
N CYS A 23 2.92 5.61 2.45
CA CYS A 23 2.45 6.52 1.41
C CYS A 23 2.13 7.88 2.03
N VAL A 24 2.99 8.86 1.77
CA VAL A 24 2.86 10.21 2.30
C VAL A 24 1.99 11.05 1.35
N ALA A 25 0.82 11.49 1.82
CA ALA A 25 -0.16 12.21 0.99
C ALA A 25 0.12 13.71 1.05
N SER A 26 0.73 14.22 -0.05
CA SER A 26 1.10 15.64 -0.25
C SER A 26 1.97 16.19 0.90
N GLY A 27 2.86 15.33 1.42
CA GLY A 27 3.78 15.69 2.51
C GLY A 27 3.07 15.77 3.84
N ARG A 28 2.89 17.00 4.34
CA ARG A 28 2.14 17.29 5.58
C ARG A 28 0.93 18.18 5.29
N THR A 29 0.62 18.34 3.99
CA THR A 29 -0.60 19.00 3.52
C THR A 29 -1.77 18.00 3.57
N PHE A 30 -2.98 18.48 3.85
CA PHE A 30 -4.17 17.63 3.96
C PHE A 30 -5.00 17.81 2.68
N ARG A 31 -5.11 16.70 1.92
CA ARG A 31 -5.96 16.55 0.72
C ARG A 31 -6.37 15.07 0.59
N SER A 32 -6.09 14.29 1.64
CA SER A 32 -6.28 12.84 1.67
C SER A 32 -7.72 12.49 2.11
N ASN A 33 -8.61 12.43 1.11
CA ASN A 33 -9.98 11.93 1.30
C ASN A 33 -9.96 10.42 1.55
N ALA A 34 -9.21 9.71 0.66
CA ALA A 34 -9.18 8.25 0.63
C ALA A 34 -8.05 7.75 -0.28
N MET A 35 -7.21 6.87 0.27
CA MET A 35 -6.12 6.18 -0.46
C MET A 35 -6.29 4.65 -0.26
N GLY A 36 -6.47 3.93 -1.37
CA GLY A 36 -6.53 2.47 -1.35
C GLY A 36 -5.23 1.84 -1.86
N TRP A 37 -4.81 0.74 -1.20
CA TRP A 37 -3.63 -0.03 -1.62
C TRP A 37 -4.06 -1.08 -2.65
N PHE A 38 -3.40 -1.06 -3.81
CA PHE A 38 -3.58 -2.06 -4.88
C PHE A 38 -2.20 -2.63 -5.24
N ARG A 39 -2.12 -3.90 -5.65
CA ARG A 39 -0.85 -4.52 -6.07
C ARG A 39 -1.01 -5.13 -7.46
N GLN A 40 0.01 -4.97 -8.31
CA GLN A 40 0.06 -5.60 -9.64
C GLN A 40 1.32 -6.45 -9.71
N ALA A 41 1.17 -7.72 -10.14
CA ALA A 41 2.30 -8.61 -10.38
C ALA A 41 2.99 -8.23 -11.71
N PRO A 42 4.31 -8.52 -11.90
CA PRO A 42 5.02 -8.30 -13.19
C PRO A 42 4.28 -8.96 -14.39
N GLY A 43 3.56 -8.12 -15.17
CA GLY A 43 2.80 -8.57 -16.33
C GLY A 43 1.33 -8.83 -16.03
N LYS A 44 0.82 -8.23 -14.93
CA LYS A 44 -0.57 -8.48 -14.45
C LYS A 44 -1.31 -7.18 -14.11
N GLU A 45 -2.63 -7.34 -13.86
CA GLU A 45 -3.55 -6.28 -13.43
C GLU A 45 -3.64 -6.25 -11.89
N ARG A 46 -4.39 -5.26 -11.36
CA ARG A 46 -4.42 -4.95 -9.91
C ARG A 46 -5.12 -6.03 -9.07
N GLU A 47 -4.77 -6.03 -7.78
CA GLU A 47 -5.46 -6.77 -6.74
C GLU A 47 -5.77 -5.77 -5.61
N PHE A 48 -7.05 -5.69 -5.23
CA PHE A 48 -7.51 -4.83 -4.15
C PHE A 48 -6.96 -5.37 -2.82
N VAL A 49 -6.03 -4.62 -2.22
CA VAL A 49 -5.37 -5.01 -0.95
C VAL A 49 -6.11 -4.35 0.23
N ALA A 50 -6.31 -3.01 0.14
CA ALA A 50 -6.88 -2.21 1.23
C ALA A 50 -7.53 -0.91 0.70
N ALA A 51 -8.26 -0.22 1.60
CA ALA A 51 -8.84 1.11 1.33
C ALA A 51 -9.04 1.88 2.66
N ILE A 52 -8.38 3.05 2.76
CA ILE A 52 -8.34 3.89 3.96
C ILE A 52 -8.86 5.28 3.61
N ARG A 53 -9.98 5.67 4.23
CA ARG A 53 -10.52 7.03 4.12
C ARG A 53 -10.05 7.87 5.31
N TRP A 54 -10.43 9.15 5.33
CA TRP A 54 -10.22 10.03 6.49
C TRP A 54 -11.16 9.63 7.66
N SER A 55 -12.32 9.06 7.30
CA SER A 55 -13.35 8.61 8.25
C SER A 55 -14.18 7.47 7.65
N GLY A 56 -14.86 6.70 8.53
CA GLY A 56 -15.75 5.61 8.10
C GLY A 56 -15.18 4.22 8.37
N GLY A 57 -14.09 4.14 9.17
CA GLY A 57 -13.52 2.85 9.59
C GLY A 57 -12.17 2.61 8.98
N SER A 58 -12.11 2.75 7.64
CA SER A 58 -10.85 2.81 6.87
C SER A 58 -10.02 1.52 7.02
N THR A 59 -10.57 0.40 6.53
CA THR A 59 -10.09 -0.97 6.81
C THR A 59 -10.54 -1.93 5.70
N TYR A 60 -9.59 -2.62 5.07
CA TYR A 60 -9.85 -3.65 4.04
C TYR A 60 -8.64 -4.58 3.94
N TYR A 61 -8.92 -5.89 3.87
CA TYR A 61 -7.94 -6.97 3.66
C TYR A 61 -8.68 -8.26 3.29
N ALA A 62 -8.00 -9.16 2.56
CA ALA A 62 -8.51 -10.50 2.23
C ALA A 62 -8.34 -11.43 3.46
N ASP A 63 -9.23 -12.44 3.59
CA ASP A 63 -9.20 -13.42 4.69
C ASP A 63 -7.85 -14.17 4.75
N SER A 64 -7.26 -14.39 3.56
CA SER A 64 -5.97 -15.10 3.38
C SER A 64 -4.79 -14.30 3.97
N VAL A 65 -4.90 -12.96 3.98
CA VAL A 65 -3.83 -12.06 4.45
C VAL A 65 -4.21 -11.38 5.79
N LYS A 66 -5.47 -11.56 6.24
CA LYS A 66 -6.02 -10.87 7.44
C LYS A 66 -5.29 -11.34 8.71
N GLY A 67 -4.70 -10.38 9.45
CA GLY A 67 -3.95 -10.65 10.67
C GLY A 67 -2.44 -10.53 10.46
N ARG A 68 -2.01 -10.80 9.22
CA ARG A 68 -0.61 -10.63 8.78
C ARG A 68 -0.45 -9.19 8.27
N PHE A 69 -1.35 -8.83 7.34
CA PHE A 69 -1.41 -7.50 6.72
C PHE A 69 -2.38 -6.62 7.54
N THR A 70 -1.93 -5.41 7.86
CA THR A 70 -2.69 -4.42 8.65
C THR A 70 -2.45 -3.03 8.05
N ILE A 71 -3.43 -2.12 8.16
CA ILE A 71 -3.31 -0.73 7.68
C ILE A 71 -3.57 0.27 8.82
N SER A 72 -2.83 1.38 8.79
CA SER A 72 -2.91 2.45 9.79
C SER A 72 -2.71 3.81 9.11
N ARG A 73 -3.55 4.80 9.44
CA ARG A 73 -3.41 6.17 8.94
C ARG A 73 -3.03 7.12 10.09
N ASP A 74 -1.92 7.85 9.91
CA ASP A 74 -1.52 8.96 10.80
C ASP A 74 -1.84 10.28 10.08
N ASN A 75 -3.03 10.83 10.39
CA ASN A 75 -3.58 12.03 9.71
C ASN A 75 -2.72 13.30 9.99
N ALA A 76 -2.01 13.29 11.14
CA ALA A 76 -1.18 14.43 11.59
C ALA A 76 -0.04 14.75 10.59
N LYS A 77 0.48 13.70 9.93
CA LYS A 77 1.52 13.82 8.87
C LYS A 77 1.00 13.27 7.53
N ASN A 78 -0.31 12.96 7.49
CA ASN A 78 -1.05 12.50 6.28
C ASN A 78 -0.41 11.26 5.62
N THR A 79 0.22 10.41 6.43
CA THR A 79 0.95 9.23 5.94
C THR A 79 0.20 7.96 6.36
N VAL A 80 -0.02 7.07 5.38
CA VAL A 80 -0.72 5.79 5.59
C VAL A 80 0.28 4.65 5.40
N TYR A 81 0.18 3.64 6.25
CA TYR A 81 1.10 2.50 6.27
C TYR A 81 0.33 1.21 5.97
N LEU A 82 0.96 0.33 5.17
CA LEU A 82 0.52 -1.05 4.97
C LEU A 82 1.59 -1.96 5.57
N GLN A 83 1.36 -2.41 6.81
CA GLN A 83 2.26 -3.32 7.51
C GLN A 83 1.95 -4.75 7.10
N MET A 84 2.76 -5.29 6.19
CA MET A 84 2.64 -6.67 5.73
C MET A 84 3.57 -7.56 6.57
N ASN A 85 3.03 -8.62 7.16
CA ASN A 85 3.82 -9.61 7.94
C ASN A 85 3.59 -10.99 7.32
N SER A 86 4.43 -11.97 7.72
CA SER A 86 4.29 -13.39 7.33
C SER A 86 4.30 -13.54 5.79
N LEU A 87 5.20 -12.75 5.17
CA LEU A 87 5.26 -12.55 3.72
C LEU A 87 5.43 -13.86 2.96
N LYS A 88 4.77 -13.93 1.81
CA LYS A 88 4.86 -15.06 0.89
C LYS A 88 5.73 -14.63 -0.31
N PRO A 89 6.45 -15.56 -1.00
CA PRO A 89 7.27 -15.21 -2.19
C PRO A 89 6.42 -14.68 -3.37
N GLU A 90 5.07 -14.86 -3.29
CA GLU A 90 4.10 -14.30 -4.27
C GLU A 90 4.07 -12.75 -4.20
N ASP A 91 4.50 -12.18 -3.05
CA ASP A 91 4.52 -10.72 -2.81
C ASP A 91 5.72 -10.05 -3.52
N THR A 92 6.25 -10.69 -4.57
CA THR A 92 7.15 -10.06 -5.55
C THR A 92 6.27 -9.31 -6.60
N ALA A 93 6.02 -8.02 -6.34
CA ALA A 93 5.08 -7.19 -7.15
C ALA A 93 5.31 -5.69 -6.90
N VAL A 94 4.45 -4.84 -7.50
CA VAL A 94 4.43 -3.40 -7.22
C VAL A 94 3.17 -3.07 -6.40
N TYR A 95 3.37 -2.68 -5.13
CA TYR A 95 2.30 -2.12 -4.29
C TYR A 95 2.21 -0.63 -4.58
N LEU A 96 1.14 -0.23 -5.26
CA LEU A 96 0.90 1.13 -5.68
C LEU A 96 -0.30 1.69 -4.92
N CYS A 97 -0.18 2.94 -4.48
CA CYS A 97 -1.26 3.64 -3.80
C CYS A 97 -2.10 4.39 -4.83
N ALA A 98 -3.42 4.36 -4.64
CA ALA A 98 -4.37 4.97 -5.55
C ALA A 98 -5.40 5.76 -4.75
N ALA A 99 -5.44 7.08 -4.95
CA ALA A 99 -6.27 7.99 -4.16
C ALA A 99 -7.38 8.57 -5.01
N GLY A 100 -8.48 8.92 -4.35
CA GLY A 100 -9.61 9.56 -5.02
C GLY A 100 -10.14 10.72 -4.21
N VAL A 101 -10.70 11.73 -4.92
CA VAL A 101 -11.35 12.89 -4.29
C VAL A 101 -12.70 12.46 -3.66
N TRP A 102 -13.27 13.35 -2.82
CA TRP A 102 -14.57 13.12 -2.14
C TRP A 102 -15.70 12.77 -3.15
N ARG A 103 -16.48 11.74 -2.82
CA ARG A 103 -17.60 11.27 -3.66
C ARG A 103 -18.82 10.97 -2.77
N SER A 104 -20.01 11.02 -3.39
CA SER A 104 -21.30 10.74 -2.73
C SER A 104 -21.52 9.21 -2.56
N SER A 105 -20.82 8.42 -3.40
CA SER A 105 -20.94 6.94 -3.42
C SER A 105 -20.26 6.28 -2.20
N GLY A 106 -19.24 6.97 -1.65
CA GLY A 106 -18.57 6.55 -0.42
C GLY A 106 -17.48 5.49 -0.59
N TRP A 107 -17.61 4.59 -1.60
CA TRP A 107 -16.63 3.51 -1.84
C TRP A 107 -15.33 4.06 -2.45
N ASP A 108 -14.21 3.34 -2.21
CA ASP A 108 -12.87 3.79 -2.62
C ASP A 108 -12.67 3.59 -4.12
N THR A 109 -12.30 4.69 -4.79
CA THR A 109 -12.19 4.76 -6.25
C THR A 109 -10.76 5.25 -6.64
N PRO A 110 -9.94 4.37 -7.32
CA PRO A 110 -8.61 4.77 -7.84
C PRO A 110 -8.74 5.80 -8.99
N ASP A 111 -8.63 7.09 -8.63
CA ASP A 111 -8.72 8.19 -9.62
C ASP A 111 -7.30 8.64 -10.01
N TYR A 112 -6.47 8.84 -8.99
CA TYR A 112 -5.05 9.20 -9.12
C TYR A 112 -4.21 8.01 -8.67
N TRP A 113 -3.07 7.80 -9.33
CA TRP A 113 -2.10 6.74 -8.96
C TRP A 113 -0.74 7.39 -8.64
N GLY A 114 -0.09 6.91 -7.57
CA GLY A 114 1.18 7.48 -7.11
C GLY A 114 2.38 7.04 -7.95
N GLN A 115 3.48 6.70 -7.27
CA GLN A 115 4.74 6.29 -7.94
C GLN A 115 4.83 4.76 -8.05
N GLY A 116 4.22 4.06 -7.07
CA GLY A 116 4.26 2.60 -7.00
C GLY A 116 5.61 2.08 -6.51
N THR A 117 5.62 1.41 -5.35
CA THR A 117 6.86 0.92 -4.73
C THR A 117 7.08 -0.59 -5.05
N GLN A 118 8.24 -0.90 -5.66
CA GLN A 118 8.63 -2.26 -6.09
C GLN A 118 9.08 -3.10 -4.88
N VAL A 119 8.19 -3.97 -4.40
CA VAL A 119 8.53 -4.97 -3.38
C VAL A 119 8.93 -6.28 -4.08
N THR A 120 9.98 -6.93 -3.61
CA THR A 120 10.38 -8.26 -4.10
C THR A 120 10.68 -9.14 -2.89
N VAL A 121 9.77 -10.06 -2.57
CA VAL A 121 9.96 -10.95 -1.44
C VAL A 121 10.74 -12.19 -1.88
N SER A 122 12.07 -12.15 -1.62
CA SER A 122 12.98 -13.30 -1.81
C SER A 122 12.44 -14.58 -1.13
N SER A 123 12.44 -15.70 -1.88
CA SER A 123 12.00 -17.01 -1.35
C SER A 123 13.11 -17.62 -0.44
N LEU A 124 13.12 -17.17 0.85
CA LEU A 124 14.00 -17.68 1.92
C LEU A 124 15.53 -17.47 1.66
N GLU A 125 15.88 -16.72 0.59
CA GLU A 125 17.29 -16.47 0.22
C GLU A 125 17.78 -15.21 0.97
N HIS A 126 19.05 -15.22 1.40
CA HIS A 126 19.64 -14.17 2.25
C HIS A 126 20.16 -13.01 1.40
N HIS A 127 19.45 -11.86 1.49
CA HIS A 127 19.90 -10.60 0.88
C HIS A 127 20.93 -9.93 1.81
N HIS A 128 21.98 -9.33 1.21
CA HIS A 128 23.08 -8.69 1.96
C HIS A 128 23.19 -7.22 1.54
N HIS A 129 22.93 -6.31 2.48
CA HIS A 129 22.95 -4.85 2.26
C HIS A 129 24.40 -4.30 2.30
N HIS A 130 25.29 -5.00 3.03
CA HIS A 130 26.72 -4.64 3.20
C HIS A 130 26.88 -3.40 4.10
N HIS A 131 26.61 -2.20 3.54
CA HIS A 131 26.77 -0.91 4.24
C HIS A 131 26.02 0.17 3.42
N MET A 1 0.86 20.60 -5.68
CA MET A 1 -0.48 20.73 -6.31
C MET A 1 -1.00 19.30 -6.61
N GLN A 2 -2.35 19.12 -6.69
CA GLN A 2 -3.01 17.79 -6.86
C GLN A 2 -2.84 16.93 -5.59
N LEU A 3 -3.31 15.67 -5.66
CA LEU A 3 -3.01 14.65 -4.64
C LEU A 3 -1.68 14.00 -5.00
N GLN A 4 -0.66 14.23 -4.15
CA GLN A 4 0.70 13.70 -4.31
C GLN A 4 1.02 12.78 -3.13
N LEU A 5 1.58 11.60 -3.42
CA LEU A 5 2.03 10.63 -2.39
C LEU A 5 3.46 10.16 -2.73
N VAL A 6 4.40 10.40 -1.79
CA VAL A 6 5.80 9.99 -1.90
C VAL A 6 6.00 8.67 -1.12
N GLU A 7 6.12 7.57 -1.87
CA GLU A 7 6.06 6.22 -1.31
C GLU A 7 7.46 5.58 -1.24
N SER A 8 7.66 4.68 -0.26
CA SER A 8 8.96 4.03 0.01
C SER A 8 8.79 2.70 0.75
N GLY A 9 9.89 1.94 0.86
CA GLY A 9 9.91 0.61 1.48
C GLY A 9 10.10 -0.49 0.46
N GLY A 10 10.20 -0.11 -0.83
CA GLY A 10 10.33 -1.07 -1.94
C GLY A 10 11.68 -1.78 -1.98
N GLY A 11 11.63 -3.13 -1.88
CA GLY A 11 12.82 -3.97 -2.01
C GLY A 11 12.49 -5.44 -1.85
N LEU A 12 13.52 -6.31 -1.95
CA LEU A 12 13.34 -7.76 -1.82
C LEU A 12 13.45 -8.18 -0.35
N VAL A 13 12.45 -8.92 0.12
CA VAL A 13 12.49 -9.66 1.40
C VAL A 13 12.29 -11.14 1.09
N GLN A 14 12.83 -12.03 1.94
CA GLN A 14 12.61 -13.49 1.81
C GLN A 14 11.20 -13.85 2.34
N ALA A 15 10.61 -14.93 1.78
CA ALA A 15 9.33 -15.49 2.23
C ALA A 15 9.43 -15.93 3.70
N GLY A 16 8.48 -15.45 4.52
CA GLY A 16 8.46 -15.66 5.97
C GLY A 16 8.81 -14.39 6.73
N GLY A 17 9.57 -13.50 6.06
CA GLY A 17 9.96 -12.21 6.63
C GLY A 17 8.86 -11.15 6.54
N SER A 18 9.17 -9.95 7.04
CA SER A 18 8.22 -8.81 7.11
C SER A 18 8.77 -7.60 6.31
N LEU A 19 7.88 -6.64 6.03
CA LEU A 19 8.23 -5.40 5.32
C LEU A 19 7.17 -4.33 5.60
N ARG A 20 7.61 -3.17 6.12
CA ARG A 20 6.75 -2.00 6.31
C ARG A 20 6.97 -1.01 5.16
N LEU A 21 5.86 -0.57 4.55
CA LEU A 21 5.83 0.51 3.56
C LEU A 21 5.46 1.82 4.26
N SER A 22 5.88 2.94 3.67
CA SER A 22 5.62 4.29 4.21
C SER A 22 5.38 5.25 3.03
N CYS A 23 4.27 6.01 3.07
CA CYS A 23 3.82 6.85 1.94
C CYS A 23 3.34 8.22 2.47
N VAL A 24 4.16 9.25 2.27
CA VAL A 24 3.90 10.61 2.80
C VAL A 24 2.99 11.40 1.83
N ALA A 25 2.10 12.25 2.36
CA ALA A 25 1.18 13.05 1.56
C ALA A 25 1.82 14.40 1.19
N SER A 26 2.32 14.46 -0.07
CA SER A 26 3.03 15.62 -0.69
C SER A 26 4.27 16.06 0.11
N GLY A 27 4.02 16.74 1.24
CA GLY A 27 5.05 17.12 2.19
C GLY A 27 4.56 16.86 3.61
N ARG A 28 3.49 17.57 4.00
CA ARG A 28 2.80 17.37 5.29
C ARG A 28 1.39 18.01 5.24
N THR A 29 0.72 17.88 4.08
CA THR A 29 -0.66 18.37 3.91
C THR A 29 -1.64 17.18 3.85
N PHE A 30 -2.88 17.42 4.28
CA PHE A 30 -3.94 16.40 4.30
C PHE A 30 -4.92 16.68 3.16
N ARG A 31 -5.15 15.65 2.34
CA ARG A 31 -6.08 15.71 1.20
C ARG A 31 -6.66 14.31 0.95
N SER A 32 -7.92 14.27 0.49
CA SER A 32 -8.67 13.05 0.16
C SER A 32 -8.94 12.20 1.43
N ASN A 33 -10.23 12.06 1.78
CA ASN A 33 -10.66 11.29 2.96
C ASN A 33 -10.70 9.78 2.65
N ALA A 34 -10.19 9.38 1.46
CA ALA A 34 -10.00 7.97 1.08
C ALA A 34 -8.58 7.78 0.52
N MET A 35 -7.79 6.92 1.18
CA MET A 35 -6.45 6.50 0.73
C MET A 35 -6.35 4.99 0.96
N GLY A 36 -6.13 4.20 -0.11
CA GLY A 36 -6.18 2.73 -0.01
C GLY A 36 -4.93 2.07 -0.51
N TRP A 37 -4.50 0.99 0.15
CA TRP A 37 -3.35 0.17 -0.29
C TRP A 37 -3.84 -0.87 -1.29
N PHE A 38 -3.31 -0.77 -2.51
CA PHE A 38 -3.52 -1.70 -3.61
C PHE A 38 -2.18 -2.35 -3.99
N ARG A 39 -2.23 -3.37 -4.86
CA ARG A 39 -1.02 -3.99 -5.41
C ARG A 39 -1.32 -4.56 -6.81
N GLN A 40 -0.46 -4.24 -7.77
CA GLN A 40 -0.58 -4.76 -9.14
C GLN A 40 0.56 -5.74 -9.40
N ALA A 41 0.21 -6.93 -9.89
CA ALA A 41 1.17 -7.99 -10.22
C ALA A 41 1.55 -7.90 -11.72
N PRO A 42 2.75 -8.44 -12.13
CA PRO A 42 3.17 -8.46 -13.57
C PRO A 42 2.12 -9.16 -14.49
N GLY A 43 1.42 -8.35 -15.30
CA GLY A 43 0.42 -8.85 -16.24
C GLY A 43 -1.00 -8.86 -15.68
N LYS A 44 -1.16 -8.38 -14.44
CA LYS A 44 -2.45 -8.29 -13.73
C LYS A 44 -2.81 -6.82 -13.48
N GLU A 45 -4.03 -6.59 -12.97
CA GLU A 45 -4.52 -5.27 -12.55
C GLU A 45 -4.34 -5.08 -11.03
N ARG A 46 -4.68 -3.87 -10.52
CA ARG A 46 -4.53 -3.54 -9.09
C ARG A 46 -5.61 -4.27 -8.24
N GLU A 47 -5.13 -5.04 -7.24
CA GLU A 47 -5.97 -5.75 -6.28
C GLU A 47 -6.16 -4.88 -5.03
N PHE A 48 -7.40 -4.79 -4.55
CA PHE A 48 -7.75 -4.12 -3.30
C PHE A 48 -7.22 -4.95 -2.12
N VAL A 49 -6.18 -4.44 -1.44
CA VAL A 49 -5.62 -5.06 -0.22
C VAL A 49 -6.39 -4.54 1.00
N ALA A 50 -6.44 -3.20 1.09
CA ALA A 50 -6.99 -2.48 2.26
C ALA A 50 -7.26 -1.00 1.91
N ALA A 51 -7.86 -0.27 2.87
CA ALA A 51 -8.18 1.16 2.71
C ALA A 51 -8.39 1.86 4.05
N ILE A 52 -7.91 3.10 4.10
CA ILE A 52 -8.06 4.02 5.21
C ILE A 52 -9.01 5.13 4.74
N ARG A 53 -10.20 5.20 5.35
CA ARG A 53 -11.10 6.33 5.18
C ARG A 53 -10.90 7.25 6.40
N TRP A 54 -10.28 8.43 6.15
CA TRP A 54 -10.00 9.42 7.21
C TRP A 54 -11.31 10.08 7.65
N SER A 55 -12.02 9.34 8.54
CA SER A 55 -13.36 9.68 9.05
C SER A 55 -13.83 8.57 10.04
N GLY A 56 -12.92 7.63 10.39
CA GLY A 56 -13.25 6.50 11.28
C GLY A 56 -13.27 5.16 10.56
N GLY A 57 -13.38 5.17 9.23
CA GLY A 57 -13.40 3.93 8.42
C GLY A 57 -12.01 3.52 7.94
N SER A 58 -11.04 3.59 8.86
CA SER A 58 -9.60 3.42 8.57
C SER A 58 -9.18 1.93 8.60
N THR A 59 -10.03 1.05 8.05
CA THR A 59 -9.93 -0.40 8.23
C THR A 59 -10.57 -1.14 7.04
N TYR A 60 -9.77 -1.95 6.35
CA TYR A 60 -10.20 -2.90 5.31
C TYR A 60 -9.11 -3.97 5.20
N TYR A 61 -9.48 -5.16 4.73
CA TYR A 61 -8.55 -6.31 4.60
C TYR A 61 -9.18 -7.41 3.74
N ALA A 62 -8.33 -8.14 3.01
CA ALA A 62 -8.69 -9.46 2.45
C ALA A 62 -8.42 -10.52 3.52
N ASP A 63 -9.19 -11.61 3.50
CA ASP A 63 -9.02 -12.74 4.46
C ASP A 63 -7.63 -13.38 4.27
N SER A 64 -7.16 -13.40 3.00
CA SER A 64 -5.84 -13.94 2.62
C SER A 64 -4.66 -13.10 3.19
N VAL A 65 -4.93 -11.84 3.60
CA VAL A 65 -3.89 -10.93 4.14
C VAL A 65 -4.19 -10.52 5.60
N LYS A 66 -5.25 -11.12 6.20
CA LYS A 66 -5.71 -10.79 7.57
C LYS A 66 -4.61 -11.06 8.62
N GLY A 67 -4.38 -10.07 9.50
CA GLY A 67 -3.47 -10.20 10.65
C GLY A 67 -2.01 -9.91 10.33
N ARG A 68 -1.61 -10.16 9.07
CA ARG A 68 -0.23 -9.99 8.62
C ARG A 68 -0.04 -8.59 8.03
N PHE A 69 -0.98 -8.20 7.15
CA PHE A 69 -1.01 -6.86 6.55
C PHE A 69 -1.80 -5.93 7.49
N THR A 70 -1.15 -4.84 7.91
CA THR A 70 -1.70 -3.85 8.86
C THR A 70 -1.61 -2.47 8.21
N ILE A 71 -2.70 -1.69 8.27
CA ILE A 71 -2.76 -0.35 7.66
C ILE A 71 -3.06 0.71 8.72
N SER A 72 -2.49 1.90 8.51
CA SER A 72 -2.69 3.06 9.39
C SER A 72 -2.34 4.34 8.62
N ARG A 73 -2.98 5.45 9.01
CA ARG A 73 -2.66 6.80 8.51
C ARG A 73 -2.47 7.69 9.73
N ASP A 74 -1.30 8.33 9.83
CA ASP A 74 -1.03 9.33 10.87
C ASP A 74 -1.07 10.70 10.20
N ASN A 75 -2.17 11.42 10.41
CA ASN A 75 -2.44 12.70 9.73
C ASN A 75 -1.60 13.85 10.36
N ALA A 76 -0.98 13.60 11.53
CA ALA A 76 -0.17 14.61 12.24
C ALA A 76 1.09 15.00 11.44
N LYS A 77 1.77 14.01 10.81
CA LYS A 77 2.86 14.31 9.84
C LYS A 77 2.45 13.91 8.40
N ASN A 78 1.20 13.40 8.28
CA ASN A 78 0.57 13.01 7.01
C ASN A 78 1.40 11.94 6.30
N THR A 79 1.45 10.76 6.92
CA THR A 79 2.20 9.61 6.41
C THR A 79 1.39 8.32 6.68
N VAL A 80 1.25 7.48 5.65
CA VAL A 80 0.42 6.26 5.67
C VAL A 80 1.34 5.02 5.62
N TYR A 81 1.12 4.08 6.54
CA TYR A 81 1.97 2.88 6.72
C TYR A 81 1.22 1.60 6.33
N LEU A 82 1.98 0.61 5.82
CA LEU A 82 1.50 -0.77 5.59
C LEU A 82 2.52 -1.74 6.16
N GLN A 83 2.26 -2.23 7.38
CA GLN A 83 3.11 -3.23 8.04
C GLN A 83 2.67 -4.63 7.63
N MET A 84 3.41 -5.22 6.67
CA MET A 84 3.20 -6.59 6.21
C MET A 84 4.12 -7.54 6.99
N ASN A 85 3.63 -8.74 7.33
CA ASN A 85 4.41 -9.75 8.09
C ASN A 85 4.21 -11.14 7.48
N SER A 86 5.23 -12.02 7.61
CA SER A 86 5.18 -13.44 7.20
C SER A 86 4.68 -13.61 5.74
N LEU A 87 5.44 -13.00 4.83
CA LEU A 87 5.07 -12.88 3.41
C LEU A 87 5.35 -14.17 2.62
N LYS A 88 4.71 -14.29 1.45
CA LYS A 88 4.84 -15.43 0.53
C LYS A 88 5.32 -14.92 -0.84
N PRO A 89 6.03 -15.76 -1.68
CA PRO A 89 6.75 -15.28 -2.89
C PRO A 89 5.85 -14.62 -3.97
N GLU A 90 4.52 -14.83 -3.87
CA GLU A 90 3.53 -14.25 -4.81
C GLU A 90 3.35 -12.74 -4.62
N ASP A 91 3.84 -12.21 -3.47
CA ASP A 91 3.76 -10.77 -3.14
C ASP A 91 4.91 -9.97 -3.82
N THR A 92 5.51 -10.56 -4.88
CA THR A 92 6.38 -9.85 -5.81
C THR A 92 5.49 -8.99 -6.74
N ALA A 93 5.28 -7.73 -6.33
CA ALA A 93 4.32 -6.84 -6.99
C ALA A 93 4.60 -5.39 -6.61
N VAL A 94 4.03 -4.46 -7.39
CA VAL A 94 4.08 -3.03 -7.09
C VAL A 94 2.91 -2.65 -6.17
N TYR A 95 3.22 -2.38 -4.89
CA TYR A 95 2.25 -1.87 -3.92
C TYR A 95 2.18 -0.36 -4.07
N LEU A 96 0.96 0.20 -4.02
CA LEU A 96 0.72 1.63 -4.28
C LEU A 96 -0.49 2.13 -3.49
N CYS A 97 -0.37 3.35 -2.94
CA CYS A 97 -1.48 4.02 -2.26
C CYS A 97 -2.28 4.79 -3.29
N ALA A 98 -3.53 4.38 -3.49
CA ALA A 98 -4.45 5.00 -4.44
C ALA A 98 -5.51 5.76 -3.66
N ALA A 99 -5.54 7.08 -3.86
CA ALA A 99 -6.49 7.98 -3.21
C ALA A 99 -7.44 8.50 -4.28
N GLY A 100 -8.72 8.17 -4.13
CA GLY A 100 -9.73 8.49 -5.12
C GLY A 100 -11.12 8.54 -4.53
N VAL A 101 -12.00 9.24 -5.25
CA VAL A 101 -13.39 9.40 -4.87
C VAL A 101 -14.23 8.35 -5.61
N TRP A 102 -14.90 7.47 -4.85
CA TRP A 102 -15.89 6.53 -5.41
C TRP A 102 -17.04 7.35 -6.03
N ARG A 103 -17.57 6.89 -7.19
CA ARG A 103 -18.61 7.61 -7.93
C ARG A 103 -19.91 7.75 -7.12
N SER A 104 -20.77 8.68 -7.54
CA SER A 104 -22.11 8.88 -6.93
C SER A 104 -23.01 7.65 -7.17
N SER A 105 -22.72 6.88 -8.24
CA SER A 105 -23.37 5.60 -8.53
C SER A 105 -22.88 4.49 -7.56
N GLY A 106 -21.66 4.69 -7.03
CA GLY A 106 -21.07 3.76 -6.06
C GLY A 106 -19.87 3.01 -6.63
N TRP A 107 -19.60 3.17 -7.94
CA TRP A 107 -18.54 2.42 -8.65
C TRP A 107 -17.15 2.82 -8.11
N ASP A 108 -16.27 1.81 -7.92
CA ASP A 108 -14.90 2.02 -7.38
C ASP A 108 -14.01 2.71 -8.43
N THR A 109 -13.37 3.83 -8.02
CA THR A 109 -12.50 4.62 -8.90
C THR A 109 -11.33 5.25 -8.11
N PRO A 110 -10.06 4.72 -8.29
CA PRO A 110 -8.82 5.38 -7.82
C PRO A 110 -8.45 6.54 -8.76
N ASP A 111 -8.31 7.76 -8.21
CA ASP A 111 -8.11 8.99 -8.98
C ASP A 111 -6.61 9.28 -9.15
N TYR A 112 -5.86 9.18 -8.05
CA TYR A 112 -4.39 9.27 -8.05
C TYR A 112 -3.78 8.03 -7.38
N TRP A 113 -2.51 7.78 -7.70
CA TRP A 113 -1.72 6.67 -7.16
C TRP A 113 -0.40 7.23 -6.60
N GLY A 114 0.17 6.55 -5.61
CA GLY A 114 1.35 7.04 -4.89
C GLY A 114 2.67 6.64 -5.53
N GLN A 115 2.76 6.82 -6.87
CA GLN A 115 3.94 6.48 -7.72
C GLN A 115 4.08 4.95 -7.91
N GLY A 116 3.94 4.18 -6.82
CA GLY A 116 4.05 2.72 -6.87
C GLY A 116 5.43 2.27 -6.44
N THR A 117 5.52 1.60 -5.28
CA THR A 117 6.77 1.07 -4.77
C THR A 117 6.91 -0.45 -5.13
N GLN A 118 8.00 -0.78 -5.83
CA GLN A 118 8.30 -2.14 -6.29
C GLN A 118 8.90 -2.98 -5.15
N VAL A 119 8.08 -3.88 -4.56
CA VAL A 119 8.56 -4.86 -3.58
C VAL A 119 8.62 -6.23 -4.25
N THR A 120 9.54 -7.08 -3.78
CA THR A 120 9.70 -8.45 -4.27
C THR A 120 9.85 -9.38 -3.07
N VAL A 121 8.91 -10.28 -2.86
CA VAL A 121 9.11 -11.36 -1.88
C VAL A 121 9.68 -12.57 -2.63
N SER A 122 10.99 -12.83 -2.46
CA SER A 122 11.63 -14.04 -3.01
C SER A 122 11.21 -15.30 -2.21
N SER A 123 11.34 -16.48 -2.85
CA SER A 123 11.00 -17.77 -2.23
C SER A 123 12.19 -18.31 -1.42
N LEU A 124 12.42 -17.68 -0.24
CA LEU A 124 13.52 -17.99 0.71
C LEU A 124 14.93 -17.58 0.21
N GLU A 125 15.10 -17.26 -1.10
CA GLU A 125 16.37 -16.74 -1.63
C GLU A 125 16.68 -15.37 -0.98
N HIS A 126 17.66 -15.38 -0.07
CA HIS A 126 18.12 -14.18 0.66
C HIS A 126 18.95 -13.26 -0.27
N HIS A 127 19.30 -13.77 -1.47
CA HIS A 127 19.92 -12.99 -2.55
C HIS A 127 18.92 -11.90 -3.01
N HIS A 128 19.11 -10.69 -2.49
CA HIS A 128 18.27 -9.52 -2.80
C HIS A 128 18.46 -9.11 -4.26
N HIS A 129 17.33 -8.87 -4.97
CA HIS A 129 17.27 -8.68 -6.42
C HIS A 129 17.85 -9.95 -7.11
N HIS A 130 16.95 -10.94 -7.35
CA HIS A 130 17.33 -12.34 -7.71
C HIS A 130 18.35 -12.43 -8.88
N HIS A 131 18.15 -11.58 -9.88
CA HIS A 131 19.01 -11.52 -11.07
C HIS A 131 19.09 -10.05 -11.54
N MET A 1 -2.93 22.33 -4.67
CA MET A 1 -3.88 21.63 -3.76
C MET A 1 -4.08 20.16 -4.19
N GLN A 2 -3.31 19.71 -5.22
CA GLN A 2 -3.39 18.33 -5.74
C GLN A 2 -2.98 17.30 -4.67
N LEU A 3 -3.65 16.14 -4.68
CA LEU A 3 -3.39 15.06 -3.72
C LEU A 3 -2.03 14.42 -4.09
N GLN A 4 -1.01 14.67 -3.25
CA GLN A 4 0.38 14.22 -3.51
C GLN A 4 0.77 13.14 -2.48
N LEU A 5 1.26 11.99 -2.98
CA LEU A 5 1.73 10.86 -2.16
C LEU A 5 3.10 10.38 -2.68
N VAL A 6 4.13 10.37 -1.81
CA VAL A 6 5.46 9.82 -2.13
C VAL A 6 5.61 8.47 -1.38
N GLU A 7 5.46 7.38 -2.13
CA GLU A 7 5.55 6.01 -1.59
C GLU A 7 7.01 5.54 -1.59
N SER A 8 7.36 4.75 -0.57
CA SER A 8 8.72 4.24 -0.36
C SER A 8 8.70 3.02 0.58
N GLY A 9 9.83 2.31 0.66
CA GLY A 9 9.96 1.08 1.45
C GLY A 9 9.86 -0.17 0.59
N GLY A 10 10.07 0.01 -0.74
CA GLY A 10 10.05 -1.10 -1.70
C GLY A 10 11.35 -1.90 -1.67
N GLY A 11 11.22 -3.23 -1.67
CA GLY A 11 12.38 -4.13 -1.68
C GLY A 11 11.97 -5.58 -1.73
N LEU A 12 12.97 -6.48 -1.72
CA LEU A 12 12.74 -7.92 -1.73
C LEU A 12 12.85 -8.48 -0.30
N VAL A 13 11.85 -9.29 0.07
CA VAL A 13 11.83 -10.08 1.32
C VAL A 13 11.29 -11.49 0.97
N GLN A 14 11.37 -12.41 1.93
CA GLN A 14 10.82 -13.77 1.76
C GLN A 14 9.36 -13.82 2.26
N ALA A 15 8.60 -14.78 1.70
CA ALA A 15 7.17 -14.97 2.03
C ALA A 15 7.00 -15.44 3.48
N GLY A 16 6.20 -14.71 4.25
CA GLY A 16 6.01 -14.97 5.69
C GLY A 16 6.68 -13.91 6.54
N GLY A 17 7.69 -13.24 5.96
CA GLY A 17 8.34 -12.09 6.58
C GLY A 17 7.46 -10.84 6.54
N SER A 18 7.92 -9.77 7.19
CA SER A 18 7.20 -8.49 7.26
C SER A 18 7.87 -7.43 6.35
N LEU A 19 7.12 -6.36 6.04
CA LEU A 19 7.60 -5.22 5.25
C LEU A 19 6.69 -4.01 5.53
N ARG A 20 7.27 -2.90 6.00
CA ARG A 20 6.51 -1.67 6.23
C ARG A 20 6.72 -0.70 5.05
N LEU A 21 5.60 -0.32 4.43
CA LEU A 21 5.56 0.71 3.39
C LEU A 21 5.20 2.05 4.04
N SER A 22 5.77 3.13 3.50
CA SER A 22 5.58 4.49 4.01
C SER A 22 5.23 5.43 2.84
N CYS A 23 4.12 6.14 2.97
CA CYS A 23 3.58 7.04 1.96
C CYS A 23 3.44 8.44 2.57
N VAL A 24 4.31 9.35 2.13
CA VAL A 24 4.37 10.74 2.62
C VAL A 24 3.32 11.58 1.87
N ALA A 25 2.48 12.33 2.61
CA ALA A 25 1.48 13.20 1.97
C ALA A 25 2.12 14.55 1.66
N SER A 26 2.49 14.70 0.36
CA SER A 26 3.18 15.86 -0.22
C SER A 26 4.59 16.04 0.36
N GLY A 27 4.68 16.54 1.59
CA GLY A 27 5.94 16.69 2.32
C GLY A 27 5.70 16.63 3.82
N ARG A 28 4.94 17.63 4.30
CA ARG A 28 4.41 17.67 5.67
C ARG A 28 3.34 18.77 5.74
N THR A 29 2.23 18.50 5.03
CA THR A 29 1.03 19.36 4.97
C THR A 29 -0.22 18.44 5.02
N PHE A 30 -1.37 19.03 5.35
CA PHE A 30 -2.64 18.31 5.53
C PHE A 30 -3.53 18.52 4.30
N ARG A 31 -3.91 17.40 3.67
CA ARG A 31 -4.80 17.37 2.50
C ARG A 31 -5.22 15.92 2.26
N SER A 32 -4.22 15.02 2.23
CA SER A 32 -4.44 13.58 2.07
C SER A 32 -5.04 13.00 3.37
N ASN A 33 -6.37 13.10 3.47
CA ASN A 33 -7.15 12.57 4.60
C ASN A 33 -7.65 11.16 4.28
N ALA A 34 -7.83 10.88 2.98
CA ALA A 34 -8.48 9.66 2.52
C ALA A 34 -7.72 9.10 1.31
N MET A 35 -7.21 7.86 1.46
CA MET A 35 -6.36 7.16 0.46
C MET A 35 -6.59 5.64 0.59
N GLY A 36 -6.60 4.92 -0.54
CA GLY A 36 -6.74 3.46 -0.54
C GLY A 36 -5.56 2.78 -1.22
N TRP A 37 -5.03 1.70 -0.63
CA TRP A 37 -3.88 0.95 -1.19
C TRP A 37 -4.38 -0.11 -2.18
N PHE A 38 -3.76 -0.11 -3.36
CA PHE A 38 -3.96 -1.10 -4.43
C PHE A 38 -2.61 -1.73 -4.76
N ARG A 39 -2.62 -2.79 -5.60
CA ARG A 39 -1.40 -3.34 -6.20
C ARG A 39 -1.69 -3.80 -7.63
N GLN A 40 -0.83 -3.39 -8.58
CA GLN A 40 -0.90 -3.82 -9.96
C GLN A 40 0.18 -4.88 -10.18
N ALA A 41 -0.19 -6.02 -10.77
CA ALA A 41 0.74 -7.14 -11.00
C ALA A 41 0.93 -7.37 -12.50
N PRO A 42 2.14 -7.88 -12.94
CA PRO A 42 2.36 -8.28 -14.35
C PRO A 42 1.40 -9.42 -14.77
N GLY A 43 0.33 -9.05 -15.49
CA GLY A 43 -0.65 -10.01 -15.99
C GLY A 43 -1.91 -10.11 -15.13
N LYS A 44 -2.02 -9.25 -14.10
CA LYS A 44 -3.21 -9.17 -13.21
C LYS A 44 -3.55 -7.70 -12.93
N GLU A 45 -4.86 -7.39 -12.95
CA GLU A 45 -5.38 -6.02 -12.68
C GLU A 45 -5.16 -5.62 -11.21
N ARG A 46 -5.45 -4.33 -10.90
CA ARG A 46 -5.28 -3.78 -9.55
C ARG A 46 -6.17 -4.51 -8.53
N GLU A 47 -5.54 -5.03 -7.48
CA GLU A 47 -6.24 -5.64 -6.34
C GLU A 47 -6.45 -4.57 -5.27
N PHE A 48 -7.71 -4.39 -4.83
CA PHE A 48 -8.06 -3.47 -3.74
C PHE A 48 -7.65 -4.13 -2.41
N VAL A 49 -6.57 -3.61 -1.83
CA VAL A 49 -5.90 -4.21 -0.66
C VAL A 49 -6.41 -3.57 0.63
N ALA A 50 -6.44 -2.22 0.66
CA ALA A 50 -6.69 -1.46 1.89
C ALA A 50 -7.36 -0.10 1.61
N ALA A 51 -7.93 0.51 2.66
CA ALA A 51 -8.63 1.81 2.56
C ALA A 51 -8.58 2.58 3.90
N ILE A 52 -8.27 3.88 3.77
CA ILE A 52 -8.32 4.88 4.84
C ILE A 52 -9.27 5.97 4.34
N ARG A 53 -10.38 6.19 5.06
CA ARG A 53 -11.40 7.18 4.67
C ARG A 53 -11.56 8.21 5.79
N TRP A 54 -10.87 9.39 5.64
CA TRP A 54 -10.77 10.45 6.67
C TRP A 54 -9.92 9.92 7.84
N SER A 55 -10.52 9.00 8.59
CA SER A 55 -9.84 8.11 9.53
C SER A 55 -10.61 6.79 9.51
N GLY A 56 -11.77 6.73 10.21
CA GLY A 56 -12.71 5.61 10.14
C GLY A 56 -12.17 4.30 10.69
N GLY A 57 -11.15 4.41 11.56
CA GLY A 57 -10.42 3.26 12.08
C GLY A 57 -9.19 2.92 11.25
N SER A 58 -9.17 3.41 9.97
CA SER A 58 -8.07 3.19 9.00
C SER A 58 -7.84 1.68 8.82
N THR A 59 -8.83 0.98 8.23
CA THR A 59 -8.90 -0.49 8.26
C THR A 59 -9.73 -0.99 7.07
N TYR A 60 -9.12 -1.86 6.27
CA TYR A 60 -9.77 -2.55 5.15
C TYR A 60 -8.81 -3.64 4.68
N TYR A 61 -9.24 -4.89 4.78
CA TYR A 61 -8.43 -6.07 4.43
C TYR A 61 -9.35 -7.29 4.32
N ALA A 62 -8.94 -8.26 3.48
CA ALA A 62 -9.62 -9.55 3.35
C ALA A 62 -9.41 -10.41 4.60
N ASP A 63 -10.27 -11.43 4.79
CA ASP A 63 -10.20 -12.38 5.93
C ASP A 63 -8.91 -13.22 5.86
N SER A 64 -8.44 -13.42 4.62
CA SER A 64 -7.19 -14.15 4.33
C SER A 64 -5.95 -13.36 4.81
N VAL A 65 -6.06 -12.00 4.84
CA VAL A 65 -4.97 -11.11 5.30
C VAL A 65 -5.38 -10.32 6.57
N LYS A 66 -6.40 -10.84 7.29
CA LYS A 66 -6.88 -10.27 8.56
C LYS A 66 -5.83 -10.42 9.67
N GLY A 67 -5.39 -9.29 10.24
CA GLY A 67 -4.31 -9.28 11.25
C GLY A 67 -2.92 -9.19 10.63
N ARG A 68 -2.82 -9.56 9.34
CA ARG A 68 -1.57 -9.60 8.59
C ARG A 68 -1.25 -8.23 8.00
N PHE A 69 -2.05 -7.83 6.99
CA PHE A 69 -1.91 -6.53 6.33
C PHE A 69 -2.70 -5.48 7.13
N THR A 70 -1.98 -4.44 7.59
CA THR A 70 -2.51 -3.40 8.47
C THR A 70 -2.14 -2.04 7.89
N ILE A 71 -3.07 -1.08 7.97
CA ILE A 71 -2.84 0.31 7.54
C ILE A 71 -3.10 1.24 8.71
N SER A 72 -2.34 2.33 8.72
CA SER A 72 -2.43 3.36 9.75
C SER A 72 -2.10 4.71 9.11
N ARG A 73 -2.92 5.72 9.40
CA ARG A 73 -2.67 7.09 8.94
C ARG A 73 -2.41 7.96 10.16
N ASP A 74 -1.27 8.66 10.17
CA ASP A 74 -0.94 9.63 11.20
C ASP A 74 -1.15 11.04 10.64
N ASN A 75 -2.17 11.74 11.14
CA ASN A 75 -2.57 13.07 10.64
C ASN A 75 -1.60 14.18 11.11
N ALA A 76 -0.82 13.91 12.19
CA ALA A 76 0.10 14.92 12.79
C ALA A 76 1.15 15.40 11.78
N LYS A 77 1.66 14.50 10.90
CA LYS A 77 2.52 14.89 9.76
C LYS A 77 1.89 14.52 8.42
N ASN A 78 0.74 13.81 8.47
CA ASN A 78 0.05 13.26 7.28
C ASN A 78 0.96 12.27 6.55
N THR A 79 1.19 11.10 7.17
CA THR A 79 1.95 10.00 6.57
C THR A 79 1.24 8.67 6.87
N VAL A 80 1.06 7.84 5.84
CA VAL A 80 0.36 6.55 5.93
C VAL A 80 1.38 5.40 5.89
N TYR A 81 1.21 4.41 6.77
CA TYR A 81 2.09 3.25 6.87
C TYR A 81 1.28 1.96 6.64
N LEU A 82 1.59 1.24 5.55
CA LEU A 82 1.04 -0.11 5.31
C LEU A 82 2.00 -1.15 5.88
N GLN A 83 1.70 -1.61 7.10
CA GLN A 83 2.48 -2.65 7.78
C GLN A 83 2.01 -4.03 7.32
N MET A 84 2.79 -4.62 6.41
CA MET A 84 2.58 -6.00 5.95
C MET A 84 3.27 -6.94 6.94
N ASN A 85 2.51 -7.92 7.46
CA ASN A 85 3.04 -8.99 8.32
C ASN A 85 2.55 -10.31 7.72
N SER A 86 3.43 -11.33 7.67
CA SER A 86 3.14 -12.62 7.02
C SER A 86 2.79 -12.41 5.52
N LEU A 87 3.83 -12.09 4.74
CA LEU A 87 3.72 -11.85 3.30
C LEU A 87 3.55 -13.15 2.49
N LYS A 88 3.09 -12.98 1.25
CA LYS A 88 2.86 -14.08 0.29
C LYS A 88 3.63 -13.76 -1.00
N PRO A 89 4.12 -14.80 -1.76
CA PRO A 89 4.98 -14.59 -2.97
C PRO A 89 4.24 -13.84 -4.11
N GLU A 90 2.91 -13.76 -3.97
CA GLU A 90 2.02 -13.06 -4.90
C GLU A 90 2.28 -11.54 -4.91
N ASP A 91 2.77 -11.02 -3.77
CA ASP A 91 3.10 -9.57 -3.61
C ASP A 91 4.40 -9.18 -4.34
N THR A 92 4.89 -10.06 -5.24
CA THR A 92 5.82 -9.65 -6.30
C THR A 92 4.99 -8.85 -7.35
N ALA A 93 4.92 -7.51 -7.10
CA ALA A 93 4.04 -6.58 -7.83
C ALA A 93 4.36 -5.14 -7.38
N VAL A 94 3.74 -4.15 -8.04
CA VAL A 94 3.93 -2.73 -7.68
C VAL A 94 2.70 -2.23 -6.89
N TYR A 95 2.91 -1.86 -5.63
CA TYR A 95 1.87 -1.29 -4.75
C TYR A 95 1.76 0.20 -5.01
N LEU A 96 0.52 0.67 -5.16
CA LEU A 96 0.22 2.09 -5.45
C LEU A 96 -1.02 2.53 -4.64
N CYS A 97 -0.83 3.55 -3.80
CA CYS A 97 -1.86 4.15 -2.98
C CYS A 97 -2.52 5.27 -3.79
N ALA A 98 -3.80 5.10 -4.08
CA ALA A 98 -4.56 5.97 -4.99
C ALA A 98 -5.70 6.67 -4.24
N ALA A 99 -6.19 7.79 -4.79
CA ALA A 99 -7.34 8.53 -4.23
C ALA A 99 -8.51 8.54 -5.23
N GLY A 100 -9.73 8.37 -4.70
CA GLY A 100 -10.95 8.31 -5.51
C GLY A 100 -12.14 7.78 -4.71
N VAL A 101 -13.12 7.18 -5.41
CA VAL A 101 -14.29 6.52 -4.78
C VAL A 101 -14.06 4.99 -4.71
N TRP A 102 -13.32 4.57 -3.67
CA TRP A 102 -12.81 3.19 -3.50
C TRP A 102 -13.95 2.22 -3.21
N ARG A 103 -14.16 1.26 -4.12
CA ARG A 103 -15.13 0.17 -3.90
C ARG A 103 -14.51 -1.17 -4.34
N SER A 104 -15.07 -2.28 -3.83
CA SER A 104 -14.63 -3.64 -4.19
C SER A 104 -15.32 -4.15 -5.48
N SER A 105 -16.21 -3.32 -6.06
CA SER A 105 -17.05 -3.70 -7.21
C SER A 105 -16.30 -3.58 -8.57
N GLY A 106 -14.96 -3.45 -8.53
CA GLY A 106 -14.15 -3.53 -9.75
C GLY A 106 -14.04 -2.22 -10.51
N TRP A 107 -14.33 -1.09 -9.83
CA TRP A 107 -14.48 0.26 -10.44
C TRP A 107 -13.30 0.68 -11.33
N ASP A 108 -13.57 1.64 -12.23
CA ASP A 108 -12.60 2.13 -13.22
C ASP A 108 -11.45 2.90 -12.53
N THR A 109 -10.34 3.07 -13.29
CA THR A 109 -9.08 3.71 -12.86
C THR A 109 -9.30 4.99 -11.98
N PRO A 110 -8.65 5.05 -10.76
CA PRO A 110 -8.77 6.19 -9.80
C PRO A 110 -8.38 7.56 -10.40
N ASP A 111 -8.75 8.65 -9.71
CA ASP A 111 -8.47 10.01 -10.15
C ASP A 111 -6.99 10.35 -9.90
N TYR A 112 -6.53 10.06 -8.68
CA TYR A 112 -5.14 10.25 -8.25
C TYR A 112 -4.46 8.90 -8.04
N TRP A 113 -3.15 8.87 -8.33
CA TRP A 113 -2.25 7.78 -7.95
C TRP A 113 -1.06 8.40 -7.20
N GLY A 114 -0.53 7.66 -6.21
CA GLY A 114 0.55 8.16 -5.37
C GLY A 114 1.87 8.31 -6.08
N GLN A 115 2.61 7.20 -6.16
CA GLN A 115 3.95 7.16 -6.75
C GLN A 115 4.17 5.77 -7.35
N GLY A 116 3.80 4.74 -6.57
CA GLY A 116 3.92 3.35 -7.00
C GLY A 116 5.25 2.75 -6.58
N THR A 117 5.26 2.07 -5.42
CA THR A 117 6.47 1.45 -4.87
C THR A 117 6.52 -0.06 -5.22
N GLN A 118 7.60 -0.46 -5.91
CA GLN A 118 7.81 -1.83 -6.40
C GLN A 118 8.30 -2.71 -5.24
N VAL A 119 7.51 -3.73 -4.88
CA VAL A 119 7.87 -4.71 -3.83
C VAL A 119 7.95 -6.12 -4.46
N THR A 120 8.92 -6.91 -4.02
CA THR A 120 9.13 -8.28 -4.53
C THR A 120 9.22 -9.25 -3.35
N VAL A 121 8.16 -10.01 -3.11
CA VAL A 121 8.19 -11.03 -2.05
C VAL A 121 8.58 -12.37 -2.68
N SER A 122 9.88 -12.71 -2.56
CA SER A 122 10.41 -14.01 -2.99
C SER A 122 9.83 -15.15 -2.11
N SER A 123 9.70 -16.35 -2.71
CA SER A 123 9.22 -17.57 -2.02
C SER A 123 10.27 -18.10 -1.01
N LEU A 124 9.84 -19.01 -0.11
CA LEU A 124 10.76 -19.67 0.85
C LEU A 124 11.69 -20.63 0.11
N GLU A 125 11.11 -21.37 -0.85
CA GLU A 125 11.82 -22.35 -1.68
C GLU A 125 12.75 -21.63 -2.69
N HIS A 126 12.25 -21.36 -3.92
CA HIS A 126 13.04 -20.78 -5.03
C HIS A 126 12.16 -20.71 -6.29
N HIS A 127 11.75 -19.48 -6.66
CA HIS A 127 10.82 -19.20 -7.80
C HIS A 127 11.15 -17.83 -8.41
N HIS A 128 10.83 -17.67 -9.71
CA HIS A 128 10.89 -16.38 -10.42
C HIS A 128 10.01 -16.47 -11.67
N HIS A 129 9.25 -15.41 -11.96
CA HIS A 129 8.24 -15.35 -13.06
C HIS A 129 7.12 -16.39 -12.87
N HIS A 130 6.20 -16.44 -13.85
CA HIS A 130 5.09 -17.40 -13.89
C HIS A 130 5.20 -18.20 -15.20
N HIS A 131 5.43 -19.52 -15.06
CA HIS A 131 5.63 -20.46 -16.19
C HIS A 131 4.36 -20.55 -17.08
N MET A 1 0.61 19.46 -4.01
CA MET A 1 -0.60 19.84 -4.77
C MET A 1 -1.42 18.59 -5.10
N GLN A 2 -2.75 18.65 -4.88
CA GLN A 2 -3.70 17.55 -5.19
C GLN A 2 -3.32 16.24 -4.46
N LEU A 3 -3.75 15.07 -4.99
CA LEU A 3 -3.31 13.76 -4.48
C LEU A 3 -2.03 13.33 -5.17
N GLN A 4 -0.91 13.32 -4.42
CA GLN A 4 0.37 12.77 -4.89
C GLN A 4 0.78 11.62 -3.98
N LEU A 5 0.71 10.39 -4.49
CA LEU A 5 1.05 9.18 -3.75
C LEU A 5 2.50 8.78 -4.09
N VAL A 6 3.42 8.97 -3.12
CA VAL A 6 4.85 8.64 -3.28
C VAL A 6 5.23 7.54 -2.27
N GLU A 7 5.40 6.30 -2.76
CA GLU A 7 5.73 5.14 -1.91
C GLU A 7 7.21 5.14 -1.51
N SER A 8 7.48 4.47 -0.38
CA SER A 8 8.83 4.25 0.17
C SER A 8 8.80 3.00 1.05
N GLY A 9 9.97 2.33 1.19
CA GLY A 9 10.07 1.06 1.91
C GLY A 9 10.11 -0.15 0.97
N GLY A 10 10.00 0.13 -0.35
CA GLY A 10 10.05 -0.93 -1.38
C GLY A 10 11.45 -1.51 -1.51
N GLY A 11 11.61 -2.74 -0.99
CA GLY A 11 12.87 -3.47 -1.05
C GLY A 11 12.64 -4.96 -0.94
N LEU A 12 13.73 -5.73 -0.89
CA LEU A 12 13.67 -7.18 -0.71
C LEU A 12 13.66 -7.50 0.79
N VAL A 13 12.80 -8.44 1.18
CA VAL A 13 12.70 -8.98 2.56
C VAL A 13 12.57 -10.50 2.50
N GLN A 14 12.70 -11.15 3.65
CA GLN A 14 12.55 -12.62 3.79
C GLN A 14 11.07 -12.99 4.04
N ALA A 15 10.68 -14.21 3.61
CA ALA A 15 9.37 -14.79 3.91
C ALA A 15 9.26 -15.15 5.38
N GLY A 16 8.08 -14.94 5.98
CA GLY A 16 7.87 -15.13 7.41
C GLY A 16 8.10 -13.85 8.20
N GLY A 17 8.95 -12.95 7.64
CA GLY A 17 9.16 -11.62 8.19
C GLY A 17 8.07 -10.65 7.76
N SER A 18 8.26 -9.36 8.07
CA SER A 18 7.32 -8.30 7.73
C SER A 18 8.00 -7.21 6.90
N LEU A 19 7.18 -6.37 6.25
CA LEU A 19 7.62 -5.19 5.50
C LEU A 19 6.53 -4.12 5.61
N ARG A 20 6.92 -2.91 6.02
CA ARG A 20 6.02 -1.77 6.16
C ARG A 20 6.31 -0.76 5.05
N LEU A 21 5.35 -0.60 4.15
CA LEU A 21 5.36 0.45 3.12
C LEU A 21 4.80 1.73 3.74
N SER A 22 5.23 2.87 3.18
CA SER A 22 4.76 4.18 3.58
C SER A 22 4.63 5.07 2.33
N CYS A 23 3.44 5.58 2.10
CA CYS A 23 3.13 6.48 1.00
C CYS A 23 2.97 7.91 1.54
N VAL A 24 3.90 8.79 1.20
CA VAL A 24 3.86 10.18 1.62
C VAL A 24 2.96 10.97 0.65
N ALA A 25 1.88 11.55 1.19
CA ALA A 25 0.85 12.21 0.39
C ALA A 25 1.20 13.69 0.19
N SER A 26 1.76 13.98 -1.01
CA SER A 26 2.06 15.34 -1.50
C SER A 26 3.02 16.09 -0.55
N GLY A 27 4.03 15.34 -0.03
CA GLY A 27 4.96 15.86 0.99
C GLY A 27 4.28 15.90 2.37
N ARG A 28 3.33 16.82 2.50
CA ARG A 28 2.36 16.86 3.61
C ARG A 28 1.18 17.75 3.20
N THR A 29 0.19 17.14 2.53
CA THR A 29 -1.06 17.80 2.13
C THR A 29 -2.23 16.83 2.32
N PHE A 30 -3.36 17.36 2.83
CA PHE A 30 -4.61 16.60 2.97
C PHE A 30 -5.59 17.08 1.90
N ARG A 31 -6.33 16.13 1.33
CA ARG A 31 -7.31 16.40 0.27
C ARG A 31 -8.35 15.29 0.25
N SER A 32 -7.87 14.03 0.24
CA SER A 32 -8.74 12.85 0.25
C SER A 32 -8.88 12.28 1.68
N ASN A 33 -10.13 11.97 2.04
CA ASN A 33 -10.45 11.12 3.21
C ASN A 33 -10.70 9.69 2.73
N ALA A 34 -10.59 9.47 1.40
CA ALA A 34 -10.77 8.17 0.75
C ALA A 34 -9.44 7.77 0.09
N MET A 35 -8.96 6.57 0.45
CA MET A 35 -7.64 6.03 0.05
C MET A 35 -7.71 4.49 -0.02
N GLY A 36 -6.67 3.88 -0.58
CA GLY A 36 -6.53 2.43 -0.63
C GLY A 36 -5.12 2.02 -1.02
N TRP A 37 -4.92 0.71 -1.26
CA TRP A 37 -3.67 0.16 -1.81
C TRP A 37 -4.01 -0.81 -2.94
N PHE A 38 -3.31 -0.67 -4.06
CA PHE A 38 -3.42 -1.56 -5.23
C PHE A 38 -2.04 -2.16 -5.52
N ARG A 39 -2.02 -3.34 -6.17
CA ARG A 39 -0.77 -3.99 -6.58
C ARG A 39 -0.76 -4.25 -8.08
N GLN A 40 0.38 -3.96 -8.70
CA GLN A 40 0.68 -4.26 -10.10
C GLN A 40 1.65 -5.45 -10.14
N ALA A 41 1.64 -6.20 -11.25
CA ALA A 41 2.50 -7.38 -11.45
C ALA A 41 2.99 -7.42 -12.92
N PRO A 42 4.16 -8.07 -13.23
CA PRO A 42 4.69 -8.20 -14.61
C PRO A 42 3.64 -8.68 -15.65
N GLY A 43 3.16 -7.73 -16.47
CA GLY A 43 2.17 -7.99 -17.52
C GLY A 43 0.74 -8.19 -17.02
N LYS A 44 0.47 -7.70 -15.80
CA LYS A 44 -0.83 -7.86 -15.11
C LYS A 44 -1.33 -6.49 -14.61
N GLU A 45 -2.66 -6.31 -14.64
CA GLU A 45 -3.34 -5.06 -14.23
C GLU A 45 -3.36 -4.89 -12.70
N ARG A 46 -3.75 -3.67 -12.22
CA ARG A 46 -3.76 -3.38 -10.77
C ARG A 46 -4.94 -4.09 -10.10
N GLU A 47 -4.72 -4.56 -8.87
CA GLU A 47 -5.74 -5.27 -8.08
C GLU A 47 -6.03 -4.49 -6.79
N PHE A 48 -7.31 -4.41 -6.43
CA PHE A 48 -7.79 -3.76 -5.19
C PHE A 48 -7.42 -4.63 -3.98
N VAL A 49 -6.46 -4.15 -3.16
CA VAL A 49 -5.90 -4.93 -2.03
C VAL A 49 -6.42 -4.38 -0.68
N ALA A 50 -6.52 -3.03 -0.56
CA ALA A 50 -6.89 -2.36 0.71
C ALA A 50 -7.83 -1.17 0.46
N ALA A 51 -8.55 -0.77 1.54
CA ALA A 51 -9.46 0.39 1.54
C ALA A 51 -9.38 1.12 2.89
N ILE A 52 -9.10 2.42 2.82
CA ILE A 52 -9.08 3.34 3.95
C ILE A 52 -10.13 4.43 3.69
N ARG A 53 -11.08 4.56 4.60
CA ARG A 53 -12.19 5.52 4.49
C ARG A 53 -12.04 6.64 5.54
N TRP A 54 -13.00 7.58 5.51
CA TRP A 54 -13.13 8.67 6.51
C TRP A 54 -13.33 8.08 7.93
N SER A 55 -13.10 8.95 8.96
CA SER A 55 -13.16 8.61 10.40
C SER A 55 -14.29 7.61 10.73
N GLY A 56 -13.89 6.45 11.29
CA GLY A 56 -14.80 5.31 11.50
C GLY A 56 -14.50 4.15 10.55
N GLY A 57 -13.20 4.00 10.19
CA GLY A 57 -12.72 2.86 9.40
C GLY A 57 -11.45 3.18 8.61
N SER A 58 -10.56 2.19 8.46
CA SER A 58 -9.27 2.34 7.76
C SER A 58 -8.65 0.96 7.51
N THR A 59 -9.48 -0.03 7.07
CA THR A 59 -9.09 -1.46 7.01
C THR A 59 -9.87 -2.19 5.92
N TYR A 60 -9.15 -2.94 5.08
CA TYR A 60 -9.73 -3.89 4.15
C TYR A 60 -8.64 -4.88 3.73
N TYR A 61 -8.98 -6.17 3.76
CA TYR A 61 -8.05 -7.27 3.45
C TYR A 61 -8.84 -8.54 3.09
N ALA A 62 -8.18 -9.44 2.36
CA ALA A 62 -8.69 -10.81 2.13
C ALA A 62 -8.46 -11.66 3.38
N ASP A 63 -9.25 -12.74 3.54
CA ASP A 63 -9.08 -13.66 4.70
C ASP A 63 -7.78 -14.48 4.55
N SER A 64 -7.27 -14.57 3.32
CA SER A 64 -5.96 -15.19 3.01
C SER A 64 -4.82 -14.41 3.71
N VAL A 65 -4.96 -13.08 3.76
CA VAL A 65 -3.97 -12.18 4.40
C VAL A 65 -4.52 -11.59 5.73
N LYS A 66 -5.60 -12.18 6.26
CA LYS A 66 -6.19 -11.78 7.55
C LYS A 66 -5.15 -11.97 8.68
N GLY A 67 -4.89 -10.88 9.43
CA GLY A 67 -3.94 -10.90 10.56
C GLY A 67 -2.52 -10.55 10.14
N ARG A 68 -2.19 -10.88 8.88
CA ARG A 68 -0.92 -10.48 8.24
C ARG A 68 -0.99 -9.00 7.85
N PHE A 69 -2.12 -8.65 7.25
CA PHE A 69 -2.32 -7.39 6.54
C PHE A 69 -2.89 -6.33 7.49
N THR A 70 -2.24 -5.16 7.51
CA THR A 70 -2.64 -4.00 8.32
C THR A 70 -2.41 -2.73 7.50
N ILE A 71 -3.35 -1.77 7.58
CA ILE A 71 -3.27 -0.48 6.86
C ILE A 71 -3.79 0.63 7.77
N SER A 72 -3.18 1.82 7.68
CA SER A 72 -3.54 3.00 8.48
C SER A 72 -3.20 4.28 7.72
N ARG A 73 -4.06 5.31 7.84
CA ARG A 73 -3.76 6.66 7.33
C ARG A 73 -3.54 7.62 8.50
N ASP A 74 -2.41 8.33 8.48
CA ASP A 74 -2.09 9.38 9.46
C ASP A 74 -2.31 10.75 8.81
N ASN A 75 -3.01 11.65 9.50
CA ASN A 75 -3.32 13.02 9.01
C ASN A 75 -2.22 14.06 9.39
N ALA A 76 -1.50 13.79 10.49
CA ALA A 76 -0.55 14.75 11.11
C ALA A 76 0.64 15.04 10.18
N LYS A 77 1.18 14.01 9.51
CA LYS A 77 2.23 14.19 8.47
C LYS A 77 1.73 13.74 7.09
N ASN A 78 0.44 13.37 7.01
CA ASN A 78 -0.23 12.88 5.79
C ASN A 78 0.58 11.75 5.11
N THR A 79 0.64 10.62 5.79
CA THR A 79 1.36 9.43 5.32
C THR A 79 0.49 8.19 5.56
N VAL A 80 0.40 7.34 4.53
CA VAL A 80 -0.39 6.10 4.55
C VAL A 80 0.60 4.94 4.78
N TYR A 81 0.16 3.90 5.47
CA TYR A 81 1.03 2.77 5.86
C TYR A 81 0.40 1.46 5.41
N LEU A 82 1.26 0.55 4.93
CA LEU A 82 0.90 -0.81 4.54
C LEU A 82 1.84 -1.77 5.29
N GLN A 83 1.36 -2.30 6.41
CA GLN A 83 2.11 -3.26 7.22
C GLN A 83 1.69 -4.69 6.84
N MET A 84 2.51 -5.34 6.02
CA MET A 84 2.30 -6.73 5.59
C MET A 84 3.24 -7.65 6.37
N ASN A 85 2.66 -8.50 7.24
CA ASN A 85 3.40 -9.44 8.10
C ASN A 85 3.32 -10.86 7.52
N SER A 86 4.20 -11.77 8.03
CA SER A 86 4.16 -13.22 7.74
C SER A 86 4.17 -13.49 6.22
N LEU A 87 5.07 -12.77 5.53
CA LEU A 87 5.11 -12.66 4.06
C LEU A 87 5.39 -14.00 3.36
N LYS A 88 4.77 -14.15 2.19
CA LYS A 88 4.94 -15.28 1.29
C LYS A 88 6.00 -14.91 0.22
N PRO A 89 6.91 -15.85 -0.21
CA PRO A 89 7.91 -15.57 -1.28
C PRO A 89 7.27 -15.12 -2.61
N GLU A 90 5.99 -15.51 -2.81
CA GLU A 90 5.20 -15.17 -4.01
C GLU A 90 4.77 -13.68 -4.05
N ASP A 91 5.03 -12.95 -2.94
CA ASP A 91 4.68 -11.51 -2.81
C ASP A 91 5.78 -10.60 -3.42
N THR A 92 6.35 -11.06 -4.54
CA THR A 92 7.27 -10.26 -5.36
C THR A 92 6.43 -9.51 -6.42
N ALA A 93 6.17 -8.21 -6.17
CA ALA A 93 5.32 -7.36 -7.02
C ALA A 93 5.72 -5.89 -6.88
N VAL A 94 4.92 -4.99 -7.47
CA VAL A 94 5.09 -3.54 -7.34
C VAL A 94 3.80 -2.92 -6.78
N TYR A 95 3.85 -2.51 -5.49
CA TYR A 95 2.69 -1.93 -4.78
C TYR A 95 2.68 -0.40 -4.92
N LEU A 96 1.47 0.16 -4.95
CA LEU A 96 1.24 1.61 -4.99
C LEU A 96 -0.02 1.94 -4.19
N CYS A 97 -0.10 3.17 -3.66
CA CYS A 97 -1.26 3.64 -2.90
C CYS A 97 -2.21 4.39 -3.83
N ALA A 98 -3.50 4.32 -3.53
CA ALA A 98 -4.54 5.08 -4.24
C ALA A 98 -5.10 6.15 -3.31
N ALA A 99 -5.50 7.26 -3.88
CA ALA A 99 -6.21 8.33 -3.17
C ALA A 99 -7.03 9.14 -4.15
N GLY A 100 -8.26 9.44 -3.76
CA GLY A 100 -9.11 10.36 -4.48
C GLY A 100 -10.20 10.93 -3.59
N VAL A 101 -10.87 11.99 -4.06
CA VAL A 101 -11.89 12.69 -3.27
C VAL A 101 -13.08 11.78 -2.95
N TRP A 102 -13.69 12.02 -1.77
CA TRP A 102 -14.80 11.20 -1.24
C TRP A 102 -15.96 11.19 -2.24
N ARG A 103 -16.16 10.04 -2.88
CA ARG A 103 -17.16 9.85 -3.93
C ARG A 103 -18.58 9.81 -3.31
N SER A 104 -19.58 10.24 -4.09
CA SER A 104 -20.99 10.29 -3.67
C SER A 104 -21.56 8.87 -3.41
N SER A 105 -20.93 7.85 -4.03
CA SER A 105 -21.27 6.42 -3.83
C SER A 105 -20.79 5.91 -2.45
N GLY A 106 -19.85 6.65 -1.82
CA GLY A 106 -19.31 6.30 -0.50
C GLY A 106 -17.93 5.65 -0.57
N TRP A 107 -17.66 4.95 -1.70
CA TRP A 107 -16.38 4.26 -1.95
C TRP A 107 -15.29 5.25 -2.39
N ASP A 108 -14.02 4.83 -2.26
CA ASP A 108 -12.87 5.59 -2.81
C ASP A 108 -12.88 5.50 -4.34
N THR A 109 -12.86 6.67 -4.99
CA THR A 109 -12.57 6.77 -6.43
C THR A 109 -11.07 7.08 -6.58
N PRO A 110 -10.24 6.11 -7.08
CA PRO A 110 -8.78 6.32 -7.20
C PRO A 110 -8.48 7.42 -8.25
N ASP A 111 -8.44 8.68 -7.77
CA ASP A 111 -8.05 9.85 -8.60
C ASP A 111 -6.62 9.67 -9.08
N TYR A 112 -5.77 9.20 -8.16
CA TYR A 112 -4.35 9.09 -8.39
C TYR A 112 -3.83 7.81 -7.73
N TRP A 113 -3.16 6.97 -8.52
CA TRP A 113 -2.34 5.86 -8.03
C TRP A 113 -0.89 6.32 -7.87
N GLY A 114 -0.16 5.65 -6.99
CA GLY A 114 1.22 5.99 -6.69
C GLY A 114 2.20 5.61 -7.78
N GLN A 115 3.44 6.08 -7.61
CA GLN A 115 4.55 5.86 -8.56
C GLN A 115 4.90 4.36 -8.70
N GLY A 116 4.53 3.56 -7.69
CA GLY A 116 4.80 2.13 -7.68
C GLY A 116 6.21 1.82 -7.17
N THR A 117 6.31 0.92 -6.18
CA THR A 117 7.59 0.57 -5.54
C THR A 117 7.80 -0.96 -5.59
N GLN A 118 9.05 -1.38 -5.89
CA GLN A 118 9.41 -2.80 -6.06
C GLN A 118 9.63 -3.49 -4.71
N VAL A 119 8.62 -4.27 -4.27
CA VAL A 119 8.73 -5.15 -3.10
C VAL A 119 8.99 -6.58 -3.61
N THR A 120 10.00 -7.24 -3.04
CA THR A 120 10.40 -8.60 -3.45
C THR A 120 10.64 -9.46 -2.21
N VAL A 121 9.78 -10.44 -1.97
CA VAL A 121 9.94 -11.32 -0.81
C VAL A 121 10.75 -12.57 -1.21
N SER A 122 12.03 -12.60 -0.81
CA SER A 122 12.87 -13.82 -0.89
C SER A 122 12.31 -14.97 -0.04
N SER A 123 12.67 -16.22 -0.42
CA SER A 123 12.40 -17.40 0.38
C SER A 123 13.53 -17.60 1.43
N LEU A 124 13.53 -16.71 2.44
CA LEU A 124 14.43 -16.77 3.63
C LEU A 124 15.92 -16.50 3.31
N GLU A 125 16.28 -16.30 2.03
CA GLU A 125 17.70 -16.20 1.59
C GLU A 125 18.32 -14.86 2.04
N HIS A 126 17.71 -13.74 1.60
CA HIS A 126 18.18 -12.39 1.92
C HIS A 126 17.04 -11.52 2.46
N HIS A 127 17.41 -10.27 2.81
CA HIS A 127 16.49 -9.20 3.22
C HIS A 127 17.06 -7.87 2.67
N HIS A 128 17.53 -7.96 1.41
CA HIS A 128 18.33 -6.91 0.75
C HIS A 128 17.58 -5.57 0.60
N HIS A 129 18.07 -4.55 1.31
CA HIS A 129 17.65 -3.15 1.11
C HIS A 129 18.73 -2.43 0.28
N HIS A 130 18.39 -1.26 -0.28
CA HIS A 130 19.32 -0.48 -1.13
C HIS A 130 20.38 0.20 -0.25
N HIS A 131 19.92 0.87 0.81
CA HIS A 131 20.76 1.65 1.73
C HIS A 131 19.98 1.90 3.05
N MET A 1 -5.63 19.11 -5.65
CA MET A 1 -5.60 19.01 -7.13
C MET A 1 -4.65 17.87 -7.54
N GLN A 2 -3.33 18.16 -7.53
CA GLN A 2 -2.28 17.22 -7.90
C GLN A 2 -1.87 16.41 -6.68
N LEU A 3 -2.78 15.50 -6.26
CA LEU A 3 -2.57 14.66 -5.08
C LEU A 3 -1.50 13.62 -5.43
N GLN A 4 -0.34 13.76 -4.78
CA GLN A 4 0.84 12.89 -4.99
C GLN A 4 1.01 11.98 -3.78
N LEU A 5 1.49 10.76 -4.03
CA LEU A 5 1.76 9.77 -2.99
C LEU A 5 3.22 9.31 -3.14
N VAL A 6 4.06 9.74 -2.18
CA VAL A 6 5.52 9.50 -2.18
C VAL A 6 5.78 8.30 -1.27
N GLU A 7 6.12 7.17 -1.88
CA GLU A 7 6.22 5.88 -1.18
C GLU A 7 7.69 5.49 -0.91
N SER A 8 7.88 4.67 0.14
CA SER A 8 9.19 4.16 0.56
C SER A 8 9.00 2.87 1.38
N GLY A 9 10.05 2.05 1.46
CA GLY A 9 10.02 0.78 2.21
C GLY A 9 10.07 -0.44 1.30
N GLY A 10 10.06 -0.22 -0.03
CA GLY A 10 10.12 -1.32 -1.02
C GLY A 10 11.49 -1.99 -1.07
N GLY A 11 11.72 -2.93 -0.16
CA GLY A 11 12.99 -3.65 -0.06
C GLY A 11 12.84 -5.13 -0.36
N LEU A 12 13.97 -5.84 -0.36
CA LEU A 12 14.00 -7.30 -0.53
C LEU A 12 13.96 -7.95 0.85
N VAL A 13 12.87 -8.65 1.12
CA VAL A 13 12.73 -9.52 2.30
C VAL A 13 12.64 -10.97 1.82
N GLN A 14 12.70 -11.91 2.75
CA GLN A 14 12.54 -13.35 2.46
C GLN A 14 11.07 -13.76 2.67
N ALA A 15 10.68 -14.88 2.03
CA ALA A 15 9.33 -15.46 2.14
C ALA A 15 9.05 -15.90 3.59
N GLY A 16 8.05 -15.26 4.21
CA GLY A 16 7.68 -15.52 5.61
C GLY A 16 7.98 -14.32 6.51
N GLY A 17 8.87 -13.44 6.03
CA GLY A 17 9.24 -12.24 6.75
C GLY A 17 8.22 -11.11 6.63
N SER A 18 8.46 -10.04 7.38
CA SER A 18 7.60 -8.85 7.41
C SER A 18 8.28 -7.65 6.73
N LEU A 19 7.49 -6.61 6.44
CA LEU A 19 7.97 -5.36 5.81
C LEU A 19 6.98 -4.23 6.12
N ARG A 20 7.50 -3.02 6.39
CA ARG A 20 6.64 -1.85 6.67
C ARG A 20 6.82 -0.80 5.56
N LEU A 21 5.74 -0.59 4.80
CA LEU A 21 5.66 0.45 3.77
C LEU A 21 5.17 1.76 4.40
N SER A 22 5.63 2.88 3.84
CA SER A 22 5.31 4.22 4.32
C SER A 22 5.20 5.17 3.13
N CYS A 23 4.07 5.89 3.05
CA CYS A 23 3.77 6.82 1.96
C CYS A 23 3.21 8.11 2.53
N VAL A 24 3.76 9.25 2.11
CA VAL A 24 3.26 10.58 2.55
C VAL A 24 2.49 11.22 1.38
N ALA A 25 1.43 11.99 1.71
CA ALA A 25 0.60 12.64 0.70
C ALA A 25 1.22 14.01 0.33
N SER A 26 1.96 14.01 -0.81
CA SER A 26 2.50 15.21 -1.48
C SER A 26 3.34 16.08 -0.51
N GLY A 27 4.14 15.41 0.34
CA GLY A 27 4.96 16.09 1.35
C GLY A 27 4.20 16.32 2.65
N ARG A 28 3.09 17.09 2.56
CA ARG A 28 2.11 17.32 3.64
C ARG A 28 0.85 18.03 3.09
N THR A 29 0.49 17.71 1.83
CA THR A 29 -0.71 18.27 1.18
C THR A 29 -1.67 17.13 0.77
N PHE A 30 -2.90 17.18 1.31
CA PHE A 30 -3.92 16.14 1.09
C PHE A 30 -5.28 16.81 0.72
N ARG A 31 -6.08 16.07 -0.06
CA ARG A 31 -7.52 16.32 -0.28
C ARG A 31 -8.12 15.10 -0.96
N SER A 32 -8.24 14.03 -0.16
CA SER A 32 -8.80 12.73 -0.57
C SER A 32 -9.50 12.12 0.66
N ASN A 33 -10.76 11.70 0.50
CA ASN A 33 -11.60 11.26 1.62
C ASN A 33 -11.28 9.84 2.06
N ALA A 34 -11.09 8.91 1.11
CA ALA A 34 -10.64 7.53 1.41
C ALA A 34 -9.26 7.27 0.77
N MET A 35 -8.65 6.14 1.15
CA MET A 35 -7.34 5.68 0.65
C MET A 35 -7.29 4.13 0.64
N GLY A 36 -6.31 3.55 -0.06
CA GLY A 36 -6.18 2.09 -0.16
C GLY A 36 -4.76 1.65 -0.45
N TRP A 37 -4.56 0.34 -0.68
CA TRP A 37 -3.28 -0.27 -1.07
C TRP A 37 -3.56 -1.42 -2.06
N PHE A 38 -3.03 -1.29 -3.27
CA PHE A 38 -3.08 -2.32 -4.31
C PHE A 38 -1.65 -2.86 -4.54
N ARG A 39 -1.55 -4.03 -5.19
CA ARG A 39 -0.28 -4.56 -5.71
C ARG A 39 -0.43 -4.78 -7.20
N GLN A 40 0.56 -4.33 -7.97
CA GLN A 40 0.56 -4.47 -9.42
C GLN A 40 1.59 -5.54 -9.77
N ALA A 41 1.17 -6.51 -10.58
CA ALA A 41 2.02 -7.63 -11.00
C ALA A 41 2.30 -7.51 -12.51
N PRO A 42 3.55 -7.82 -12.98
CA PRO A 42 3.93 -7.69 -14.41
C PRO A 42 3.06 -8.59 -15.34
N GLY A 43 2.25 -7.93 -16.20
CA GLY A 43 1.36 -8.61 -17.15
C GLY A 43 -0.03 -8.91 -16.57
N LYS A 44 -0.23 -8.50 -15.31
CA LYS A 44 -1.51 -8.64 -14.59
C LYS A 44 -2.03 -7.25 -14.21
N GLU A 45 -3.25 -7.19 -13.66
CA GLU A 45 -3.83 -5.94 -13.15
C GLU A 45 -3.40 -5.67 -11.70
N ARG A 46 -3.64 -4.43 -11.23
CA ARG A 46 -3.47 -4.09 -9.81
C ARG A 46 -4.61 -4.74 -8.98
N GLU A 47 -4.22 -5.65 -8.09
CA GLU A 47 -5.14 -6.41 -7.24
C GLU A 47 -5.32 -5.69 -5.89
N PHE A 48 -6.55 -5.71 -5.37
CA PHE A 48 -6.89 -5.03 -4.10
C PHE A 48 -6.39 -5.88 -2.92
N VAL A 49 -5.45 -5.31 -2.14
CA VAL A 49 -4.81 -6.01 -0.99
C VAL A 49 -5.50 -5.59 0.31
N ALA A 50 -5.46 -4.28 0.58
CA ALA A 50 -5.96 -3.69 1.83
C ALA A 50 -6.49 -2.28 1.54
N ALA A 51 -7.28 -1.70 2.47
CA ALA A 51 -7.89 -0.38 2.27
C ALA A 51 -8.26 0.29 3.60
N ILE A 52 -8.51 1.59 3.49
CA ILE A 52 -8.81 2.46 4.62
C ILE A 52 -10.28 2.85 4.53
N ARG A 53 -11.06 2.44 5.56
CA ARG A 53 -12.48 2.78 5.69
C ARG A 53 -12.61 4.31 5.85
N TRP A 54 -12.84 4.97 4.70
CA TRP A 54 -12.93 6.44 4.57
C TRP A 54 -11.66 7.11 5.16
N SER A 55 -11.75 7.66 6.39
CA SER A 55 -10.63 8.37 7.03
C SER A 55 -10.77 8.23 8.56
N GLY A 56 -9.91 7.40 9.15
CA GLY A 56 -9.93 7.10 10.60
C GLY A 56 -10.41 5.68 10.88
N GLY A 57 -11.12 5.06 9.91
CA GLY A 57 -11.50 3.64 9.99
C GLY A 57 -10.30 2.73 9.78
N SER A 58 -9.71 2.84 8.58
CA SER A 58 -8.39 2.27 8.24
C SER A 58 -8.28 0.74 8.50
N THR A 59 -9.15 -0.05 7.82
CA THR A 59 -9.24 -1.51 8.00
C THR A 59 -10.04 -2.12 6.84
N TYR A 60 -9.36 -2.99 6.07
CA TYR A 60 -9.89 -3.82 4.96
C TYR A 60 -8.76 -4.77 4.57
N TYR A 61 -9.05 -6.08 4.52
CA TYR A 61 -8.08 -7.13 4.16
C TYR A 61 -8.83 -8.45 3.84
N ALA A 62 -8.27 -9.21 2.89
CA ALA A 62 -8.77 -10.55 2.52
C ALA A 62 -8.42 -11.56 3.63
N ASP A 63 -9.19 -12.67 3.72
CA ASP A 63 -9.00 -13.71 4.77
C ASP A 63 -7.60 -14.34 4.73
N SER A 64 -6.98 -14.35 3.53
CA SER A 64 -5.61 -14.86 3.31
C SER A 64 -4.58 -13.98 4.05
N VAL A 65 -4.81 -12.66 4.04
CA VAL A 65 -3.88 -11.66 4.59
C VAL A 65 -4.47 -10.96 5.84
N LYS A 66 -5.58 -11.53 6.36
CA LYS A 66 -6.37 -10.94 7.47
C LYS A 66 -5.57 -10.92 8.77
N GLY A 67 -5.37 -9.71 9.31
CA GLY A 67 -4.67 -9.52 10.58
C GLY A 67 -3.15 -9.38 10.42
N ARG A 68 -2.59 -10.03 9.37
CA ARG A 68 -1.15 -9.97 9.07
C ARG A 68 -0.83 -8.62 8.42
N PHE A 69 -1.55 -8.34 7.32
CA PHE A 69 -1.47 -7.07 6.62
C PHE A 69 -2.41 -6.08 7.30
N THR A 70 -1.84 -4.99 7.79
CA THR A 70 -2.55 -3.96 8.55
C THR A 70 -2.22 -2.60 7.93
N ILE A 71 -3.23 -1.75 7.82
CA ILE A 71 -3.09 -0.40 7.27
C ILE A 71 -3.43 0.62 8.37
N SER A 72 -2.69 1.72 8.39
CA SER A 72 -2.89 2.81 9.33
C SER A 72 -2.79 4.14 8.58
N ARG A 73 -3.73 5.04 8.81
CA ARG A 73 -3.73 6.38 8.20
C ARG A 73 -3.56 7.41 9.32
N ASP A 74 -2.50 8.23 9.21
CA ASP A 74 -2.19 9.27 10.19
C ASP A 74 -2.15 10.62 9.49
N ASN A 75 -3.32 11.28 9.45
CA ASN A 75 -3.52 12.58 8.79
C ASN A 75 -2.78 13.72 9.54
N ALA A 76 -2.34 13.41 10.79
CA ALA A 76 -1.55 14.34 11.64
C ALA A 76 -0.27 14.84 10.93
N LYS A 77 0.45 13.91 10.27
CA LYS A 77 1.62 14.26 9.42
C LYS A 77 1.37 13.83 7.95
N ASN A 78 0.10 13.48 7.65
CA ASN A 78 -0.38 13.14 6.29
C ASN A 78 0.31 11.89 5.72
N THR A 79 0.74 10.98 6.61
CA THR A 79 1.49 9.77 6.24
C THR A 79 0.65 8.51 6.55
N VAL A 80 0.59 7.62 5.57
CA VAL A 80 -0.11 6.33 5.62
C VAL A 80 0.94 5.19 5.68
N TYR A 81 0.58 4.07 6.33
CA TYR A 81 1.49 2.93 6.54
C TYR A 81 0.81 1.61 6.14
N LEU A 82 1.62 0.63 5.72
CA LEU A 82 1.19 -0.75 5.43
C LEU A 82 2.16 -1.72 6.12
N GLN A 83 1.75 -2.26 7.27
CA GLN A 83 2.50 -3.26 8.00
C GLN A 83 2.17 -4.66 7.45
N MET A 84 3.07 -5.18 6.62
CA MET A 84 3.00 -6.53 6.07
C MET A 84 3.58 -7.51 7.09
N ASN A 85 2.94 -8.68 7.23
CA ASN A 85 3.47 -9.80 8.02
C ASN A 85 3.22 -11.11 7.26
N SER A 86 4.23 -12.00 7.27
CA SER A 86 4.20 -13.30 6.56
C SER A 86 3.97 -13.09 5.05
N LEU A 87 5.01 -12.58 4.38
CA LEU A 87 4.99 -12.25 2.96
C LEU A 87 5.25 -13.49 2.09
N LYS A 88 4.57 -13.54 0.93
CA LYS A 88 4.61 -14.68 0.00
C LYS A 88 5.80 -14.50 -0.96
N PRO A 89 6.44 -15.60 -1.48
CA PRO A 89 7.42 -15.48 -2.58
C PRO A 89 6.76 -14.91 -3.87
N GLU A 90 5.42 -15.10 -3.96
CA GLU A 90 4.54 -14.50 -4.96
C GLU A 90 4.58 -12.96 -4.91
N ASP A 91 4.81 -12.41 -3.71
CA ASP A 91 4.65 -10.97 -3.43
C ASP A 91 5.89 -10.15 -3.86
N THR A 92 6.68 -10.72 -4.80
CA THR A 92 7.64 -9.95 -5.59
C THR A 92 6.85 -9.20 -6.69
N ALA A 93 6.46 -7.96 -6.37
CA ALA A 93 5.59 -7.13 -7.24
C ALA A 93 5.73 -5.66 -6.83
N VAL A 94 5.18 -4.74 -7.63
CA VAL A 94 5.27 -3.31 -7.36
C VAL A 94 3.98 -2.84 -6.67
N TYR A 95 4.09 -2.54 -5.36
CA TYR A 95 2.96 -2.08 -4.54
C TYR A 95 2.78 -0.58 -4.74
N LEU A 96 1.53 -0.14 -4.58
CA LEU A 96 1.16 1.26 -4.71
C LEU A 96 -0.05 1.55 -3.81
N CYS A 97 -0.04 2.71 -3.16
CA CYS A 97 -1.19 3.17 -2.37
C CYS A 97 -2.12 3.98 -3.27
N ALA A 98 -3.40 3.95 -2.96
CA ALA A 98 -4.42 4.69 -3.69
C ALA A 98 -4.99 5.79 -2.81
N ALA A 99 -5.58 6.80 -3.45
CA ALA A 99 -6.31 7.88 -2.79
C ALA A 99 -7.56 8.18 -3.61
N GLY A 100 -8.67 8.39 -2.92
CA GLY A 100 -9.96 8.62 -3.55
C GLY A 100 -10.74 9.70 -2.83
N VAL A 101 -11.69 10.30 -3.53
CA VAL A 101 -12.52 11.40 -3.00
C VAL A 101 -13.99 10.95 -2.90
N TRP A 102 -14.71 11.51 -1.91
CA TRP A 102 -16.14 11.24 -1.68
C TRP A 102 -16.94 11.85 -2.83
N ARG A 103 -17.04 11.08 -3.91
CA ARG A 103 -17.53 11.53 -5.22
C ARG A 103 -19.05 11.82 -5.19
N SER A 104 -19.52 12.74 -6.06
CA SER A 104 -20.95 13.11 -6.15
C SER A 104 -21.82 11.94 -6.68
N SER A 105 -21.16 10.94 -7.30
CA SER A 105 -21.79 9.67 -7.70
C SER A 105 -22.22 8.83 -6.48
N GLY A 106 -21.58 9.08 -5.33
CA GLY A 106 -21.86 8.35 -4.08
C GLY A 106 -20.76 7.37 -3.74
N TRP A 107 -20.10 6.85 -4.78
CA TRP A 107 -18.99 5.88 -4.66
C TRP A 107 -17.67 6.63 -4.49
N ASP A 108 -17.00 6.42 -3.34
CA ASP A 108 -15.64 6.94 -3.11
C ASP A 108 -14.65 6.04 -3.87
N THR A 109 -14.19 6.52 -5.03
CA THR A 109 -13.39 5.73 -5.98
C THR A 109 -11.93 6.25 -6.03
N PRO A 110 -10.89 5.33 -6.16
CA PRO A 110 -9.47 5.75 -6.27
C PRO A 110 -9.22 6.56 -7.57
N ASP A 111 -9.17 7.89 -7.44
CA ASP A 111 -8.86 8.79 -8.58
C ASP A 111 -7.36 9.11 -8.64
N TYR A 112 -6.63 8.74 -7.58
CA TYR A 112 -5.18 8.96 -7.46
C TYR A 112 -4.52 7.63 -7.08
N TRP A 113 -3.28 7.43 -7.52
CA TRP A 113 -2.47 6.23 -7.18
C TRP A 113 -1.02 6.64 -6.88
N GLY A 114 -0.29 5.73 -6.25
CA GLY A 114 1.09 5.98 -5.82
C GLY A 114 2.09 5.93 -6.95
N GLN A 115 3.35 6.26 -6.63
CA GLN A 115 4.45 6.25 -7.61
C GLN A 115 4.89 4.81 -7.94
N GLY A 116 4.69 3.92 -6.98
CA GLY A 116 5.04 2.51 -7.11
C GLY A 116 6.29 2.17 -6.32
N THR A 117 6.09 1.57 -5.14
CA THR A 117 7.17 1.06 -4.30
C THR A 117 7.36 -0.46 -4.59
N GLN A 118 8.45 -0.77 -5.30
CA GLN A 118 8.72 -2.13 -5.82
C GLN A 118 9.27 -3.00 -4.68
N VAL A 119 8.40 -3.85 -4.11
CA VAL A 119 8.79 -4.82 -3.06
C VAL A 119 9.20 -6.15 -3.73
N THR A 120 10.27 -6.76 -3.24
CA THR A 120 10.77 -8.04 -3.76
C THR A 120 10.86 -9.02 -2.59
N VAL A 121 9.89 -9.94 -2.49
CA VAL A 121 9.96 -10.97 -1.46
C VAL A 121 10.65 -12.19 -2.08
N SER A 122 11.98 -12.27 -1.88
CA SER A 122 12.80 -13.39 -2.36
C SER A 122 12.38 -14.71 -1.68
N SER A 123 12.41 -15.80 -2.45
CA SER A 123 11.93 -17.11 -2.02
C SER A 123 12.87 -17.75 -0.96
N LEU A 124 12.58 -17.43 0.34
CA LEU A 124 13.25 -17.98 1.55
C LEU A 124 14.67 -17.41 1.78
N GLU A 125 15.49 -17.40 0.72
CA GLU A 125 16.83 -16.79 0.72
C GLU A 125 16.73 -15.26 0.78
N HIS A 126 17.13 -14.66 1.91
CA HIS A 126 17.23 -13.20 2.02
C HIS A 126 18.52 -12.76 1.31
N HIS A 127 18.43 -12.65 -0.02
CA HIS A 127 19.56 -12.25 -0.88
C HIS A 127 19.89 -10.76 -0.71
N HIS A 128 21.15 -10.42 -0.96
CA HIS A 128 21.66 -9.04 -0.94
C HIS A 128 22.03 -8.62 -2.37
N HIS A 129 22.75 -7.49 -2.47
CA HIS A 129 23.25 -6.96 -3.75
C HIS A 129 24.56 -6.18 -3.47
N HIS A 130 25.20 -5.69 -4.56
CA HIS A 130 26.40 -4.86 -4.46
C HIS A 130 26.04 -3.47 -3.89
N HIS A 131 26.53 -3.20 -2.68
CA HIS A 131 26.40 -1.90 -2.01
C HIS A 131 27.78 -1.54 -1.40
#